data_8H58
#
_entry.id   8H58
#
_cell.length_a   215.193
_cell.length_b   215.193
_cell.length_c   263.409
_cell.angle_alpha   90.000
_cell.angle_beta   90.000
_cell.angle_gamma   120.000
#
_symmetry.space_group_name_H-M   'H 3'
#
loop_
_entity.id
_entity.type
_entity.pdbx_description
1 polymer 'HTH-type transcriptional regulator YhaJ'
2 non-polymer 'SODIUM ION'
3 water water
#
_entity_poly.entity_id   1
_entity_poly.type   'polypeptide(L)'
_entity_poly.pdbx_seq_one_letter_code
;GSHMETHLTIVTEALVPTPAFFPLIDKLAAKANTQLAIITEVLAGAWERLEQGRADIVIAPDMHFRSSSEINSRKLYTLM
NVYVAAPDHPIHQEPEPLSEVTRVKYRGIAVADTARERPVLTVQLLDKQPRLTVSTIEDKRQALLAGLGVATMPYPMVEK
DIAEGRLRVVSPESTSEIDIIMAWRRDSMGEAKSWCLREIPKLFNGK
;
_entity_poly.pdbx_strand_id   A,B,C,D,E,F,G,H,I,J,K,L,M,N,O,P
#
loop_
_chem_comp.id
_chem_comp.type
_chem_comp.name
_chem_comp.formula
NA non-polymer 'SODIUM ION' 'Na 1'
#
# COMPACT_ATOMS: atom_id res chain seq x y z
N THR A 6 -74.30 -9.79 -7.26
CA THR A 6 -73.47 -9.55 -6.02
C THR A 6 -73.32 -8.06 -5.77
N HIS A 7 -72.10 -7.54 -5.49
CA HIS A 7 -71.96 -6.34 -4.66
C HIS A 7 -71.04 -5.35 -5.36
N LEU A 8 -71.54 -4.14 -5.61
CA LEU A 8 -70.72 -3.05 -6.13
C LEU A 8 -70.61 -1.96 -5.07
N THR A 9 -69.40 -1.40 -4.96
CA THR A 9 -69.12 -0.33 -4.01
C THR A 9 -68.71 0.91 -4.79
N ILE A 10 -69.56 1.95 -4.74
CA ILE A 10 -69.22 3.29 -5.19
C ILE A 10 -68.84 4.10 -3.96
N VAL A 11 -67.72 4.81 -4.04
CA VAL A 11 -67.29 5.70 -2.98
C VAL A 11 -67.48 7.13 -3.45
N THR A 12 -68.28 7.90 -2.69
CA THR A 12 -68.49 9.31 -2.96
C THR A 12 -67.81 10.13 -1.86
N GLU A 13 -66.84 10.97 -2.23
CA GLU A 13 -66.11 11.79 -1.28
C GLU A 13 -67.09 12.77 -0.64
N ALA A 14 -66.74 13.27 0.55
CA ALA A 14 -67.67 14.01 1.41
C ALA A 14 -68.30 15.19 0.66
N LEU A 15 -67.53 15.84 -0.23
CA LEU A 15 -68.00 16.99 -1.00
C LEU A 15 -69.07 16.59 -2.01
N VAL A 16 -69.22 15.29 -2.29
CA VAL A 16 -70.11 14.81 -3.33
C VAL A 16 -71.40 14.29 -2.71
N PRO A 17 -72.58 14.89 -3.02
CA PRO A 17 -73.86 14.38 -2.53
C PRO A 17 -74.16 12.95 -2.99
N THR A 18 -74.23 12.05 -2.02
CA THR A 18 -74.58 10.65 -2.24
C THR A 18 -75.93 10.53 -2.95
N PRO A 19 -76.99 11.27 -2.56
CA PRO A 19 -78.30 11.08 -3.19
C PRO A 19 -78.36 11.27 -4.70
N ALA A 20 -77.36 11.96 -5.27
CA ALA A 20 -77.28 12.13 -6.72
C ALA A 20 -77.14 10.78 -7.45
N PHE A 21 -76.72 9.72 -6.74
CA PHE A 21 -76.50 8.40 -7.31
C PHE A 21 -77.68 7.47 -7.08
N PHE A 22 -78.76 7.97 -6.47
CA PHE A 22 -79.88 7.13 -6.11
C PHE A 22 -80.60 6.57 -7.33
N PRO A 23 -80.77 7.35 -8.43
CA PRO A 23 -81.38 6.79 -9.64
C PRO A 23 -80.83 5.45 -10.12
N LEU A 24 -79.54 5.21 -9.86
CA LEU A 24 -78.87 3.97 -10.24
C LEU A 24 -79.48 2.74 -9.57
N ILE A 25 -80.08 2.90 -8.37
CA ILE A 25 -80.33 1.77 -7.48
C ILE A 25 -81.29 0.76 -8.11
N ASP A 26 -82.49 1.23 -8.50
CA ASP A 26 -83.49 0.35 -9.09
C ASP A 26 -83.01 -0.25 -10.40
N LYS A 27 -82.36 0.59 -11.23
CA LYS A 27 -81.88 0.15 -12.53
C LYS A 27 -80.82 -0.93 -12.36
N LEU A 28 -79.93 -0.76 -11.38
CA LEU A 28 -78.87 -1.74 -11.15
C LEU A 28 -79.45 -3.07 -10.65
N ALA A 29 -80.62 -3.01 -9.99
CA ALA A 29 -81.25 -4.22 -9.48
C ALA A 29 -81.88 -5.02 -10.63
N ALA A 30 -82.24 -4.33 -11.72
CA ALA A 30 -82.81 -4.96 -12.92
C ALA A 30 -81.73 -5.37 -13.89
N LYS A 31 -80.69 -4.52 -14.07
CA LYS A 31 -79.61 -4.78 -15.01
C LYS A 31 -78.84 -6.03 -14.58
N ALA A 32 -78.55 -6.13 -13.29
CA ALA A 32 -77.84 -7.25 -12.70
C ALA A 32 -78.49 -7.50 -11.34
N ASN A 33 -77.92 -8.50 -10.63
CA ASN A 33 -78.47 -8.89 -9.34
C ASN A 33 -77.64 -8.20 -8.24
N THR A 34 -77.11 -7.02 -8.57
CA THR A 34 -76.08 -6.34 -7.78
C THR A 34 -76.71 -5.51 -6.69
N GLN A 35 -76.18 -5.68 -5.47
CA GLN A 35 -76.50 -4.85 -4.31
C GLN A 35 -75.48 -3.72 -4.21
N LEU A 36 -75.99 -2.48 -4.12
CA LEU A 36 -75.15 -1.30 -4.20
C LEU A 36 -74.77 -0.82 -2.79
N ALA A 37 -73.54 -0.32 -2.67
CA ALA A 37 -73.05 0.40 -1.52
C ALA A 37 -72.49 1.73 -2.01
N ILE A 38 -73.09 2.83 -1.57
CA ILE A 38 -72.56 4.16 -1.85
C ILE A 38 -71.99 4.71 -0.54
N ILE A 39 -70.66 4.61 -0.40
CA ILE A 39 -69.93 4.80 0.84
C ILE A 39 -69.29 6.19 0.77
N THR A 40 -69.28 6.88 1.91
CA THR A 40 -68.70 8.21 1.97
C THR A 40 -67.31 8.10 2.61
N GLU A 41 -66.36 8.82 2.02
CA GLU A 41 -65.01 8.92 2.56
C GLU A 41 -64.59 10.38 2.44
N VAL A 42 -63.48 10.71 3.12
CA VAL A 42 -63.00 12.08 3.12
C VAL A 42 -61.61 12.11 2.50
N LEU A 43 -61.45 12.98 1.49
CA LEU A 43 -60.17 13.24 0.82
C LEU A 43 -59.44 11.93 0.52
N ALA A 44 -58.24 11.74 1.10
CA ALA A 44 -57.33 10.66 0.77
C ALA A 44 -57.95 9.30 1.05
N GLY A 45 -58.89 9.24 2.02
CA GLY A 45 -59.55 8.00 2.39
C GLY A 45 -60.29 7.38 1.20
N ALA A 46 -60.79 8.24 0.30
CA ALA A 46 -61.51 7.79 -0.88
C ALA A 46 -60.56 7.06 -1.83
N TRP A 47 -59.39 7.68 -2.06
CA TRP A 47 -58.38 7.15 -2.97
C TRP A 47 -57.78 5.86 -2.41
N GLU A 48 -57.53 5.86 -1.09
CA GLU A 48 -56.95 4.71 -0.40
C GLU A 48 -57.81 3.48 -0.65
N ARG A 49 -59.14 3.66 -0.57
CA ARG A 49 -60.07 2.57 -0.84
C ARG A 49 -59.85 2.04 -2.25
N LEU A 50 -59.57 2.93 -3.22
CA LEU A 50 -59.42 2.51 -4.62
C LEU A 50 -58.13 1.72 -4.78
N GLU A 51 -57.02 2.24 -4.24
CA GLU A 51 -55.72 1.57 -4.25
C GLU A 51 -55.82 0.18 -3.64
N GLN A 52 -56.44 0.08 -2.46
CA GLN A 52 -56.55 -1.20 -1.74
C GLN A 52 -57.60 -2.12 -2.35
N GLY A 53 -58.20 -1.72 -3.48
CA GLY A 53 -59.19 -2.54 -4.18
C GLY A 53 -60.47 -2.76 -3.37
N ARG A 54 -60.80 -1.79 -2.50
CA ARG A 54 -61.98 -1.89 -1.64
C ARG A 54 -63.09 -0.96 -2.14
N ALA A 55 -63.03 -0.55 -3.41
CA ALA A 55 -64.00 0.32 -4.04
C ALA A 55 -63.88 0.15 -5.56
N ASP A 56 -65.00 -0.18 -6.20
CA ASP A 56 -65.07 -0.36 -7.64
C ASP A 56 -64.96 0.99 -8.38
N ILE A 57 -65.68 2.01 -7.92
CA ILE A 57 -65.65 3.34 -8.53
C ILE A 57 -65.55 4.41 -7.44
N VAL A 58 -64.74 5.46 -7.69
CA VAL A 58 -64.59 6.57 -6.76
C VAL A 58 -65.04 7.86 -7.44
N ILE A 59 -65.93 8.61 -6.76
CA ILE A 59 -66.33 9.95 -7.19
C ILE A 59 -65.77 10.94 -6.16
N ALA A 60 -64.81 11.78 -6.60
CA ALA A 60 -64.00 12.54 -5.64
C ALA A 60 -63.39 13.73 -6.34
N PRO A 61 -62.96 14.75 -5.59
CA PRO A 61 -62.12 15.83 -6.13
C PRO A 61 -60.86 15.27 -6.77
N ASP A 62 -60.42 15.88 -7.89
CA ASP A 62 -59.16 15.46 -8.51
C ASP A 62 -58.00 15.71 -7.51
N MET A 63 -57.08 14.75 -7.37
CA MET A 63 -56.14 14.65 -6.26
C MET A 63 -54.94 13.80 -6.69
N HIS A 64 -53.82 13.96 -5.93
CA HIS A 64 -52.55 13.30 -6.11
C HIS A 64 -52.67 11.82 -5.73
N PHE A 65 -51.95 10.93 -6.43
CA PHE A 65 -51.38 9.67 -5.93
C PHE A 65 -51.67 8.48 -6.84
N ARG A 66 -51.88 7.31 -6.24
CA ARG A 66 -52.11 6.04 -6.95
C ARG A 66 -50.87 5.60 -7.75
N SER A 67 -49.73 6.23 -7.52
CA SER A 67 -48.45 5.95 -8.13
C SER A 67 -48.45 6.19 -9.63
N SER A 68 -49.61 6.60 -10.19
CA SER A 68 -49.75 6.87 -11.62
C SER A 68 -49.64 5.53 -12.39
N SER A 69 -50.43 4.63 -11.84
CA SER A 69 -50.58 3.26 -12.34
C SER A 69 -52.03 2.86 -12.17
N GLU A 70 -52.63 2.27 -13.23
CA GLU A 70 -53.82 1.44 -13.24
C GLU A 70 -55.11 2.18 -12.93
N ILE A 71 -55.10 3.50 -12.97
CA ILE A 71 -56.29 4.29 -12.59
C ILE A 71 -56.74 5.06 -13.82
N ASN A 72 -57.94 4.76 -14.32
CA ASN A 72 -58.57 5.60 -15.34
C ASN A 72 -59.42 6.65 -14.63
N SER A 73 -59.64 7.79 -15.30
CA SER A 73 -60.44 8.88 -14.73
C SER A 73 -61.15 9.68 -15.80
N ARG A 74 -62.23 10.36 -15.41
CA ARG A 74 -63.04 11.20 -16.31
C ARG A 74 -63.68 12.31 -15.48
N LYS A 75 -63.69 13.52 -16.03
CA LYS A 75 -64.22 14.68 -15.32
C LYS A 75 -65.74 14.64 -15.41
N LEU A 76 -66.42 14.86 -14.27
CA LEU A 76 -67.88 14.77 -14.19
C LEU A 76 -68.49 16.17 -14.17
N TYR A 77 -67.96 17.05 -13.31
CA TYR A 77 -68.50 18.39 -13.17
C TYR A 77 -67.55 19.21 -12.30
N THR A 78 -67.80 20.52 -12.25
CA THR A 78 -67.02 21.46 -11.44
C THR A 78 -67.83 21.88 -10.21
N LEU A 79 -67.13 22.03 -9.09
CA LEU A 79 -67.73 22.42 -7.82
C LEU A 79 -67.03 23.68 -7.32
N MET A 80 -67.83 24.60 -6.79
CA MET A 80 -67.32 25.85 -6.24
C MET A 80 -67.27 25.75 -4.71
N ASN A 81 -66.17 26.23 -4.13
CA ASN A 81 -65.94 26.23 -2.69
C ASN A 81 -65.81 27.67 -2.20
N VAL A 82 -66.61 28.01 -1.19
CA VAL A 82 -66.71 29.38 -0.70
C VAL A 82 -66.33 29.40 0.78
N TYR A 83 -65.53 30.41 1.13
CA TYR A 83 -65.12 30.66 2.49
C TYR A 83 -66.24 31.46 3.17
N VAL A 84 -66.93 30.82 4.12
CA VAL A 84 -68.12 31.38 4.72
C VAL A 84 -67.97 31.46 6.24
N ALA A 85 -68.89 32.22 6.86
CA ALA A 85 -69.03 32.39 8.29
C ALA A 85 -70.42 32.97 8.58
N ALA A 86 -70.86 32.83 9.83
CA ALA A 86 -72.15 33.33 10.24
C ALA A 86 -72.16 34.84 10.05
N PRO A 87 -73.35 35.44 9.79
CA PRO A 87 -73.43 36.87 9.51
C PRO A 87 -72.84 37.75 10.63
N ASP A 88 -73.02 37.38 11.88
CA ASP A 88 -72.59 38.16 13.05
C ASP A 88 -71.15 37.83 13.43
N HIS A 89 -70.45 37.00 12.66
CA HIS A 89 -69.07 36.67 13.00
C HIS A 89 -68.19 37.91 12.79
N PRO A 90 -67.27 38.22 13.73
CA PRO A 90 -66.39 39.39 13.58
C PRO A 90 -65.47 39.36 12.36
N ILE A 91 -65.34 38.20 11.69
CA ILE A 91 -64.44 38.09 10.55
C ILE A 91 -64.89 39.04 9.45
N HIS A 92 -66.20 39.35 9.44
CA HIS A 92 -66.80 40.20 8.43
C HIS A 92 -66.34 41.66 8.60
N GLN A 93 -66.10 42.10 9.83
CA GLN A 93 -65.67 43.47 10.10
C GLN A 93 -64.17 43.65 9.90
N GLU A 94 -63.49 42.63 9.36
CA GLU A 94 -62.03 42.68 9.28
C GLU A 94 -61.64 43.38 7.98
N PRO A 95 -60.67 44.33 8.02
CA PRO A 95 -60.12 44.92 6.80
C PRO A 95 -59.45 43.90 5.89
N GLU A 96 -58.77 42.92 6.50
CA GLU A 96 -57.98 41.95 5.74
C GLU A 96 -58.32 40.55 6.21
N PRO A 97 -59.53 40.03 5.90
CA PRO A 97 -59.98 38.77 6.48
C PRO A 97 -59.10 37.56 6.14
N LEU A 98 -58.36 37.63 5.02
CA LEU A 98 -57.57 36.51 4.55
C LEU A 98 -56.10 36.65 4.91
N SER A 99 -55.75 37.70 5.66
CA SER A 99 -54.36 37.89 6.08
C SER A 99 -54.02 36.88 7.18
N GLU A 100 -52.83 36.27 7.06
CA GLU A 100 -52.34 35.30 8.03
C GLU A 100 -52.40 35.87 9.45
N VAL A 101 -52.19 37.17 9.58
CA VAL A 101 -52.25 37.84 10.88
C VAL A 101 -53.69 37.82 11.41
N THR A 102 -54.68 37.87 10.50
CA THR A 102 -56.08 37.91 10.89
C THR A 102 -56.64 36.50 11.11
N ARG A 103 -56.30 35.58 10.21
CA ARG A 103 -56.87 34.23 10.21
C ARG A 103 -56.59 33.49 11.52
N VAL A 104 -55.41 33.68 12.07
CA VAL A 104 -55.01 33.08 13.35
C VAL A 104 -55.97 33.50 14.46
N LYS A 105 -56.61 34.66 14.34
CA LYS A 105 -57.46 35.14 15.42
C LYS A 105 -58.74 34.30 15.55
N TYR A 106 -59.14 33.62 14.46
CA TYR A 106 -60.47 33.02 14.38
C TYR A 106 -60.35 31.51 14.14
N ARG A 107 -61.33 30.76 14.68
CA ARG A 107 -61.27 29.31 14.70
C ARG A 107 -61.53 28.74 13.30
N GLY A 108 -60.63 27.88 12.80
CA GLY A 108 -60.90 27.14 11.60
C GLY A 108 -61.69 25.85 11.89
N ILE A 109 -62.36 25.30 10.88
CA ILE A 109 -63.12 24.06 11.03
C ILE A 109 -62.72 23.10 9.92
N ALA A 110 -62.31 21.88 10.31
CA ALA A 110 -61.79 20.87 9.41
C ALA A 110 -62.64 19.59 9.46
N VAL A 111 -62.79 18.93 8.32
CA VAL A 111 -63.35 17.60 8.23
C VAL A 111 -62.19 16.61 8.19
N ALA A 112 -62.12 15.70 9.15
CA ALA A 112 -61.04 14.72 9.27
C ALA A 112 -61.07 13.74 8.10
N ASP A 113 -59.90 13.24 7.70
CA ASP A 113 -59.72 12.52 6.42
C ASP A 113 -59.51 11.05 6.67
N THR A 114 -60.06 10.17 5.79
CA THR A 114 -60.23 8.73 6.03
C THR A 114 -60.96 8.47 7.34
N ALA A 115 -61.76 9.45 7.86
CA ALA A 115 -62.36 9.41 9.19
C ALA A 115 -61.40 9.30 10.40
N ARG A 116 -60.42 10.21 10.53
CA ARG A 116 -59.55 10.24 11.70
C ARG A 116 -59.11 11.67 12.03
N GLU A 117 -58.84 11.95 13.29
CA GLU A 117 -58.44 13.28 13.76
C GLU A 117 -57.20 13.84 13.05
N ARG A 118 -56.07 13.09 13.15
CA ARG A 118 -54.81 13.57 12.65
C ARG A 118 -54.74 13.91 11.17
N PRO A 119 -55.25 13.05 10.23
CA PRO A 119 -55.11 13.35 8.79
C PRO A 119 -55.97 14.52 8.34
N VAL A 120 -55.46 15.75 8.43
CA VAL A 120 -56.16 17.00 8.13
C VAL A 120 -55.11 17.90 7.48
N LEU A 121 -54.93 17.81 6.16
CA LEU A 121 -54.02 18.70 5.45
C LEU A 121 -54.63 19.19 4.15
N THR A 122 -55.88 19.72 4.24
CA THR A 122 -56.44 20.60 3.22
C THR A 122 -55.49 21.77 3.02
N VAL A 123 -55.47 22.72 3.95
CA VAL A 123 -54.75 24.00 3.91
C VAL A 123 -55.54 24.91 4.86
N GLN A 124 -55.10 26.16 4.95
CA GLN A 124 -55.86 27.29 5.52
C GLN A 124 -55.75 27.26 7.05
N LEU A 125 -55.19 26.16 7.60
CA LEU A 125 -55.01 26.10 9.07
C LEU A 125 -53.59 26.48 9.45
N LEU A 126 -53.43 27.50 10.31
CA LEU A 126 -52.13 27.97 10.75
C LEU A 126 -51.84 27.47 12.16
N ASP A 127 -50.55 27.42 12.53
CA ASP A 127 -50.17 27.08 13.90
C ASP A 127 -50.73 28.16 14.84
N LYS A 128 -50.95 27.78 16.12
CA LYS A 128 -51.46 28.71 17.12
C LYS A 128 -52.90 29.13 16.81
N GLN A 129 -53.46 28.68 15.67
CA GLN A 129 -54.83 29.04 15.29
C GLN A 129 -55.79 28.08 15.94
N PRO A 130 -56.90 28.56 16.56
CA PRO A 130 -57.91 27.65 17.10
C PRO A 130 -58.53 26.83 15.96
N ARG A 131 -58.90 25.58 16.25
CA ARG A 131 -59.54 24.74 15.26
C ARG A 131 -60.55 23.82 15.93
N LEU A 132 -61.60 23.44 15.17
CA LEU A 132 -62.49 22.35 15.53
C LEU A 132 -62.43 21.35 14.39
N THR A 133 -62.46 20.05 14.72
CA THR A 133 -62.42 19.01 13.73
C THR A 133 -63.70 18.18 13.86
N VAL A 134 -64.33 17.91 12.71
CA VAL A 134 -65.57 17.16 12.62
C VAL A 134 -65.39 16.11 11.52
N SER A 135 -66.32 15.14 11.49
CA SER A 135 -66.21 13.98 10.63
C SER A 135 -67.02 14.18 9.35
N THR A 136 -68.07 15.01 9.43
CA THR A 136 -69.06 15.12 8.37
C THR A 136 -69.13 16.56 7.88
N ILE A 137 -69.60 16.71 6.64
CA ILE A 137 -69.72 18.04 6.07
C ILE A 137 -70.92 18.75 6.69
N GLU A 138 -71.91 17.97 7.13
CA GLU A 138 -73.09 18.51 7.80
C GLU A 138 -72.70 19.09 9.16
N ASP A 139 -71.93 18.33 9.95
CA ASP A 139 -71.45 18.80 11.25
C ASP A 139 -70.67 20.12 11.07
N LYS A 140 -69.87 20.20 10.00
CA LYS A 140 -69.13 21.42 9.73
C LYS A 140 -70.08 22.58 9.41
N ARG A 141 -71.18 22.28 8.72
CA ARG A 141 -72.16 23.29 8.37
C ARG A 141 -72.81 23.85 9.63
N GLN A 142 -73.24 22.93 10.51
CA GLN A 142 -73.94 23.32 11.74
C GLN A 142 -73.02 24.18 12.62
N ALA A 143 -71.74 23.79 12.73
CA ALA A 143 -70.75 24.57 13.44
C ALA A 143 -70.66 25.98 12.89
N LEU A 144 -70.64 26.11 11.56
CA LEU A 144 -70.57 27.41 10.91
C LEU A 144 -71.82 28.23 11.17
N LEU A 145 -73.00 27.58 11.04
CA LEU A 145 -74.27 28.22 11.32
C LEU A 145 -74.31 28.75 12.75
N ALA A 146 -73.67 28.06 13.70
CA ALA A 146 -73.69 28.42 15.11
C ALA A 146 -72.63 29.48 15.43
N GLY A 147 -71.91 29.96 14.44
CA GLY A 147 -71.00 31.07 14.65
C GLY A 147 -69.64 30.66 15.23
N LEU A 148 -69.32 29.36 15.21
CA LEU A 148 -68.19 28.81 15.97
C LEU A 148 -66.88 28.88 15.20
N GLY A 149 -66.90 29.38 13.95
CA GLY A 149 -65.64 29.47 13.22
C GLY A 149 -65.84 29.91 11.76
N VAL A 150 -64.76 29.84 10.97
CA VAL A 150 -64.73 30.21 9.58
C VAL A 150 -64.10 29.07 8.78
N ALA A 151 -64.79 28.66 7.70
CA ALA A 151 -64.32 27.53 6.91
C ALA A 151 -64.89 27.56 5.50
N THR A 152 -64.27 26.80 4.61
CA THR A 152 -64.73 26.58 3.25
C THR A 152 -65.89 25.61 3.25
N MET A 153 -66.84 25.81 2.33
CA MET A 153 -67.96 24.90 2.13
C MET A 153 -68.27 24.78 0.64
N PRO A 154 -68.81 23.62 0.19
CA PRO A 154 -69.33 23.50 -1.17
C PRO A 154 -70.54 24.42 -1.35
N TYR A 155 -70.51 25.27 -2.38
CA TYR A 155 -71.52 26.29 -2.62
C TYR A 155 -72.94 25.71 -2.61
N PRO A 156 -73.21 24.58 -3.31
CA PRO A 156 -74.57 24.03 -3.31
C PRO A 156 -75.13 23.79 -1.90
N MET A 157 -74.26 23.39 -0.98
CA MET A 157 -74.71 23.02 0.37
C MET A 157 -75.04 24.27 1.22
N VAL A 158 -74.53 25.44 0.84
CA VAL A 158 -74.77 26.67 1.60
C VAL A 158 -75.42 27.76 0.74
N GLU A 159 -75.91 27.43 -0.46
CA GLU A 159 -76.49 28.43 -1.35
C GLU A 159 -77.71 29.05 -0.70
N LYS A 160 -78.60 28.21 -0.17
CA LYS A 160 -79.80 28.70 0.49
C LYS A 160 -79.42 29.48 1.75
N ASP A 161 -78.40 28.99 2.46
CA ASP A 161 -77.94 29.65 3.67
C ASP A 161 -77.50 31.07 3.39
N ILE A 162 -76.81 31.28 2.26
CA ILE A 162 -76.30 32.62 1.93
C ILE A 162 -77.46 33.51 1.50
N ALA A 163 -78.37 32.93 0.70
CA ALA A 163 -79.56 33.65 0.25
C ALA A 163 -80.34 34.15 1.46
N GLU A 164 -80.66 33.22 2.38
CA GLU A 164 -81.56 33.50 3.49
C GLU A 164 -80.81 34.04 4.70
N GLY A 165 -79.59 34.50 4.49
CA GLY A 165 -78.84 35.30 5.45
C GLY A 165 -78.40 34.54 6.69
N ARG A 166 -78.33 33.18 6.63
CA ARG A 166 -77.80 32.39 7.73
C ARG A 166 -76.28 32.26 7.64
N LEU A 167 -75.72 32.41 6.43
CA LEU A 167 -74.26 32.46 6.24
C LEU A 167 -73.93 33.60 5.28
N ARG A 168 -72.65 33.96 5.21
CA ARG A 168 -72.20 35.07 4.39
C ARG A 168 -70.78 34.77 3.92
N VAL A 169 -70.51 35.00 2.63
CA VAL A 169 -69.22 34.72 2.04
C VAL A 169 -68.22 35.73 2.61
N VAL A 170 -67.10 35.22 3.11
CA VAL A 170 -66.18 36.07 3.86
C VAL A 170 -65.50 37.00 2.86
N SER A 171 -64.95 36.39 1.80
CA SER A 171 -64.26 37.12 0.75
C SER A 171 -64.27 36.27 -0.51
N PRO A 172 -64.64 36.84 -1.67
CA PRO A 172 -64.71 36.08 -2.92
C PRO A 172 -63.33 35.65 -3.42
N GLU A 173 -62.28 36.33 -2.95
CA GLU A 173 -60.91 36.07 -3.38
C GLU A 173 -60.52 34.62 -3.08
N SER A 174 -61.08 34.05 -2.01
CA SER A 174 -60.73 32.71 -1.55
C SER A 174 -61.55 31.62 -2.24
N THR A 175 -62.50 32.00 -3.09
CA THR A 175 -63.32 31.02 -3.78
C THR A 175 -62.43 30.18 -4.71
N SER A 176 -62.61 28.85 -4.66
CA SER A 176 -61.88 27.97 -5.58
C SER A 176 -62.85 27.05 -6.31
N GLU A 177 -62.45 26.61 -7.52
CA GLU A 177 -63.18 25.65 -8.30
C GLU A 177 -62.42 24.33 -8.31
N ILE A 178 -63.15 23.23 -8.12
CA ILE A 178 -62.56 21.90 -8.02
C ILE A 178 -63.27 20.99 -8.99
N ASP A 179 -62.51 20.23 -9.77
CA ASP A 179 -63.05 19.22 -10.67
C ASP A 179 -63.40 17.98 -9.87
N ILE A 180 -64.66 17.54 -10.00
CA ILE A 180 -65.10 16.27 -9.44
C ILE A 180 -64.96 15.23 -10.53
N ILE A 181 -64.16 14.18 -10.28
CA ILE A 181 -63.86 13.17 -11.28
C ILE A 181 -64.42 11.82 -10.86
N MET A 182 -64.69 10.97 -11.86
CA MET A 182 -64.99 9.56 -11.67
C MET A 182 -63.72 8.78 -12.00
N ALA A 183 -63.30 7.92 -11.07
CA ALA A 183 -62.08 7.14 -11.21
C ALA A 183 -62.39 5.66 -10.93
N TRP A 184 -61.64 4.78 -11.60
CA TRP A 184 -61.72 3.35 -11.40
C TRP A 184 -60.41 2.70 -11.81
N ARG A 185 -60.33 1.39 -11.53
CA ARG A 185 -59.16 0.59 -11.84
C ARG A 185 -59.43 -0.24 -13.08
N ARG A 186 -58.39 -0.34 -13.94
CA ARG A 186 -58.62 -0.96 -15.25
C ARG A 186 -58.50 -2.49 -15.18
N ASP A 187 -57.98 -3.03 -14.08
CA ASP A 187 -57.62 -4.44 -13.96
C ASP A 187 -58.86 -5.32 -13.83
N SER A 188 -60.06 -4.75 -13.91
CA SER A 188 -61.31 -5.48 -13.79
C SER A 188 -62.44 -4.68 -14.44
N MET A 189 -63.44 -5.39 -14.99
CA MET A 189 -64.50 -4.74 -15.73
C MET A 189 -65.77 -5.59 -15.71
N GLY A 190 -66.31 -5.82 -14.50
CA GLY A 190 -67.53 -6.62 -14.35
C GLY A 190 -68.70 -5.98 -15.08
N GLU A 191 -69.82 -6.71 -15.18
CA GLU A 191 -71.02 -6.22 -15.83
C GLU A 191 -71.51 -4.92 -15.16
N ALA A 192 -71.73 -4.99 -13.84
CA ALA A 192 -72.33 -3.90 -13.08
C ALA A 192 -71.41 -2.69 -13.11
N LYS A 193 -70.12 -2.93 -12.91
CA LYS A 193 -69.12 -1.87 -12.89
C LYS A 193 -69.13 -1.14 -14.22
N SER A 194 -69.14 -1.90 -15.33
CA SER A 194 -69.12 -1.33 -16.67
C SER A 194 -70.35 -0.47 -16.88
N TRP A 195 -71.51 -1.01 -16.49
CA TRP A 195 -72.77 -0.32 -16.65
C TRP A 195 -72.75 1.02 -15.87
N CYS A 196 -72.30 0.99 -14.61
CA CYS A 196 -72.24 2.20 -13.80
C CYS A 196 -71.32 3.24 -14.43
N LEU A 197 -70.16 2.80 -14.94
CA LEU A 197 -69.22 3.73 -15.56
C LEU A 197 -69.87 4.48 -16.73
N ARG A 198 -70.93 3.90 -17.32
CA ARG A 198 -71.59 4.52 -18.46
C ARG A 198 -72.71 5.42 -17.97
N GLU A 199 -73.41 4.99 -16.91
CA GLU A 199 -74.58 5.68 -16.39
C GLU A 199 -74.19 6.90 -15.55
N ILE A 200 -73.10 6.80 -14.78
CA ILE A 200 -72.78 7.86 -13.83
C ILE A 200 -72.58 9.20 -14.52
N PRO A 201 -71.81 9.31 -15.63
CA PRO A 201 -71.70 10.59 -16.34
C PRO A 201 -73.03 11.18 -16.79
N LYS A 202 -74.01 10.32 -17.09
CA LYS A 202 -75.32 10.76 -17.54
C LYS A 202 -76.07 11.48 -16.42
N LEU A 203 -75.75 11.15 -15.16
CA LEU A 203 -76.41 11.80 -14.01
C LEU A 203 -76.01 13.26 -13.92
N PHE A 204 -74.92 13.66 -14.57
CA PHE A 204 -74.37 15.00 -14.39
C PHE A 204 -74.22 15.75 -15.71
N ASN A 205 -74.89 15.28 -16.77
CA ASN A 205 -74.72 15.89 -18.08
C ASN A 205 -75.14 17.36 -18.13
N GLY A 206 -74.24 18.22 -18.65
CA GLY A 206 -74.48 19.66 -18.74
C GLY A 206 -74.07 20.46 -17.50
N LYS A 207 -73.52 19.75 -16.49
CA LYS A 207 -73.27 20.33 -15.18
C LYS A 207 -71.82 20.83 -15.06
N HIS B 3 -53.92 27.13 30.57
CA HIS B 3 -53.11 26.07 29.89
C HIS B 3 -52.73 26.54 28.49
N MET B 4 -51.69 25.94 27.88
CA MET B 4 -51.41 26.07 26.45
C MET B 4 -52.09 24.93 25.69
N GLU B 5 -51.92 24.83 24.36
CA GLU B 5 -52.82 24.05 23.50
C GLU B 5 -52.92 22.58 23.94
N THR B 6 -54.13 22.00 23.86
CA THR B 6 -54.43 20.59 24.13
C THR B 6 -55.45 20.10 23.08
N HIS B 7 -55.46 18.77 22.83
CA HIS B 7 -56.35 18.21 21.84
C HIS B 7 -57.11 17.02 22.40
N LEU B 8 -58.43 17.10 22.45
CA LEU B 8 -59.28 16.00 22.94
C LEU B 8 -60.14 15.49 21.78
N THR B 9 -60.33 14.18 21.72
CA THR B 9 -61.12 13.53 20.69
C THR B 9 -62.31 12.84 21.32
N ILE B 10 -63.50 13.35 21.04
CA ILE B 10 -64.77 12.72 21.40
C ILE B 10 -65.28 12.00 20.14
N VAL B 11 -65.72 10.76 20.31
CA VAL B 11 -66.34 10.00 19.26
C VAL B 11 -67.82 9.88 19.56
N THR B 12 -68.66 10.36 18.64
CA THR B 12 -70.10 10.22 18.73
C THR B 12 -70.58 9.24 17.68
N GLU B 13 -71.22 8.15 18.10
CA GLU B 13 -71.71 7.13 17.18
C GLU B 13 -72.80 7.75 16.32
N ALA B 14 -73.06 7.15 15.15
CA ALA B 14 -73.89 7.76 14.11
C ALA B 14 -75.27 8.16 14.64
N LEU B 15 -75.81 7.36 15.59
CA LEU B 15 -77.12 7.60 16.18
C LEU B 15 -77.13 8.84 17.06
N VAL B 16 -75.94 9.35 17.42
CA VAL B 16 -75.82 10.46 18.36
C VAL B 16 -75.56 11.75 17.61
N PRO B 17 -76.44 12.77 17.69
CA PRO B 17 -76.19 14.08 17.07
C PRO B 17 -74.94 14.76 17.63
N THR B 18 -73.94 14.96 16.76
CA THR B 18 -72.73 15.67 17.07
C THR B 18 -73.02 17.08 17.59
N PRO B 19 -73.94 17.87 16.99
CA PRO B 19 -74.15 19.25 17.45
C PRO B 19 -74.56 19.41 18.92
N ALA B 20 -75.06 18.34 19.54
CA ALA B 20 -75.40 18.38 20.95
C ALA B 20 -74.18 18.66 21.83
N PHE B 21 -72.96 18.45 21.31
CA PHE B 21 -71.71 18.65 22.03
C PHE B 21 -71.09 20.02 21.75
N PHE B 22 -71.77 20.85 20.97
CA PHE B 22 -71.17 22.12 20.55
C PHE B 22 -71.01 23.08 21.73
N PRO B 23 -71.94 23.15 22.70
CA PRO B 23 -71.75 23.99 23.89
C PRO B 23 -70.40 23.84 24.59
N LEU B 24 -69.80 22.64 24.51
CA LEU B 24 -68.50 22.36 25.11
C LEU B 24 -67.39 23.22 24.52
N ILE B 25 -67.52 23.66 23.26
CA ILE B 25 -66.39 24.16 22.48
C ILE B 25 -65.80 25.42 23.11
N ASP B 26 -66.61 26.43 23.28
CA ASP B 26 -66.25 27.73 23.85
C ASP B 26 -65.73 27.54 25.29
N LYS B 27 -66.43 26.72 26.09
CA LYS B 27 -66.10 26.49 27.48
C LYS B 27 -64.74 25.80 27.56
N LEU B 28 -64.49 24.83 26.67
CA LEU B 28 -63.21 24.12 26.69
C LEU B 28 -62.06 25.07 26.30
N ALA B 29 -62.35 26.11 25.51
CA ALA B 29 -61.33 27.06 25.10
C ALA B 29 -60.95 27.98 26.27
N ALA B 30 -61.88 28.17 27.22
CA ALA B 30 -61.65 28.99 28.40
C ALA B 30 -61.07 28.14 29.56
N LYS B 31 -61.60 26.93 29.73
CA LYS B 31 -61.19 26.04 30.81
C LYS B 31 -59.73 25.65 30.64
N ALA B 32 -59.35 25.29 29.42
CA ALA B 32 -57.98 24.97 29.03
C ALA B 32 -57.74 25.56 27.64
N ASN B 33 -56.65 25.19 26.97
CA ASN B 33 -56.45 25.68 25.61
C ASN B 33 -56.84 24.58 24.63
N THR B 34 -57.88 23.82 24.98
CA THR B 34 -58.12 22.53 24.34
C THR B 34 -58.96 22.66 23.07
N GLN B 35 -58.44 22.07 21.97
CA GLN B 35 -59.11 22.00 20.70
C GLN B 35 -59.84 20.67 20.61
N LEU B 36 -61.12 20.74 20.25
CA LEU B 36 -61.99 19.58 20.27
C LEU B 36 -62.09 18.95 18.90
N ALA B 37 -62.20 17.62 18.89
CA ALA B 37 -62.51 16.86 17.68
C ALA B 37 -63.67 15.92 17.98
N ILE B 38 -64.84 16.16 17.34
CA ILE B 38 -66.00 15.32 17.57
C ILE B 38 -66.24 14.49 16.31
N ILE B 39 -65.79 13.24 16.34
CA ILE B 39 -65.66 12.35 15.21
C ILE B 39 -66.83 11.38 15.24
N THR B 40 -67.34 11.05 14.04
CA THR B 40 -68.47 10.13 13.94
C THR B 40 -67.96 8.75 13.54
N GLU B 41 -68.51 7.72 14.18
CA GLU B 41 -68.23 6.34 13.84
C GLU B 41 -69.54 5.57 13.90
N VAL B 42 -69.53 4.34 13.40
CA VAL B 42 -70.75 3.54 13.30
C VAL B 42 -70.57 2.26 14.12
N LEU B 43 -71.52 1.99 15.02
CA LEU B 43 -71.57 0.80 15.87
C LEU B 43 -70.19 0.46 16.42
N ALA B 44 -69.68 -0.72 16.05
CA ALA B 44 -68.48 -1.29 16.64
C ALA B 44 -67.25 -0.41 16.37
N GLY B 45 -67.29 0.36 15.28
CA GLY B 45 -66.19 1.26 14.93
C GLY B 45 -65.92 2.29 16.04
N ALA B 46 -66.97 2.68 16.76
CA ALA B 46 -66.84 3.64 17.85
C ALA B 46 -66.06 3.01 19.00
N TRP B 47 -66.42 1.77 19.35
CA TRP B 47 -65.78 1.04 20.43
C TRP B 47 -64.33 0.70 20.09
N GLU B 48 -64.11 0.31 18.83
CA GLU B 48 -62.79 -0.06 18.36
C GLU B 48 -61.83 1.09 18.56
N ARG B 49 -62.29 2.32 18.29
CA ARG B 49 -61.49 3.52 18.50
C ARG B 49 -61.09 3.60 19.97
N LEU B 50 -62.00 3.23 20.89
CA LEU B 50 -61.72 3.35 22.32
C LEU B 50 -60.68 2.32 22.75
N GLU B 51 -60.87 1.06 22.31
CA GLU B 51 -59.96 -0.04 22.59
C GLU B 51 -58.55 0.30 22.08
N GLN B 52 -58.45 0.79 20.84
CA GLN B 52 -57.17 1.10 20.22
C GLN B 52 -56.57 2.40 20.74
N GLY B 53 -57.22 3.04 21.73
CA GLY B 53 -56.71 4.25 22.35
C GLY B 53 -56.68 5.42 21.38
N ARG B 54 -57.62 5.45 20.43
CA ARG B 54 -57.69 6.53 19.44
C ARG B 54 -58.86 7.46 19.72
N ALA B 55 -59.39 7.43 20.95
CA ALA B 55 -60.53 8.26 21.33
C ALA B 55 -60.53 8.42 22.84
N ASP B 56 -60.56 9.67 23.32
CA ASP B 56 -60.58 9.95 24.75
C ASP B 56 -61.94 9.60 25.37
N ILE B 57 -63.04 9.99 24.71
CA ILE B 57 -64.38 9.67 25.19
C ILE B 57 -65.24 9.17 24.02
N VAL B 58 -66.09 8.16 24.27
CA VAL B 58 -67.00 7.62 23.28
C VAL B 58 -68.44 7.80 23.75
N ILE B 59 -69.29 8.37 22.90
CA ILE B 59 -70.74 8.43 23.13
C ILE B 59 -71.41 7.52 22.11
N ALA B 60 -72.03 6.44 22.58
CA ALA B 60 -72.46 5.35 21.71
C ALA B 60 -73.57 4.55 22.36
N PRO B 61 -74.36 3.79 21.57
CA PRO B 61 -75.28 2.81 22.12
C PRO B 61 -74.56 1.81 23.02
N ASP B 62 -75.24 1.38 24.09
CA ASP B 62 -74.79 0.27 24.91
C ASP B 62 -74.60 -0.98 24.09
N MET B 63 -73.46 -1.69 24.30
CA MET B 63 -73.02 -2.76 23.40
C MET B 63 -72.35 -3.89 24.18
N HIS B 64 -72.17 -5.03 23.49
CA HIS B 64 -71.49 -6.24 23.95
C HIS B 64 -70.07 -6.02 24.43
N PHE B 65 -69.45 -4.93 23.99
CA PHE B 65 -68.16 -4.46 24.46
C PHE B 65 -68.11 -4.22 25.98
N ARG B 66 -69.28 -3.99 26.62
CA ARG B 66 -69.38 -3.40 27.95
C ARG B 66 -68.78 -4.31 29.02
N SER B 67 -68.64 -3.82 30.26
CA SER B 67 -68.05 -4.57 31.36
C SER B 67 -66.58 -4.92 31.14
N SER B 68 -66.01 -4.45 30.03
CA SER B 68 -64.59 -4.49 29.70
C SER B 68 -63.78 -3.76 30.80
N SER B 69 -62.64 -4.30 31.22
CA SER B 69 -62.14 -4.08 32.57
C SER B 69 -61.54 -2.67 32.71
N GLU B 70 -60.96 -2.18 31.59
CA GLU B 70 -60.30 -0.88 31.57
C GLU B 70 -61.28 0.22 31.20
N ILE B 71 -62.58 -0.09 30.98
CA ILE B 71 -63.51 0.87 30.41
C ILE B 71 -64.55 1.20 31.46
N ASN B 72 -64.64 2.49 31.83
CA ASN B 72 -65.74 2.96 32.64
C ASN B 72 -66.86 3.43 31.70
N SER B 73 -68.12 3.39 32.18
CA SER B 73 -69.26 3.84 31.41
C SER B 73 -70.36 4.40 32.30
N ARG B 74 -71.23 5.24 31.71
CA ARG B 74 -72.32 5.89 32.41
C ARG B 74 -73.45 6.18 31.42
N LYS B 75 -74.70 5.93 31.83
CA LYS B 75 -75.85 6.10 30.95
C LYS B 75 -76.17 7.58 30.86
N LEU B 76 -76.40 8.05 29.62
CA LEU B 76 -76.65 9.48 29.38
C LEU B 76 -78.13 9.74 29.14
N TYR B 77 -78.74 8.94 28.26
CA TYR B 77 -80.14 9.13 27.91
C TYR B 77 -80.60 7.93 27.09
N THR B 78 -81.93 7.85 26.89
CA THR B 78 -82.54 6.81 26.10
C THR B 78 -83.01 7.40 24.77
N LEU B 79 -82.83 6.61 23.70
CA LEU B 79 -83.17 7.03 22.34
C LEU B 79 -84.15 6.00 21.76
N MET B 80 -85.14 6.53 21.03
CA MET B 80 -86.16 5.70 20.40
C MET B 80 -85.82 5.53 18.91
N ASN B 81 -85.97 4.28 18.44
CA ASN B 81 -85.73 3.90 17.05
C ASN B 81 -87.03 3.42 16.44
N VAL B 82 -87.36 3.99 15.27
CA VAL B 82 -88.63 3.70 14.61
C VAL B 82 -88.34 3.14 13.23
N TYR B 83 -89.07 2.07 12.90
CA TYR B 83 -89.04 1.45 11.58
C TYR B 83 -89.96 2.25 10.67
N VAL B 84 -89.35 2.96 9.70
CA VAL B 84 -90.09 3.91 8.88
C VAL B 84 -89.91 3.56 7.40
N ALA B 85 -90.76 4.19 6.59
CA ALA B 85 -90.74 4.13 5.14
C ALA B 85 -91.56 5.31 4.60
N ALA B 86 -91.35 5.64 3.32
CA ALA B 86 -92.08 6.72 2.70
C ALA B 86 -93.56 6.36 2.71
N PRO B 87 -94.46 7.37 2.76
CA PRO B 87 -95.90 7.13 2.83
C PRO B 87 -96.42 6.23 1.71
N ASP B 88 -95.89 6.36 0.49
CA ASP B 88 -96.37 5.64 -0.68
C ASP B 88 -95.74 4.23 -0.80
N HIS B 89 -94.89 3.84 0.16
CA HIS B 89 -94.22 2.57 0.04
C HIS B 89 -95.20 1.42 0.24
N PRO B 90 -95.17 0.36 -0.60
CA PRO B 90 -96.10 -0.77 -0.46
C PRO B 90 -96.02 -1.52 0.87
N ILE B 91 -94.95 -1.28 1.65
CA ILE B 91 -94.79 -2.00 2.92
C ILE B 91 -95.95 -1.68 3.85
N HIS B 92 -96.56 -0.50 3.65
CA HIS B 92 -97.66 -0.02 4.47
C HIS B 92 -98.93 -0.87 4.25
N GLN B 93 -99.12 -1.38 3.04
CA GLN B 93 -100.29 -2.19 2.70
C GLN B 93 -100.13 -3.64 3.11
N GLU B 94 -99.06 -3.97 3.82
CA GLU B 94 -98.75 -5.36 4.11
C GLU B 94 -99.46 -5.77 5.41
N PRO B 95 -100.16 -6.93 5.43
CA PRO B 95 -100.77 -7.44 6.65
C PRO B 95 -99.76 -7.72 7.76
N GLU B 96 -98.59 -8.23 7.38
CA GLU B 96 -97.56 -8.62 8.31
C GLU B 96 -96.24 -8.00 7.90
N PRO B 97 -96.05 -6.68 8.09
CA PRO B 97 -94.88 -6.00 7.54
C PRO B 97 -93.54 -6.49 8.10
N LEU B 98 -93.57 -7.08 9.31
CA LEU B 98 -92.37 -7.48 10.03
C LEU B 98 -92.11 -8.98 9.88
N SER B 99 -92.94 -9.68 9.08
CA SER B 99 -92.74 -11.11 8.88
C SER B 99 -91.55 -11.33 7.96
N GLU B 100 -90.71 -12.31 8.31
CA GLU B 100 -89.55 -12.75 7.53
C GLU B 100 -89.94 -12.95 6.06
N VAL B 101 -91.14 -13.49 5.84
CA VAL B 101 -91.61 -13.76 4.49
C VAL B 101 -91.86 -12.44 3.76
N THR B 102 -92.25 -11.39 4.51
CA THR B 102 -92.59 -10.11 3.89
C THR B 102 -91.34 -9.24 3.71
N ARG B 103 -90.49 -9.20 4.75
CA ARG B 103 -89.36 -8.28 4.79
C ARG B 103 -88.41 -8.51 3.62
N VAL B 104 -88.21 -9.79 3.24
CA VAL B 104 -87.34 -10.14 2.12
C VAL B 104 -87.81 -9.47 0.84
N LYS B 105 -89.11 -9.18 0.73
CA LYS B 105 -89.64 -8.65 -0.52
C LYS B 105 -89.15 -7.23 -0.79
N TYR B 106 -88.79 -6.49 0.28
CA TYR B 106 -88.51 -5.06 0.17
C TYR B 106 -87.07 -4.74 0.56
N ARG B 107 -86.53 -3.66 -0.03
CA ARG B 107 -85.13 -3.31 0.14
C ARG B 107 -84.87 -2.73 1.54
N GLY B 108 -83.92 -3.31 2.27
CA GLY B 108 -83.44 -2.69 3.51
C GLY B 108 -82.35 -1.66 3.23
N ILE B 109 -82.11 -0.79 4.20
CA ILE B 109 -81.04 0.19 4.11
C ILE B 109 -80.20 0.10 5.39
N ALA B 110 -78.88 -0.08 5.18
CA ALA B 110 -77.94 -0.26 6.27
C ALA B 110 -76.88 0.85 6.24
N VAL B 111 -76.48 1.27 7.45
CA VAL B 111 -75.33 2.13 7.63
C VAL B 111 -74.14 1.23 7.95
N ALA B 112 -73.08 1.29 7.13
CA ALA B 112 -71.85 0.57 7.41
C ALA B 112 -70.65 1.27 6.80
N ASP B 113 -69.44 0.86 7.17
CA ASP B 113 -68.23 1.08 6.37
C ASP B 113 -67.87 -0.20 5.64
N THR B 114 -67.96 -1.34 6.33
CA THR B 114 -67.54 -2.64 5.83
C THR B 114 -68.32 -3.03 4.56
N ALA B 115 -69.62 -2.68 4.54
CA ALA B 115 -70.52 -2.87 3.42
C ALA B 115 -70.86 -4.34 3.17
N ARG B 116 -70.83 -5.19 4.22
CA ARG B 116 -71.17 -6.61 4.07
C ARG B 116 -72.04 -7.15 5.19
N GLU B 117 -71.67 -6.83 6.45
CA GLU B 117 -72.37 -7.39 7.62
C GLU B 117 -73.11 -6.33 8.46
N ARG B 118 -74.44 -6.34 8.33
CA ARG B 118 -75.31 -5.38 8.99
C ARG B 118 -75.80 -5.91 10.34
N PRO B 119 -76.31 -7.16 10.44
CA PRO B 119 -77.13 -7.59 11.57
C PRO B 119 -76.45 -7.52 12.93
N VAL B 120 -76.99 -6.66 13.81
CA VAL B 120 -76.37 -6.33 15.09
C VAL B 120 -77.39 -6.41 16.23
N LEU B 121 -78.38 -5.48 16.29
CA LEU B 121 -79.18 -5.32 17.49
C LEU B 121 -80.65 -5.16 17.17
N THR B 122 -81.08 -4.94 15.88
CA THR B 122 -82.45 -4.53 15.61
C THR B 122 -83.10 -5.43 14.56
N VAL B 123 -84.07 -4.91 13.78
CA VAL B 123 -84.66 -5.64 12.66
C VAL B 123 -83.52 -6.23 11.82
N GLN B 124 -82.45 -5.46 11.59
CA GLN B 124 -81.31 -5.82 10.77
C GLN B 124 -81.77 -6.01 9.33
N LEU B 125 -80.94 -6.72 8.56
CA LEU B 125 -81.21 -7.06 7.15
C LEU B 125 -81.23 -8.60 7.08
N LEU B 126 -82.18 -9.19 6.38
CA LEU B 126 -82.23 -10.63 6.18
C LEU B 126 -81.34 -10.99 4.99
N ASP B 127 -80.77 -12.20 4.99
CA ASP B 127 -80.03 -12.66 3.81
C ASP B 127 -80.97 -12.76 2.61
N LYS B 128 -80.43 -12.65 1.38
CA LYS B 128 -81.26 -12.77 0.19
C LYS B 128 -82.20 -11.56 0.03
N GLN B 129 -82.26 -10.67 1.05
CA GLN B 129 -83.10 -9.48 1.00
C GLN B 129 -82.32 -8.39 0.25
N PRO B 130 -82.96 -7.66 -0.69
CA PRO B 130 -82.31 -6.52 -1.34
C PRO B 130 -81.90 -5.47 -0.33
N ARG B 131 -80.76 -4.80 -0.57
CA ARG B 131 -80.26 -3.86 0.41
C ARG B 131 -79.51 -2.74 -0.30
N LEU B 132 -79.51 -1.56 0.32
CA LEU B 132 -78.60 -0.47 -0.02
C LEU B 132 -77.77 -0.15 1.22
N THR B 133 -76.48 0.14 1.02
CA THR B 133 -75.60 0.42 2.14
C THR B 133 -75.07 1.83 1.97
N VAL B 134 -75.13 2.61 3.06
CA VAL B 134 -74.64 3.98 3.09
C VAL B 134 -73.77 4.16 4.34
N SER B 135 -73.03 5.25 4.40
CA SER B 135 -72.05 5.49 5.45
C SER B 135 -72.63 6.38 6.53
N THR B 136 -73.62 7.21 6.18
CA THR B 136 -74.09 8.26 7.07
C THR B 136 -75.59 8.09 7.34
N ILE B 137 -76.02 8.62 8.48
CA ILE B 137 -77.40 8.50 8.89
C ILE B 137 -78.25 9.43 8.02
N GLU B 138 -77.64 10.51 7.53
CA GLU B 138 -78.32 11.47 6.65
C GLU B 138 -78.62 10.82 5.30
N ASP B 139 -77.61 10.16 4.71
CA ASP B 139 -77.78 9.45 3.45
C ASP B 139 -78.90 8.41 3.58
N LYS B 140 -78.96 7.74 4.72
CA LYS B 140 -80.00 6.76 4.95
C LYS B 140 -81.37 7.43 5.01
N ARG B 141 -81.42 8.63 5.59
CA ARG B 141 -82.66 9.38 5.68
C ARG B 141 -83.17 9.74 4.30
N GLN B 142 -82.27 10.28 3.46
CA GLN B 142 -82.62 10.72 2.12
C GLN B 142 -83.13 9.54 1.29
N ALA B 143 -82.46 8.38 1.40
CA ALA B 143 -82.88 7.17 0.73
C ALA B 143 -84.30 6.80 1.13
N LEU B 144 -84.60 6.90 2.45
CA LEU B 144 -85.93 6.58 2.94
C LEU B 144 -86.96 7.57 2.42
N LEU B 145 -86.62 8.87 2.45
CA LEU B 145 -87.49 9.92 1.93
C LEU B 145 -87.81 9.68 0.46
N ALA B 146 -86.85 9.11 -0.30
CA ALA B 146 -87.02 8.90 -1.73
C ALA B 146 -87.74 7.59 -2.03
N GLY B 147 -88.20 6.88 -1.00
CA GLY B 147 -89.02 5.70 -1.21
C GLY B 147 -88.23 4.44 -1.56
N LEU B 148 -86.90 4.45 -1.36
CA LEU B 148 -86.02 3.41 -1.91
C LEU B 148 -85.90 2.21 -0.97
N GLY B 149 -86.54 2.25 0.20
CA GLY B 149 -86.45 1.09 1.09
C GLY B 149 -87.13 1.31 2.44
N VAL B 150 -86.90 0.35 3.36
CA VAL B 150 -87.47 0.36 4.70
C VAL B 150 -86.35 0.13 5.72
N ALA B 151 -86.27 1.00 6.72
CA ALA B 151 -85.20 0.91 7.70
C ALA B 151 -85.55 1.63 8.99
N THR B 152 -84.80 1.32 10.04
CA THR B 152 -84.91 1.96 11.34
C THR B 152 -84.24 3.33 11.28
N MET B 153 -84.78 4.30 12.04
CA MET B 153 -84.16 5.60 12.18
C MET B 153 -84.31 6.10 13.62
N PRO B 154 -83.36 6.92 14.11
CA PRO B 154 -83.53 7.60 15.39
C PRO B 154 -84.68 8.62 15.30
N TYR B 155 -85.63 8.51 16.24
CA TYR B 155 -86.87 9.28 16.21
C TYR B 155 -86.60 10.78 16.07
N PRO B 156 -85.69 11.39 16.84
CA PRO B 156 -85.43 12.83 16.71
C PRO B 156 -85.13 13.27 15.28
N MET B 157 -84.45 12.41 14.51
CA MET B 157 -84.01 12.78 13.17
C MET B 157 -85.16 12.71 12.15
N VAL B 158 -86.25 11.99 12.48
CA VAL B 158 -87.39 11.84 11.59
C VAL B 158 -88.70 12.31 12.22
N GLU B 159 -88.63 13.00 13.36
CA GLU B 159 -89.84 13.44 14.07
C GLU B 159 -90.64 14.37 13.17
N LYS B 160 -89.97 15.38 12.59
CA LYS B 160 -90.65 16.32 11.74
C LYS B 160 -91.18 15.61 10.49
N ASP B 161 -90.39 14.67 9.98
CA ASP B 161 -90.74 13.93 8.77
C ASP B 161 -92.06 13.18 9.00
N ILE B 162 -92.23 12.59 10.19
CA ILE B 162 -93.43 11.81 10.47
C ILE B 162 -94.62 12.76 10.65
N ALA B 163 -94.38 13.87 11.36
CA ALA B 163 -95.41 14.88 11.56
C ALA B 163 -95.91 15.39 10.20
N GLU B 164 -94.99 15.79 9.32
CA GLU B 164 -95.32 16.45 8.07
C GLU B 164 -95.59 15.44 6.96
N GLY B 165 -95.75 14.17 7.31
CA GLY B 165 -96.21 13.13 6.39
C GLY B 165 -95.22 12.78 5.28
N ARG B 166 -93.91 13.08 5.48
CA ARG B 166 -92.87 12.68 4.54
C ARG B 166 -92.39 11.24 4.84
N LEU B 167 -92.55 10.79 6.10
CA LEU B 167 -92.28 9.40 6.47
C LEU B 167 -93.42 8.89 7.35
N ARG B 168 -93.50 7.57 7.50
CA ARG B 168 -94.61 6.96 8.22
C ARG B 168 -94.07 5.72 8.91
N VAL B 169 -94.44 5.57 10.19
CA VAL B 169 -93.96 4.45 11.00
C VAL B 169 -94.62 3.18 10.46
N VAL B 170 -93.79 2.17 10.19
CA VAL B 170 -94.29 1.01 9.48
C VAL B 170 -95.23 0.24 10.39
N SER B 171 -94.73 -0.06 11.59
CA SER B 171 -95.47 -0.76 12.63
C SER B 171 -94.82 -0.41 13.97
N PRO B 172 -95.62 -0.06 15.00
CA PRO B 172 -95.08 0.33 16.30
C PRO B 172 -94.41 -0.83 17.03
N GLU B 173 -94.76 -2.07 16.65
CA GLU B 173 -94.23 -3.27 17.27
C GLU B 173 -92.70 -3.29 17.23
N SER B 174 -92.12 -2.72 16.15
CA SER B 174 -90.68 -2.78 15.90
C SER B 174 -89.93 -1.64 16.59
N THR B 175 -90.66 -0.70 17.22
CA THR B 175 -90.02 0.42 17.89
C THR B 175 -89.19 -0.11 19.06
N SER B 176 -87.94 0.36 19.17
CA SER B 176 -87.02 -0.10 20.18
C SER B 176 -86.40 1.09 20.91
N GLU B 177 -85.92 0.83 22.13
CA GLU B 177 -85.26 1.83 22.94
C GLU B 177 -83.79 1.42 23.07
N ILE B 178 -82.89 2.41 22.92
CA ILE B 178 -81.46 2.18 23.05
C ILE B 178 -80.92 3.14 24.09
N ASP B 179 -80.14 2.61 25.04
CA ASP B 179 -79.46 3.44 26.00
C ASP B 179 -78.18 3.98 25.37
N ILE B 180 -78.03 5.31 25.38
CA ILE B 180 -76.83 5.97 24.88
C ILE B 180 -75.94 6.23 26.08
N ILE B 181 -74.72 5.67 26.05
CA ILE B 181 -73.80 5.71 27.18
C ILE B 181 -72.56 6.53 26.83
N MET B 182 -71.94 7.10 27.86
CA MET B 182 -70.63 7.72 27.77
C MET B 182 -69.61 6.74 28.33
N ALA B 183 -68.54 6.47 27.56
CA ALA B 183 -67.51 5.52 27.93
C ALA B 183 -66.14 6.17 27.77
N TRP B 184 -65.20 5.73 28.62
CA TRP B 184 -63.82 6.16 28.57
C TRP B 184 -62.93 5.09 29.19
N ARG B 185 -61.61 5.32 29.07
CA ARG B 185 -60.64 4.39 29.64
C ARG B 185 -60.06 5.00 30.91
N ARG B 186 -59.92 4.13 31.92
CA ARG B 186 -59.45 4.54 33.23
C ARG B 186 -57.94 4.64 33.28
N ASP B 187 -57.22 4.09 32.29
CA ASP B 187 -55.76 3.97 32.36
C ASP B 187 -55.08 5.30 32.05
N SER B 188 -55.87 6.37 31.89
CA SER B 188 -55.36 7.69 31.54
C SER B 188 -56.33 8.74 32.05
N MET B 189 -55.79 9.94 32.30
CA MET B 189 -56.57 11.02 32.89
C MET B 189 -55.80 12.30 32.57
N GLY B 190 -56.56 13.35 32.31
CA GLY B 190 -56.01 14.71 32.24
C GLY B 190 -57.14 15.70 32.49
N GLU B 191 -56.76 16.98 32.54
CA GLU B 191 -57.67 18.04 32.94
C GLU B 191 -58.90 18.08 32.06
N ALA B 192 -58.67 18.21 30.74
CA ALA B 192 -59.73 18.40 29.76
C ALA B 192 -60.66 17.19 29.77
N LYS B 193 -60.06 16.00 29.75
CA LYS B 193 -60.83 14.77 29.73
C LYS B 193 -61.75 14.69 30.94
N SER B 194 -61.20 14.99 32.13
CA SER B 194 -61.94 14.93 33.38
C SER B 194 -63.10 15.92 33.32
N TRP B 195 -62.82 17.14 32.88
CA TRP B 195 -63.82 18.19 32.79
C TRP B 195 -64.96 17.76 31.86
N CYS B 196 -64.65 17.21 30.68
CA CYS B 196 -65.66 16.78 29.74
C CYS B 196 -66.53 15.68 30.35
N LEU B 197 -65.90 14.72 31.05
CA LEU B 197 -66.66 13.63 31.67
C LEU B 197 -67.70 14.17 32.65
N ARG B 198 -67.50 15.39 33.15
CA ARG B 198 -68.43 15.98 34.12
C ARG B 198 -69.48 16.79 33.39
N GLU B 199 -69.07 17.47 32.31
CA GLU B 199 -69.92 18.39 31.56
C GLU B 199 -70.89 17.63 30.64
N ILE B 200 -70.43 16.54 30.03
CA ILE B 200 -71.23 15.89 29.01
C ILE B 200 -72.58 15.42 29.57
N PRO B 201 -72.65 14.74 30.75
CA PRO B 201 -73.94 14.38 31.34
C PRO B 201 -74.89 15.56 31.56
N LYS B 202 -74.32 16.76 31.83
CA LYS B 202 -75.12 17.94 32.06
C LYS B 202 -75.85 18.36 30.79
N LEU B 203 -75.31 18.02 29.61
CA LEU B 203 -75.92 18.37 28.34
C LEU B 203 -77.25 17.64 28.16
N PHE B 204 -77.46 16.54 28.89
CA PHE B 204 -78.59 15.66 28.63
C PHE B 204 -79.44 15.46 29.88
N ASN B 205 -79.29 16.32 30.90
CA ASN B 205 -80.16 16.30 32.06
C ASN B 205 -81.62 16.55 31.64
N GLY B 206 -81.91 17.82 31.31
CA GLY B 206 -83.24 18.36 31.08
C GLY B 206 -83.95 18.72 32.39
N THR C 6 -32.12 33.77 -5.35
CA THR C 6 -31.05 33.80 -4.26
C THR C 6 -31.09 32.51 -3.43
N HIS C 7 -32.31 32.00 -3.26
CA HIS C 7 -32.53 30.81 -2.45
C HIS C 7 -33.40 29.82 -3.19
N LEU C 8 -32.87 28.62 -3.45
CA LEU C 8 -33.64 27.56 -4.09
C LEU C 8 -33.87 26.42 -3.10
N THR C 9 -35.08 25.85 -3.12
CA THR C 9 -35.43 24.73 -2.27
C THR C 9 -35.74 23.52 -3.15
N ILE C 10 -34.89 22.49 -3.08
CA ILE C 10 -35.21 21.17 -3.61
C ILE C 10 -35.70 20.31 -2.45
N VAL C 11 -36.80 19.59 -2.67
CA VAL C 11 -37.32 18.65 -1.70
C VAL C 11 -37.08 17.25 -2.24
N THR C 12 -36.34 16.43 -1.45
CA THR C 12 -36.13 15.02 -1.77
C THR C 12 -36.91 14.16 -0.77
N GLU C 13 -37.84 13.34 -1.27
CA GLU C 13 -38.65 12.50 -0.41
C GLU C 13 -37.72 11.47 0.26
N ALA C 14 -38.17 10.90 1.38
CA ALA C 14 -37.32 10.11 2.26
C ALA C 14 -36.63 8.97 1.51
N LEU C 15 -37.31 8.39 0.51
CA LEU C 15 -36.79 7.29 -0.29
C LEU C 15 -35.63 7.72 -1.17
N VAL C 16 -35.46 9.05 -1.36
CA VAL C 16 -34.47 9.57 -2.29
C VAL C 16 -33.23 10.04 -1.54
N PRO C 17 -32.04 9.47 -1.77
CA PRO C 17 -30.80 9.95 -1.16
C PRO C 17 -30.48 11.39 -1.55
N THR C 18 -30.48 12.26 -0.54
CA THR C 18 -30.12 13.67 -0.69
C THR C 18 -28.72 13.81 -1.28
N PRO C 19 -27.69 13.06 -0.83
CA PRO C 19 -26.33 13.25 -1.35
C PRO C 19 -26.16 13.12 -2.87
N ALA C 20 -27.10 12.47 -3.54
CA ALA C 20 -27.05 12.36 -4.99
C ALA C 20 -27.14 13.73 -5.67
N PHE C 21 -27.62 14.76 -4.96
CA PHE C 21 -27.79 16.11 -5.48
C PHE C 21 -26.61 17.02 -5.12
N PHE C 22 -25.58 16.48 -4.46
CA PHE C 22 -24.49 17.30 -3.97
C PHE C 22 -23.67 17.91 -5.11
N PRO C 23 -23.43 17.19 -6.23
CA PRO C 23 -22.73 17.78 -7.38
C PRO C 23 -23.25 19.14 -7.82
N LEU C 24 -24.55 19.38 -7.66
CA LEU C 24 -25.19 20.63 -8.03
C LEU C 24 -24.63 21.83 -7.26
N ILE C 25 -24.13 21.61 -6.02
CA ILE C 25 -23.93 22.70 -5.07
C ILE C 25 -22.93 23.72 -5.59
N ASP C 26 -21.71 23.28 -5.92
CA ASP C 26 -20.66 24.17 -6.39
C ASP C 26 -21.05 24.85 -7.70
N LYS C 27 -21.65 24.05 -8.62
CA LYS C 27 -22.04 24.58 -9.92
C LYS C 27 -23.10 25.65 -9.76
N LEU C 28 -24.06 25.42 -8.85
CA LEU C 28 -25.12 26.39 -8.65
C LEU C 28 -24.58 27.69 -8.04
N ALA C 29 -23.46 27.59 -7.30
CA ALA C 29 -22.85 28.78 -6.70
C ALA C 29 -22.16 29.63 -7.75
N ALA C 30 -21.74 28.99 -8.86
CA ALA C 30 -21.08 29.67 -9.98
C ALA C 30 -22.12 30.15 -10.99
N LYS C 31 -23.14 29.33 -11.28
CA LYS C 31 -24.18 29.65 -12.26
C LYS C 31 -24.95 30.89 -11.81
N ALA C 32 -25.32 30.90 -10.53
CA ALA C 32 -26.06 31.98 -9.91
C ALA C 32 -25.49 32.16 -8.52
N ASN C 33 -26.06 33.13 -7.79
CA ASN C 33 -25.61 33.43 -6.45
C ASN C 33 -26.53 32.71 -5.45
N THR C 34 -27.04 31.54 -5.85
CA THR C 34 -28.14 30.87 -5.20
C THR C 34 -27.64 29.97 -4.07
N GLN C 35 -28.25 30.12 -2.89
CA GLN C 35 -28.02 29.25 -1.75
C GLN C 35 -29.06 28.14 -1.74
N LEU C 36 -28.57 26.88 -1.67
CA LEU C 36 -29.41 25.72 -1.91
C LEU C 36 -29.88 25.16 -0.57
N ALA C 37 -31.12 24.64 -0.58
CA ALA C 37 -31.68 23.86 0.50
C ALA C 37 -32.22 22.56 -0.10
N ILE C 38 -31.65 21.42 0.30
CA ILE C 38 -32.16 20.12 -0.11
C ILE C 38 -32.82 19.47 1.10
N ILE C 39 -34.15 19.58 1.17
CA ILE C 39 -34.96 19.31 2.35
C ILE C 39 -35.60 17.94 2.17
N THR C 40 -35.71 17.18 3.27
CA THR C 40 -36.32 15.87 3.21
C THR C 40 -37.74 15.95 3.74
N GLU C 41 -38.66 15.26 3.05
CA GLU C 41 -40.04 15.13 3.49
C GLU C 41 -40.47 13.69 3.26
N VAL C 42 -41.63 13.32 3.80
CA VAL C 42 -42.12 11.96 3.71
C VAL C 42 -43.45 11.95 2.96
N LEU C 43 -43.51 11.13 1.91
CA LEU C 43 -44.71 10.90 1.10
C LEU C 43 -45.40 12.22 0.77
N ALA C 44 -46.64 12.38 1.23
CA ALA C 44 -47.51 13.49 0.82
C ALA C 44 -46.94 14.83 1.28
N GLY C 45 -46.14 14.83 2.34
CA GLY C 45 -45.50 16.04 2.85
C GLY C 45 -44.64 16.72 1.79
N ALA C 46 -44.05 15.92 0.90
CA ALA C 46 -43.22 16.44 -0.19
C ALA C 46 -44.08 17.21 -1.17
N TRP C 47 -45.21 16.62 -1.54
CA TRP C 47 -46.14 17.21 -2.52
C TRP C 47 -46.79 18.46 -1.94
N GLU C 48 -47.16 18.39 -0.65
CA GLU C 48 -47.82 19.49 0.04
C GLU C 48 -46.93 20.72 -0.04
N ARG C 49 -45.62 20.55 0.14
CA ARG C 49 -44.67 21.64 0.02
C ARG C 49 -44.77 22.28 -1.37
N LEU C 50 -44.95 21.44 -2.41
CA LEU C 50 -44.99 21.95 -3.79
C LEU C 50 -46.27 22.76 -4.01
N GLU C 51 -47.42 22.19 -3.59
CA GLU C 51 -48.72 22.85 -3.69
C GLU C 51 -48.69 24.20 -2.96
N GLN C 52 -48.18 24.23 -1.73
CA GLN C 52 -48.14 25.44 -0.92
C GLN C 52 -47.05 26.41 -1.38
N GLY C 53 -46.35 26.10 -2.47
CA GLY C 53 -45.33 26.97 -3.04
C GLY C 53 -44.13 27.15 -2.11
N ARG C 54 -43.84 26.12 -1.29
CA ARG C 54 -42.73 26.15 -0.35
C ARG C 54 -41.56 25.29 -0.83
N ALA C 55 -41.53 24.97 -2.13
CA ALA C 55 -40.52 24.12 -2.74
C ALA C 55 -40.51 24.37 -4.24
N ASP C 56 -39.34 24.71 -4.78
CA ASP C 56 -39.16 24.94 -6.21
C ASP C 56 -39.23 23.62 -7.01
N ILE C 57 -38.54 22.57 -6.54
CA ILE C 57 -38.51 21.28 -7.22
C ILE C 57 -38.69 20.16 -6.21
N VAL C 58 -39.48 19.13 -6.58
CA VAL C 58 -39.71 17.98 -5.74
C VAL C 58 -39.18 16.73 -6.44
N ILE C 59 -38.36 15.94 -5.73
CA ILE C 59 -37.92 14.61 -6.19
C ILE C 59 -38.57 13.58 -5.27
N ALA C 60 -39.50 12.77 -5.82
CA ALA C 60 -40.38 11.97 -4.99
C ALA C 60 -40.97 10.83 -5.79
N PRO C 61 -41.46 9.76 -5.11
CA PRO C 61 -42.24 8.71 -5.79
C PRO C 61 -43.43 9.29 -6.56
N ASP C 62 -43.71 8.64 -7.68
CA ASP C 62 -44.67 8.99 -8.71
C ASP C 62 -46.04 9.29 -8.08
N MET C 63 -46.62 10.38 -8.55
CA MET C 63 -48.04 10.68 -8.40
C MET C 63 -48.73 11.00 -9.72
N HIS C 64 -48.29 11.98 -10.51
CA HIS C 64 -48.84 12.40 -11.78
C HIS C 64 -50.25 12.93 -11.71
N PHE C 65 -50.80 13.28 -10.54
CA PHE C 65 -52.21 13.67 -10.45
C PHE C 65 -52.44 15.02 -9.79
N ARG C 66 -53.32 15.86 -10.36
CA ARG C 66 -53.41 17.29 -10.00
C ARG C 66 -54.77 17.70 -9.37
N SER C 67 -54.74 18.08 -8.10
CA SER C 67 -55.85 18.82 -7.49
C SER C 67 -55.42 20.26 -7.63
N SER C 68 -54.25 20.56 -7.05
CA SER C 68 -53.65 21.90 -7.04
C SER C 68 -53.33 22.35 -8.45
N SER C 69 -53.27 21.39 -9.38
CA SER C 69 -52.95 21.64 -10.77
C SER C 69 -51.51 22.15 -11.00
N GLU C 70 -51.21 22.54 -12.24
CA GLU C 70 -50.12 23.37 -12.67
C GLU C 70 -48.74 22.71 -12.59
N ILE C 71 -48.72 21.39 -12.52
CA ILE C 71 -47.52 20.62 -12.17
C ILE C 71 -46.98 19.85 -13.38
N ASN C 72 -45.75 20.16 -13.76
CA ASN C 72 -45.04 19.35 -14.75
C ASN C 72 -44.23 18.30 -14.02
N SER C 73 -43.93 17.17 -14.69
CA SER C 73 -43.17 16.08 -14.10
C SER C 73 -42.38 15.32 -15.16
N ARG C 74 -41.32 14.62 -14.73
CA ARG C 74 -40.47 13.80 -15.58
C ARG C 74 -39.88 12.66 -14.76
N LYS C 75 -39.82 11.47 -15.35
CA LYS C 75 -39.33 10.28 -14.65
C LYS C 75 -37.80 10.34 -14.63
N LEU C 76 -37.22 10.07 -13.45
CA LEU C 76 -35.77 10.13 -13.25
C LEU C 76 -35.17 8.74 -13.25
N TYR C 77 -35.73 7.83 -12.47
CA TYR C 77 -35.20 6.48 -12.35
C TYR C 77 -36.19 5.62 -11.58
N THR C 78 -35.93 4.30 -11.58
CA THR C 78 -36.77 3.34 -10.88
C THR C 78 -36.07 2.86 -9.62
N LEU C 79 -36.87 2.67 -8.56
CA LEU C 79 -36.37 2.24 -7.27
C LEU C 79 -37.10 0.96 -6.86
N MET C 80 -36.34 0.00 -6.32
CA MET C 80 -36.89 -1.27 -5.86
C MET C 80 -37.04 -1.22 -4.33
N ASN C 81 -38.19 -1.72 -3.85
CA ASN C 81 -38.52 -1.81 -2.43
C ASN C 81 -38.67 -3.27 -2.04
N VAL C 82 -37.97 -3.66 -0.98
CA VAL C 82 -37.90 -5.05 -0.54
C VAL C 82 -38.40 -5.14 0.90
N TYR C 83 -39.22 -6.17 1.13
CA TYR C 83 -39.75 -6.48 2.45
C TYR C 83 -38.70 -7.30 3.19
N VAL C 84 -38.10 -6.71 4.22
CA VAL C 84 -36.94 -7.31 4.88
C VAL C 84 -37.23 -7.44 6.38
N ALA C 85 -36.36 -8.24 7.04
CA ALA C 85 -36.34 -8.46 8.47
C ALA C 85 -34.99 -9.04 8.85
N ALA C 86 -34.66 -8.96 10.14
CA ALA C 86 -33.39 -9.49 10.63
C ALA C 86 -33.38 -10.98 10.39
N PRO C 87 -32.18 -11.58 10.20
CA PRO C 87 -32.07 -13.00 9.87
C PRO C 87 -32.77 -13.91 10.89
N ASP C 88 -32.69 -13.57 12.19
CA ASP C 88 -33.23 -14.40 13.26
C ASP C 88 -34.72 -14.14 13.53
N HIS C 89 -35.35 -13.26 12.73
CA HIS C 89 -36.75 -12.97 12.95
C HIS C 89 -37.61 -14.19 12.60
N PRO C 90 -38.60 -14.56 13.44
CA PRO C 90 -39.46 -15.71 13.15
C PRO C 90 -40.27 -15.62 11.86
N ILE C 91 -40.34 -14.43 11.24
CA ILE C 91 -41.13 -14.27 10.03
C ILE C 91 -40.57 -15.15 8.92
N HIS C 92 -39.27 -15.45 9.01
CA HIS C 92 -38.56 -16.26 8.03
C HIS C 92 -39.01 -17.71 8.06
N GLN C 93 -39.37 -18.21 9.25
CA GLN C 93 -39.81 -19.61 9.39
C GLN C 93 -41.27 -19.80 9.01
N GLU C 94 -41.89 -18.73 8.47
CA GLU C 94 -43.33 -18.74 8.29
C GLU C 94 -43.65 -19.33 6.91
N PRO C 95 -44.65 -20.23 6.84
CA PRO C 95 -45.12 -20.75 5.55
C PRO C 95 -45.68 -19.68 4.63
N GLU C 96 -46.41 -18.74 5.21
CA GLU C 96 -47.19 -17.78 4.43
C GLU C 96 -46.93 -16.37 4.97
N PRO C 97 -45.71 -15.81 4.77
CA PRO C 97 -45.29 -14.64 5.56
C PRO C 97 -46.15 -13.40 5.26
N LEU C 98 -46.80 -13.35 4.09
CA LEU C 98 -47.55 -12.20 3.64
C LEU C 98 -49.05 -12.37 3.85
N SER C 99 -49.46 -13.48 4.49
CA SER C 99 -50.87 -13.72 4.76
C SER C 99 -51.34 -12.80 5.89
N GLU C 100 -52.53 -12.20 5.68
CA GLU C 100 -53.16 -11.30 6.64
C GLU C 100 -53.20 -11.94 8.03
N VAL C 101 -53.41 -13.26 8.08
CA VAL C 101 -53.48 -13.98 9.34
C VAL C 101 -52.10 -13.97 10.00
N THR C 102 -51.02 -13.96 9.19
CA THR C 102 -49.67 -14.04 9.73
C THR C 102 -49.15 -12.64 10.08
N ARG C 103 -49.39 -11.67 9.19
CA ARG C 103 -48.81 -10.34 9.31
C ARG C 103 -49.19 -9.66 10.62
N VAL C 104 -50.44 -9.88 11.08
CA VAL C 104 -50.89 -9.32 12.35
C VAL C 104 -50.01 -9.79 13.51
N LYS C 105 -49.38 -10.96 13.39
CA LYS C 105 -48.62 -11.52 14.50
C LYS C 105 -47.35 -10.71 14.75
N TYR C 106 -46.83 -10.01 13.72
CA TYR C 106 -45.50 -9.41 13.77
C TYR C 106 -45.57 -7.90 13.60
N ARG C 107 -44.63 -7.20 14.26
CA ARG C 107 -44.67 -5.75 14.36
C ARG C 107 -44.28 -5.12 13.02
N GLY C 108 -45.13 -4.22 12.50
CA GLY C 108 -44.74 -3.41 11.35
C GLY C 108 -43.98 -2.16 11.79
N ILE C 109 -43.20 -1.57 10.87
CA ILE C 109 -42.49 -0.33 11.14
C ILE C 109 -42.82 0.66 10.02
N ALA C 110 -43.29 1.85 10.45
CA ALA C 110 -43.76 2.89 9.55
C ALA C 110 -42.93 4.16 9.72
N VAL C 111 -42.70 4.84 8.59
CA VAL C 111 -42.15 6.19 8.60
C VAL C 111 -43.32 7.16 8.51
N ALA C 112 -43.47 8.05 9.50
CA ALA C 112 -44.61 8.95 9.60
C ALA C 112 -44.57 9.97 8.48
N ASP C 113 -45.77 10.42 8.05
CA ASP C 113 -45.95 11.28 6.88
C ASP C 113 -46.35 12.66 7.40
N THR C 114 -46.03 13.71 6.61
CA THR C 114 -46.30 15.10 6.94
C THR C 114 -47.60 15.56 6.27
N ALA C 115 -48.56 14.63 6.01
CA ALA C 115 -49.68 15.03 5.13
C ALA C 115 -50.87 14.08 5.19
N ARG C 116 -51.85 14.29 4.28
CA ARG C 116 -53.02 13.42 4.12
C ARG C 116 -52.54 12.03 3.65
N GLU C 117 -52.67 11.01 4.50
CA GLU C 117 -51.99 9.75 4.29
C GLU C 117 -52.73 8.89 3.29
N ARG C 118 -52.62 9.24 2.01
CA ARG C 118 -53.03 8.38 0.90
C ARG C 118 -52.05 7.18 0.86
N PRO C 119 -50.71 7.42 0.75
CA PRO C 119 -49.76 6.38 1.15
C PRO C 119 -49.60 6.39 2.68
N VAL C 120 -49.93 5.28 3.33
CA VAL C 120 -49.76 5.14 4.79
C VAL C 120 -48.85 3.92 5.11
N LEU C 121 -49.08 2.85 4.36
CA LEU C 121 -48.39 1.59 4.53
C LEU C 121 -47.62 1.43 3.22
N THR C 122 -46.29 1.62 3.29
CA THR C 122 -45.37 1.21 2.23
C THR C 122 -45.69 -0.19 1.69
N VAL C 123 -46.09 -1.12 2.58
CA VAL C 123 -46.59 -2.44 2.18
C VAL C 123 -48.10 -2.50 2.50
N GLN C 124 -48.41 -2.85 3.74
CA GLN C 124 -49.75 -2.77 4.34
C GLN C 124 -49.65 -2.99 5.86
N LEU C 125 -50.08 -1.98 6.67
CA LEU C 125 -50.19 -2.15 8.12
C LEU C 125 -51.64 -2.48 8.44
N LEU C 126 -51.89 -3.53 9.22
CA LEU C 126 -53.24 -4.02 9.51
C LEU C 126 -53.67 -3.55 10.88
N ASP C 127 -54.99 -3.42 11.10
CA ASP C 127 -55.49 -3.09 12.44
C ASP C 127 -55.13 -4.21 13.41
N LYS C 128 -55.04 -3.90 14.71
CA LYS C 128 -54.70 -4.90 15.73
C LYS C 128 -53.25 -5.36 15.59
N GLN C 129 -52.53 -4.91 14.54
CA GLN C 129 -51.15 -5.32 14.30
C GLN C 129 -50.23 -4.41 15.10
N PRO C 130 -49.24 -4.96 15.83
CA PRO C 130 -48.27 -4.12 16.53
C PRO C 130 -47.49 -3.28 15.51
N ARG C 131 -47.10 -2.07 15.92
CA ARG C 131 -46.37 -1.18 15.03
C ARG C 131 -45.42 -0.30 15.82
N LEU C 132 -44.31 0.09 15.18
CA LEU C 132 -43.43 1.16 15.65
C LEU C 132 -43.39 2.22 14.55
N THR C 133 -43.37 3.50 14.95
CA THR C 133 -43.39 4.58 14.00
C THR C 133 -42.13 5.42 14.22
N VAL C 134 -41.43 5.75 13.12
CA VAL C 134 -40.23 6.56 13.15
C VAL C 134 -40.35 7.63 12.06
N SER C 135 -39.47 8.63 12.09
CA SER C 135 -39.52 9.78 11.22
C SER C 135 -38.59 9.59 10.02
N THR C 136 -37.54 8.80 10.19
CA THR C 136 -36.46 8.74 9.21
C THR C 136 -36.29 7.31 8.71
N ILE C 137 -35.73 7.20 7.51
CA ILE C 137 -35.54 5.90 6.89
C ILE C 137 -34.37 5.20 7.59
N GLU C 138 -33.44 5.97 8.13
CA GLU C 138 -32.30 5.42 8.88
C GLU C 138 -32.78 4.77 10.18
N ASP C 139 -33.63 5.49 10.94
CA ASP C 139 -34.20 4.98 12.17
C ASP C 139 -34.94 3.66 11.89
N LYS C 140 -35.66 3.62 10.76
CA LYS C 140 -36.38 2.41 10.39
C LYS C 140 -35.40 1.27 10.10
N ARG C 141 -34.25 1.61 9.50
CA ARG C 141 -33.24 0.61 9.19
C ARG C 141 -32.70 0.00 10.49
N GLN C 142 -32.35 0.87 11.44
CA GLN C 142 -31.77 0.42 12.70
C GLN C 142 -32.75 -0.47 13.46
N ALA C 143 -34.03 -0.08 13.48
CA ALA C 143 -35.08 -0.88 14.09
C ALA C 143 -35.12 -2.27 13.46
N LEU C 144 -35.03 -2.33 12.13
CA LEU C 144 -35.04 -3.62 11.42
C LEU C 144 -33.80 -4.44 11.75
N LEU C 145 -32.63 -3.79 11.76
CA LEU C 145 -31.38 -4.45 12.12
C LEU C 145 -31.47 -5.04 13.51
N ALA C 146 -32.20 -4.38 14.43
CA ALA C 146 -32.30 -4.81 15.82
C ALA C 146 -33.39 -5.88 16.01
N GLY C 147 -34.01 -6.32 14.93
CA GLY C 147 -34.94 -7.44 15.01
C GLY C 147 -36.34 -7.05 15.47
N LEU C 148 -36.67 -5.73 15.49
CA LEU C 148 -37.85 -5.24 16.19
C LEU C 148 -39.10 -5.29 15.33
N GLY C 149 -39.00 -5.72 14.06
CA GLY C 149 -40.18 -5.78 13.22
C GLY C 149 -39.85 -6.17 11.77
N VAL C 150 -40.87 -6.04 10.90
CA VAL C 150 -40.77 -6.35 9.48
C VAL C 150 -41.32 -5.18 8.68
N ALA C 151 -40.54 -4.72 7.70
CA ALA C 151 -40.95 -3.55 6.93
C ALA C 151 -40.25 -3.51 5.56
N THR C 152 -40.81 -2.69 4.67
CA THR C 152 -40.23 -2.44 3.36
C THR C 152 -39.06 -1.46 3.49
N MET C 153 -38.05 -1.61 2.63
CA MET C 153 -36.92 -0.71 2.58
C MET C 153 -36.47 -0.52 1.13
N PRO C 154 -35.89 0.65 0.77
CA PRO C 154 -35.26 0.84 -0.53
C PRO C 154 -34.05 -0.07 -0.67
N TYR C 155 -33.99 -0.86 -1.74
CA TYR C 155 -32.97 -1.88 -1.95
C TYR C 155 -31.56 -1.30 -1.79
N PRO C 156 -31.23 -0.13 -2.41
CA PRO C 156 -29.87 0.39 -2.28
C PRO C 156 -29.43 0.56 -0.83
N MET C 157 -30.36 0.92 0.05
CA MET C 157 -30.03 1.24 1.43
C MET C 157 -29.79 -0.03 2.26
N VAL C 158 -30.26 -1.20 1.79
CA VAL C 158 -30.08 -2.45 2.50
C VAL C 158 -29.36 -3.51 1.66
N GLU C 159 -28.79 -3.14 0.52
CA GLU C 159 -28.11 -4.08 -0.36
C GLU C 159 -26.94 -4.72 0.38
N LYS C 160 -26.12 -3.89 1.02
CA LYS C 160 -24.96 -4.38 1.75
C LYS C 160 -25.45 -5.23 2.94
N ASP C 161 -26.53 -4.80 3.58
CA ASP C 161 -27.09 -5.50 4.73
C ASP C 161 -27.48 -6.93 4.36
N ILE C 162 -28.07 -7.08 3.17
CA ILE C 162 -28.53 -8.40 2.72
C ILE C 162 -27.33 -9.26 2.36
N ALA C 163 -26.35 -8.65 1.68
CA ALA C 163 -25.11 -9.33 1.32
C ALA C 163 -24.42 -9.84 2.58
N GLU C 164 -24.23 -8.97 3.57
CA GLU C 164 -23.42 -9.28 4.76
C GLU C 164 -24.28 -9.95 5.84
N GLY C 165 -25.49 -10.42 5.48
CA GLY C 165 -26.32 -11.26 6.32
C GLY C 165 -26.88 -10.56 7.56
N ARG C 166 -26.93 -9.21 7.56
CA ARG C 166 -27.55 -8.45 8.64
C ARG C 166 -29.05 -8.33 8.44
N LEU C 167 -29.52 -8.42 7.17
CA LEU C 167 -30.95 -8.45 6.86
C LEU C 167 -31.20 -9.54 5.82
N ARG C 168 -32.47 -9.91 5.65
CA ARG C 168 -32.84 -10.97 4.75
C ARG C 168 -34.21 -10.66 4.17
N VAL C 169 -34.38 -10.86 2.85
CA VAL C 169 -35.62 -10.55 2.16
C VAL C 169 -36.66 -11.56 2.61
N VAL C 170 -37.81 -11.07 3.04
CA VAL C 170 -38.81 -11.93 3.66
C VAL C 170 -39.39 -12.84 2.58
N SER C 171 -39.85 -12.19 1.50
CA SER C 171 -40.44 -12.88 0.37
C SER C 171 -40.32 -11.98 -0.85
N PRO C 172 -39.85 -12.51 -1.99
CA PRO C 172 -39.68 -11.70 -3.20
C PRO C 172 -41.01 -11.23 -3.80
N GLU C 173 -42.10 -11.92 -3.46
CA GLU C 173 -43.42 -11.62 -4.01
C GLU C 173 -43.83 -10.19 -3.68
N SER C 174 -43.37 -9.67 -2.53
CA SER C 174 -43.77 -8.35 -2.06
C SER C 174 -42.91 -7.22 -2.65
N THR C 175 -41.85 -7.59 -3.41
CA THR C 175 -40.94 -6.59 -3.94
C THR C 175 -41.71 -5.74 -4.96
N SER C 176 -41.56 -4.41 -4.85
CA SER C 176 -42.28 -3.48 -5.69
C SER C 176 -41.32 -2.48 -6.31
N GLU C 177 -41.66 -1.99 -7.51
CA GLU C 177 -40.86 -1.01 -8.22
C GLU C 177 -41.62 0.31 -8.25
N ILE C 178 -40.92 1.42 -7.94
CA ILE C 178 -41.54 2.72 -7.89
C ILE C 178 -40.73 3.66 -8.76
N ASP C 179 -41.43 4.45 -9.59
CA ASP C 179 -40.81 5.51 -10.37
C ASP C 179 -40.55 6.72 -9.48
N ILE C 180 -39.28 7.17 -9.47
CA ILE C 180 -38.93 8.42 -8.82
C ILE C 180 -38.97 9.52 -9.87
N ILE C 181 -39.80 10.54 -9.64
CA ILE C 181 -40.00 11.61 -10.61
C ILE C 181 -39.49 12.95 -10.09
N MET C 182 -39.14 13.84 -11.02
CA MET C 182 -38.88 15.23 -10.74
C MET C 182 -40.11 16.04 -11.14
N ALA C 183 -40.61 16.85 -10.21
CA ALA C 183 -41.83 17.63 -10.41
C ALA C 183 -41.59 19.08 -10.01
N TRP C 184 -42.31 20.00 -10.70
CA TRP C 184 -42.27 21.41 -10.42
C TRP C 184 -43.55 22.07 -10.90
N ARG C 185 -43.69 23.36 -10.59
CA ARG C 185 -44.84 24.15 -11.00
C ARG C 185 -44.41 25.09 -12.11
N ARG C 186 -45.31 25.28 -13.10
CA ARG C 186 -44.97 26.04 -14.29
C ARG C 186 -45.15 27.54 -14.09
N ASP C 187 -45.80 27.96 -12.99
CA ASP C 187 -46.17 29.36 -12.80
C ASP C 187 -44.97 30.24 -12.44
N SER C 188 -43.76 29.66 -12.43
CA SER C 188 -42.53 30.41 -12.15
C SER C 188 -41.33 29.65 -12.75
N MET C 189 -40.30 30.40 -13.17
CA MET C 189 -39.19 29.79 -13.89
C MET C 189 -37.92 30.61 -13.71
N GLY C 190 -37.44 30.74 -12.47
CA GLY C 190 -36.21 31.47 -12.18
C GLY C 190 -35.02 30.88 -12.93
N GLU C 191 -33.90 31.60 -12.91
CA GLU C 191 -32.65 31.15 -13.51
C GLU C 191 -32.22 29.81 -12.90
N ALA C 192 -32.08 29.79 -11.57
CA ALA C 192 -31.54 28.66 -10.84
C ALA C 192 -32.45 27.46 -11.02
N LYS C 193 -33.76 27.69 -10.89
CA LYS C 193 -34.75 26.64 -11.01
C LYS C 193 -34.65 25.99 -12.38
N SER C 194 -34.58 26.82 -13.43
CA SER C 194 -34.51 26.33 -14.80
C SER C 194 -33.25 25.48 -14.97
N TRP C 195 -32.13 26.00 -14.48
CA TRP C 195 -30.86 25.30 -14.60
C TRP C 195 -30.91 23.93 -13.91
N CYS C 196 -31.45 23.87 -12.69
CA CYS C 196 -31.55 22.63 -11.95
C CYS C 196 -32.42 21.62 -12.71
N LEU C 197 -33.55 22.09 -13.27
CA LEU C 197 -34.44 21.19 -14.00
C LEU C 197 -33.71 20.52 -15.17
N ARG C 198 -32.62 21.14 -15.64
CA ARG C 198 -31.86 20.60 -16.76
C ARG C 198 -30.77 19.66 -16.26
N GLU C 199 -30.16 20.03 -15.14
CA GLU C 199 -29.02 19.32 -14.57
C GLU C 199 -29.46 18.05 -13.84
N ILE C 200 -30.59 18.10 -13.14
CA ILE C 200 -30.97 17.00 -12.26
C ILE C 200 -31.11 15.68 -13.04
N PRO C 201 -31.82 15.63 -14.19
CA PRO C 201 -31.88 14.40 -14.98
C PRO C 201 -30.52 13.84 -15.38
N LYS C 202 -29.52 14.71 -15.56
CA LYS C 202 -28.18 14.30 -15.93
C LYS C 202 -27.52 13.51 -14.81
N LEU C 203 -27.90 13.79 -13.55
CA LEU C 203 -27.33 13.09 -12.41
C LEU C 203 -27.72 11.62 -12.42
N PHE C 204 -28.78 11.24 -13.15
CA PHE C 204 -29.33 9.90 -13.07
C PHE C 204 -29.41 9.24 -14.44
N ASN C 205 -28.63 9.71 -15.43
CA ASN C 205 -28.30 8.91 -16.60
C ASN C 205 -27.75 7.50 -16.27
N GLY C 206 -28.38 6.48 -16.87
CA GLY C 206 -27.99 5.08 -16.68
C GLY C 206 -28.76 4.38 -15.57
N LYS C 207 -29.56 5.15 -14.81
CA LYS C 207 -30.11 4.71 -13.53
C LYS C 207 -31.57 4.27 -13.74
N HIS D 3 -52.57 -2.65 29.35
CA HIS D 3 -54.06 -2.68 29.68
C HIS D 3 -54.93 -2.37 28.45
N MET D 4 -54.91 -3.22 27.40
CA MET D 4 -55.35 -2.95 26.03
C MET D 4 -54.44 -1.93 25.32
N GLU D 5 -54.50 -1.88 23.98
CA GLU D 5 -53.48 -1.13 23.24
C GLU D 5 -53.49 0.37 23.59
N THR D 6 -52.30 0.99 23.62
CA THR D 6 -52.05 2.40 23.94
C THR D 6 -50.96 2.94 23.02
N HIS D 7 -50.87 4.27 22.85
CA HIS D 7 -49.92 4.90 21.96
C HIS D 7 -49.24 6.05 22.66
N LEU D 8 -47.92 6.02 22.76
CA LEU D 8 -47.14 7.11 23.32
C LEU D 8 -46.21 7.68 22.25
N THR D 9 -46.04 9.00 22.23
CA THR D 9 -45.23 9.68 21.24
C THR D 9 -44.09 10.41 21.94
N ILE D 10 -42.86 9.92 21.72
CA ILE D 10 -41.64 10.54 22.17
C ILE D 10 -41.06 11.31 20.99
N VAL D 11 -40.63 12.55 21.24
CA VAL D 11 -39.91 13.33 20.26
C VAL D 11 -38.45 13.42 20.68
N THR D 12 -37.56 12.97 19.79
CA THR D 12 -36.12 13.12 20.00
C THR D 12 -35.58 14.15 19.00
N GLU D 13 -34.99 15.23 19.50
CA GLU D 13 -34.43 16.26 18.66
C GLU D 13 -33.27 15.67 17.85
N ALA D 14 -32.93 16.30 16.73
CA ALA D 14 -32.04 15.72 15.73
C ALA D 14 -30.70 15.30 16.34
N LEU D 15 -30.22 16.08 17.33
CA LEU D 15 -28.94 15.85 18.00
C LEU D 15 -29.00 14.61 18.87
N VAL D 16 -30.20 14.08 19.14
CA VAL D 16 -30.36 12.94 20.03
C VAL D 16 -30.57 11.67 19.22
N PRO D 17 -29.68 10.66 19.33
CA PRO D 17 -29.86 9.38 18.63
C PRO D 17 -31.13 8.65 19.07
N THR D 18 -32.05 8.49 18.14
CA THR D 18 -33.30 7.76 18.34
C THR D 18 -33.03 6.35 18.83
N PRO D 19 -32.06 5.58 18.25
CA PRO D 19 -31.85 4.19 18.68
C PRO D 19 -31.53 3.99 20.17
N ALA D 20 -31.11 5.03 20.86
CA ALA D 20 -30.87 4.93 22.30
C ALA D 20 -32.15 4.62 23.08
N PHE D 21 -33.32 4.84 22.47
CA PHE D 21 -34.61 4.62 23.11
C PHE D 21 -35.22 3.28 22.70
N PHE D 22 -34.48 2.46 21.94
CA PHE D 22 -35.05 1.22 21.43
C PHE D 22 -35.30 0.22 22.55
N PRO D 23 -34.43 0.11 23.58
CA PRO D 23 -34.71 -0.77 24.72
C PRO D 23 -36.10 -0.64 25.33
N LEU D 24 -36.68 0.56 25.28
CA LEU D 24 -38.03 0.83 25.80
C LEU D 24 -39.10 0.00 25.10
N ILE D 25 -38.89 -0.37 23.83
CA ILE D 25 -39.97 -0.83 22.97
C ILE D 25 -40.57 -2.13 23.49
N ASP D 26 -39.72 -3.16 23.65
CA ASP D 26 -40.13 -4.47 24.15
C ASP D 26 -40.70 -4.36 25.56
N LYS D 27 -40.06 -3.58 26.43
CA LYS D 27 -40.49 -3.41 27.81
C LYS D 27 -41.86 -2.77 27.85
N LEU D 28 -42.08 -1.76 27.01
CA LEU D 28 -43.37 -1.08 26.98
C LEU D 28 -44.48 -2.03 26.49
N ALA D 29 -44.12 -3.01 25.67
CA ALA D 29 -45.09 -3.97 25.14
C ALA D 29 -45.50 -4.96 26.24
N ALA D 30 -44.62 -5.18 27.23
CA ALA D 30 -44.90 -6.06 28.36
C ALA D 30 -45.56 -5.30 29.52
N LYS D 31 -45.08 -4.08 29.78
CA LYS D 31 -45.59 -3.26 30.87
C LYS D 31 -47.06 -2.90 30.65
N ALA D 32 -47.37 -2.50 29.42
CA ALA D 32 -48.72 -2.20 28.96
C ALA D 32 -48.85 -2.70 27.53
N ASN D 33 -49.91 -2.34 26.80
CA ASN D 33 -50.03 -2.76 25.41
C ASN D 33 -49.61 -1.60 24.52
N THR D 34 -48.61 -0.83 24.98
CA THR D 34 -48.35 0.50 24.41
C THR D 34 -47.42 0.43 23.20
N GLN D 35 -47.84 1.05 22.09
CA GLN D 35 -47.07 1.21 20.87
C GLN D 35 -46.36 2.54 20.92
N LEU D 36 -45.06 2.50 20.64
CA LEU D 36 -44.20 3.67 20.73
C LEU D 36 -44.03 4.35 19.37
N ALA D 37 -43.94 5.68 19.42
CA ALA D 37 -43.59 6.47 18.24
C ALA D 37 -42.48 7.43 18.61
N ILE D 38 -41.28 7.24 18.04
CA ILE D 38 -40.14 8.08 18.37
C ILE D 38 -39.83 8.94 17.14
N ILE D 39 -40.29 10.20 17.20
CA ILE D 39 -40.32 11.12 16.08
C ILE D 39 -39.13 12.07 16.24
N THR D 40 -38.55 12.45 15.09
CA THR D 40 -37.42 13.36 15.10
C THR D 40 -37.91 14.76 14.70
N GLU D 41 -37.41 15.77 15.40
CA GLU D 41 -37.66 17.15 15.10
C GLU D 41 -36.36 17.92 15.27
N VAL D 42 -36.35 19.17 14.79
CA VAL D 42 -35.12 19.97 14.80
C VAL D 42 -35.37 21.21 15.64
N LEU D 43 -34.48 21.44 16.62
CA LEU D 43 -34.46 22.62 17.49
C LEU D 43 -35.87 22.93 17.99
N ALA D 44 -36.37 24.12 17.64
CA ALA D 44 -37.61 24.66 18.19
C ALA D 44 -38.80 23.80 17.81
N GLY D 45 -38.72 23.07 16.70
CA GLY D 45 -39.79 22.19 16.25
C GLY D 45 -40.12 21.12 17.29
N ALA D 46 -39.11 20.70 18.07
CA ALA D 46 -39.31 19.71 19.12
C ALA D 46 -40.16 20.31 20.25
N TRP D 47 -39.83 21.55 20.65
CA TRP D 47 -40.55 22.25 21.71
C TRP D 47 -41.98 22.59 21.29
N GLU D 48 -42.11 23.02 20.03
CA GLU D 48 -43.40 23.41 19.48
C GLU D 48 -44.35 22.25 19.58
N ARG D 49 -43.88 21.03 19.29
CA ARG D 49 -44.70 19.84 19.42
C ARG D 49 -45.21 19.71 20.86
N LEU D 50 -44.36 20.03 21.85
CA LEU D 50 -44.75 19.88 23.23
C LEU D 50 -45.82 20.90 23.63
N GLU D 51 -45.58 22.17 23.26
CA GLU D 51 -46.51 23.27 23.51
C GLU D 51 -47.88 22.96 22.89
N GLN D 52 -47.88 22.50 21.61
CA GLN D 52 -49.12 22.23 20.89
C GLN D 52 -49.77 20.92 21.32
N GLY D 53 -49.19 20.24 22.33
CA GLY D 53 -49.77 19.02 22.86
C GLY D 53 -49.72 17.87 21.86
N ARG D 54 -48.71 17.86 20.97
CA ARG D 54 -48.59 16.82 19.96
C ARG D 54 -47.47 15.85 20.30
N ALA D 55 -47.02 15.84 21.56
CA ALA D 55 -45.92 14.96 21.99
C ALA D 55 -46.02 14.74 23.49
N ASP D 56 -46.01 13.48 23.92
CA ASP D 56 -46.06 13.15 25.34
C ASP D 56 -44.75 13.48 26.06
N ILE D 57 -43.59 13.14 25.47
CA ILE D 57 -42.29 13.47 26.05
C ILE D 57 -41.37 14.01 24.95
N VAL D 58 -40.56 15.02 25.30
CA VAL D 58 -39.57 15.57 24.38
C VAL D 58 -38.16 15.37 24.97
N ILE D 59 -37.24 14.83 24.16
CA ILE D 59 -35.82 14.78 24.49
C ILE D 59 -35.08 15.72 23.55
N ALA D 60 -34.50 16.80 24.09
CA ALA D 60 -33.99 17.89 23.27
C ALA D 60 -32.93 18.68 24.04
N PRO D 61 -32.09 19.46 23.33
CA PRO D 61 -31.20 20.42 23.98
C PRO D 61 -31.98 21.40 24.85
N ASP D 62 -31.39 21.80 25.99
CA ASP D 62 -31.97 22.79 26.87
C ASP D 62 -32.16 24.12 26.11
N MET D 63 -33.33 24.75 26.27
CA MET D 63 -33.74 25.88 25.44
C MET D 63 -34.62 26.84 26.25
N HIS D 64 -34.79 28.06 25.70
CA HIS D 64 -35.48 29.18 26.29
C HIS D 64 -36.97 28.92 26.55
N PHE D 65 -37.57 28.03 25.75
CA PHE D 65 -38.92 27.56 25.97
C PHE D 65 -39.14 26.92 27.35
N ARG D 66 -38.07 26.45 28.01
CA ARG D 66 -38.18 25.57 29.18
C ARG D 66 -38.86 26.26 30.37
N SER D 67 -38.86 27.61 30.36
CA SER D 67 -39.41 28.38 31.49
C SER D 67 -40.94 28.28 31.56
N SER D 68 -41.54 27.47 30.67
CA SER D 68 -42.99 27.31 30.61
C SER D 68 -43.52 26.62 31.87
N SER D 69 -44.66 27.08 32.39
CA SER D 69 -45.00 26.85 33.80
C SER D 69 -45.54 25.42 33.96
N GLU D 70 -46.27 24.95 32.92
CA GLU D 70 -46.87 23.63 32.96
C GLU D 70 -45.98 22.61 32.28
N ILE D 71 -44.72 22.93 32.03
CA ILE D 71 -43.72 22.00 31.50
C ILE D 71 -42.70 21.69 32.58
N ASN D 72 -42.60 20.40 32.91
CA ASN D 72 -41.55 19.93 33.80
C ASN D 72 -40.38 19.50 32.92
N SER D 73 -39.16 19.54 33.48
CA SER D 73 -37.94 19.17 32.76
C SER D 73 -36.88 18.61 33.70
N ARG D 74 -35.96 17.79 33.15
CA ARG D 74 -34.92 17.13 33.92
C ARG D 74 -33.72 16.85 33.02
N LYS D 75 -32.51 17.13 33.50
CA LYS D 75 -31.30 16.94 32.72
C LYS D 75 -30.97 15.46 32.63
N LEU D 76 -30.65 14.98 31.43
CA LEU D 76 -30.40 13.57 31.17
C LEU D 76 -28.90 13.30 31.04
N TYR D 77 -28.22 14.11 30.22
CA TYR D 77 -26.81 13.90 29.95
C TYR D 77 -26.28 15.10 29.17
N THR D 78 -24.96 15.16 29.03
CA THR D 78 -24.28 16.21 28.30
C THR D 78 -23.76 15.65 26.98
N LEU D 79 -23.84 16.49 25.93
CA LEU D 79 -23.40 16.13 24.58
C LEU D 79 -22.37 17.16 24.15
N MET D 80 -21.33 16.67 23.46
CA MET D 80 -20.25 17.51 22.96
C MET D 80 -20.46 17.78 21.46
N ASN D 81 -20.26 19.05 21.06
CA ASN D 81 -20.39 19.51 19.69
C ASN D 81 -19.05 20.00 19.19
N VAL D 82 -18.64 19.51 18.02
CA VAL D 82 -17.33 19.81 17.47
C VAL D 82 -17.51 20.43 16.08
N TYR D 83 -16.76 21.50 15.84
CA TYR D 83 -16.70 22.19 14.57
C TYR D 83 -15.73 21.43 13.68
N VAL D 84 -16.25 20.76 12.64
CA VAL D 84 -15.46 19.85 11.82
C VAL D 84 -15.54 20.28 10.36
N ALA D 85 -14.62 19.68 9.57
CA ALA D 85 -14.55 19.80 8.13
C ALA D 85 -13.69 18.65 7.60
N ALA D 86 -13.81 18.37 6.29
CA ALA D 86 -13.04 17.31 5.68
C ALA D 86 -11.56 17.67 5.79
N PRO D 87 -10.67 16.65 5.84
CA PRO D 87 -9.25 16.88 6.06
C PRO D 87 -8.63 17.83 5.03
N ASP D 88 -9.06 17.75 3.76
CA ASP D 88 -8.47 18.54 2.68
C ASP D 88 -9.16 19.90 2.52
N HIS D 89 -10.08 20.24 3.41
CA HIS D 89 -10.75 21.53 3.32
C HIS D 89 -9.78 22.66 3.62
N PRO D 90 -9.75 23.75 2.82
CA PRO D 90 -8.83 24.86 3.06
C PRO D 90 -8.98 25.56 4.41
N ILE D 91 -10.08 25.31 5.13
CA ILE D 91 -10.32 25.98 6.41
C ILE D 91 -9.21 25.61 7.39
N HIS D 92 -8.61 24.43 7.18
CA HIS D 92 -7.56 23.91 8.05
C HIS D 92 -6.28 24.73 7.90
N GLN D 93 -6.00 25.26 6.71
CA GLN D 93 -4.79 26.05 6.46
C GLN D 93 -4.96 27.49 6.90
N GLU D 94 -6.06 27.82 7.57
CA GLU D 94 -6.35 29.22 7.89
C GLU D 94 -5.69 29.55 9.22
N PRO D 95 -4.98 30.70 9.33
CA PRO D 95 -4.42 31.14 10.61
C PRO D 95 -5.50 31.41 11.67
N GLU D 96 -6.64 31.95 11.24
CA GLU D 96 -7.72 32.32 12.11
C GLU D 96 -9.03 31.74 11.60
N PRO D 97 -9.26 30.42 11.75
CA PRO D 97 -10.43 29.78 11.14
C PRO D 97 -11.77 30.29 11.67
N LEU D 98 -11.78 30.86 12.90
CA LEU D 98 -13.02 31.29 13.52
C LEU D 98 -13.20 32.80 13.41
N SER D 99 -12.32 33.48 12.67
CA SER D 99 -12.46 34.92 12.49
C SER D 99 -13.59 35.20 11.51
N GLU D 100 -14.43 36.19 11.85
CA GLU D 100 -15.55 36.67 11.03
C GLU D 100 -15.08 36.90 9.59
N VAL D 101 -13.85 37.41 9.43
CA VAL D 101 -13.33 37.70 8.11
C VAL D 101 -13.08 36.39 7.36
N THR D 102 -12.74 35.31 8.10
CA THR D 102 -12.41 34.05 7.46
C THR D 102 -13.67 33.22 7.21
N ARG D 103 -14.59 33.19 8.20
CA ARG D 103 -15.74 32.29 8.15
C ARG D 103 -16.63 32.58 6.94
N VAL D 104 -16.76 33.87 6.58
CA VAL D 104 -17.57 34.27 5.42
C VAL D 104 -17.02 33.63 4.14
N LYS D 105 -15.73 33.29 4.10
CA LYS D 105 -15.15 32.79 2.87
C LYS D 105 -15.66 31.38 2.56
N TYR D 106 -16.10 30.63 3.59
CA TYR D 106 -16.38 29.21 3.45
C TYR D 106 -17.84 28.90 3.76
N ARG D 107 -18.35 27.85 3.11
CA ARG D 107 -19.76 27.51 3.17
C ARG D 107 -20.13 26.90 4.51
N GLY D 108 -21.13 27.45 5.19
CA GLY D 108 -21.70 26.79 6.36
C GLY D 108 -22.76 25.75 5.95
N ILE D 109 -23.08 24.83 6.86
CA ILE D 109 -24.12 23.83 6.61
C ILE D 109 -25.07 23.82 7.81
N ALA D 110 -26.36 24.00 7.53
CA ALA D 110 -27.40 24.14 8.54
C ALA D 110 -28.45 23.03 8.35
N VAL D 111 -28.97 22.56 9.49
CA VAL D 111 -30.13 21.69 9.52
C VAL D 111 -31.34 22.58 9.77
N ALA D 112 -32.31 22.58 8.86
CA ALA D 112 -33.52 23.39 8.94
C ALA D 112 -34.39 22.88 10.08
N ASP D 113 -35.18 23.76 10.70
CA ASP D 113 -36.16 23.34 11.71
C ASP D 113 -37.55 23.08 11.10
N THR D 114 -37.96 23.96 10.21
CA THR D 114 -39.15 23.85 9.39
C THR D 114 -38.80 24.15 7.93
N ALA D 115 -37.83 25.04 7.71
CA ALA D 115 -37.36 25.51 6.41
C ALA D 115 -36.04 26.26 6.56
N ARG D 116 -35.64 27.10 5.59
CA ARG D 116 -34.44 27.95 5.76
C ARG D 116 -34.71 29.00 6.84
N GLU D 117 -34.01 28.89 7.98
CA GLU D 117 -34.25 29.72 9.15
C GLU D 117 -32.92 30.33 9.56
N ARG D 118 -32.79 31.66 9.45
CA ARG D 118 -31.55 32.35 9.80
C ARG D 118 -31.18 32.12 11.25
N PRO D 119 -32.08 32.33 12.25
CA PRO D 119 -31.76 32.08 13.65
C PRO D 119 -31.28 30.66 13.99
N VAL D 120 -30.05 30.59 14.48
CA VAL D 120 -29.34 29.37 14.84
C VAL D 120 -28.34 29.79 15.94
N LEU D 121 -27.98 28.86 16.84
CA LEU D 121 -27.05 29.15 17.92
C LEU D 121 -25.81 28.26 17.89
N THR D 122 -26.00 27.02 17.46
CA THR D 122 -24.93 26.03 17.32
C THR D 122 -23.78 26.60 16.48
N VAL D 123 -24.11 27.19 15.32
CA VAL D 123 -23.13 27.79 14.41
C VAL D 123 -23.64 29.18 14.07
N GLN D 124 -22.78 30.21 14.17
CA GLN D 124 -23.15 31.59 13.84
C GLN D 124 -22.94 31.82 12.35
N LEU D 125 -23.90 31.35 11.53
CA LEU D 125 -23.81 31.61 10.08
C LEU D 125 -23.91 33.12 9.90
N LEU D 126 -23.03 33.73 9.09
CA LEU D 126 -23.07 35.16 8.86
C LEU D 126 -23.79 35.46 7.56
N ASP D 127 -24.38 36.67 7.43
CA ASP D 127 -25.00 37.06 6.17
C ASP D 127 -23.94 37.10 5.07
N LYS D 128 -24.38 36.93 3.80
CA LYS D 128 -23.45 36.97 2.68
C LYS D 128 -22.48 35.78 2.68
N GLN D 129 -22.55 34.93 3.73
CA GLN D 129 -21.76 33.72 3.81
C GLN D 129 -22.50 32.62 3.04
N PRO D 130 -21.79 31.84 2.19
CA PRO D 130 -22.44 30.72 1.50
C PRO D 130 -22.95 29.69 2.51
N ARG D 131 -24.07 29.04 2.19
CA ARG D 131 -24.64 28.06 3.08
C ARG D 131 -25.33 26.98 2.26
N LEU D 132 -25.36 25.75 2.81
CA LEU D 132 -26.21 24.66 2.35
C LEU D 132 -27.13 24.27 3.50
N THR D 133 -28.39 24.00 3.18
CA THR D 133 -29.38 23.69 4.20
C THR D 133 -29.92 22.30 3.89
N VAL D 134 -29.95 21.45 4.93
CA VAL D 134 -30.45 20.09 4.84
C VAL D 134 -31.41 19.86 6.01
N SER D 135 -32.18 18.77 5.96
CA SER D 135 -33.24 18.50 6.92
C SER D 135 -32.75 17.54 8.01
N THR D 136 -31.75 16.72 7.68
CA THR D 136 -31.32 15.63 8.56
C THR D 136 -29.86 15.80 8.95
N ILE D 137 -29.53 15.22 10.09
CA ILE D 137 -28.19 15.31 10.64
C ILE D 137 -27.26 14.41 9.80
N GLU D 138 -27.84 13.35 9.21
CA GLU D 138 -27.08 12.44 8.36
C GLU D 138 -26.66 13.15 7.07
N ASP D 139 -27.62 13.84 6.42
CA ASP D 139 -27.34 14.61 5.22
C ASP D 139 -26.25 15.63 5.49
N LYS D 140 -26.28 16.25 6.68
CA LYS D 140 -25.27 17.22 7.03
C LYS D 140 -23.91 16.55 7.15
N ARG D 141 -23.90 15.32 7.68
CA ARG D 141 -22.66 14.58 7.85
C ARG D 141 -22.04 14.27 6.48
N GLN D 142 -22.88 13.77 5.56
CA GLN D 142 -22.42 13.39 4.23
C GLN D 142 -21.85 14.60 3.49
N ALA D 143 -22.54 15.76 3.60
CA ALA D 143 -22.08 16.99 3.01
C ALA D 143 -20.69 17.35 3.54
N LEU D 144 -20.48 17.19 4.86
CA LEU D 144 -19.20 17.50 5.47
C LEU D 144 -18.12 16.52 5.00
N LEU D 145 -18.47 15.22 4.95
CA LEU D 145 -17.56 14.21 4.45
C LEU D 145 -17.13 14.51 3.02
N ALA D 146 -18.02 15.10 2.21
CA ALA D 146 -17.76 15.38 0.80
C ALA D 146 -17.02 16.71 0.61
N GLY D 147 -16.65 17.37 1.71
CA GLY D 147 -15.80 18.55 1.61
C GLY D 147 -16.56 19.84 1.27
N LEU D 148 -17.90 19.83 1.40
CA LEU D 148 -18.74 20.89 0.83
C LEU D 148 -18.92 22.06 1.78
N GLY D 149 -18.36 21.99 3.00
CA GLY D 149 -18.54 23.09 3.94
C GLY D 149 -17.96 22.78 5.31
N VAL D 150 -18.25 23.68 6.28
CA VAL D 150 -17.76 23.59 7.65
C VAL D 150 -18.95 23.78 8.59
N ALA D 151 -19.10 22.86 9.56
CA ALA D 151 -20.25 22.91 10.45
C ALA D 151 -19.99 22.13 11.74
N THR D 152 -20.81 22.40 12.74
CA THR D 152 -20.79 21.72 14.01
C THR D 152 -21.49 20.37 13.86
N MET D 153 -21.00 19.36 14.61
CA MET D 153 -21.63 18.05 14.62
C MET D 153 -21.58 17.49 16.05
N PRO D 154 -22.57 16.65 16.44
CA PRO D 154 -22.49 15.91 17.68
C PRO D 154 -21.34 14.89 17.62
N TYR D 155 -20.46 14.94 18.63
CA TYR D 155 -19.23 14.17 18.64
C TYR D 155 -19.48 12.69 18.42
N PRO D 156 -20.45 12.04 19.09
CA PRO D 156 -20.70 10.61 18.87
C PRO D 156 -20.88 10.25 17.39
N MET D 157 -21.52 11.14 16.61
CA MET D 157 -21.83 10.82 15.23
C MET D 157 -20.61 10.95 14.32
N VAL D 158 -19.55 11.65 14.77
CA VAL D 158 -18.35 11.85 13.96
C VAL D 158 -17.09 11.35 14.67
N GLU D 159 -17.24 10.61 15.77
CA GLU D 159 -16.08 10.15 16.55
C GLU D 159 -15.21 9.26 15.68
N LYS D 160 -15.84 8.28 15.00
CA LYS D 160 -15.09 7.36 14.17
C LYS D 160 -14.49 8.13 12.99
N ASP D 161 -15.23 9.11 12.45
CA ASP D 161 -14.80 9.89 11.31
C ASP D 161 -13.50 10.62 11.67
N ILE D 162 -13.42 11.18 12.89
CA ILE D 162 -12.25 11.94 13.29
C ILE D 162 -11.07 10.99 13.51
N ALA D 163 -11.35 9.84 14.17
CA ALA D 163 -10.34 8.83 14.39
C ALA D 163 -9.74 8.36 13.06
N GLU D 164 -10.60 8.00 12.09
CA GLU D 164 -10.16 7.39 10.85
C GLU D 164 -9.82 8.45 9.81
N GLY D 165 -9.68 9.71 10.22
CA GLY D 165 -9.18 10.79 9.37
C GLY D 165 -10.09 11.17 8.21
N ARG D 166 -11.40 10.86 8.30
CA ARG D 166 -12.38 11.30 7.32
C ARG D 166 -12.89 12.72 7.63
N LEU D 167 -12.81 13.13 8.91
CA LEU D 167 -13.11 14.50 9.33
C LEU D 167 -12.03 14.96 10.31
N ARG D 168 -11.97 16.26 10.53
CA ARG D 168 -10.91 16.85 11.34
C ARG D 168 -11.49 18.06 12.05
N VAL D 169 -11.19 18.15 13.36
CA VAL D 169 -11.74 19.23 14.19
C VAL D 169 -11.06 20.52 13.75
N VAL D 170 -11.86 21.54 13.46
CA VAL D 170 -11.32 22.75 12.84
C VAL D 170 -10.50 23.48 13.89
N SER D 171 -11.12 23.70 15.06
CA SER D 171 -10.50 24.39 16.18
C SER D 171 -11.20 23.96 17.46
N PRO D 172 -10.44 23.61 18.52
CA PRO D 172 -11.04 23.17 19.77
C PRO D 172 -11.79 24.27 20.50
N GLU D 173 -11.46 25.54 20.18
CA GLU D 173 -12.04 26.70 20.85
C GLU D 173 -13.55 26.70 20.69
N SER D 174 -14.04 26.18 19.55
CA SER D 174 -15.46 26.22 19.21
C SER D 174 -16.24 25.04 19.80
N THR D 175 -15.54 24.10 20.45
CA THR D 175 -16.20 22.93 21.02
C THR D 175 -17.12 23.40 22.15
N SER D 176 -18.37 22.91 22.15
CA SER D 176 -19.37 23.32 23.12
C SER D 176 -20.02 22.09 23.73
N GLU D 177 -20.57 22.29 24.92
CA GLU D 177 -21.30 21.24 25.63
C GLU D 177 -22.77 21.67 25.67
N ILE D 178 -23.67 20.72 25.37
CA ILE D 178 -25.09 20.98 25.38
C ILE D 178 -25.74 19.97 26.32
N ASP D 179 -26.58 20.49 27.23
CA ASP D 179 -27.33 19.63 28.14
C ASP D 179 -28.55 19.14 27.41
N ILE D 180 -28.71 17.80 27.37
CA ILE D 180 -29.88 17.17 26.76
C ILE D 180 -30.86 16.90 27.89
N ILE D 181 -32.07 17.46 27.78
CA ILE D 181 -33.06 17.38 28.83
C ILE D 181 -34.28 16.59 28.36
N MET D 182 -34.98 16.00 29.33
CA MET D 182 -36.27 15.37 29.12
C MET D 182 -37.33 16.35 29.63
N ALA D 183 -38.33 16.65 28.80
CA ALA D 183 -39.41 17.56 29.13
C ALA D 183 -40.77 16.90 28.85
N TRP D 184 -41.77 17.28 29.63
CA TRP D 184 -43.13 16.82 29.49
C TRP D 184 -44.09 17.83 30.12
N ARG D 185 -45.39 17.59 29.93
CA ARG D 185 -46.41 18.47 30.48
C ARG D 185 -47.06 17.79 31.67
N ARG D 186 -47.31 18.57 32.72
CA ARG D 186 -47.92 18.09 33.94
C ARG D 186 -49.44 18.02 33.80
N ASP D 187 -50.03 18.66 32.76
CA ASP D 187 -51.49 18.78 32.73
C ASP D 187 -52.17 17.48 32.30
N SER D 188 -51.36 16.42 32.11
CA SER D 188 -51.87 15.11 31.71
C SER D 188 -50.93 14.02 32.21
N MET D 189 -51.52 12.83 32.46
CA MET D 189 -50.73 11.75 33.03
C MET D 189 -51.37 10.43 32.62
N GLY D 190 -50.52 9.46 32.27
CA GLY D 190 -50.99 8.08 32.14
C GLY D 190 -49.89 7.13 32.61
N GLU D 191 -50.26 5.83 32.63
CA GLU D 191 -49.38 4.77 33.06
C GLU D 191 -48.09 4.76 32.24
N ALA D 192 -48.24 4.68 30.89
CA ALA D 192 -47.10 4.51 30.00
C ALA D 192 -46.17 5.73 30.10
N LYS D 193 -46.78 6.92 30.08
CA LYS D 193 -46.02 8.15 30.14
C LYS D 193 -45.18 8.20 31.43
N SER D 194 -45.82 7.85 32.56
CA SER D 194 -45.15 7.87 33.86
C SER D 194 -43.99 6.89 33.85
N TRP D 195 -44.24 5.68 33.34
CA TRP D 195 -43.22 4.64 33.28
C TRP D 195 -42.02 5.10 32.45
N CYS D 196 -42.26 5.69 31.27
CA CYS D 196 -41.19 6.18 30.42
C CYS D 196 -40.37 7.24 31.13
N LEU D 197 -41.05 8.17 31.81
CA LEU D 197 -40.35 9.24 32.51
C LEU D 197 -39.34 8.67 33.52
N ARG D 198 -39.58 7.44 33.99
CA ARG D 198 -38.73 6.84 35.00
C ARG D 198 -37.61 6.04 34.33
N GLU D 199 -37.95 5.39 33.20
CA GLU D 199 -37.04 4.50 32.49
C GLU D 199 -36.03 5.28 31.65
N ILE D 200 -36.45 6.41 31.06
CA ILE D 200 -35.57 7.10 30.14
C ILE D 200 -34.25 7.54 30.79
N PRO D 201 -34.24 8.14 31.99
CA PRO D 201 -32.97 8.49 32.65
C PRO D 201 -32.04 7.26 32.87
N LYS D 202 -32.65 6.07 33.06
CA LYS D 202 -31.90 4.86 33.30
C LYS D 202 -31.11 4.46 32.05
N LEU D 203 -31.60 4.85 30.85
CA LEU D 203 -30.93 4.52 29.60
C LEU D 203 -29.57 5.20 29.52
N PHE D 204 -29.36 6.27 30.31
CA PHE D 204 -28.14 7.08 30.18
C PHE D 204 -27.19 7.07 31.39
N ASN D 205 -27.57 7.79 32.45
CA ASN D 205 -26.80 7.83 33.70
C ASN D 205 -27.59 7.07 34.77
N GLY D 206 -27.09 5.86 35.10
CA GLY D 206 -27.69 4.90 36.02
C GLY D 206 -28.81 4.07 35.40
N THR E 6 -40.03 -19.81 -11.39
CA THR E 6 -38.94 -20.16 -10.42
C THR E 6 -37.57 -20.05 -11.08
N HIS E 7 -37.56 -20.33 -12.40
CA HIS E 7 -36.34 -20.46 -13.17
C HIS E 7 -36.40 -19.58 -14.41
N LEU E 8 -35.42 -18.68 -14.55
CA LEU E 8 -35.25 -17.91 -15.77
C LEU E 8 -33.97 -18.33 -16.47
N THR E 9 -34.03 -18.46 -17.80
CA THR E 9 -32.87 -18.80 -18.62
C THR E 9 -32.59 -17.64 -19.56
N ILE E 10 -31.46 -16.97 -19.34
CA ILE E 10 -30.91 -16.01 -20.31
C ILE E 10 -29.83 -16.75 -21.10
N VAL E 11 -29.86 -16.60 -22.42
CA VAL E 11 -28.83 -17.15 -23.29
C VAL E 11 -27.99 -16.00 -23.82
N THR E 12 -26.68 -16.06 -23.54
CA THR E 12 -25.73 -15.09 -24.08
C THR E 12 -24.85 -15.77 -25.12
N GLU E 13 -24.89 -15.27 -26.36
CA GLU E 13 -24.12 -15.86 -27.44
C GLU E 13 -22.64 -15.67 -27.14
N ALA E 14 -21.78 -16.50 -27.76
CA ALA E 14 -20.37 -16.60 -27.38
C ALA E 14 -19.68 -15.25 -27.41
N LEU E 15 -20.07 -14.37 -28.36
CA LEU E 15 -19.49 -13.04 -28.51
C LEU E 15 -19.85 -12.13 -27.34
N VAL E 16 -20.84 -12.52 -26.53
CA VAL E 16 -21.33 -11.67 -25.46
C VAL E 16 -20.77 -12.13 -24.12
N PRO E 17 -19.98 -11.29 -23.41
CA PRO E 17 -19.50 -11.65 -22.06
C PRO E 17 -20.63 -11.86 -21.05
N THR E 18 -20.73 -13.10 -20.58
CA THR E 18 -21.68 -13.49 -19.56
C THR E 18 -21.55 -12.64 -18.30
N PRO E 19 -20.35 -12.34 -17.78
CA PRO E 19 -20.22 -11.58 -16.53
C PRO E 19 -20.90 -10.21 -16.51
N ALA E 20 -21.16 -9.64 -17.70
CA ALA E 20 -21.87 -8.37 -17.77
C ALA E 20 -23.28 -8.45 -17.18
N PHE E 21 -23.83 -9.67 -17.03
CA PHE E 21 -25.18 -9.89 -16.53
C PHE E 21 -25.18 -10.26 -15.03
N PHE E 22 -24.01 -10.25 -14.39
CA PHE E 22 -23.91 -10.70 -13.01
C PHE E 22 -24.65 -9.77 -12.06
N PRO E 23 -24.64 -8.42 -12.26
CA PRO E 23 -25.43 -7.52 -11.39
C PRO E 23 -26.89 -7.94 -11.17
N LEU E 24 -27.48 -8.60 -12.17
CA LEU E 24 -28.87 -9.04 -12.12
C LEU E 24 -29.11 -10.06 -11.01
N ILE E 25 -28.07 -10.84 -10.62
CA ILE E 25 -28.26 -12.08 -9.87
C ILE E 25 -28.92 -11.81 -8.52
N ASP E 26 -28.27 -10.96 -7.69
CA ASP E 26 -28.77 -10.67 -6.36
C ASP E 26 -30.13 -9.97 -6.42
N LYS E 27 -30.28 -9.02 -7.37
CA LYS E 27 -31.52 -8.27 -7.50
C LYS E 27 -32.65 -9.20 -7.89
N LEU E 28 -32.38 -10.15 -8.80
CA LEU E 28 -33.43 -11.07 -9.22
C LEU E 28 -33.85 -12.01 -8.08
N ALA E 29 -32.94 -12.26 -7.12
CA ALA E 29 -33.25 -13.13 -5.99
C ALA E 29 -34.17 -12.41 -5.01
N ALA E 30 -34.12 -11.07 -5.00
CA ALA E 30 -34.96 -10.24 -4.14
C ALA E 30 -36.27 -9.90 -4.84
N LYS E 31 -36.21 -9.58 -6.14
CA LYS E 31 -37.38 -9.19 -6.92
C LYS E 31 -38.39 -10.34 -6.97
N ALA E 32 -37.88 -11.54 -7.23
CA ALA E 32 -38.66 -12.76 -7.32
C ALA E 32 -37.82 -13.86 -6.69
N ASN E 33 -38.40 -15.06 -6.68
CA ASN E 33 -37.81 -16.24 -6.07
C ASN E 33 -37.03 -17.01 -7.13
N THR E 34 -36.57 -16.30 -8.19
CA THR E 34 -36.15 -16.88 -9.45
C THR E 34 -34.68 -17.27 -9.38
N GLN E 35 -34.39 -18.49 -9.82
CA GLN E 35 -33.04 -19.00 -9.96
C GLN E 35 -32.61 -18.81 -11.42
N LEU E 36 -31.45 -18.15 -11.62
CA LEU E 36 -31.04 -17.69 -12.92
C LEU E 36 -30.08 -18.73 -13.55
N ALA E 37 -30.19 -18.85 -14.89
CA ALA E 37 -29.25 -19.56 -15.71
C ALA E 37 -28.83 -18.62 -16.83
N ILE E 38 -27.53 -18.29 -16.90
CA ILE E 38 -26.98 -17.54 -18.01
C ILE E 38 -26.12 -18.49 -18.83
N ILE E 39 -26.70 -18.99 -19.93
CA ILE E 39 -26.18 -20.10 -20.71
C ILE E 39 -25.51 -19.53 -21.95
N THR E 40 -24.39 -20.13 -22.36
CA THR E 40 -23.68 -19.67 -23.53
C THR E 40 -24.00 -20.61 -24.71
N GLU E 41 -24.25 -20.01 -25.87
CA GLU E 41 -24.47 -20.74 -27.09
C GLU E 41 -23.76 -20.02 -28.22
N VAL E 42 -23.66 -20.67 -29.38
CA VAL E 42 -22.90 -20.12 -30.49
C VAL E 42 -23.83 -19.93 -31.68
N LEU E 43 -23.85 -18.70 -32.23
CA LEU E 43 -24.61 -18.32 -33.40
C LEU E 43 -26.02 -18.89 -33.36
N ALA E 44 -26.37 -19.75 -34.32
CA ALA E 44 -27.74 -20.23 -34.51
C ALA E 44 -28.24 -21.03 -33.32
N GLY E 45 -27.31 -21.64 -32.56
CA GLY E 45 -27.66 -22.41 -31.38
C GLY E 45 -28.39 -21.56 -30.34
N ALA E 46 -28.08 -20.26 -30.28
CA ALA E 46 -28.74 -19.34 -29.37
C ALA E 46 -30.20 -19.16 -29.75
N TRP E 47 -30.44 -18.95 -31.06
CA TRP E 47 -31.79 -18.71 -31.58
C TRP E 47 -32.62 -20.01 -31.48
N GLU E 48 -31.99 -21.15 -31.76
CA GLU E 48 -32.64 -22.45 -31.71
C GLU E 48 -33.21 -22.68 -30.31
N ARG E 49 -32.45 -22.30 -29.27
CA ARG E 49 -32.93 -22.38 -27.91
C ARG E 49 -34.21 -21.57 -27.75
N LEU E 50 -34.30 -20.40 -28.41
CA LEU E 50 -35.47 -19.53 -28.26
C LEU E 50 -36.67 -20.17 -28.95
N GLU E 51 -36.48 -20.65 -30.19
CA GLU E 51 -37.51 -21.34 -30.97
C GLU E 51 -38.06 -22.54 -30.16
N GLN E 52 -37.17 -23.38 -29.60
CA GLN E 52 -37.57 -24.57 -28.88
C GLN E 52 -38.11 -24.25 -27.48
N GLY E 53 -38.22 -22.95 -27.14
CA GLY E 53 -38.76 -22.52 -25.85
C GLY E 53 -37.88 -22.92 -24.68
N ARG E 54 -36.57 -23.03 -24.92
CA ARG E 54 -35.61 -23.41 -23.87
C ARG E 54 -34.77 -22.19 -23.44
N ALA E 55 -35.28 -20.99 -23.67
CA ALA E 55 -34.63 -19.73 -23.34
C ALA E 55 -35.67 -18.63 -23.28
N ASP E 56 -35.79 -17.94 -22.14
CA ASP E 56 -36.68 -16.81 -21.96
C ASP E 56 -36.19 -15.57 -22.71
N ILE E 57 -34.89 -15.26 -22.63
CA ILE E 57 -34.29 -14.10 -23.29
C ILE E 57 -32.99 -14.52 -23.96
N VAL E 58 -32.76 -13.98 -25.17
CA VAL E 58 -31.52 -14.24 -25.90
C VAL E 58 -30.77 -12.92 -26.10
N ILE E 59 -29.48 -12.90 -25.75
CA ILE E 59 -28.58 -11.79 -26.06
C ILE E 59 -27.57 -12.30 -27.08
N ALA E 60 -27.63 -11.76 -28.31
CA ALA E 60 -26.94 -12.39 -29.43
C ALA E 60 -26.77 -11.39 -30.55
N PRO E 61 -25.83 -11.65 -31.50
CA PRO E 61 -25.76 -10.87 -32.73
C PRO E 61 -27.09 -10.88 -33.46
N ASP E 62 -27.43 -9.76 -34.11
CA ASP E 62 -28.60 -9.71 -34.97
C ASP E 62 -28.44 -10.72 -36.13
N MET E 63 -29.49 -11.50 -36.42
CA MET E 63 -29.40 -12.69 -37.26
C MET E 63 -30.76 -12.94 -37.90
N HIS E 64 -30.74 -13.63 -39.08
CA HIS E 64 -31.93 -14.28 -39.67
C HIS E 64 -31.69 -15.79 -39.58
N PHE E 65 -32.68 -16.44 -38.98
CA PHE E 65 -32.80 -17.91 -38.95
C PHE E 65 -34.27 -18.34 -38.91
N ARG E 66 -35.17 -17.40 -38.56
CA ARG E 66 -36.61 -17.65 -38.52
C ARG E 66 -37.35 -16.31 -38.34
N SER E 67 -38.46 -16.08 -39.08
CA SER E 67 -39.36 -14.99 -38.72
C SER E 67 -40.25 -15.38 -37.53
N SER E 68 -40.58 -16.68 -37.45
CA SER E 68 -41.23 -17.29 -36.30
C SER E 68 -42.60 -16.68 -36.01
N SER E 69 -42.88 -16.60 -34.72
CA SER E 69 -44.10 -16.06 -34.16
C SER E 69 -43.70 -14.69 -33.60
N GLU E 70 -44.38 -14.26 -32.54
CA GLU E 70 -44.19 -12.94 -31.94
C GLU E 70 -42.83 -12.84 -31.25
N ILE E 71 -41.81 -12.42 -32.02
CA ILE E 71 -40.47 -12.20 -31.45
C ILE E 71 -40.16 -10.71 -31.46
N ASN E 72 -39.99 -10.16 -30.23
CA ASN E 72 -39.59 -8.78 -30.11
C ASN E 72 -38.07 -8.76 -29.97
N SER E 73 -37.48 -7.60 -30.31
CA SER E 73 -36.04 -7.39 -30.20
C SER E 73 -35.74 -5.91 -29.94
N ARG E 74 -34.55 -5.67 -29.36
CA ARG E 74 -34.09 -4.33 -29.05
C ARG E 74 -32.56 -4.33 -29.11
N LYS E 75 -32.00 -3.28 -29.72
CA LYS E 75 -30.55 -3.20 -29.89
C LYS E 75 -29.95 -2.75 -28.56
N LEU E 76 -28.86 -3.44 -28.14
CA LEU E 76 -28.23 -3.20 -26.85
C LEU E 76 -26.95 -2.38 -27.04
N TYR E 77 -26.09 -2.80 -27.99
CA TYR E 77 -24.84 -2.13 -28.24
C TYR E 77 -24.23 -2.70 -29.51
N THR E 78 -23.16 -2.05 -30.00
CA THR E 78 -22.44 -2.46 -31.18
C THR E 78 -21.09 -3.06 -30.77
N LEU E 79 -20.68 -4.11 -31.49
CA LEU E 79 -19.44 -4.81 -31.24
C LEU E 79 -18.61 -4.80 -32.50
N MET E 80 -17.30 -4.59 -32.34
CA MET E 80 -16.35 -4.59 -33.44
C MET E 80 -15.61 -5.92 -33.48
N ASN E 81 -15.45 -6.48 -34.69
CA ASN E 81 -14.76 -7.74 -34.92
C ASN E 81 -13.54 -7.49 -35.79
N VAL E 82 -12.38 -7.97 -35.35
CA VAL E 82 -11.11 -7.69 -35.99
C VAL E 82 -10.45 -9.02 -36.37
N TYR E 83 -9.91 -9.04 -37.59
CA TYR E 83 -9.16 -10.17 -38.12
C TYR E 83 -7.73 -10.06 -37.61
N VAL E 84 -7.35 -10.98 -36.71
CA VAL E 84 -6.08 -10.89 -36.01
C VAL E 84 -5.27 -12.17 -36.22
N ALA E 85 -3.98 -12.08 -35.86
CA ALA E 85 -3.03 -13.18 -35.85
C ALA E 85 -1.83 -12.79 -34.99
N ALA E 86 -1.05 -13.78 -34.56
CA ALA E 86 0.11 -13.54 -33.74
C ALA E 86 1.09 -12.66 -34.51
N PRO E 87 1.90 -11.86 -33.81
CA PRO E 87 2.80 -10.92 -34.48
C PRO E 87 3.75 -11.58 -35.48
N ASP E 88 4.26 -12.75 -35.17
CA ASP E 88 5.26 -13.47 -35.96
C ASP E 88 4.59 -14.37 -37.00
N HIS E 89 3.27 -14.30 -37.14
CA HIS E 89 2.60 -15.10 -38.15
C HIS E 89 2.94 -14.57 -39.54
N PRO E 90 3.28 -15.46 -40.51
CA PRO E 90 3.63 -15.01 -41.86
C PRO E 90 2.54 -14.26 -42.61
N ILE E 91 1.29 -14.28 -42.11
CA ILE E 91 0.18 -13.62 -42.79
C ILE E 91 0.47 -12.12 -42.87
N HIS E 92 1.26 -11.62 -41.92
CA HIS E 92 1.61 -10.20 -41.84
C HIS E 92 2.52 -9.78 -42.99
N GLN E 93 3.38 -10.68 -43.45
CA GLN E 93 4.31 -10.39 -44.54
C GLN E 93 3.66 -10.53 -45.90
N GLU E 94 2.34 -10.73 -45.95
CA GLU E 94 1.68 -11.05 -47.21
C GLU E 94 1.28 -9.73 -47.87
N PRO E 95 1.55 -9.57 -49.20
CA PRO E 95 1.07 -8.40 -49.94
C PRO E 95 -0.45 -8.29 -49.95
N GLU E 96 -1.13 -9.44 -50.05
CA GLU E 96 -2.57 -9.48 -50.20
C GLU E 96 -3.16 -10.46 -49.19
N PRO E 97 -3.17 -10.11 -47.89
CA PRO E 97 -3.56 -11.09 -46.86
C PRO E 97 -5.00 -11.60 -46.98
N LEU E 98 -5.88 -10.81 -47.64
CA LEU E 98 -7.29 -11.18 -47.73
C LEU E 98 -7.63 -11.80 -49.08
N SER E 99 -6.63 -12.01 -49.93
CA SER E 99 -6.87 -12.63 -51.23
C SER E 99 -7.13 -14.13 -51.04
N GLU E 100 -8.16 -14.63 -51.75
CA GLU E 100 -8.56 -16.03 -51.71
C GLU E 100 -7.35 -16.94 -51.95
N VAL E 101 -6.43 -16.50 -52.82
CA VAL E 101 -5.24 -17.28 -53.12
C VAL E 101 -4.33 -17.34 -51.89
N THR E 102 -4.35 -16.28 -51.06
CA THR E 102 -3.47 -16.22 -49.91
C THR E 102 -4.09 -16.92 -48.70
N ARG E 103 -5.40 -16.67 -48.47
CA ARG E 103 -6.07 -17.12 -47.26
C ARG E 103 -6.02 -18.64 -47.12
N VAL E 104 -6.16 -19.35 -48.25
CA VAL E 104 -6.11 -20.80 -48.28
C VAL E 104 -4.78 -21.31 -47.74
N LYS E 105 -3.71 -20.51 -47.83
CA LYS E 105 -2.40 -20.98 -47.42
C LYS E 105 -2.32 -21.15 -45.89
N TYR E 106 -3.16 -20.42 -45.14
CA TYR E 106 -3.02 -20.34 -43.69
C TYR E 106 -4.28 -20.85 -42.98
N ARG E 107 -4.09 -21.40 -41.78
CA ARG E 107 -5.15 -22.09 -41.06
C ARG E 107 -6.16 -21.10 -40.48
N GLY E 108 -7.44 -21.30 -40.79
CA GLY E 108 -8.50 -20.57 -40.11
C GLY E 108 -8.90 -21.24 -38.81
N ILE E 109 -9.55 -20.48 -37.92
CA ILE E 109 -10.04 -21.01 -36.64
C ILE E 109 -11.50 -20.62 -36.50
N ALA E 110 -12.35 -21.63 -36.28
CA ALA E 110 -13.80 -21.48 -36.22
C ALA E 110 -14.31 -21.95 -34.85
N VAL E 111 -15.33 -21.24 -34.35
CA VAL E 111 -16.08 -21.64 -33.18
C VAL E 111 -17.32 -22.38 -33.68
N ALA E 112 -17.48 -23.65 -33.28
CA ALA E 112 -18.55 -24.50 -33.77
C ALA E 112 -19.91 -23.99 -33.31
N ASP E 113 -20.96 -24.22 -34.09
CA ASP E 113 -22.26 -23.55 -33.89
C ASP E 113 -23.11 -24.12 -32.73
N THR E 114 -23.57 -25.34 -32.91
CA THR E 114 -24.16 -26.16 -31.85
C THR E 114 -23.11 -27.17 -31.35
N ALA E 115 -21.82 -26.82 -31.44
CA ALA E 115 -20.70 -27.55 -30.87
C ALA E 115 -20.40 -28.88 -31.61
N ARG E 116 -20.03 -28.78 -32.89
CA ARG E 116 -19.54 -29.91 -33.70
C ARG E 116 -18.37 -29.42 -34.56
N GLU E 117 -18.20 -29.93 -35.79
CA GLU E 117 -17.11 -29.54 -36.67
C GLU E 117 -17.60 -28.90 -37.98
N ARG E 118 -18.87 -28.51 -38.02
CA ARG E 118 -19.51 -27.98 -39.21
C ARG E 118 -18.86 -26.67 -39.66
N PRO E 119 -18.61 -26.49 -40.98
CA PRO E 119 -18.27 -25.19 -41.56
C PRO E 119 -19.36 -24.14 -41.33
N VAL E 120 -18.99 -23.04 -40.65
CA VAL E 120 -19.90 -22.10 -40.01
C VAL E 120 -19.82 -20.72 -40.70
N LEU E 121 -20.77 -19.84 -40.40
CA LEU E 121 -21.02 -18.67 -41.24
C LEU E 121 -20.04 -17.53 -40.90
N THR E 122 -18.78 -17.91 -40.62
CA THR E 122 -17.75 -16.98 -40.24
C THR E 122 -17.58 -15.86 -41.30
N VAL E 123 -17.18 -14.68 -40.81
CA VAL E 123 -16.82 -13.55 -41.66
C VAL E 123 -15.85 -14.02 -42.74
N GLN E 124 -15.05 -15.08 -42.48
CA GLN E 124 -14.03 -15.59 -43.35
C GLN E 124 -13.83 -17.10 -43.17
N LEU E 125 -13.88 -17.87 -44.27
CA LEU E 125 -13.58 -19.28 -44.33
C LEU E 125 -13.42 -19.63 -45.83
N LEU E 126 -12.45 -20.52 -46.15
CA LEU E 126 -12.34 -21.01 -47.53
C LEU E 126 -12.49 -22.54 -47.48
N ASP E 127 -13.07 -23.11 -48.56
CA ASP E 127 -12.88 -24.53 -48.84
C ASP E 127 -11.38 -24.77 -49.12
N LYS E 128 -10.93 -26.01 -48.90
CA LYS E 128 -9.53 -26.36 -49.17
C LYS E 128 -8.59 -25.70 -48.16
N GLN E 129 -9.13 -24.81 -47.29
CA GLN E 129 -8.29 -24.07 -46.34
C GLN E 129 -8.13 -24.93 -45.09
N PRO E 130 -6.92 -25.06 -44.53
CA PRO E 130 -6.74 -25.71 -43.23
C PRO E 130 -7.54 -24.99 -42.15
N ARG E 131 -8.06 -25.75 -41.19
CA ARG E 131 -8.89 -25.14 -40.15
C ARG E 131 -8.72 -25.89 -38.84
N LEU E 132 -8.91 -25.17 -37.73
CA LEU E 132 -9.09 -25.75 -36.40
C LEU E 132 -10.46 -25.29 -35.91
N THR E 133 -11.17 -26.20 -35.21
CA THR E 133 -12.49 -25.88 -34.70
C THR E 133 -12.45 -26.00 -33.19
N VAL E 134 -13.00 -24.98 -32.51
CA VAL E 134 -13.07 -24.94 -31.05
C VAL E 134 -14.50 -24.55 -30.67
N SER E 135 -14.84 -24.74 -29.39
CA SER E 135 -16.19 -24.54 -28.90
C SER E 135 -16.33 -23.16 -28.27
N THR E 136 -15.23 -22.60 -27.77
CA THR E 136 -15.28 -21.40 -26.95
C THR E 136 -14.42 -20.31 -27.58
N ILE E 137 -14.77 -19.06 -27.24
CA ILE E 137 -14.08 -17.92 -27.78
C ILE E 137 -12.70 -17.81 -27.12
N GLU E 138 -12.60 -18.30 -25.88
CA GLU E 138 -11.33 -18.30 -25.15
C GLU E 138 -10.34 -19.25 -25.81
N ASP E 139 -10.79 -20.49 -26.11
CA ASP E 139 -9.97 -21.47 -26.81
C ASP E 139 -9.47 -20.90 -28.13
N LYS E 140 -10.33 -20.19 -28.83
CA LYS E 140 -9.94 -19.58 -30.10
C LYS E 140 -8.87 -18.51 -29.87
N ARG E 141 -8.98 -17.78 -28.76
CA ARG E 141 -8.01 -16.74 -28.43
C ARG E 141 -6.63 -17.37 -28.19
N GLN E 142 -6.61 -18.44 -27.38
CA GLN E 142 -5.37 -19.11 -27.03
C GLN E 142 -4.69 -19.66 -28.28
N ALA E 143 -5.48 -20.28 -29.17
CA ALA E 143 -4.99 -20.78 -30.44
C ALA E 143 -4.31 -19.66 -31.23
N LEU E 144 -4.95 -18.48 -31.27
CA LEU E 144 -4.42 -17.33 -32.01
C LEU E 144 -3.12 -16.84 -31.35
N LEU E 145 -3.13 -16.74 -30.01
CA LEU E 145 -1.95 -16.33 -29.26
C LEU E 145 -0.78 -17.29 -29.54
N ALA E 146 -1.06 -18.58 -29.76
CA ALA E 146 -0.03 -19.58 -29.96
C ALA E 146 0.41 -19.65 -31.44
N GLY E 147 -0.10 -18.75 -32.28
CA GLY E 147 0.40 -18.66 -33.64
C GLY E 147 -0.20 -19.70 -34.60
N LEU E 148 -1.28 -20.38 -34.19
CA LEU E 148 -1.77 -21.57 -34.89
C LEU E 148 -2.72 -21.22 -36.03
N GLY E 149 -3.05 -19.93 -36.21
CA GLY E 149 -3.94 -19.59 -37.31
C GLY E 149 -4.31 -18.11 -37.34
N VAL E 150 -5.28 -17.77 -38.22
CA VAL E 150 -5.79 -16.43 -38.41
C VAL E 150 -7.32 -16.47 -38.33
N ALA E 151 -7.88 -15.57 -37.50
CA ALA E 151 -9.32 -15.58 -37.29
C ALA E 151 -9.82 -14.24 -36.78
N THR E 152 -11.14 -14.02 -36.89
CA THR E 152 -11.80 -12.87 -36.34
C THR E 152 -11.96 -13.00 -34.82
N MET E 153 -11.90 -11.89 -34.10
CA MET E 153 -12.14 -11.87 -32.67
C MET E 153 -12.89 -10.59 -32.29
N PRO E 154 -13.71 -10.63 -31.20
CA PRO E 154 -14.30 -9.42 -30.66
C PRO E 154 -13.23 -8.49 -30.09
N TYR E 155 -13.21 -7.24 -30.53
CA TYR E 155 -12.16 -6.28 -30.23
C TYR E 155 -11.92 -6.18 -28.72
N PRO E 156 -12.96 -6.05 -27.87
CA PRO E 156 -12.74 -5.95 -26.42
C PRO E 156 -11.90 -7.09 -25.85
N MET E 157 -12.06 -8.29 -26.40
CA MET E 157 -11.41 -9.47 -25.87
C MET E 157 -9.93 -9.54 -26.27
N VAL E 158 -9.53 -8.79 -27.32
CA VAL E 158 -8.14 -8.78 -27.75
C VAL E 158 -7.53 -7.38 -27.76
N GLU E 159 -8.19 -6.40 -27.14
CA GLU E 159 -7.71 -5.02 -27.14
C GLU E 159 -6.36 -4.95 -26.45
N LYS E 160 -6.26 -5.57 -25.27
CA LYS E 160 -5.02 -5.58 -24.52
C LYS E 160 -3.95 -6.35 -25.30
N ASP E 161 -4.36 -7.44 -25.95
CA ASP E 161 -3.45 -8.28 -26.72
C ASP E 161 -2.80 -7.48 -27.82
N ILE E 162 -3.58 -6.62 -28.48
CA ILE E 162 -3.06 -5.83 -29.60
C ILE E 162 -2.14 -4.74 -29.07
N ALA E 163 -2.55 -4.10 -27.97
CA ALA E 163 -1.75 -3.08 -27.31
C ALA E 163 -0.39 -3.66 -26.92
N GLU E 164 -0.41 -4.80 -26.22
CA GLU E 164 0.80 -5.37 -25.63
C GLU E 164 1.52 -6.29 -26.60
N GLY E 165 1.17 -6.20 -27.90
CA GLY E 165 1.91 -6.84 -28.98
C GLY E 165 1.85 -8.35 -28.98
N ARG E 166 0.83 -8.96 -28.34
CA ARG E 166 0.62 -10.40 -28.38
C ARG E 166 -0.20 -10.80 -29.61
N LEU E 167 -1.01 -9.86 -30.15
CA LEU E 167 -1.74 -10.05 -31.39
C LEU E 167 -1.61 -8.79 -32.24
N ARG E 168 -1.97 -8.89 -33.52
CA ARG E 168 -1.83 -7.79 -34.46
C ARG E 168 -2.93 -7.92 -35.51
N VAL E 169 -3.58 -6.79 -35.83
CA VAL E 169 -4.69 -6.77 -36.77
C VAL E 169 -4.13 -7.05 -38.16
N VAL E 170 -4.71 -8.00 -38.86
CA VAL E 170 -4.12 -8.48 -40.11
C VAL E 170 -4.34 -7.38 -41.15
N SER E 171 -5.59 -6.95 -41.28
CA SER E 171 -5.98 -5.91 -42.23
C SER E 171 -7.27 -5.27 -41.74
N PRO E 172 -7.34 -3.92 -41.69
CA PRO E 172 -8.53 -3.24 -41.20
C PRO E 172 -9.74 -3.40 -42.12
N GLU E 173 -9.48 -3.75 -43.38
CA GLU E 173 -10.54 -3.88 -44.39
C GLU E 173 -11.57 -4.92 -43.95
N SER E 174 -11.14 -5.94 -43.19
CA SER E 174 -11.97 -7.05 -42.80
C SER E 174 -12.74 -6.77 -41.50
N THR E 175 -12.50 -5.62 -40.87
CA THR E 175 -13.19 -5.26 -39.65
C THR E 175 -14.69 -5.14 -39.92
N SER E 176 -15.52 -5.74 -39.07
CA SER E 176 -16.97 -5.58 -39.19
C SER E 176 -17.57 -5.14 -37.86
N GLU E 177 -18.72 -4.44 -37.94
CA GLU E 177 -19.50 -4.07 -36.79
C GLU E 177 -20.78 -4.91 -36.74
N ILE E 178 -21.11 -5.40 -35.54
CA ILE E 178 -22.26 -6.26 -35.35
C ILE E 178 -23.11 -5.69 -34.23
N ASP E 179 -24.42 -5.59 -34.46
CA ASP E 179 -25.36 -5.18 -33.44
C ASP E 179 -25.66 -6.36 -32.54
N ILE E 180 -25.48 -6.16 -31.22
CA ILE E 180 -25.86 -7.14 -30.22
C ILE E 180 -27.26 -6.75 -29.75
N ILE E 181 -28.23 -7.69 -29.91
CA ILE E 181 -29.62 -7.42 -29.60
C ILE E 181 -30.09 -8.29 -28.45
N MET E 182 -31.12 -7.79 -27.74
CA MET E 182 -31.89 -8.56 -26.78
C MET E 182 -33.19 -8.97 -27.46
N ALA E 183 -33.51 -10.27 -27.44
CA ALA E 183 -34.68 -10.80 -28.11
C ALA E 183 -35.45 -11.72 -27.16
N TRP E 184 -36.79 -11.74 -27.34
CA TRP E 184 -37.67 -12.59 -26.55
C TRP E 184 -38.96 -12.85 -27.33
N ARG E 185 -39.79 -13.75 -26.76
CA ARG E 185 -41.10 -14.05 -27.32
C ARG E 185 -42.17 -13.39 -26.48
N ARG E 186 -43.21 -12.85 -27.13
CA ARG E 186 -44.27 -12.10 -26.49
C ARG E 186 -45.34 -13.04 -25.92
N ASP E 187 -45.31 -14.36 -26.23
CA ASP E 187 -46.39 -15.24 -25.84
C ASP E 187 -46.39 -15.58 -24.35
N SER E 188 -45.44 -14.99 -23.60
CA SER E 188 -45.33 -15.17 -22.16
C SER E 188 -44.59 -13.96 -21.58
N MET E 189 -44.95 -13.58 -20.35
CA MET E 189 -44.43 -12.36 -19.78
C MET E 189 -44.46 -12.40 -18.26
N GLY E 190 -43.74 -13.38 -17.67
CA GLY E 190 -43.71 -13.52 -16.23
C GLY E 190 -43.11 -12.29 -15.58
N GLU E 191 -43.17 -12.25 -14.24
CA GLU E 191 -42.62 -11.16 -13.45
C GLU E 191 -41.12 -11.00 -13.72
N ALA E 192 -40.36 -12.09 -13.55
CA ALA E 192 -38.91 -12.07 -13.63
C ALA E 192 -38.49 -11.67 -15.05
N LYS E 193 -39.13 -12.29 -16.04
CA LYS E 193 -38.80 -12.03 -17.42
C LYS E 193 -39.00 -10.56 -17.74
N SER E 194 -40.14 -9.99 -17.31
CA SER E 194 -40.48 -8.61 -17.57
C SER E 194 -39.42 -7.70 -16.93
N TRP E 195 -39.08 -8.00 -15.68
CA TRP E 195 -38.10 -7.21 -14.94
C TRP E 195 -36.74 -7.22 -15.65
N CYS E 196 -36.28 -8.40 -16.08
CA CYS E 196 -35.01 -8.51 -16.79
C CYS E 196 -35.02 -7.69 -18.07
N LEU E 197 -36.12 -7.77 -18.83
CA LEU E 197 -36.21 -7.03 -20.10
C LEU E 197 -36.03 -5.52 -19.86
N ARG E 198 -36.29 -5.06 -18.62
CA ARG E 198 -36.18 -3.64 -18.32
C ARG E 198 -34.77 -3.33 -17.83
N GLU E 199 -34.19 -4.26 -17.06
CA GLU E 199 -32.89 -4.07 -16.41
C GLU E 199 -31.74 -4.27 -17.40
N ILE E 200 -31.88 -5.24 -18.32
CA ILE E 200 -30.76 -5.61 -19.16
C ILE E 200 -30.25 -4.43 -20.00
N PRO E 201 -31.11 -3.64 -20.68
CA PRO E 201 -30.64 -2.45 -21.40
C PRO E 201 -29.86 -1.46 -20.54
N LYS E 202 -30.20 -1.38 -19.25
CA LYS E 202 -29.55 -0.47 -18.32
C LYS E 202 -28.10 -0.89 -18.09
N LEU E 203 -27.78 -2.18 -18.23
CA LEU E 203 -26.43 -2.68 -18.05
C LEU E 203 -25.50 -2.14 -19.14
N PHE E 204 -26.04 -1.66 -20.26
CA PHE E 204 -25.24 -1.30 -21.42
C PHE E 204 -25.50 0.13 -21.85
N ASN E 205 -26.07 0.98 -20.99
CA ASN E 205 -25.83 2.43 -21.08
C ASN E 205 -24.35 2.80 -21.12
N GLY E 206 -23.95 3.61 -22.11
CA GLY E 206 -22.55 3.89 -22.42
C GLY E 206 -21.95 2.90 -23.43
N LYS E 207 -22.81 2.01 -23.95
CA LYS E 207 -22.52 1.15 -25.10
C LYS E 207 -21.77 -0.15 -24.67
N HIS F 3 -2.64 -39.21 -49.18
CA HIS F 3 -3.21 -38.50 -48.01
C HIS F 3 -3.86 -37.18 -48.44
N MET F 4 -5.13 -37.36 -48.82
CA MET F 4 -6.12 -36.32 -49.09
C MET F 4 -6.72 -35.84 -47.76
N GLU F 5 -7.58 -34.81 -47.84
CA GLU F 5 -8.13 -34.15 -46.64
C GLU F 5 -8.84 -35.16 -45.72
N THR F 6 -8.68 -35.00 -44.40
CA THR F 6 -9.32 -35.83 -43.37
C THR F 6 -9.76 -34.93 -42.20
N HIS F 7 -10.82 -35.36 -41.49
CA HIS F 7 -11.34 -34.56 -40.40
C HIS F 7 -11.52 -35.42 -39.16
N LEU F 8 -10.80 -35.07 -38.09
CA LEU F 8 -10.93 -35.77 -36.82
C LEU F 8 -11.53 -34.83 -35.77
N THR F 9 -12.41 -35.38 -34.92
CA THR F 9 -13.09 -34.62 -33.89
C THR F 9 -12.69 -35.17 -32.52
N ILE F 10 -11.93 -34.36 -31.76
CA ILE F 10 -11.61 -34.62 -30.38
C ILE F 10 -12.57 -33.81 -29.52
N VAL F 11 -13.14 -34.45 -28.49
CA VAL F 11 -13.96 -33.77 -27.51
C VAL F 11 -13.18 -33.68 -26.22
N THR F 12 -12.98 -32.45 -25.73
CA THR F 12 -12.37 -32.21 -24.43
C THR F 12 -13.43 -31.69 -23.46
N GLU F 13 -13.67 -32.41 -22.37
CA GLU F 13 -14.65 -32.00 -21.37
C GLU F 13 -14.20 -30.69 -20.75
N ALA F 14 -15.14 -29.95 -20.16
CA ALA F 14 -14.93 -28.58 -19.73
C ALA F 14 -13.72 -28.45 -18.81
N LEU F 15 -13.49 -29.48 -17.95
CA LEU F 15 -12.40 -29.50 -16.98
C LEU F 15 -11.05 -29.62 -17.67
N VAL F 16 -11.04 -30.00 -18.96
CA VAL F 16 -9.79 -30.27 -19.66
C VAL F 16 -9.43 -29.09 -20.56
N PRO F 17 -8.28 -28.42 -20.34
CA PRO F 17 -7.82 -27.36 -21.23
C PRO F 17 -7.62 -27.80 -22.67
N THR F 18 -8.40 -27.25 -23.57
CA THR F 18 -8.30 -27.48 -25.00
C THR F 18 -6.90 -27.14 -25.51
N PRO F 19 -6.26 -26.01 -25.12
CA PRO F 19 -4.96 -25.65 -25.67
C PRO F 19 -3.84 -26.68 -25.48
N ALA F 20 -4.02 -27.60 -24.52
CA ALA F 20 -3.04 -28.66 -24.32
C ALA F 20 -2.91 -29.57 -25.55
N PHE F 21 -3.90 -29.56 -26.43
CA PHE F 21 -3.94 -30.40 -27.63
C PHE F 21 -3.46 -29.67 -28.88
N PHE F 22 -3.00 -28.43 -28.72
CA PHE F 22 -2.64 -27.61 -29.86
C PHE F 22 -1.40 -28.16 -30.57
N PRO F 23 -0.38 -28.69 -29.86
CA PRO F 23 0.76 -29.34 -30.52
C PRO F 23 0.42 -30.32 -31.64
N LEU F 24 -0.73 -31.00 -31.51
CA LEU F 24 -1.19 -31.98 -32.49
C LEU F 24 -1.43 -31.35 -33.87
N ILE F 25 -1.77 -30.05 -33.91
CA ILE F 25 -2.39 -29.45 -35.10
C ILE F 25 -1.43 -29.49 -36.30
N ASP F 26 -0.25 -28.90 -36.13
CA ASP F 26 0.74 -28.83 -37.19
C ASP F 26 1.23 -30.22 -37.58
N LYS F 27 1.44 -31.09 -36.59
CA LYS F 27 1.92 -32.44 -36.84
C LYS F 27 0.90 -33.21 -37.66
N LEU F 28 -0.39 -33.06 -37.30
CA LEU F 28 -1.43 -33.76 -38.04
C LEU F 28 -1.52 -33.28 -39.48
N ALA F 29 -1.16 -32.02 -39.73
CA ALA F 29 -1.22 -31.44 -41.07
C ALA F 29 -0.10 -32.00 -41.95
N ALA F 30 1.01 -32.42 -41.32
CA ALA F 30 2.15 -32.98 -42.03
C ALA F 30 2.01 -34.51 -42.16
N LYS F 31 1.54 -35.17 -41.08
CA LYS F 31 1.41 -36.62 -41.09
C LYS F 31 0.37 -37.07 -42.12
N ALA F 32 -0.76 -36.36 -42.15
CA ALA F 32 -1.83 -36.59 -43.10
C ALA F 32 -2.37 -35.23 -43.52
N ASN F 33 -3.51 -35.19 -44.21
CA ASN F 33 -4.10 -33.92 -44.60
C ASN F 33 -5.21 -33.57 -43.61
N THR F 34 -5.02 -33.96 -42.33
CA THR F 34 -6.13 -34.02 -41.38
C THR F 34 -6.37 -32.67 -40.69
N GLN F 35 -7.63 -32.21 -40.72
CA GLN F 35 -8.09 -31.03 -40.01
C GLN F 35 -8.67 -31.47 -38.68
N LEU F 36 -8.21 -30.81 -37.62
CA LEU F 36 -8.64 -31.14 -36.27
C LEU F 36 -9.79 -30.26 -35.81
N ALA F 37 -10.68 -30.85 -35.02
CA ALA F 37 -11.76 -30.12 -34.34
C ALA F 37 -11.77 -30.51 -32.88
N ILE F 38 -11.44 -29.56 -31.99
CA ILE F 38 -11.37 -29.85 -30.55
C ILE F 38 -12.54 -29.15 -29.88
N ILE F 39 -13.60 -29.91 -29.60
CA ILE F 39 -14.91 -29.45 -29.19
C ILE F 39 -15.02 -29.62 -27.68
N THR F 40 -15.68 -28.66 -27.02
CA THR F 40 -15.85 -28.73 -25.59
C THR F 40 -17.27 -29.20 -25.27
N GLU F 41 -17.38 -30.08 -24.28
CA GLU F 41 -18.67 -30.55 -23.77
C GLU F 41 -18.57 -30.59 -22.25
N VAL F 42 -19.71 -30.79 -21.58
CA VAL F 42 -19.75 -30.79 -20.12
C VAL F 42 -20.27 -32.14 -19.64
N LEU F 43 -19.51 -32.76 -18.74
CA LEU F 43 -19.84 -34.00 -18.06
C LEU F 43 -20.40 -35.02 -19.06
N ALA F 44 -21.66 -35.44 -18.88
CA ALA F 44 -22.26 -36.54 -19.61
C ALA F 44 -22.36 -36.23 -21.10
N GLY F 45 -22.42 -34.94 -21.45
CA GLY F 45 -22.49 -34.52 -22.85
C GLY F 45 -21.29 -34.99 -23.65
N ALA F 46 -20.12 -35.11 -22.99
CA ALA F 46 -18.92 -35.58 -23.64
C ALA F 46 -19.07 -37.05 -24.00
N TRP F 47 -19.58 -37.86 -23.07
CA TRP F 47 -19.78 -39.29 -23.27
C TRP F 47 -20.85 -39.56 -24.31
N GLU F 48 -21.93 -38.77 -24.24
CA GLU F 48 -23.05 -38.91 -25.14
C GLU F 48 -22.57 -38.76 -26.57
N ARG F 49 -21.67 -37.81 -26.81
CA ARG F 49 -21.08 -37.61 -28.13
C ARG F 49 -20.39 -38.91 -28.58
N LEU F 50 -19.72 -39.60 -27.66
CA LEU F 50 -18.98 -40.81 -28.01
C LEU F 50 -19.93 -41.94 -28.36
N GLU F 51 -20.94 -42.16 -27.51
CA GLU F 51 -21.99 -43.16 -27.71
C GLU F 51 -22.67 -42.95 -29.07
N GLN F 52 -23.07 -41.69 -29.37
CA GLN F 52 -23.79 -41.36 -30.59
C GLN F 52 -22.87 -41.31 -31.79
N GLY F 53 -21.58 -41.64 -31.63
CA GLY F 53 -20.62 -41.68 -32.73
C GLY F 53 -20.37 -40.30 -33.34
N ARG F 54 -20.46 -39.25 -32.51
CA ARG F 54 -20.24 -37.88 -32.96
C ARG F 54 -18.90 -37.33 -32.47
N ALA F 55 -17.98 -38.23 -32.07
CA ALA F 55 -16.67 -37.87 -31.59
C ALA F 55 -15.73 -39.05 -31.80
N ASP F 56 -14.58 -38.84 -32.44
CA ASP F 56 -13.58 -39.88 -32.60
C ASP F 56 -12.86 -40.21 -31.29
N ILE F 57 -12.45 -39.18 -30.52
CA ILE F 57 -11.79 -39.38 -29.23
C ILE F 57 -12.40 -38.43 -28.21
N VAL F 58 -12.57 -38.90 -26.97
CA VAL F 58 -13.07 -38.09 -25.87
C VAL F 58 -12.01 -38.01 -24.77
N ILE F 59 -11.69 -36.80 -24.31
CA ILE F 59 -10.87 -36.58 -23.12
C ILE F 59 -11.76 -35.99 -22.03
N ALA F 60 -11.99 -36.76 -20.96
CA ALA F 60 -13.03 -36.43 -20.00
C ALA F 60 -12.71 -37.08 -18.65
N PRO F 61 -13.30 -36.60 -17.55
CA PRO F 61 -13.27 -37.30 -16.27
C PRO F 61 -13.80 -38.72 -16.40
N ASP F 62 -13.21 -39.67 -15.67
CA ASP F 62 -13.71 -41.03 -15.60
C ASP F 62 -15.15 -41.03 -15.04
N MET F 63 -16.05 -41.79 -15.67
CA MET F 63 -17.49 -41.67 -15.48
C MET F 63 -18.17 -42.97 -15.95
N HIS F 64 -19.48 -43.08 -15.61
CA HIS F 64 -20.28 -44.29 -15.59
C HIS F 64 -20.48 -44.87 -16.98
N PHE F 65 -20.49 -44.01 -18.03
CA PHE F 65 -20.53 -44.53 -19.38
C PHE F 65 -19.36 -45.44 -19.77
N ARG F 66 -18.25 -45.42 -19.00
CA ARG F 66 -17.12 -46.33 -19.20
C ARG F 66 -17.50 -47.82 -19.21
N SER F 67 -18.72 -48.13 -18.79
CA SER F 67 -19.30 -49.47 -18.78
C SER F 67 -19.69 -49.86 -20.19
N SER F 68 -18.99 -49.37 -21.21
CA SER F 68 -19.28 -49.62 -22.62
C SER F 68 -18.51 -50.81 -23.22
N SER F 69 -19.30 -51.75 -23.69
CA SER F 69 -18.80 -52.99 -24.28
C SER F 69 -18.13 -52.73 -25.64
N GLU F 70 -18.06 -51.44 -26.09
CA GLU F 70 -17.33 -51.12 -27.30
C GLU F 70 -16.34 -49.96 -27.13
N ILE F 71 -16.18 -49.45 -25.89
CA ILE F 71 -15.37 -48.27 -25.66
C ILE F 71 -14.11 -48.64 -24.89
N ASN F 72 -12.96 -48.34 -25.50
CA ASN F 72 -11.68 -48.49 -24.83
C ASN F 72 -11.33 -47.18 -24.13
N SER F 73 -10.51 -47.26 -23.07
CA SER F 73 -10.11 -46.08 -22.29
C SER F 73 -8.73 -46.26 -21.69
N ARG F 74 -8.08 -45.13 -21.38
CA ARG F 74 -6.73 -45.10 -20.82
C ARG F 74 -6.59 -43.84 -19.96
N LYS F 75 -5.96 -43.98 -18.79
CA LYS F 75 -5.81 -42.86 -17.89
C LYS F 75 -4.68 -41.96 -18.38
N LEU F 76 -4.92 -40.64 -18.39
CA LEU F 76 -3.97 -39.66 -18.91
C LEU F 76 -3.26 -38.95 -17.77
N TYR F 77 -4.02 -38.47 -16.79
CA TYR F 77 -3.46 -37.72 -15.68
C TYR F 77 -4.53 -37.54 -14.61
N THR F 78 -4.11 -37.06 -13.44
CA THR F 78 -5.01 -36.78 -12.34
C THR F 78 -5.17 -35.27 -12.18
N LEU F 79 -6.40 -34.84 -11.86
CA LEU F 79 -6.74 -33.44 -11.70
C LEU F 79 -7.29 -33.24 -10.29
N MET F 80 -6.89 -32.12 -9.69
CA MET F 80 -7.34 -31.76 -8.35
C MET F 80 -8.44 -30.71 -8.44
N ASN F 81 -9.49 -30.91 -7.62
CA ASN F 81 -10.64 -30.03 -7.55
C ASN F 81 -10.72 -29.42 -6.15
N VAL F 82 -10.86 -28.09 -6.10
CA VAL F 82 -10.87 -27.37 -4.84
C VAL F 82 -12.16 -26.58 -4.73
N TYR F 83 -12.78 -26.66 -3.55
CA TYR F 83 -13.96 -25.89 -3.20
C TYR F 83 -13.49 -24.50 -2.78
N VAL F 84 -13.81 -23.49 -3.61
CA VAL F 84 -13.29 -22.15 -3.42
C VAL F 84 -14.43 -21.15 -3.33
N ALA F 85 -14.06 -19.94 -2.86
CA ALA F 85 -14.92 -18.78 -2.79
C ALA F 85 -14.04 -17.53 -2.66
N ALA F 86 -14.63 -16.37 -2.93
CA ALA F 86 -13.88 -15.12 -2.84
C ALA F 86 -13.48 -14.94 -1.37
N PRO F 87 -12.35 -14.24 -1.12
CA PRO F 87 -11.84 -14.07 0.24
C PRO F 87 -12.85 -13.48 1.20
N ASP F 88 -13.68 -12.50 0.73
CA ASP F 88 -14.62 -11.83 1.62
C ASP F 88 -15.96 -12.56 1.75
N HIS F 89 -16.08 -13.75 1.16
CA HIS F 89 -17.34 -14.48 1.24
C HIS F 89 -17.59 -14.97 2.67
N PRO F 90 -18.80 -14.82 3.22
CA PRO F 90 -19.09 -15.26 4.59
C PRO F 90 -18.88 -16.76 4.85
N ILE F 91 -18.77 -17.56 3.78
CA ILE F 91 -18.64 -19.01 3.95
C ILE F 91 -17.37 -19.33 4.74
N HIS F 92 -16.38 -18.41 4.65
CA HIS F 92 -15.10 -18.59 5.29
C HIS F 92 -15.22 -18.49 6.82
N GLN F 93 -16.16 -17.68 7.31
CA GLN F 93 -16.34 -17.47 8.75
C GLN F 93 -17.18 -18.59 9.37
N GLU F 94 -17.52 -19.62 8.59
CA GLU F 94 -18.41 -20.65 9.09
C GLU F 94 -17.64 -21.70 9.87
N PRO F 95 -18.14 -22.12 11.06
CA PRO F 95 -17.62 -23.29 11.75
C PRO F 95 -17.74 -24.57 10.93
N GLU F 96 -18.87 -24.71 10.19
CA GLU F 96 -19.12 -25.95 9.47
C GLU F 96 -19.47 -25.68 8.03
N PRO F 97 -18.51 -25.24 7.19
CA PRO F 97 -18.85 -24.76 5.85
C PRO F 97 -19.46 -25.83 4.93
N LEU F 98 -19.17 -27.12 5.21
CA LEU F 98 -19.61 -28.20 4.34
C LEU F 98 -20.84 -28.91 4.90
N SER F 99 -21.41 -28.39 6.01
CA SER F 99 -22.60 -28.99 6.58
C SER F 99 -23.81 -28.66 5.70
N GLU F 100 -24.65 -29.67 5.46
CA GLU F 100 -25.87 -29.53 4.67
C GLU F 100 -26.70 -28.34 5.15
N VAL F 101 -26.71 -28.12 6.47
CA VAL F 101 -27.46 -27.02 7.06
C VAL F 101 -26.84 -25.69 6.64
N THR F 102 -25.51 -25.67 6.45
CA THR F 102 -24.82 -24.43 6.13
C THR F 102 -24.83 -24.16 4.62
N ARG F 103 -24.59 -25.21 3.83
CA ARG F 103 -24.46 -25.08 2.39
C ARG F 103 -25.70 -24.45 1.75
N VAL F 104 -26.87 -24.81 2.25
CA VAL F 104 -28.14 -24.28 1.77
C VAL F 104 -28.17 -22.75 1.91
N LYS F 105 -27.43 -22.19 2.86
CA LYS F 105 -27.50 -20.75 3.11
C LYS F 105 -26.88 -19.96 1.95
N TYR F 106 -25.94 -20.58 1.21
CA TYR F 106 -25.12 -19.86 0.25
C TYR F 106 -25.33 -20.38 -1.17
N ARG F 107 -25.15 -19.48 -2.15
CA ARG F 107 -25.45 -19.79 -3.55
C ARG F 107 -24.39 -20.72 -4.13
N GLY F 108 -24.81 -21.84 -4.70
CA GLY F 108 -23.91 -22.68 -5.48
C GLY F 108 -23.82 -22.19 -6.92
N ILE F 109 -22.76 -22.60 -7.63
CA ILE F 109 -22.60 -22.27 -9.04
C ILE F 109 -22.31 -23.57 -9.79
N ALA F 110 -23.13 -23.81 -10.82
CA ALA F 110 -23.07 -25.02 -11.62
C ALA F 110 -22.76 -24.67 -13.08
N VAL F 111 -21.98 -25.56 -13.71
CA VAL F 111 -21.82 -25.58 -15.16
C VAL F 111 -22.81 -26.60 -15.71
N ALA F 112 -23.72 -26.15 -16.59
CA ALA F 112 -24.84 -26.96 -17.05
C ALA F 112 -24.35 -28.16 -17.87
N ASP F 113 -25.08 -29.27 -17.76
CA ASP F 113 -24.75 -30.52 -18.44
C ASP F 113 -25.98 -30.84 -19.27
N THR F 114 -27.19 -30.77 -18.66
CA THR F 114 -28.47 -30.86 -19.32
C THR F 114 -29.36 -29.86 -18.59
N ALA F 115 -29.28 -28.59 -19.04
CA ALA F 115 -30.06 -27.47 -18.52
C ALA F 115 -29.58 -27.06 -17.11
N ARG F 116 -30.41 -26.32 -16.37
CA ARG F 116 -30.20 -25.93 -14.98
C ARG F 116 -30.02 -27.17 -14.07
N GLU F 117 -30.93 -28.14 -14.20
CA GLU F 117 -31.00 -29.30 -13.33
C GLU F 117 -29.75 -30.16 -13.50
N ARG F 118 -29.27 -30.80 -12.41
CA ARG F 118 -28.03 -31.56 -12.51
C ARG F 118 -27.98 -32.83 -11.61
N PRO F 119 -27.82 -34.04 -12.22
CA PRO F 119 -27.23 -35.16 -11.44
C PRO F 119 -25.70 -35.03 -11.41
N VAL F 120 -25.13 -34.86 -10.21
CA VAL F 120 -23.68 -34.80 -10.01
C VAL F 120 -23.38 -35.53 -8.71
N LEU F 121 -22.10 -35.81 -8.43
CA LEU F 121 -21.65 -36.42 -7.19
C LEU F 121 -20.52 -35.64 -6.53
N THR F 122 -20.29 -34.35 -6.89
CA THR F 122 -19.23 -33.55 -6.31
C THR F 122 -19.87 -32.35 -5.60
N VAL F 123 -19.82 -32.31 -4.25
CA VAL F 123 -20.33 -31.18 -3.48
C VAL F 123 -21.72 -30.76 -4.00
N GLN F 124 -22.55 -31.78 -4.26
CA GLN F 124 -23.83 -31.75 -4.94
C GLN F 124 -24.80 -30.71 -4.39
N LEU F 125 -25.33 -29.86 -5.26
CA LEU F 125 -26.20 -28.76 -4.87
C LEU F 125 -27.40 -29.33 -4.14
N LEU F 126 -27.88 -28.67 -3.06
CA LEU F 126 -29.02 -29.12 -2.30
C LEU F 126 -30.31 -28.43 -2.77
N ASP F 127 -31.45 -29.08 -2.51
CA ASP F 127 -32.75 -28.46 -2.74
C ASP F 127 -32.88 -27.21 -1.88
N LYS F 128 -33.71 -26.25 -2.33
CA LYS F 128 -33.93 -25.02 -1.58
C LYS F 128 -32.68 -24.14 -1.58
N GLN F 129 -31.56 -24.63 -2.11
CA GLN F 129 -30.30 -23.87 -2.12
C GLN F 129 -30.28 -22.94 -3.32
N PRO F 130 -29.92 -21.65 -3.14
CA PRO F 130 -29.78 -20.75 -4.29
C PRO F 130 -28.68 -21.24 -5.21
N ARG F 131 -28.84 -21.03 -6.52
CA ARG F 131 -27.85 -21.46 -7.48
C ARG F 131 -27.79 -20.49 -8.66
N LEU F 132 -26.61 -20.38 -9.29
CA LEU F 132 -26.44 -19.75 -10.58
C LEU F 132 -25.87 -20.82 -11.53
N THR F 133 -26.33 -20.81 -12.78
CA THR F 133 -25.94 -21.81 -13.74
C THR F 133 -25.29 -21.10 -14.92
N VAL F 134 -24.11 -21.61 -15.33
CA VAL F 134 -23.37 -21.08 -16.47
C VAL F 134 -22.95 -22.25 -17.35
N SER F 135 -22.47 -21.95 -18.56
CA SER F 135 -22.16 -22.96 -19.57
C SER F 135 -20.67 -23.26 -19.57
N THR F 136 -19.84 -22.30 -19.14
CA THR F 136 -18.39 -22.41 -19.30
C THR F 136 -17.71 -22.35 -17.94
N ILE F 137 -16.51 -22.93 -17.89
CA ILE F 137 -15.76 -22.98 -16.66
C ILE F 137 -15.19 -21.60 -16.35
N GLU F 138 -14.96 -20.79 -17.41
CA GLU F 138 -14.46 -19.42 -17.26
C GLU F 138 -15.53 -18.56 -16.60
N ASP F 139 -16.79 -18.65 -17.11
CA ASP F 139 -17.90 -17.90 -16.55
C ASP F 139 -18.07 -18.25 -15.07
N LYS F 140 -17.88 -19.53 -14.73
CA LYS F 140 -17.99 -19.95 -13.34
C LYS F 140 -16.88 -19.33 -12.51
N ARG F 141 -15.68 -19.19 -13.10
CA ARG F 141 -14.56 -18.60 -12.40
C ARG F 141 -14.84 -17.13 -12.08
N GLN F 142 -15.34 -16.41 -13.09
CA GLN F 142 -15.62 -14.98 -12.94
C GLN F 142 -16.69 -14.76 -11.88
N ALA F 143 -17.73 -15.59 -11.87
CA ALA F 143 -18.78 -15.54 -10.87
C ALA F 143 -18.18 -15.71 -9.48
N LEU F 144 -17.25 -16.66 -9.33
CA LEU F 144 -16.60 -16.91 -8.05
C LEU F 144 -15.73 -15.72 -7.64
N LEU F 145 -14.96 -15.18 -8.60
CA LEU F 145 -14.13 -14.00 -8.35
C LEU F 145 -14.99 -12.82 -7.89
N ALA F 146 -16.23 -12.72 -8.39
CA ALA F 146 -17.11 -11.60 -8.07
C ALA F 146 -17.86 -11.84 -6.76
N GLY F 147 -17.58 -12.93 -6.06
CA GLY F 147 -18.16 -13.14 -4.74
C GLY F 147 -19.59 -13.70 -4.76
N LEU F 148 -20.06 -14.21 -5.91
CA LEU F 148 -21.47 -14.50 -6.11
C LEU F 148 -21.86 -15.88 -5.63
N GLY F 149 -20.91 -16.68 -5.14
CA GLY F 149 -21.26 -18.03 -4.69
C GLY F 149 -20.04 -18.86 -4.30
N VAL F 150 -20.29 -20.17 -4.06
CA VAL F 150 -19.27 -21.12 -3.65
C VAL F 150 -19.36 -22.36 -4.54
N ALA F 151 -18.22 -22.78 -5.10
CA ALA F 151 -18.23 -23.90 -6.02
C ALA F 151 -16.84 -24.53 -6.15
N THR F 152 -16.81 -25.73 -6.67
CA THR F 152 -15.59 -26.46 -6.97
C THR F 152 -14.97 -25.92 -8.25
N MET F 153 -13.63 -25.91 -8.33
CA MET F 153 -12.92 -25.52 -9.53
C MET F 153 -11.70 -26.43 -9.73
N PRO F 154 -11.29 -26.67 -10.98
CA PRO F 154 -10.01 -27.34 -11.26
C PRO F 154 -8.85 -26.46 -10.78
N TYR F 155 -7.96 -27.04 -9.97
CA TYR F 155 -6.89 -26.32 -9.30
C TYR F 155 -6.05 -25.53 -10.28
N PRO F 156 -5.61 -26.10 -11.43
CA PRO F 156 -4.81 -25.33 -12.39
C PRO F 156 -5.42 -24.00 -12.77
N MET F 157 -6.76 -23.96 -12.89
CA MET F 157 -7.44 -22.76 -13.38
C MET F 157 -7.54 -21.68 -12.30
N VAL F 158 -7.37 -22.05 -11.02
CA VAL F 158 -7.45 -21.09 -9.92
C VAL F 158 -6.17 -21.05 -9.07
N GLU F 159 -5.09 -21.66 -9.55
CA GLU F 159 -3.85 -21.73 -8.78
C GLU F 159 -3.34 -20.33 -8.49
N LYS F 160 -3.27 -19.51 -9.55
CA LYS F 160 -2.77 -18.14 -9.40
C LYS F 160 -3.73 -17.36 -8.52
N ASP F 161 -5.04 -17.60 -8.67
CA ASP F 161 -6.05 -16.89 -7.93
C ASP F 161 -5.86 -17.12 -6.43
N ILE F 162 -5.53 -18.38 -6.05
CA ILE F 162 -5.39 -18.71 -4.64
C ILE F 162 -4.10 -18.09 -4.11
N ALA F 163 -3.03 -18.18 -4.91
CA ALA F 163 -1.75 -17.58 -4.56
C ALA F 163 -1.92 -16.09 -4.31
N GLU F 164 -2.54 -15.38 -5.26
CA GLU F 164 -2.62 -13.92 -5.23
C GLU F 164 -3.83 -13.44 -4.44
N GLY F 165 -4.46 -14.33 -3.66
CA GLY F 165 -5.49 -13.97 -2.70
C GLY F 165 -6.81 -13.48 -3.33
N ARG F 166 -7.05 -13.80 -4.61
CA ARG F 166 -8.32 -13.49 -5.26
C ARG F 166 -9.38 -14.56 -4.97
N LEU F 167 -8.93 -15.80 -4.67
CA LEU F 167 -9.82 -16.86 -4.21
C LEU F 167 -9.17 -17.57 -3.03
N ARG F 168 -9.97 -18.33 -2.28
CA ARG F 168 -9.50 -18.96 -1.06
C ARG F 168 -10.23 -20.29 -0.92
N VAL F 169 -9.45 -21.33 -0.59
CA VAL F 169 -9.98 -22.68 -0.49
C VAL F 169 -10.87 -22.72 0.75
N VAL F 170 -12.10 -23.19 0.59
CA VAL F 170 -13.09 -23.06 1.65
C VAL F 170 -12.70 -23.99 2.79
N SER F 171 -12.46 -25.26 2.43
CA SER F 171 -12.05 -26.30 3.36
C SER F 171 -11.32 -27.38 2.57
N PRO F 172 -10.16 -27.86 3.06
CA PRO F 172 -9.38 -28.85 2.33
C PRO F 172 -10.07 -30.22 2.29
N GLU F 173 -11.02 -30.45 3.22
CA GLU F 173 -11.71 -31.72 3.31
C GLU F 173 -12.42 -32.05 2.01
N SER F 174 -12.88 -31.02 1.28
CA SER F 174 -13.67 -31.20 0.06
C SER F 174 -12.80 -31.37 -1.18
N THR F 175 -11.47 -31.24 -1.03
CA THR F 175 -10.58 -31.42 -2.17
C THR F 175 -10.66 -32.85 -2.65
N SER F 176 -10.82 -33.03 -3.98
CA SER F 176 -11.03 -34.33 -4.57
C SER F 176 -10.08 -34.48 -5.76
N GLU F 177 -9.82 -35.74 -6.12
CA GLU F 177 -9.02 -36.08 -7.28
C GLU F 177 -9.93 -36.73 -8.32
N ILE F 178 -9.73 -36.32 -9.59
CA ILE F 178 -10.46 -36.89 -10.70
C ILE F 178 -9.44 -37.40 -11.72
N ASP F 179 -9.63 -38.64 -12.17
CA ASP F 179 -8.80 -39.20 -13.24
C ASP F 179 -9.35 -38.70 -14.57
N ILE F 180 -8.48 -38.08 -15.38
CA ILE F 180 -8.84 -37.65 -16.72
C ILE F 180 -8.39 -38.75 -17.66
N ILE F 181 -9.35 -39.31 -18.42
CA ILE F 181 -9.10 -40.47 -19.27
C ILE F 181 -9.31 -40.09 -20.73
N MET F 182 -8.61 -40.83 -21.61
CA MET F 182 -8.82 -40.79 -23.04
C MET F 182 -9.64 -42.02 -23.41
N ALA F 183 -10.75 -41.78 -24.14
CA ALA F 183 -11.68 -42.84 -24.51
C ALA F 183 -11.97 -42.76 -26.01
N TRP F 184 -12.22 -43.92 -26.61
CA TRP F 184 -12.59 -44.04 -28.01
C TRP F 184 -13.36 -45.33 -28.22
N ARG F 185 -13.89 -45.52 -29.42
CA ARG F 185 -14.67 -46.72 -29.76
C ARG F 185 -13.79 -47.57 -30.67
N ARG F 186 -13.87 -48.90 -30.45
CA ARG F 186 -13.08 -49.86 -31.20
C ARG F 186 -13.77 -50.21 -32.50
N ASP F 187 -15.05 -49.80 -32.73
CA ASP F 187 -15.76 -50.26 -33.93
C ASP F 187 -15.32 -49.49 -35.17
N SER F 188 -14.31 -48.65 -35.03
CA SER F 188 -13.80 -47.80 -36.12
C SER F 188 -12.32 -47.53 -35.89
N MET F 189 -11.62 -47.33 -37.01
CA MET F 189 -10.18 -47.21 -36.96
C MET F 189 -9.74 -46.52 -38.25
N GLY F 190 -8.80 -45.59 -38.12
CA GLY F 190 -8.11 -45.04 -39.28
C GLY F 190 -6.77 -44.47 -38.85
N GLU F 191 -6.00 -44.02 -39.85
CA GLU F 191 -4.64 -43.55 -39.65
C GLU F 191 -4.58 -42.43 -38.62
N ALA F 192 -5.35 -41.36 -38.85
CA ALA F 192 -5.26 -40.16 -38.01
C ALA F 192 -5.69 -40.48 -36.58
N LYS F 193 -6.79 -41.22 -36.47
CA LYS F 193 -7.31 -41.59 -35.15
C LYS F 193 -6.26 -42.38 -34.37
N SER F 194 -5.64 -43.36 -35.04
CA SER F 194 -4.63 -44.21 -34.40
C SER F 194 -3.46 -43.36 -33.95
N TRP F 195 -3.00 -42.46 -34.83
CA TRP F 195 -1.87 -41.59 -34.54
C TRP F 195 -2.16 -40.72 -33.31
N CYS F 196 -3.36 -40.11 -33.25
CA CYS F 196 -3.71 -39.28 -32.12
C CYS F 196 -3.72 -40.08 -30.82
N LEU F 197 -4.28 -41.31 -30.87
CA LEU F 197 -4.33 -42.14 -29.68
C LEU F 197 -2.92 -42.39 -29.12
N ARG F 198 -1.89 -42.28 -29.97
CA ARG F 198 -0.53 -42.54 -29.53
C ARG F 198 0.12 -41.24 -29.04
N GLU F 199 -0.21 -40.12 -29.71
CA GLU F 199 0.39 -38.83 -29.41
C GLU F 199 -0.21 -38.20 -28.16
N ILE F 200 -1.52 -38.37 -27.95
CA ILE F 200 -2.17 -37.66 -26.86
C ILE F 200 -1.56 -37.98 -25.49
N PRO F 201 -1.33 -39.26 -25.13
CA PRO F 201 -0.67 -39.57 -23.85
C PRO F 201 0.71 -38.91 -23.68
N LYS F 202 1.43 -38.70 -24.80
CA LYS F 202 2.74 -38.07 -24.75
C LYS F 202 2.63 -36.60 -24.32
N LEU F 203 1.49 -35.96 -24.56
CA LEU F 203 1.28 -34.56 -24.18
C LEU F 203 1.27 -34.43 -22.66
N PHE F 204 1.04 -35.53 -21.92
CA PHE F 204 0.81 -35.45 -20.49
C PHE F 204 1.79 -36.31 -19.70
N ASN F 205 2.87 -36.80 -20.35
CA ASN F 205 3.95 -37.49 -19.67
C ASN F 205 5.24 -36.72 -19.97
N GLY F 206 5.31 -36.06 -21.15
CA GLY F 206 6.44 -35.25 -21.54
C GLY F 206 6.22 -33.77 -21.19
N LYS F 207 5.09 -33.46 -20.53
CA LYS F 207 4.73 -32.11 -20.11
C LYS F 207 5.62 -31.67 -18.92
N THR G 6 -5.28 5.83 -44.58
CA THR G 6 -6.20 6.99 -44.73
C THR G 6 -5.84 8.03 -43.69
N HIS G 7 -6.29 9.28 -43.89
CA HIS G 7 -6.10 10.35 -42.94
C HIS G 7 -7.42 11.04 -42.62
N LEU G 8 -7.81 11.05 -41.35
CA LEU G 8 -8.97 11.79 -40.89
C LEU G 8 -8.53 12.95 -40.01
N THR G 9 -9.19 14.11 -40.18
CA THR G 9 -8.94 15.29 -39.37
C THR G 9 -10.19 15.61 -38.59
N ILE G 10 -10.11 15.48 -37.25
CA ILE G 10 -11.13 16.03 -36.34
C ILE G 10 -10.59 17.35 -35.81
N VAL G 11 -11.44 18.39 -35.83
CA VAL G 11 -11.10 19.68 -35.28
C VAL G 11 -11.89 19.87 -34.00
N THR G 12 -11.19 20.09 -32.88
CA THR G 12 -11.81 20.40 -31.60
C THR G 12 -11.53 21.86 -31.26
N GLU G 13 -12.58 22.67 -31.11
CA GLU G 13 -12.45 24.07 -30.78
C GLU G 13 -11.82 24.18 -29.39
N ALA G 14 -11.21 25.34 -29.10
CA ALA G 14 -10.36 25.51 -27.93
C ALA G 14 -11.08 25.13 -26.64
N LEU G 15 -12.39 25.39 -26.56
CA LEU G 15 -13.22 25.10 -25.40
C LEU G 15 -13.39 23.59 -25.18
N VAL G 16 -13.04 22.79 -26.20
CA VAL G 16 -13.27 21.35 -26.15
C VAL G 16 -11.97 20.62 -25.83
N PRO G 17 -11.88 19.89 -24.70
CA PRO G 17 -10.69 19.07 -24.40
C PRO G 17 -10.43 17.99 -25.45
N THR G 18 -9.30 18.12 -26.13
CA THR G 18 -8.84 17.16 -27.12
C THR G 18 -8.73 15.76 -26.53
N PRO G 19 -8.18 15.56 -25.30
CA PRO G 19 -7.99 14.19 -24.79
C PRO G 19 -9.26 13.35 -24.67
N ALA G 20 -10.43 14.00 -24.65
CA ALA G 20 -11.68 13.27 -24.61
C ALA G 20 -11.88 12.38 -25.85
N PHE G 21 -11.14 12.64 -26.94
CA PHE G 21 -11.24 11.91 -28.19
C PHE G 21 -10.18 10.81 -28.31
N PHE G 22 -9.35 10.63 -27.27
CA PHE G 22 -8.24 9.72 -27.37
C PHE G 22 -8.71 8.26 -27.46
N PRO G 23 -9.78 7.83 -26.78
CA PRO G 23 -10.30 6.46 -26.93
C PRO G 23 -10.47 5.99 -28.38
N LEU G 24 -10.79 6.93 -29.28
CA LEU G 24 -11.01 6.63 -30.69
C LEU G 24 -9.75 6.09 -31.37
N ILE G 25 -8.55 6.44 -30.87
CA ILE G 25 -7.32 6.31 -31.65
C ILE G 25 -7.04 4.85 -32.02
N ASP G 26 -6.95 3.98 -31.00
CA ASP G 26 -6.62 2.57 -31.25
C ASP G 26 -7.73 1.90 -32.06
N LYS G 27 -8.99 2.21 -31.73
CA LYS G 27 -10.14 1.62 -32.41
C LYS G 27 -10.13 2.02 -33.88
N LEU G 28 -9.81 3.29 -34.17
CA LEU G 28 -9.79 3.75 -35.55
C LEU G 28 -8.68 3.08 -36.34
N ALA G 29 -7.60 2.67 -35.66
CA ALA G 29 -6.48 2.01 -36.31
C ALA G 29 -6.86 0.57 -36.69
N ALA G 30 -7.82 -0.02 -35.97
CA ALA G 30 -8.31 -1.36 -36.23
C ALA G 30 -9.49 -1.33 -37.23
N LYS G 31 -10.39 -0.35 -37.07
CA LYS G 31 -11.57 -0.22 -37.92
C LYS G 31 -11.16 0.03 -39.37
N ALA G 32 -10.22 0.95 -39.54
CA ALA G 32 -9.66 1.31 -40.84
C ALA G 32 -8.15 1.50 -40.63
N ASN G 33 -7.47 1.85 -41.73
CA ASN G 33 -6.04 2.06 -41.66
C ASN G 33 -5.75 3.55 -41.49
N THR G 34 -6.65 4.24 -40.80
CA THR G 34 -6.73 5.70 -40.79
C THR G 34 -5.82 6.29 -39.70
N GLN G 35 -5.00 7.26 -40.09
CA GLN G 35 -4.20 8.06 -39.19
C GLN G 35 -4.95 9.33 -38.82
N LEU G 36 -5.05 9.58 -37.50
CA LEU G 36 -5.91 10.60 -36.96
C LEU G 36 -5.10 11.87 -36.71
N ALA G 37 -5.76 13.02 -36.93
CA ALA G 37 -5.34 14.33 -36.51
C ALA G 37 -6.46 14.96 -35.71
N ILE G 38 -6.19 15.27 -34.42
CA ILE G 38 -7.13 16.04 -33.62
C ILE G 38 -6.56 17.44 -33.41
N ILE G 39 -7.04 18.39 -34.22
CA ILE G 39 -6.47 19.72 -34.39
C ILE G 39 -7.31 20.70 -33.58
N THR G 40 -6.64 21.68 -32.96
CA THR G 40 -7.34 22.68 -32.18
C THR G 40 -7.43 23.97 -32.98
N GLU G 41 -8.62 24.60 -32.94
CA GLU G 41 -8.83 25.89 -33.55
C GLU G 41 -9.69 26.73 -32.60
N VAL G 42 -9.82 28.03 -32.90
CA VAL G 42 -10.51 28.94 -32.01
C VAL G 42 -11.69 29.56 -32.73
N LEU G 43 -12.89 29.46 -32.13
CA LEU G 43 -14.14 29.98 -32.66
C LEU G 43 -14.26 29.75 -34.16
N ALA G 44 -14.34 30.83 -34.94
CA ALA G 44 -14.66 30.77 -36.36
C ALA G 44 -13.62 30.00 -37.15
N GLY G 45 -12.38 29.94 -36.64
CA GLY G 45 -11.30 29.20 -37.29
C GLY G 45 -11.65 27.72 -37.45
N ALA G 46 -12.43 27.18 -36.50
CA ALA G 46 -12.85 25.79 -36.55
C ALA G 46 -13.82 25.58 -37.71
N TRP G 47 -14.78 26.49 -37.85
CA TRP G 47 -15.80 26.41 -38.90
C TRP G 47 -15.18 26.63 -40.27
N GLU G 48 -14.24 27.58 -40.35
CA GLU G 48 -13.56 27.92 -41.59
C GLU G 48 -12.88 26.66 -42.15
N ARG G 49 -12.26 25.88 -41.27
CA ARG G 49 -11.64 24.63 -41.67
C ARG G 49 -12.68 23.71 -42.32
N LEU G 50 -13.92 23.69 -41.77
CA LEU G 50 -14.96 22.79 -42.30
C LEU G 50 -15.40 23.25 -43.69
N GLU G 51 -15.68 24.57 -43.82
CA GLU G 51 -16.06 25.17 -45.10
C GLU G 51 -14.99 24.90 -46.16
N GLN G 52 -13.73 25.13 -45.84
CA GLN G 52 -12.61 24.98 -46.76
C GLN G 52 -12.27 23.51 -47.00
N GLY G 53 -13.04 22.58 -46.42
CA GLY G 53 -12.85 21.15 -46.62
C GLY G 53 -11.53 20.65 -46.05
N ARG G 54 -11.03 21.32 -45.00
CA ARG G 54 -9.76 20.96 -44.38
C ARG G 54 -9.97 20.28 -43.03
N ALA G 55 -11.18 19.75 -42.81
CA ALA G 55 -11.58 19.08 -41.59
C ALA G 55 -12.80 18.21 -41.89
N ASP G 56 -12.71 16.92 -41.60
CA ASP G 56 -13.78 15.97 -41.78
C ASP G 56 -14.90 16.17 -40.75
N ILE G 57 -14.55 16.37 -39.48
CA ILE G 57 -15.51 16.59 -38.40
C ILE G 57 -15.06 17.75 -37.52
N VAL G 58 -16.01 18.59 -37.11
CA VAL G 58 -15.75 19.70 -36.20
C VAL G 58 -16.52 19.50 -34.89
N ILE G 59 -15.82 19.62 -33.76
CA ILE G 59 -16.44 19.67 -32.44
C ILE G 59 -16.24 21.07 -31.87
N ALA G 60 -17.34 21.82 -31.70
CA ALA G 60 -17.25 23.27 -31.51
C ALA G 60 -18.53 23.79 -30.92
N PRO G 61 -18.48 24.99 -30.29
CA PRO G 61 -19.71 25.67 -29.86
C PRO G 61 -20.68 25.89 -31.03
N ASP G 62 -21.96 25.80 -30.70
CA ASP G 62 -23.14 25.77 -31.51
C ASP G 62 -23.14 26.90 -32.48
N MET G 63 -23.57 26.63 -33.73
CA MET G 63 -23.68 27.69 -34.78
C MET G 63 -24.94 27.56 -35.62
N HIS G 64 -25.65 28.67 -35.91
CA HIS G 64 -26.96 28.66 -36.57
C HIS G 64 -26.85 28.13 -38.01
N PHE G 65 -25.73 28.47 -38.67
CA PHE G 65 -25.51 27.99 -40.03
C PHE G 65 -26.55 28.51 -41.03
N ARG G 66 -27.28 27.58 -41.69
CA ARG G 66 -28.21 27.87 -42.77
C ARG G 66 -27.51 28.46 -44.00
N SER G 67 -26.18 28.52 -44.01
CA SER G 67 -25.41 29.11 -45.09
C SER G 67 -25.46 28.27 -46.36
N SER G 68 -26.28 27.19 -46.35
CA SER G 68 -26.40 26.29 -47.50
C SER G 68 -25.05 25.60 -47.81
N SER G 69 -24.22 25.57 -46.75
CA SER G 69 -22.94 24.89 -46.76
C SER G 69 -23.12 23.38 -46.67
N GLU G 70 -24.35 22.87 -46.48
CA GLU G 70 -24.61 21.42 -46.54
C GLU G 70 -23.95 20.70 -45.33
N ILE G 71 -24.20 21.34 -44.19
CA ILE G 71 -23.60 20.96 -42.91
C ILE G 71 -24.66 20.32 -42.01
N ASN G 72 -24.40 19.07 -41.62
CA ASN G 72 -25.22 18.40 -40.62
C ASN G 72 -24.58 18.65 -39.25
N SER G 73 -25.41 18.57 -38.19
CA SER G 73 -24.94 18.79 -36.82
C SER G 73 -25.75 17.99 -35.81
N ARG G 74 -25.15 17.76 -34.64
CA ARG G 74 -25.78 17.04 -33.54
C ARG G 74 -25.19 17.55 -32.22
N LYS G 75 -26.06 17.76 -31.22
CA LYS G 75 -25.63 18.30 -29.95
C LYS G 75 -24.98 17.19 -29.13
N LEU G 76 -23.82 17.49 -28.53
CA LEU G 76 -23.03 16.50 -27.80
C LEU G 76 -23.22 16.69 -26.29
N TYR G 77 -23.07 17.93 -25.81
CA TYR G 77 -23.18 18.22 -24.39
C TYR G 77 -23.21 19.74 -24.19
N THR G 78 -23.53 20.17 -22.98
CA THR G 78 -23.56 21.56 -22.59
C THR G 78 -22.34 21.90 -21.73
N LEU G 79 -21.79 23.09 -21.94
CA LEU G 79 -20.61 23.57 -21.25
C LEU G 79 -20.94 24.89 -20.57
N MET G 80 -20.45 25.07 -19.34
CA MET G 80 -20.65 26.29 -18.58
C MET G 80 -19.39 27.16 -18.66
N ASN G 81 -19.59 28.46 -18.86
CA ASN G 81 -18.52 29.46 -18.91
C ASN G 81 -18.69 30.43 -17.75
N VAL G 82 -17.62 30.61 -16.99
CA VAL G 82 -17.63 31.38 -15.75
C VAL G 82 -16.62 32.51 -15.85
N TYR G 83 -17.07 33.69 -15.43
CA TYR G 83 -16.25 34.90 -15.40
C TYR G 83 -15.44 34.86 -14.11
N VAL G 84 -14.12 34.69 -14.25
CA VAL G 84 -13.26 34.44 -13.10
C VAL G 84 -12.13 35.48 -13.06
N ALA G 85 -11.47 35.53 -11.90
CA ALA G 85 -10.29 36.33 -11.64
C ALA G 85 -9.59 35.78 -10.41
N ALA G 86 -8.31 36.14 -10.24
CA ALA G 86 -7.55 35.70 -9.09
C ALA G 86 -8.22 36.23 -7.83
N PRO G 87 -8.08 35.52 -6.70
CA PRO G 87 -8.79 35.88 -5.47
C PRO G 87 -8.49 37.31 -5.01
N ASP G 88 -7.23 37.77 -5.16
CA ASP G 88 -6.79 39.08 -4.70
C ASP G 88 -7.04 40.18 -5.73
N HIS G 89 -7.69 39.86 -6.85
CA HIS G 89 -7.93 40.87 -7.86
C HIS G 89 -8.96 41.89 -7.36
N PRO G 90 -8.73 43.21 -7.54
CA PRO G 90 -9.67 44.23 -7.07
C PRO G 90 -11.07 44.15 -7.66
N ILE G 91 -11.26 43.36 -8.73
CA ILE G 91 -12.57 43.27 -9.37
C ILE G 91 -13.60 42.72 -8.38
N HIS G 92 -13.10 41.94 -7.41
CA HIS G 92 -13.94 41.29 -6.42
C HIS G 92 -14.53 42.31 -5.45
N GLN G 93 -13.80 43.40 -5.16
CA GLN G 93 -14.26 44.43 -4.23
C GLN G 93 -15.22 45.40 -4.90
N GLU G 94 -15.62 45.14 -6.15
CA GLU G 94 -16.44 46.08 -6.88
C GLU G 94 -17.90 45.89 -6.55
N PRO G 95 -18.66 46.98 -6.29
CA PRO G 95 -20.12 46.89 -6.20
C PRO G 95 -20.75 46.45 -7.52
N GLU G 96 -20.19 46.92 -8.64
CA GLU G 96 -20.79 46.67 -9.94
C GLU G 96 -19.75 46.15 -10.92
N PRO G 97 -19.28 44.89 -10.76
CA PRO G 97 -18.17 44.40 -11.56
C PRO G 97 -18.46 44.35 -13.06
N LEU G 98 -19.74 44.25 -13.44
CA LEU G 98 -20.14 44.07 -14.82
C LEU G 98 -20.60 45.40 -15.44
N SER G 99 -20.49 46.51 -14.70
CA SER G 99 -20.85 47.81 -15.25
C SER G 99 -19.79 48.26 -16.26
N GLU G 100 -20.24 48.78 -17.40
CA GLU G 100 -19.36 49.29 -18.45
C GLU G 100 -18.35 50.28 -17.88
N VAL G 101 -18.77 51.06 -16.87
CA VAL G 101 -17.89 52.03 -16.24
C VAL G 101 -16.78 51.30 -15.47
N THR G 102 -17.10 50.11 -14.94
CA THR G 102 -16.14 49.37 -14.12
C THR G 102 -15.23 48.50 -14.99
N ARG G 103 -15.82 47.82 -15.98
CA ARG G 103 -15.11 46.82 -16.76
C ARG G 103 -13.90 47.41 -17.48
N VAL G 104 -14.05 48.65 -17.98
CA VAL G 104 -12.99 49.36 -18.66
C VAL G 104 -11.77 49.52 -17.75
N LYS G 105 -11.97 49.55 -16.43
CA LYS G 105 -10.86 49.80 -15.52
C LYS G 105 -9.88 48.62 -15.49
N TYR G 106 -10.35 47.41 -15.82
CA TYR G 106 -9.55 46.20 -15.62
C TYR G 106 -9.28 45.47 -16.93
N ARG G 107 -8.13 44.79 -17.01
CA ARG G 107 -7.67 44.18 -18.24
C ARG G 107 -8.48 42.94 -18.58
N GLY G 108 -9.03 42.87 -19.79
CA GLY G 108 -9.62 41.64 -20.30
C GLY G 108 -8.57 40.74 -20.95
N ILE G 109 -8.89 39.45 -21.08
CA ILE G 109 -7.97 38.50 -21.70
C ILE G 109 -8.76 37.72 -22.75
N ALA G 110 -8.24 37.73 -23.99
CA ALA G 110 -8.87 37.13 -25.15
C ALA G 110 -7.97 36.04 -25.73
N VAL G 111 -8.62 34.98 -26.21
CA VAL G 111 -7.99 33.98 -27.06
C VAL G 111 -8.28 34.39 -28.51
N ALA G 112 -7.23 34.60 -29.31
CA ALA G 112 -7.36 35.08 -30.68
C ALA G 112 -8.03 34.03 -31.55
N ASP G 113 -8.79 34.49 -32.57
CA ASP G 113 -9.67 33.60 -33.34
C ASP G 113 -9.01 33.29 -34.68
N THR G 114 -8.72 32.00 -34.94
CA THR G 114 -7.81 31.51 -35.97
C THR G 114 -6.45 32.24 -35.98
N ALA G 115 -5.91 32.38 -34.78
CA ALA G 115 -4.80 33.28 -34.43
C ALA G 115 -5.28 34.73 -34.37
N ARG G 116 -4.37 35.72 -34.22
CA ARG G 116 -4.78 37.13 -34.09
C ARG G 116 -5.51 37.68 -35.36
N GLU G 117 -6.65 37.06 -35.67
CA GLU G 117 -7.19 37.03 -37.04
C GLU G 117 -8.66 37.47 -37.08
N ARG G 118 -9.15 38.11 -36.00
CA ARG G 118 -10.57 38.26 -35.78
C ARG G 118 -10.83 39.19 -34.60
N PRO G 119 -11.81 40.13 -34.71
CA PRO G 119 -12.38 40.85 -33.55
C PRO G 119 -12.99 39.89 -32.51
N VAL G 120 -12.45 39.94 -31.29
CA VAL G 120 -12.67 38.90 -30.29
C VAL G 120 -14.17 38.69 -30.06
N LEU G 121 -14.60 37.42 -29.97
CA LEU G 121 -16.00 37.13 -29.74
C LEU G 121 -16.10 36.45 -28.37
N THR G 122 -16.44 37.28 -27.37
CA THR G 122 -16.31 36.99 -25.94
C THR G 122 -17.67 37.32 -25.30
N VAL G 123 -17.86 36.84 -24.06
CA VAL G 123 -19.05 37.17 -23.28
C VAL G 123 -18.94 38.59 -22.75
N GLN G 124 -17.75 39.24 -22.80
CA GLN G 124 -17.50 40.53 -22.16
C GLN G 124 -16.24 41.22 -22.71
N LEU G 125 -16.37 42.47 -23.20
CA LEU G 125 -15.26 43.26 -23.74
C LEU G 125 -15.75 44.69 -24.02
N LEU G 126 -14.88 45.73 -23.79
CA LEU G 126 -15.24 47.09 -24.14
C LEU G 126 -14.10 47.83 -24.85
N ASP G 127 -14.46 48.79 -25.71
CA ASP G 127 -13.46 49.67 -26.30
C ASP G 127 -12.69 50.42 -25.22
N LYS G 128 -11.44 50.82 -25.52
CA LYS G 128 -10.64 51.60 -24.57
C LYS G 128 -10.23 50.75 -23.36
N GLN G 129 -10.73 49.50 -23.28
CA GLN G 129 -10.42 48.61 -22.16
C GLN G 129 -9.06 47.95 -22.42
N PRO G 130 -8.17 47.89 -21.42
CA PRO G 130 -6.90 47.17 -21.57
C PRO G 130 -7.17 45.69 -21.82
N ARG G 131 -6.31 45.05 -22.63
CA ARG G 131 -6.49 43.67 -22.98
C ARG G 131 -5.15 42.99 -23.17
N LEU G 132 -5.12 41.67 -22.93
CA LEU G 132 -4.03 40.80 -23.35
C LEU G 132 -4.64 39.73 -24.25
N THR G 133 -3.91 39.35 -25.29
CA THR G 133 -4.40 38.39 -26.26
C THR G 133 -3.41 37.23 -26.29
N VAL G 134 -3.95 36.00 -26.21
CA VAL G 134 -3.18 34.78 -26.24
C VAL G 134 -3.83 33.83 -27.23
N SER G 135 -3.13 32.74 -27.58
CA SER G 135 -3.55 31.82 -28.61
C SER G 135 -4.25 30.61 -28.00
N THR G 136 -3.93 30.28 -26.74
CA THR G 136 -4.37 29.04 -26.13
C THR G 136 -5.18 29.32 -24.88
N ILE G 137 -6.03 28.35 -24.52
CA ILE G 137 -6.91 28.48 -23.37
C ILE G 137 -6.05 28.30 -22.12
N GLU G 138 -4.95 27.54 -22.23
CA GLU G 138 -4.03 27.32 -21.12
C GLU G 138 -3.31 28.63 -20.78
N ASP G 139 -2.77 29.31 -21.79
CA ASP G 139 -2.09 30.58 -21.61
C ASP G 139 -3.05 31.58 -20.93
N LYS G 140 -4.32 31.56 -21.33
CA LYS G 140 -5.30 32.45 -20.74
C LYS G 140 -5.51 32.10 -19.26
N ARG G 141 -5.46 30.79 -18.95
CA ARG G 141 -5.64 30.34 -17.57
C ARG G 141 -4.49 30.85 -16.71
N GLN G 142 -3.26 30.68 -17.20
CA GLN G 142 -2.07 31.09 -16.46
C GLN G 142 -2.09 32.59 -16.20
N ALA G 143 -2.47 33.37 -17.22
CA ALA G 143 -2.61 34.82 -17.08
C ALA G 143 -3.59 35.16 -15.97
N LEU G 144 -4.72 34.44 -15.93
CA LEU G 144 -5.73 34.68 -14.90
C LEU G 144 -5.20 34.30 -13.52
N LEU G 145 -4.52 33.14 -13.43
CA LEU G 145 -3.91 32.69 -12.18
C LEU G 145 -2.92 33.72 -11.66
N ALA G 146 -2.23 34.42 -12.57
CA ALA G 146 -1.18 35.38 -12.21
C ALA G 146 -1.78 36.76 -11.90
N GLY G 147 -3.11 36.89 -11.90
CA GLY G 147 -3.75 38.12 -11.46
C GLY G 147 -3.76 39.22 -12.53
N LEU G 148 -3.49 38.89 -13.80
CA LEU G 148 -3.22 39.88 -14.84
C LEU G 148 -4.49 40.38 -15.51
N GLY G 149 -5.66 39.86 -15.13
CA GLY G 149 -6.89 40.32 -15.77
C GLY G 149 -8.11 39.52 -15.34
N VAL G 150 -9.24 39.78 -16.04
CA VAL G 150 -10.52 39.15 -15.78
C VAL G 150 -11.08 38.62 -17.09
N ALA G 151 -11.49 37.34 -17.10
CA ALA G 151 -11.95 36.72 -18.33
C ALA G 151 -12.82 35.50 -18.03
N THR G 152 -13.60 35.11 -19.04
CA THR G 152 -14.42 33.91 -19.00
C THR G 152 -13.54 32.68 -19.20
N MET G 153 -13.91 31.57 -18.56
CA MET G 153 -13.22 30.30 -18.72
C MET G 153 -14.23 29.16 -18.71
N PRO G 154 -13.94 28.03 -19.40
CA PRO G 154 -14.76 26.82 -19.28
C PRO G 154 -14.66 26.26 -17.85
N TYR G 155 -15.82 26.05 -17.20
CA TYR G 155 -15.88 25.69 -15.79
C TYR G 155 -15.02 24.48 -15.48
N PRO G 156 -15.08 23.38 -16.27
CA PRO G 156 -14.25 22.21 -15.97
C PRO G 156 -12.77 22.52 -15.84
N MET G 157 -12.27 23.49 -16.62
CA MET G 157 -10.85 23.80 -16.65
C MET G 157 -10.43 24.62 -15.42
N VAL G 158 -11.37 25.25 -14.72
CA VAL G 158 -11.07 26.05 -13.53
C VAL G 158 -11.82 25.58 -12.29
N GLU G 159 -12.48 24.41 -12.35
CA GLU G 159 -13.26 23.92 -11.23
C GLU G 159 -12.35 23.70 -10.03
N LYS G 160 -11.23 23.02 -10.25
CA LYS G 160 -10.27 22.75 -9.19
C LYS G 160 -9.67 24.08 -8.69
N ASP G 161 -9.42 25.01 -9.60
CA ASP G 161 -8.84 26.30 -9.26
C ASP G 161 -9.76 27.04 -8.29
N ILE G 162 -11.07 26.97 -8.52
CA ILE G 162 -12.03 27.68 -7.68
C ILE G 162 -12.11 27.00 -6.32
N ALA G 163 -12.13 25.66 -6.34
CA ALA G 163 -12.15 24.87 -5.11
C ALA G 163 -10.93 25.21 -4.25
N GLU G 164 -9.74 25.16 -4.85
CA GLU G 164 -8.48 25.32 -4.12
C GLU G 164 -8.08 26.79 -3.97
N GLY G 165 -9.01 27.69 -4.24
CA GLY G 165 -8.84 29.12 -3.95
C GLY G 165 -7.78 29.82 -4.80
N ARG G 166 -7.42 29.25 -5.98
CA ARG G 166 -6.52 29.91 -6.90
C ARG G 166 -7.27 30.87 -7.83
N LEU G 167 -8.58 30.64 -8.03
CA LEU G 167 -9.45 31.54 -8.79
C LEU G 167 -10.77 31.69 -8.05
N ARG G 168 -11.58 32.68 -8.46
CA ARG G 168 -12.84 32.96 -7.80
C ARG G 168 -13.79 33.55 -8.82
N VAL G 169 -15.05 33.10 -8.80
CA VAL G 169 -16.06 33.53 -9.78
C VAL G 169 -16.39 34.99 -9.47
N VAL G 170 -16.34 35.84 -10.49
CA VAL G 170 -16.48 37.27 -10.27
C VAL G 170 -17.92 37.55 -9.88
N SER G 171 -18.82 37.07 -10.75
CA SER G 171 -20.25 37.30 -10.60
C SER G 171 -20.97 36.19 -11.34
N PRO G 172 -21.98 35.56 -10.70
CA PRO G 172 -22.73 34.47 -11.33
C PRO G 172 -23.59 34.94 -12.50
N GLU G 173 -23.91 36.24 -12.52
CA GLU G 173 -24.79 36.82 -13.52
C GLU G 173 -24.22 36.62 -14.92
N SER G 174 -22.88 36.61 -15.03
CA SER G 174 -22.21 36.51 -16.32
C SER G 174 -22.03 35.07 -16.81
N THR G 175 -22.38 34.09 -15.95
CA THR G 175 -22.21 32.70 -16.30
C THR G 175 -23.15 32.38 -17.47
N SER G 176 -22.62 31.69 -18.49
CA SER G 176 -23.38 31.36 -19.69
C SER G 176 -23.20 29.89 -20.02
N GLU G 177 -24.18 29.32 -20.74
CA GLU G 177 -24.16 27.93 -21.17
C GLU G 177 -23.99 27.89 -22.68
N ILE G 178 -23.13 26.98 -23.15
CA ILE G 178 -22.86 26.83 -24.58
C ILE G 178 -23.10 25.38 -24.94
N ASP G 179 -23.84 25.13 -26.01
CA ASP G 179 -24.01 23.80 -26.57
C ASP G 179 -22.80 23.46 -27.41
N ILE G 180 -22.14 22.34 -27.11
CA ILE G 180 -21.03 21.84 -27.91
C ILE G 180 -21.63 20.83 -28.90
N ILE G 181 -21.44 21.09 -30.21
CA ILE G 181 -22.02 20.25 -31.25
C ILE G 181 -20.94 19.55 -32.04
N MET G 182 -21.33 18.42 -32.66
CA MET G 182 -20.54 17.75 -33.67
C MET G 182 -21.14 18.09 -35.03
N ALA G 183 -20.30 18.57 -35.95
CA ALA G 183 -20.72 19.01 -37.26
C ALA G 183 -19.84 18.37 -38.33
N TRP G 184 -20.43 18.14 -39.52
CA TRP G 184 -19.73 17.61 -40.66
C TRP G 184 -20.46 18.03 -41.94
N ARG G 185 -19.84 17.71 -43.08
CA ARG G 185 -20.42 18.02 -44.38
C ARG G 185 -20.92 16.72 -44.98
N ARG G 186 -22.08 16.80 -45.65
CA ARG G 186 -22.76 15.63 -46.16
C ARG G 186 -22.21 15.21 -47.52
N ASP G 187 -21.36 16.03 -48.17
CA ASP G 187 -20.92 15.78 -49.54
C ASP G 187 -19.90 14.65 -49.63
N SER G 188 -19.59 14.00 -48.50
CA SER G 188 -18.65 12.89 -48.44
C SER G 188 -18.94 12.06 -47.18
N MET G 189 -18.68 10.75 -47.23
CA MET G 189 -19.02 9.87 -46.13
C MET G 189 -18.13 8.63 -46.09
N GLY G 190 -16.82 8.84 -45.90
CA GLY G 190 -15.87 7.75 -45.88
C GLY G 190 -16.18 6.78 -44.74
N GLU G 191 -15.49 5.64 -44.73
CA GLU G 191 -15.62 4.62 -43.69
C GLU G 191 -15.32 5.21 -42.32
N ALA G 192 -14.12 5.81 -42.19
CA ALA G 192 -13.61 6.29 -40.92
C ALA G 192 -14.50 7.41 -40.41
N LYS G 193 -14.85 8.34 -41.32
CA LYS G 193 -15.66 9.48 -40.95
C LYS G 193 -17.00 9.00 -40.41
N SER G 194 -17.63 8.04 -41.10
CA SER G 194 -18.93 7.51 -40.71
C SER G 194 -18.83 6.88 -39.32
N TRP G 195 -17.79 6.07 -39.12
CA TRP G 195 -17.58 5.40 -37.86
C TRP G 195 -17.42 6.40 -36.70
N CYS G 196 -16.60 7.45 -36.91
CA CYS G 196 -16.39 8.47 -35.89
C CYS G 196 -17.70 9.17 -35.56
N LEU G 197 -18.50 9.50 -36.58
CA LEU G 197 -19.77 10.19 -36.35
C LEU G 197 -20.68 9.37 -35.42
N ARG G 198 -20.45 8.05 -35.36
CA ARG G 198 -21.29 7.18 -34.54
C ARG G 198 -20.68 7.06 -33.14
N GLU G 199 -19.35 7.00 -33.08
CA GLU G 199 -18.61 6.78 -31.84
C GLU G 199 -18.53 8.05 -31.00
N ILE G 200 -18.39 9.21 -31.63
CA ILE G 200 -18.14 10.44 -30.88
C ILE G 200 -19.25 10.74 -29.89
N PRO G 201 -20.54 10.70 -30.26
CA PRO G 201 -21.61 10.88 -29.28
C PRO G 201 -21.56 9.94 -28.09
N LYS G 202 -21.05 8.72 -28.30
CA LYS G 202 -20.94 7.72 -27.24
C LYS G 202 -19.91 8.17 -26.19
N LEU G 203 -18.93 8.98 -26.57
CA LEU G 203 -17.91 9.46 -25.64
C LEU G 203 -18.53 10.39 -24.60
N PHE G 204 -19.72 10.95 -24.87
CA PHE G 204 -20.30 11.99 -24.03
C PHE G 204 -21.69 11.63 -23.53
N ASN G 205 -22.07 10.34 -23.61
CA ASN G 205 -23.41 9.91 -23.23
C ASN G 205 -23.73 10.22 -21.76
N GLY G 206 -24.90 10.85 -21.57
CA GLY G 206 -25.39 11.22 -20.25
C GLY G 206 -25.09 12.68 -19.90
N LYS G 207 -24.17 13.31 -20.66
CA LYS G 207 -23.80 14.70 -20.48
C LYS G 207 -24.52 15.51 -21.56
N HIS H 3 2.05 56.96 -25.60
CA HIS H 3 1.12 57.84 -24.79
C HIS H 3 -0.34 57.39 -24.92
N MET H 4 -0.91 57.41 -26.15
CA MET H 4 -2.17 56.75 -26.47
C MET H 4 -1.93 55.25 -26.70
N GLU H 5 -3.05 54.52 -26.91
CA GLU H 5 -3.01 53.08 -27.06
C GLU H 5 -2.03 52.63 -28.17
N THR H 6 -1.34 51.52 -27.92
CA THR H 6 -0.45 50.84 -28.87
C THR H 6 -0.67 49.33 -28.75
N HIS H 7 -0.40 48.61 -29.87
CA HIS H 7 -0.59 47.18 -29.88
C HIS H 7 0.67 46.51 -30.40
N LEU H 8 1.28 45.67 -29.57
CA LEU H 8 2.46 44.91 -29.99
C LEU H 8 2.11 43.41 -30.00
N THR H 9 2.60 42.71 -31.01
CA THR H 9 2.33 41.28 -31.18
C THR H 9 3.66 40.53 -31.10
N ILE H 10 3.82 39.75 -30.03
CA ILE H 10 4.92 38.84 -29.84
C ILE H 10 4.40 37.45 -30.19
N VAL H 11 5.19 36.72 -30.98
CA VAL H 11 4.91 35.34 -31.30
C VAL H 11 5.88 34.45 -30.54
N THR H 12 5.35 33.55 -29.72
CA THR H 12 6.15 32.53 -29.03
C THR H 12 5.85 31.16 -29.63
N GLU H 13 6.89 30.51 -30.17
CA GLU H 13 6.72 29.20 -30.78
C GLU H 13 6.30 28.20 -29.70
N ALA H 14 5.70 27.09 -30.11
CA ALA H 14 5.02 26.16 -29.20
C ALA H 14 5.95 25.69 -28.09
N LEU H 15 7.25 25.52 -28.40
CA LEU H 15 8.26 25.06 -27.45
C LEU H 15 8.52 26.10 -26.37
N VAL H 16 8.09 27.35 -26.59
CA VAL H 16 8.43 28.45 -25.70
C VAL H 16 7.24 28.75 -24.79
N PRO H 17 7.38 28.62 -23.46
CA PRO H 17 6.31 28.99 -22.53
C PRO H 17 5.92 30.47 -22.63
N THR H 18 4.69 30.72 -23.04
CA THR H 18 4.12 32.06 -23.11
C THR H 18 4.17 32.75 -21.75
N PRO H 19 3.84 32.08 -20.61
CA PRO H 19 3.85 32.76 -19.32
C PRO H 19 5.15 33.43 -18.90
N ALA H 20 6.26 33.01 -19.50
CA ALA H 20 7.55 33.63 -19.20
C ALA H 20 7.58 35.11 -19.60
N PHE H 21 6.65 35.55 -20.47
CA PHE H 21 6.58 36.92 -20.96
C PHE H 21 5.54 37.74 -20.21
N PHE H 22 4.93 37.17 -19.17
CA PHE H 22 3.85 37.85 -18.47
C PHE H 22 4.36 39.07 -17.72
N PRO H 23 5.57 39.05 -17.10
CA PRO H 23 6.12 40.26 -16.46
C PRO H 23 6.06 41.53 -17.31
N LEU H 24 6.17 41.39 -18.63
CA LEU H 24 6.14 42.51 -19.57
C LEU H 24 4.82 43.27 -19.52
N ILE H 25 3.72 42.60 -19.15
CA ILE H 25 2.38 43.12 -19.42
C ILE H 25 2.13 44.42 -18.66
N ASP H 26 2.26 44.37 -17.34
CA ASP H 26 2.05 45.51 -16.46
C ASP H 26 3.04 46.63 -16.79
N LYS H 27 4.31 46.29 -17.01
CA LYS H 27 5.35 47.25 -17.30
C LYS H 27 5.03 47.97 -18.60
N LEU H 28 4.58 47.23 -19.61
CA LEU H 28 4.26 47.83 -20.89
C LEU H 28 3.06 48.78 -20.77
N ALA H 29 2.17 48.53 -19.82
CA ALA H 29 0.99 49.37 -19.61
C ALA H 29 1.39 50.69 -18.96
N ALA H 30 2.51 50.70 -18.21
CA ALA H 30 3.03 51.89 -17.56
C ALA H 30 3.99 52.65 -18.49
N LYS H 31 4.86 51.90 -19.20
CA LYS H 31 5.86 52.49 -20.08
C LYS H 31 5.18 53.25 -21.22
N ALA H 32 4.16 52.63 -21.81
CA ALA H 32 3.34 53.22 -22.87
C ALA H 32 1.90 52.78 -22.62
N ASN H 33 1.01 53.00 -23.58
CA ASN H 33 -0.37 52.55 -23.43
C ASN H 33 -0.53 51.24 -24.19
N THR H 34 0.51 50.40 -24.19
CA THR H 34 0.62 49.30 -25.13
C THR H 34 -0.08 48.04 -24.63
N GLN H 35 -0.96 47.47 -25.49
CA GLN H 35 -1.64 46.23 -25.23
C GLN H 35 -0.85 45.13 -25.92
N LEU H 36 -0.55 44.08 -25.17
CA LEU H 36 0.29 43.00 -25.65
C LEU H 36 -0.55 41.84 -26.18
N ALA H 37 -0.03 41.20 -27.24
CA ALA H 37 -0.60 39.96 -27.76
C ALA H 37 0.52 38.95 -27.90
N ILE H 38 0.47 37.88 -27.08
CA ILE H 38 1.50 36.86 -27.12
C ILE H 38 0.89 35.60 -27.73
N ILE H 39 1.14 35.39 -29.03
CA ILE H 39 0.46 34.45 -29.90
C ILE H 39 1.38 33.25 -30.06
N THR H 40 0.76 32.05 -30.09
CA THR H 40 1.53 30.83 -30.23
C THR H 40 1.44 30.35 -31.67
N GLU H 41 2.58 29.89 -32.19
CA GLU H 41 2.67 29.30 -33.51
C GLU H 41 3.60 28.10 -33.44
N VAL H 42 3.63 27.29 -34.50
CA VAL H 42 4.41 26.06 -34.50
C VAL H 42 5.43 26.12 -35.61
N LEU H 43 6.70 25.88 -35.27
CA LEU H 43 7.85 25.84 -36.17
C LEU H 43 7.77 26.97 -37.20
N ALA H 44 7.65 26.60 -38.49
CA ALA H 44 7.78 27.53 -39.59
C ALA H 44 6.68 28.60 -39.56
N GLY H 45 5.53 28.27 -38.95
CA GLY H 45 4.42 29.20 -38.82
C GLY H 45 4.81 30.47 -38.06
N ALA H 46 5.75 30.33 -37.13
CA ALA H 46 6.23 31.47 -36.35
C ALA H 46 7.04 32.40 -37.26
N TRP H 47 7.92 31.84 -38.09
CA TRP H 47 8.75 32.60 -38.99
C TRP H 47 7.91 33.26 -40.09
N GLU H 48 6.94 32.50 -40.60
CA GLU H 48 6.07 32.98 -41.65
C GLU H 48 5.37 34.26 -41.21
N ARG H 49 4.92 34.29 -39.95
CA ARG H 49 4.30 35.48 -39.40
C ARG H 49 5.27 36.67 -39.49
N LEU H 50 6.57 36.41 -39.24
CA LEU H 50 7.55 37.50 -39.22
C LEU H 50 7.79 38.02 -40.64
N GLU H 51 7.98 37.09 -41.59
CA GLU H 51 8.18 37.42 -43.00
C GLU H 51 7.01 38.22 -43.53
N GLN H 52 5.78 37.77 -43.25
CA GLN H 52 4.58 38.42 -43.76
C GLN H 52 4.25 39.71 -42.98
N GLY H 53 5.12 40.11 -42.05
CA GLY H 53 4.94 41.35 -41.31
C GLY H 53 3.72 41.31 -40.39
N ARG H 54 3.36 40.11 -39.89
CA ARG H 54 2.21 39.98 -39.01
C ARG H 54 2.65 39.74 -37.56
N ALA H 55 3.91 40.07 -37.24
CA ALA H 55 4.44 39.86 -35.89
C ALA H 55 5.62 40.81 -35.68
N ASP H 56 5.56 41.61 -34.60
CA ASP H 56 6.63 42.54 -34.27
C ASP H 56 7.89 41.83 -33.77
N ILE H 57 7.75 40.83 -32.88
CA ILE H 57 8.88 40.04 -32.40
C ILE H 57 8.51 38.56 -32.41
N VAL H 58 9.46 37.69 -32.75
CA VAL H 58 9.28 36.24 -32.73
C VAL H 58 10.28 35.62 -31.74
N ILE H 59 9.79 34.76 -30.83
CA ILE H 59 10.63 33.94 -29.97
C ILE H 59 10.44 32.48 -30.41
N ALA H 60 11.50 31.87 -30.95
CA ALA H 60 11.36 30.59 -31.64
C ALA H 60 12.70 29.87 -31.69
N PRO H 61 12.70 28.55 -31.91
CA PRO H 61 13.94 27.81 -32.20
C PRO H 61 14.68 28.41 -33.39
N ASP H 62 16.01 28.40 -33.34
CA ASP H 62 16.84 28.87 -34.43
C ASP H 62 16.56 28.04 -35.69
N MET H 63 16.43 28.72 -36.84
CA MET H 63 15.96 28.10 -38.09
C MET H 63 16.62 28.79 -39.29
N HIS H 64 16.85 28.02 -40.37
CA HIS H 64 17.84 28.30 -41.42
C HIS H 64 17.51 29.55 -42.22
N PHE H 65 16.22 29.90 -42.31
CA PHE H 65 15.79 31.14 -42.92
C PHE H 65 16.31 32.38 -42.21
N ARG H 66 16.90 32.28 -41.01
CA ARG H 66 17.42 33.41 -40.22
C ARG H 66 18.47 34.24 -40.97
N SER H 67 19.10 33.68 -42.01
CA SER H 67 20.15 34.37 -42.76
C SER H 67 19.57 35.52 -43.60
N SER H 68 18.25 35.76 -43.50
CA SER H 68 17.57 36.77 -44.29
C SER H 68 18.02 38.16 -43.86
N SER H 69 18.19 39.07 -44.81
CA SER H 69 18.85 40.33 -44.62
C SER H 69 17.99 41.32 -43.85
N GLU H 70 16.65 41.13 -43.81
CA GLU H 70 15.78 42.09 -43.14
C GLU H 70 15.63 41.74 -41.66
N ILE H 71 16.15 40.59 -41.21
CA ILE H 71 15.80 40.04 -39.91
C ILE H 71 17.03 40.07 -39.02
N ASN H 72 16.91 40.78 -37.89
CA ASN H 72 17.93 40.68 -36.85
C ASN H 72 17.51 39.58 -35.88
N SER H 73 18.49 38.96 -35.20
CA SER H 73 18.23 37.88 -34.26
C SER H 73 19.28 37.85 -33.16
N ARG H 74 18.92 37.26 -32.01
CA ARG H 74 19.79 37.18 -30.85
C ARG H 74 19.40 35.96 -30.02
N LYS H 75 20.41 35.21 -29.54
CA LYS H 75 20.17 34.00 -28.78
C LYS H 75 19.73 34.35 -27.37
N LEU H 76 18.66 33.71 -26.88
CA LEU H 76 18.08 34.01 -25.58
C LEU H 76 18.48 32.96 -24.54
N TYR H 77 18.33 31.68 -24.90
CA TYR H 77 18.63 30.59 -24.00
C TYR H 77 18.64 29.29 -24.78
N THR H 78 19.11 28.24 -24.12
CA THR H 78 19.11 26.90 -24.66
C THR H 78 18.05 26.07 -23.95
N LEU H 79 17.33 25.24 -24.74
CA LEU H 79 16.25 24.39 -24.23
C LEU H 79 16.61 22.94 -24.56
N MET H 80 16.30 22.06 -23.60
CA MET H 80 16.60 20.65 -23.70
C MET H 80 15.33 19.89 -24.10
N ASN H 81 15.50 18.95 -25.05
CA ASN H 81 14.42 18.14 -25.59
C ASN H 81 14.72 16.67 -25.28
N VAL H 82 13.70 15.98 -24.72
CA VAL H 82 13.86 14.60 -24.30
C VAL H 82 12.82 13.75 -25.02
N TYR H 83 13.27 12.60 -25.53
CA TYR H 83 12.42 11.60 -26.13
C TYR H 83 11.83 10.75 -25.02
N VAL H 84 10.51 10.89 -24.82
CA VAL H 84 9.84 10.28 -23.68
C VAL H 84 8.70 9.39 -24.16
N ALA H 85 8.23 8.55 -23.22
CA ALA H 85 7.08 7.69 -23.36
C ALA H 85 6.60 7.29 -21.97
N ALA H 86 5.35 6.81 -21.88
CA ALA H 86 4.79 6.39 -20.62
C ALA H 86 5.61 5.22 -20.10
N PRO H 87 5.69 5.04 -18.76
CA PRO H 87 6.52 4.00 -18.17
C PRO H 87 6.21 2.60 -18.70
N ASP H 88 4.90 2.29 -18.93
CA ASP H 88 4.51 0.95 -19.35
C ASP H 88 4.56 0.77 -20.88
N HIS H 89 5.07 1.76 -21.60
CA HIS H 89 5.14 1.65 -23.05
C HIS H 89 6.17 0.60 -23.45
N PRO H 90 5.87 -0.30 -24.41
CA PRO H 90 6.82 -1.33 -24.83
C PRO H 90 8.13 -0.82 -25.42
N ILE H 91 8.21 0.48 -25.74
CA ILE H 91 9.42 1.04 -26.35
C ILE H 91 10.58 0.88 -25.38
N HIS H 92 10.26 0.85 -24.07
CA HIS H 92 11.25 0.75 -23.01
C HIS H 92 11.95 -0.62 -23.02
N GLN H 93 11.21 -1.68 -23.40
CA GLN H 93 11.77 -3.03 -23.44
C GLN H 93 12.57 -3.28 -24.72
N GLU H 94 12.80 -2.27 -25.53
CA GLU H 94 13.40 -2.48 -26.84
C GLU H 94 14.92 -2.41 -26.69
N PRO H 95 15.68 -3.38 -27.27
CA PRO H 95 17.13 -3.30 -27.29
C PRO H 95 17.67 -2.07 -28.02
N GLU H 96 16.98 -1.68 -29.10
CA GLU H 96 17.46 -0.61 -29.97
C GLU H 96 16.32 0.38 -30.20
N PRO H 97 15.89 1.17 -29.18
CA PRO H 97 14.67 1.95 -29.30
C PRO H 97 14.69 3.01 -30.41
N LEU H 98 15.88 3.45 -30.81
CA LEU H 98 16.05 4.54 -31.75
C LEU H 98 16.41 4.02 -33.13
N SER H 99 16.41 2.69 -33.31
CA SER H 99 16.68 2.10 -34.63
C SER H 99 15.47 2.33 -35.53
N GLU H 100 15.73 2.72 -36.78
CA GLU H 100 14.71 2.92 -37.81
C GLU H 100 13.78 1.71 -37.89
N VAL H 101 14.34 0.52 -37.70
CA VAL H 101 13.56 -0.72 -37.77
C VAL H 101 12.60 -0.77 -36.58
N THR H 102 13.00 -0.19 -35.43
CA THR H 102 12.18 -0.26 -34.23
C THR H 102 11.15 0.88 -34.21
N ARG H 103 11.59 2.10 -34.57
CA ARG H 103 10.76 3.28 -34.42
C ARG H 103 9.46 3.18 -35.21
N VAL H 104 9.54 2.58 -36.40
CA VAL H 104 8.38 2.37 -37.26
C VAL H 104 7.31 1.55 -36.53
N LYS H 105 7.70 0.71 -35.58
CA LYS H 105 6.75 -0.18 -34.94
C LYS H 105 5.79 0.60 -34.03
N TYR H 106 6.20 1.79 -33.55
CA TYR H 106 5.47 2.50 -32.52
C TYR H 106 4.99 3.86 -33.03
N ARG H 107 3.86 4.33 -32.47
CA ARG H 107 3.21 5.53 -32.98
C ARG H 107 3.98 6.77 -32.54
N GLY H 108 4.33 7.64 -33.50
CA GLY H 108 4.85 8.96 -33.17
C GLY H 108 3.73 9.96 -32.91
N ILE H 109 4.06 11.07 -32.24
CA ILE H 109 3.11 12.15 -32.00
C ILE H 109 3.75 13.45 -32.47
N ALA H 110 3.03 14.16 -33.34
CA ALA H 110 3.49 15.40 -33.95
C ALA H 110 2.56 16.57 -33.58
N VAL H 111 3.17 17.73 -33.40
CA VAL H 111 2.44 18.98 -33.21
C VAL H 111 2.42 19.68 -34.56
N ALA H 112 1.24 19.89 -35.16
CA ALA H 112 1.11 20.47 -36.48
C ALA H 112 0.99 21.97 -36.30
N ASP H 113 0.37 22.65 -37.31
CA ASP H 113 0.10 24.08 -37.33
C ASP H 113 1.38 24.90 -37.58
N THR H 114 2.24 24.35 -38.45
CA THR H 114 3.57 24.85 -38.76
C THR H 114 3.57 25.58 -40.11
N ALA H 115 2.39 26.06 -40.57
CA ALA H 115 2.26 26.82 -41.82
C ALA H 115 2.61 26.00 -43.07
N ARG H 116 3.26 26.59 -44.10
CA ARG H 116 3.81 25.87 -45.23
C ARG H 116 5.33 25.71 -45.04
N GLU H 117 5.80 24.46 -44.89
CA GLU H 117 7.20 24.13 -44.70
C GLU H 117 7.38 22.61 -44.81
N ARG H 118 8.61 22.15 -44.64
CA ARG H 118 8.98 20.73 -44.64
C ARG H 118 9.25 20.27 -43.21
N PRO H 119 8.23 19.88 -42.42
CA PRO H 119 8.37 19.54 -41.01
C PRO H 119 9.38 18.43 -40.70
N VAL H 120 10.40 18.79 -39.91
CA VAL H 120 11.54 17.92 -39.63
C VAL H 120 11.83 17.92 -38.12
N LEU H 121 10.79 17.83 -37.30
CA LEU H 121 10.92 17.68 -35.85
C LEU H 121 11.99 16.64 -35.47
N THR H 122 12.64 16.89 -34.33
CA THR H 122 13.63 15.98 -33.73
C THR H 122 13.10 14.54 -33.71
N VAL H 123 14.03 13.57 -33.82
CA VAL H 123 13.68 12.16 -33.97
C VAL H 123 12.66 12.06 -35.13
N GLN H 124 13.10 12.61 -36.27
CA GLN H 124 12.33 12.74 -37.51
C GLN H 124 11.40 11.55 -37.81
N LEU H 125 10.09 11.82 -37.79
CA LEU H 125 9.05 10.81 -37.89
C LEU H 125 9.19 10.15 -39.27
N LEU H 126 9.06 8.82 -39.34
CA LEU H 126 9.39 8.09 -40.56
C LEU H 126 8.12 7.69 -41.31
N ASP H 127 8.25 7.53 -42.64
CA ASP H 127 7.19 7.00 -43.46
C ASP H 127 6.78 5.60 -42.98
N LYS H 128 5.55 5.21 -43.26
CA LYS H 128 5.01 3.91 -42.85
C LYS H 128 4.84 3.83 -41.33
N GLN H 129 5.31 4.85 -40.58
CA GLN H 129 5.22 4.84 -39.12
C GLN H 129 3.85 5.38 -38.72
N PRO H 130 3.13 4.73 -37.79
CA PRO H 130 1.86 5.27 -37.28
C PRO H 130 2.12 6.61 -36.58
N ARG H 131 1.16 7.53 -36.67
CA ARG H 131 1.32 8.85 -36.07
C ARG H 131 -0.03 9.37 -35.60
N LEU H 132 0.00 10.21 -34.55
CA LEU H 132 -1.12 11.05 -34.14
C LEU H 132 -0.63 12.50 -34.22
N THR H 133 -1.51 13.39 -34.67
CA THR H 133 -1.15 14.77 -34.88
C THR H 133 -2.08 15.62 -34.02
N VAL H 134 -1.48 16.57 -33.27
CA VAL H 134 -2.21 17.49 -32.41
C VAL H 134 -1.69 18.90 -32.67
N SER H 135 -2.39 19.92 -32.15
CA SER H 135 -2.07 21.31 -32.45
C SER H 135 -1.22 21.93 -31.35
N THR H 136 -1.32 21.41 -30.13
CA THR H 136 -0.74 22.04 -28.97
C THR H 136 0.24 21.09 -28.27
N ILE H 137 1.17 21.67 -27.54
CA ILE H 137 2.20 20.91 -26.87
C ILE H 137 1.57 20.22 -25.66
N GLU H 138 0.51 20.81 -25.10
CA GLU H 138 -0.22 20.22 -23.98
C GLU H 138 -0.94 18.94 -24.42
N ASP H 139 -1.66 19.02 -25.55
CA ASP H 139 -2.35 17.86 -26.11
C ASP H 139 -1.34 16.73 -26.36
N LYS H 140 -0.15 17.08 -26.83
CA LYS H 140 0.88 16.08 -27.08
C LYS H 140 1.33 15.45 -25.77
N ARG H 141 1.38 16.26 -24.70
CA ARG H 141 1.80 15.76 -23.40
C ARG H 141 0.79 14.74 -22.89
N GLN H 142 -0.50 15.10 -22.98
CA GLN H 142 -1.56 14.23 -22.50
C GLN H 142 -1.58 12.90 -23.25
N ALA H 143 -1.40 12.96 -24.56
CA ALA H 143 -1.31 11.78 -25.40
C ALA H 143 -0.17 10.87 -24.92
N LEU H 144 0.99 11.48 -24.59
CA LEU H 144 2.14 10.72 -24.12
C LEU H 144 1.85 10.10 -22.75
N LEU H 145 1.24 10.89 -21.85
CA LEU H 145 0.85 10.42 -20.53
C LEU H 145 -0.10 9.23 -20.65
N ALA H 146 -0.95 9.21 -21.68
CA ALA H 146 -1.96 8.17 -21.86
C ALA H 146 -1.37 6.93 -22.57
N GLY H 147 -0.07 6.94 -22.86
CA GLY H 147 0.57 5.75 -23.39
C GLY H 147 0.40 5.58 -24.89
N LEU H 148 -0.05 6.62 -25.61
CA LEU H 148 -0.51 6.48 -26.99
C LEU H 148 0.62 6.58 -28.01
N GLY H 149 1.86 6.84 -27.55
CA GLY H 149 2.94 7.00 -28.51
C GLY H 149 4.25 7.43 -27.87
N VAL H 150 5.24 7.73 -28.73
CA VAL H 150 6.57 8.16 -28.31
C VAL H 150 6.96 9.42 -29.07
N ALA H 151 7.40 10.43 -28.32
CA ALA H 151 7.71 11.72 -28.93
C ALA H 151 8.65 12.55 -28.06
N THR H 152 9.26 13.54 -28.68
CA THR H 152 10.14 14.49 -28.01
C THR H 152 9.30 15.52 -27.27
N MET H 153 9.79 16.00 -26.12
CA MET H 153 9.12 17.04 -25.36
C MET H 153 10.16 18.00 -24.78
N PRO H 154 9.79 19.29 -24.60
CA PRO H 154 10.65 20.22 -23.87
C PRO H 154 10.74 19.81 -22.40
N TYR H 155 11.98 19.69 -21.90
CA TYR H 155 12.25 19.13 -20.59
C TYR H 155 11.46 19.84 -19.49
N PRO H 156 11.41 21.19 -19.45
CA PRO H 156 10.66 21.89 -18.40
C PRO H 156 9.21 21.41 -18.28
N MET H 157 8.58 21.06 -19.41
CA MET H 157 7.17 20.71 -19.41
C MET H 157 6.94 19.29 -18.90
N VAL H 158 7.98 18.44 -18.88
CA VAL H 158 7.84 17.06 -18.43
C VAL H 158 8.79 16.72 -17.27
N GLU H 159 9.43 17.75 -16.67
CA GLU H 159 10.41 17.51 -15.62
C GLU H 159 9.74 16.79 -14.44
N LYS H 160 8.59 17.32 -14.00
CA LYS H 160 7.91 16.72 -12.88
C LYS H 160 7.40 15.32 -13.26
N ASP H 161 6.94 15.18 -14.52
CA ASP H 161 6.43 13.92 -15.00
C ASP H 161 7.50 12.83 -14.90
N ILE H 162 8.76 13.18 -15.24
CA ILE H 162 9.83 12.20 -15.22
C ILE H 162 10.21 11.87 -13.78
N ALA H 163 10.26 12.92 -12.94
CA ALA H 163 10.54 12.74 -11.52
C ALA H 163 9.52 11.79 -10.89
N GLU H 164 8.23 12.07 -11.11
CA GLU H 164 7.16 11.35 -10.43
C GLU H 164 6.75 10.09 -11.19
N GLY H 165 7.58 9.67 -12.16
CA GLY H 165 7.43 8.39 -12.84
C GLY H 165 6.17 8.27 -13.73
N ARG H 166 5.61 9.42 -14.16
CA ARG H 166 4.51 9.42 -15.12
C ARG H 166 5.02 9.33 -16.56
N LEU H 167 6.27 9.79 -16.80
CA LEU H 167 6.95 9.61 -18.08
C LEU H 167 8.37 9.13 -17.82
N ARG H 168 9.01 8.62 -18.86
CA ARG H 168 10.34 8.01 -18.72
C ARG H 168 11.09 8.29 -20.01
N VAL H 169 12.36 8.71 -19.84
CA VAL H 169 13.21 9.05 -20.97
C VAL H 169 13.53 7.77 -21.71
N VAL H 170 13.30 7.77 -23.03
CA VAL H 170 13.39 6.51 -23.77
C VAL H 170 14.86 6.13 -23.87
N SER H 171 15.68 7.10 -24.31
CA SER H 171 17.11 6.92 -24.49
C SER H 171 17.78 8.30 -24.42
N PRO H 172 18.88 8.44 -23.67
CA PRO H 172 19.54 9.75 -23.54
C PRO H 172 20.22 10.20 -24.84
N GLU H 173 20.49 9.23 -25.73
CA GLU H 173 21.17 9.51 -26.99
C GLU H 173 20.40 10.56 -27.81
N SER H 174 19.07 10.56 -27.68
CA SER H 174 18.20 11.41 -28.48
C SER H 174 18.00 12.78 -27.86
N THR H 175 18.55 13.01 -26.65
CA THR H 175 18.43 14.31 -26.01
C THR H 175 19.16 15.35 -26.86
N SER H 176 18.49 16.47 -27.13
CA SER H 176 18.99 17.50 -28.03
C SER H 176 18.84 18.85 -27.34
N GLU H 177 19.70 19.79 -27.74
CA GLU H 177 19.69 21.16 -27.25
C GLU H 177 19.27 22.04 -28.43
N ILE H 178 18.32 22.95 -28.15
CA ILE H 178 17.82 23.85 -29.17
C ILE H 178 18.00 25.27 -28.66
N ASP H 179 18.59 26.11 -29.51
CA ASP H 179 18.81 27.50 -29.17
C ASP H 179 17.51 28.25 -29.48
N ILE H 180 16.98 28.95 -28.46
CA ILE H 180 15.76 29.73 -28.60
C ILE H 180 16.23 31.17 -28.83
N ILE H 181 15.82 31.75 -29.97
CA ILE H 181 16.29 33.07 -30.37
C ILE H 181 15.13 34.06 -30.40
N MET H 182 15.47 35.33 -30.20
CA MET H 182 14.57 36.45 -30.41
C MET H 182 14.89 37.06 -31.77
N ALA H 183 13.87 37.23 -32.61
CA ALA H 183 14.03 37.75 -33.97
C ALA H 183 13.02 38.87 -34.21
N TRP H 184 13.42 39.84 -35.03
CA TRP H 184 12.58 40.96 -35.43
C TRP H 184 13.06 41.51 -36.77
N ARG H 185 12.29 42.45 -37.33
CA ARG H 185 12.65 43.10 -38.57
C ARG H 185 13.21 44.49 -38.30
N ARG H 186 14.24 44.83 -39.05
CA ARG H 186 14.89 46.13 -38.95
C ARG H 186 14.15 47.18 -39.77
N ASP H 187 13.22 46.77 -40.66
CA ASP H 187 12.62 47.73 -41.59
C ASP H 187 11.57 48.61 -40.89
N SER H 188 11.41 48.44 -39.58
CA SER H 188 10.43 49.17 -38.78
C SER H 188 10.91 49.27 -37.34
N MET H 189 10.44 50.29 -36.62
CA MET H 189 10.93 50.60 -35.30
C MET H 189 9.86 51.44 -34.59
N GLY H 190 9.69 51.22 -33.30
CA GLY H 190 8.91 52.12 -32.47
C GLY H 190 9.24 51.86 -31.00
N GLU H 191 8.63 52.69 -30.13
CA GLU H 191 8.98 52.78 -28.73
C GLU H 191 8.80 51.42 -28.06
N ALA H 192 7.60 50.82 -28.17
CA ALA H 192 7.25 49.61 -27.46
C ALA H 192 8.12 48.45 -27.93
N LYS H 193 8.27 48.36 -29.25
CA LYS H 193 9.08 47.30 -29.84
C LYS H 193 10.51 47.36 -29.31
N SER H 194 11.09 48.58 -29.31
CA SER H 194 12.45 48.79 -28.85
C SER H 194 12.58 48.37 -27.39
N TRP H 195 11.63 48.82 -26.57
CA TRP H 195 11.62 48.51 -25.15
C TRP H 195 11.58 47.01 -24.91
N CYS H 196 10.70 46.28 -25.63
CA CYS H 196 10.59 44.84 -25.48
C CYS H 196 11.91 44.17 -25.86
N LEU H 197 12.53 44.61 -26.96
CA LEU H 197 13.78 43.99 -27.40
C LEU H 197 14.85 44.10 -26.31
N ARG H 198 14.70 45.05 -25.39
CA ARG H 198 15.69 45.24 -24.33
C ARG H 198 15.30 44.42 -23.11
N GLU H 199 13.99 44.33 -22.84
CA GLU H 199 13.46 43.68 -21.65
C GLU H 199 13.46 42.16 -21.80
N ILE H 200 13.17 41.65 -23.00
CA ILE H 200 12.98 40.23 -23.17
C ILE H 200 14.23 39.43 -22.78
N PRO H 201 15.45 39.80 -23.23
CA PRO H 201 16.66 39.08 -22.79
C PRO H 201 16.85 39.05 -21.28
N LYS H 202 16.36 40.08 -20.58
CA LYS H 202 16.48 40.17 -19.13
C LYS H 202 15.63 39.09 -18.46
N LEU H 203 14.55 38.65 -19.11
CA LEU H 203 13.69 37.61 -18.55
C LEU H 203 14.42 36.28 -18.45
N PHE H 204 15.52 36.11 -19.20
CA PHE H 204 16.17 34.81 -19.34
C PHE H 204 17.63 34.87 -18.92
N ASN H 205 17.86 35.63 -17.85
CA ASN H 205 19.14 35.70 -17.17
C ASN H 205 19.37 34.44 -16.34
N THR I 6 64.19 -39.44 5.44
CA THR I 6 63.13 -38.54 4.88
C THR I 6 63.77 -37.17 4.64
N HIS I 7 62.91 -36.18 4.41
CA HIS I 7 63.25 -34.99 3.64
C HIS I 7 62.83 -33.74 4.39
N LEU I 8 63.79 -32.87 4.70
CA LEU I 8 63.49 -31.56 5.29
C LEU I 8 63.83 -30.46 4.29
N THR I 9 62.96 -29.45 4.21
CA THR I 9 63.16 -28.30 3.33
C THR I 9 63.29 -27.05 4.17
N ILE I 10 64.49 -26.46 4.18
CA ILE I 10 64.71 -25.12 4.72
C ILE I 10 64.73 -24.16 3.54
N VAL I 11 63.99 -23.05 3.68
CA VAL I 11 63.99 -22.01 2.68
C VAL I 11 64.74 -20.81 3.22
N THR I 12 65.79 -20.40 2.49
CA THR I 12 66.56 -19.20 2.83
C THR I 12 66.27 -18.13 1.79
N GLU I 13 65.72 -16.98 2.22
CA GLU I 13 65.41 -15.90 1.32
C GLU I 13 66.71 -15.36 0.72
N ALA I 14 66.61 -14.70 -0.44
CA ALA I 14 67.78 -14.36 -1.24
C ALA I 14 68.82 -13.59 -0.44
N LEU I 15 68.38 -12.73 0.51
CA LEU I 15 69.25 -11.92 1.33
C LEU I 15 70.07 -12.76 2.31
N VAL I 16 69.66 -14.04 2.51
CA VAL I 16 70.27 -14.88 3.51
C VAL I 16 71.25 -15.85 2.85
N PRO I 17 72.56 -15.80 3.18
CA PRO I 17 73.53 -16.76 2.65
C PRO I 17 73.22 -18.21 3.03
N THR I 18 72.93 -19.01 2.02
CA THR I 18 72.66 -20.43 2.16
C THR I 18 73.82 -21.15 2.84
N PRO I 19 75.11 -20.88 2.48
CA PRO I 19 76.21 -21.63 3.08
C PRO I 19 76.33 -21.56 4.61
N ALA I 20 75.69 -20.56 5.22
CA ALA I 20 75.68 -20.46 6.68
C ALA I 20 74.99 -21.66 7.33
N PHE I 21 74.18 -22.41 6.58
CA PHE I 21 73.43 -23.56 7.08
C PHE I 21 74.13 -24.89 6.78
N PHE I 22 75.33 -24.82 6.20
CA PHE I 22 76.01 -26.04 5.77
C PHE I 22 76.44 -26.89 6.96
N PRO I 23 76.89 -26.32 8.09
CA PRO I 23 77.22 -27.12 9.28
C PRO I 23 76.18 -28.17 9.68
N LEU I 24 74.90 -27.85 9.42
CA LEU I 24 73.78 -28.73 9.75
C LEU I 24 73.84 -30.05 9.00
N ILE I 25 74.47 -30.09 7.81
CA ILE I 25 74.27 -31.19 6.85
C ILE I 25 74.73 -32.52 7.44
N ASP I 26 76.00 -32.60 7.84
CA ASP I 26 76.56 -33.84 8.37
C ASP I 26 75.85 -34.26 9.66
N LYS I 27 75.57 -33.27 10.53
CA LYS I 27 74.94 -33.55 11.81
C LYS I 27 73.54 -34.11 11.58
N LEU I 28 72.80 -33.52 10.61
CA LEU I 28 71.45 -33.98 10.34
C LEU I 28 71.45 -35.39 9.76
N ALA I 29 72.55 -35.78 9.09
CA ALA I 29 72.65 -37.13 8.52
C ALA I 29 72.86 -38.17 9.60
N ALA I 30 73.43 -37.75 10.74
CA ALA I 30 73.66 -38.62 11.89
C ALA I 30 72.46 -38.60 12.83
N LYS I 31 71.88 -37.42 13.06
CA LYS I 31 70.74 -37.25 13.96
C LYS I 31 69.55 -38.06 13.47
N ALA I 32 69.28 -37.97 12.18
CA ALA I 32 68.20 -38.67 11.50
C ALA I 32 68.73 -39.08 10.14
N ASN I 33 67.85 -39.73 9.36
CA ASN I 33 68.24 -40.19 8.03
C ASN I 33 67.73 -39.18 7.01
N THR I 34 67.72 -37.89 7.41
CA THR I 34 67.01 -36.84 6.69
C THR I 34 67.92 -36.24 5.62
N GLN I 35 67.37 -36.13 4.40
CA GLN I 35 68.04 -35.50 3.28
C GLN I 35 67.56 -34.04 3.20
N LEU I 36 68.52 -33.11 3.16
CA LEU I 36 68.24 -31.70 3.35
C LEU I 36 68.10 -31.02 1.98
N ALA I 37 67.20 -30.03 1.93
CA ALA I 37 67.06 -29.11 0.83
C ALA I 37 67.10 -27.69 1.41
N ILE I 38 68.12 -26.91 1.03
CA ILE I 38 68.17 -25.51 1.39
C ILE I 38 67.89 -24.69 0.13
N ILE I 39 66.64 -24.24 0.00
CA ILE I 39 66.06 -23.68 -1.21
C ILE I 39 66.05 -22.17 -1.07
N THR I 40 66.33 -21.47 -2.18
CA THR I 40 66.34 -20.03 -2.17
C THR I 40 65.05 -19.51 -2.80
N GLU I 41 64.46 -18.49 -2.16
CA GLU I 41 63.29 -17.82 -2.69
C GLU I 41 63.49 -16.32 -2.47
N VAL I 42 62.61 -15.53 -3.10
CA VAL I 42 62.73 -14.08 -3.04
C VAL I 42 61.47 -13.51 -2.38
N LEU I 43 61.69 -12.71 -1.33
CA LEU I 43 60.65 -12.00 -0.61
C LEU I 43 59.44 -12.89 -0.35
N ALA I 44 58.27 -12.54 -0.91
CA ALA I 44 57.00 -13.17 -0.58
C ALA I 44 56.99 -14.64 -0.99
N GLY I 45 57.80 -15.01 -1.99
CA GLY I 45 57.90 -16.38 -2.44
C GLY I 45 58.33 -17.33 -1.33
N ALA I 46 59.15 -16.82 -0.39
CA ALA I 46 59.61 -17.61 0.75
C ALA I 46 58.44 -17.94 1.67
N TRP I 47 57.62 -16.92 1.96
CA TRP I 47 56.47 -17.06 2.86
C TRP I 47 55.40 -17.94 2.23
N GLU I 48 55.18 -17.76 0.91
CA GLU I 48 54.19 -18.50 0.16
C GLU I 48 54.48 -19.99 0.30
N ARG I 49 55.76 -20.37 0.21
CA ARG I 49 56.17 -21.75 0.39
C ARG I 49 55.72 -22.25 1.77
N LEU I 50 55.81 -21.39 2.80
CA LEU I 50 55.49 -21.82 4.16
C LEU I 50 53.99 -22.02 4.30
N GLU I 51 53.20 -21.04 3.80
CA GLU I 51 51.75 -21.12 3.79
C GLU I 51 51.26 -22.38 3.09
N GLN I 52 51.81 -22.66 1.90
CA GLN I 52 51.40 -23.80 1.07
C GLN I 52 51.97 -25.12 1.61
N GLY I 53 52.67 -25.08 2.75
CA GLY I 53 53.22 -26.28 3.37
C GLY I 53 54.30 -26.94 2.53
N ARG I 54 55.04 -26.15 1.74
CA ARG I 54 56.10 -26.65 0.89
C ARG I 54 57.48 -26.29 1.45
N ALA I 55 57.54 -25.97 2.74
CA ALA I 55 58.77 -25.60 3.43
C ALA I 55 58.57 -25.81 4.93
N ASP I 56 59.44 -26.59 5.56
CA ASP I 56 59.39 -26.87 6.98
C ASP I 56 59.83 -25.64 7.79
N ILE I 57 60.93 -24.97 7.40
CA ILE I 57 61.44 -23.80 8.08
C ILE I 57 61.80 -22.72 7.06
N VAL I 58 61.48 -21.46 7.39
CA VAL I 58 61.81 -20.33 6.53
C VAL I 58 62.77 -19.40 7.28
N ILE I 59 63.89 -19.03 6.63
CA ILE I 59 64.79 -17.99 7.12
C ILE I 59 64.70 -16.81 6.17
N ALA I 60 64.16 -15.68 6.65
CA ALA I 60 63.75 -14.61 5.75
C ALA I 60 63.66 -13.31 6.52
N PRO I 61 63.70 -12.16 5.82
CA PRO I 61 63.36 -10.86 6.44
C PRO I 61 61.98 -10.91 7.07
N ASP I 62 61.80 -10.23 8.22
CA ASP I 62 60.48 -10.13 8.82
C ASP I 62 59.55 -9.34 7.84
N MET I 63 58.32 -9.81 7.63
CA MET I 63 57.48 -9.42 6.50
C MET I 63 56.00 -9.58 6.86
N HIS I 64 55.16 -8.81 6.13
CA HIS I 64 53.71 -8.92 6.14
C HIS I 64 53.27 -10.07 5.22
N PHE I 65 52.35 -10.89 5.74
CA PHE I 65 51.38 -11.71 4.99
C PHE I 65 50.68 -12.69 5.96
N ARG I 66 50.32 -13.89 5.47
CA ARG I 66 50.28 -15.13 6.27
C ARG I 66 49.03 -15.19 7.13
N SER I 67 48.25 -14.12 7.24
CA SER I 67 46.98 -14.07 7.95
C SER I 67 47.13 -14.31 9.44
N SER I 68 48.36 -14.57 9.91
CA SER I 68 48.67 -14.70 11.33
C SER I 68 48.03 -15.99 11.88
N SER I 69 48.12 -17.02 11.01
CA SER I 69 47.59 -18.36 11.30
C SER I 69 48.72 -19.36 11.54
N GLU I 70 48.71 -20.03 12.68
CA GLU I 70 49.85 -20.66 13.35
C GLU I 70 51.25 -20.72 12.69
N ILE I 71 51.85 -19.53 12.62
CA ILE I 71 53.28 -19.37 12.37
C ILE I 71 53.98 -18.88 13.64
N ASN I 72 54.93 -19.67 14.10
CA ASN I 72 55.86 -19.22 15.14
C ASN I 72 57.07 -18.58 14.47
N SER I 73 57.74 -17.67 15.21
CA SER I 73 58.92 -16.99 14.68
C SER I 73 59.89 -16.61 15.80
N ARG I 74 61.15 -16.41 15.43
CA ARG I 74 62.21 -16.03 16.35
C ARG I 74 63.25 -15.23 15.58
N LYS I 75 63.74 -14.14 16.19
CA LYS I 75 64.70 -13.26 15.51
C LYS I 75 66.08 -13.93 15.61
N LEU I 76 66.80 -13.94 14.48
CA LEU I 76 68.09 -14.61 14.38
C LEU I 76 69.22 -13.57 14.42
N TYR I 77 69.11 -12.52 13.62
CA TYR I 77 70.14 -11.50 13.53
C TYR I 77 69.62 -10.32 12.71
N THR I 78 70.38 -9.22 12.72
CA THR I 78 70.06 -8.02 11.96
C THR I 78 70.97 -7.90 10.74
N LEU I 79 70.40 -7.41 9.63
CA LEU I 79 71.12 -7.23 8.38
C LEU I 79 71.00 -5.78 7.95
N MET I 80 72.11 -5.20 7.46
CA MET I 80 72.15 -3.84 6.98
C MET I 80 72.07 -3.83 5.45
N ASN I 81 71.25 -2.91 4.90
CA ASN I 81 71.05 -2.76 3.47
C ASN I 81 71.51 -1.37 3.05
N VAL I 82 72.39 -1.33 2.04
CA VAL I 82 73.03 -0.09 1.62
C VAL I 82 72.70 0.15 0.15
N TYR I 83 72.37 1.40 -0.15
CA TYR I 83 72.12 1.89 -1.49
C TYR I 83 73.46 2.19 -2.13
N VAL I 84 73.85 1.39 -3.12
CA VAL I 84 75.18 1.45 -3.71
C VAL I 84 75.09 1.67 -5.21
N ALA I 85 76.24 2.04 -5.80
CA ALA I 85 76.44 2.20 -7.22
C ALA I 85 77.95 2.19 -7.51
N ALA I 86 78.31 1.95 -8.77
CA ALA I 86 79.70 1.93 -9.16
C ALA I 86 80.32 3.30 -8.89
N PRO I 87 81.63 3.36 -8.62
CA PRO I 87 82.29 4.61 -8.25
C PRO I 87 82.10 5.72 -9.29
N ASP I 88 82.13 5.40 -10.57
CA ASP I 88 82.09 6.36 -11.67
C ASP I 88 80.64 6.65 -12.07
N HIS I 89 79.64 6.12 -11.35
CA HIS I 89 78.26 6.38 -11.69
C HIS I 89 77.92 7.85 -11.39
N PRO I 90 77.22 8.55 -12.30
CA PRO I 90 76.88 9.96 -12.08
C PRO I 90 76.00 10.24 -10.86
N ILE I 91 75.41 9.19 -10.26
CA ILE I 91 74.52 9.38 -9.11
C ILE I 91 75.31 10.00 -7.96
N HIS I 92 76.62 9.76 -7.95
CA HIS I 92 77.51 10.24 -6.91
C HIS I 92 77.67 11.76 -6.97
N GLN I 93 77.63 12.33 -8.18
CA GLN I 93 77.79 13.77 -8.37
C GLN I 93 76.49 14.53 -8.13
N GLU I 94 75.45 13.84 -7.64
CA GLU I 94 74.13 14.45 -7.54
C GLU I 94 74.03 15.15 -6.19
N PRO I 95 73.54 16.41 -6.14
CA PRO I 95 73.30 17.09 -4.87
C PRO I 95 72.28 16.37 -3.99
N GLU I 96 71.25 15.82 -4.62
CA GLU I 96 70.13 15.20 -3.93
C GLU I 96 69.87 13.82 -4.55
N PRO I 97 70.74 12.82 -4.28
CA PRO I 97 70.63 11.53 -4.96
C PRO I 97 69.32 10.78 -4.67
N LEU I 98 68.66 11.10 -3.54
CA LEU I 98 67.44 10.37 -3.18
C LEU I 98 66.18 11.17 -3.50
N SER I 99 66.32 12.30 -4.18
CA SER I 99 65.17 13.10 -4.59
C SER I 99 64.44 12.41 -5.73
N GLU I 100 63.10 12.39 -5.64
CA GLU I 100 62.20 11.85 -6.66
C GLU I 100 62.58 12.37 -8.04
N VAL I 101 62.98 13.65 -8.11
CA VAL I 101 63.34 14.28 -9.36
C VAL I 101 64.63 13.66 -9.89
N THR I 102 65.52 13.22 -8.98
CA THR I 102 66.81 12.68 -9.38
C THR I 102 66.70 11.20 -9.70
N ARG I 103 66.00 10.44 -8.85
CA ARG I 103 66.01 8.99 -8.91
C ARG I 103 65.49 8.48 -10.25
N VAL I 104 64.46 9.17 -10.79
CA VAL I 104 63.88 8.81 -12.08
C VAL I 104 64.94 8.85 -13.18
N LYS I 105 65.99 9.67 -13.02
CA LYS I 105 66.96 9.84 -14.09
C LYS I 105 67.80 8.58 -14.29
N TYR I 106 67.93 7.75 -13.23
CA TYR I 106 68.90 6.66 -13.24
C TYR I 106 68.21 5.30 -13.08
N ARG I 107 68.81 4.25 -13.66
CA ARG I 107 68.18 2.94 -13.74
C ARG I 107 68.21 2.24 -12.38
N GLY I 108 67.06 1.79 -11.89
CA GLY I 108 67.00 0.90 -10.73
C GLY I 108 67.20 -0.56 -11.12
N ILE I 109 67.56 -1.41 -10.17
CA ILE I 109 67.75 -2.83 -10.39
C ILE I 109 66.97 -3.60 -9.32
N ALA I 110 66.10 -4.51 -9.76
CA ALA I 110 65.20 -5.26 -8.91
C ALA I 110 65.44 -6.76 -9.05
N VAL I 111 65.29 -7.47 -7.92
CA VAL I 111 65.28 -8.92 -7.91
C VAL I 111 63.81 -9.35 -7.91
N ALA I 112 63.40 -10.11 -8.92
CA ALA I 112 62.01 -10.50 -9.11
C ALA I 112 61.65 -11.54 -8.06
N ASP I 113 60.35 -11.89 -8.05
CA ASP I 113 59.77 -13.11 -7.47
C ASP I 113 59.55 -14.14 -8.60
N THR I 114 60.67 -14.58 -9.17
CA THR I 114 60.79 -15.34 -10.42
C THR I 114 60.12 -14.59 -11.58
N ALA I 115 58.78 -14.52 -11.58
CA ALA I 115 58.00 -13.76 -12.56
C ALA I 115 58.10 -12.25 -12.28
N ARG I 116 57.45 -11.45 -13.13
CA ARG I 116 57.67 -9.98 -13.13
C ARG I 116 57.33 -9.34 -11.78
N GLU I 117 56.18 -9.77 -11.24
CA GLU I 117 55.77 -9.50 -9.86
C GLU I 117 55.69 -7.99 -9.65
N ARG I 118 56.20 -7.49 -8.51
CA ARG I 118 56.26 -6.05 -8.26
C ARG I 118 57.24 -5.74 -7.12
N PRO I 119 58.25 -4.86 -7.33
CA PRO I 119 59.18 -4.48 -6.26
C PRO I 119 58.49 -3.76 -5.08
N VAL I 120 58.60 -4.36 -3.90
CA VAL I 120 57.91 -3.90 -2.70
C VAL I 120 58.18 -2.41 -2.51
N LEU I 121 59.23 -1.89 -3.18
CA LEU I 121 59.71 -0.52 -2.95
C LEU I 121 60.02 -0.33 -1.45
N THR I 122 60.71 -1.32 -0.90
CA THR I 122 61.29 -1.26 0.44
C THR I 122 62.15 0.01 0.58
N VAL I 123 62.96 0.30 -0.46
CA VAL I 123 63.95 1.38 -0.40
C VAL I 123 63.71 2.51 -1.40
N GLN I 124 63.72 2.22 -2.72
CA GLN I 124 63.65 3.23 -3.77
C GLN I 124 63.22 2.62 -5.11
N LEU I 125 62.12 3.13 -5.71
CA LEU I 125 61.67 2.80 -7.05
C LEU I 125 60.56 3.76 -7.45
N LEU I 126 60.58 4.30 -8.70
CA LEU I 126 59.60 5.29 -9.13
C LEU I 126 59.01 4.94 -10.49
N ASP I 127 57.78 5.41 -10.75
CA ASP I 127 57.18 5.33 -12.07
C ASP I 127 58.05 6.07 -13.09
N LYS I 128 57.96 5.65 -14.36
CA LYS I 128 58.71 6.30 -15.43
C LYS I 128 60.22 6.06 -15.29
N GLN I 129 60.65 5.39 -14.19
CA GLN I 129 62.09 5.20 -13.94
C GLN I 129 62.58 3.98 -14.70
N PRO I 130 63.73 4.06 -15.39
CA PRO I 130 64.31 2.89 -16.05
C PRO I 130 64.65 1.82 -15.01
N ARG I 131 64.52 0.55 -15.39
CA ARG I 131 64.78 -0.54 -14.47
C ARG I 131 65.34 -1.74 -15.21
N LEU I 132 66.14 -2.55 -14.51
CA LEU I 132 66.54 -3.89 -14.94
C LEU I 132 66.06 -4.87 -13.87
N THR I 133 65.62 -6.05 -14.26
CA THR I 133 65.13 -7.05 -13.35
C THR I 133 65.98 -8.30 -13.50
N VAL I 134 66.40 -8.88 -12.37
CA VAL I 134 67.18 -10.12 -12.33
C VAL I 134 66.57 -11.03 -11.26
N SER I 135 66.98 -12.30 -11.24
CA SER I 135 66.41 -13.31 -10.38
C SER I 135 67.24 -13.49 -9.11
N THR I 136 68.53 -13.19 -9.19
CA THR I 136 69.47 -13.53 -8.14
C THR I 136 70.16 -12.28 -7.61
N ILE I 137 70.63 -12.38 -6.35
CA ILE I 137 71.27 -11.24 -5.71
C ILE I 137 72.66 -11.08 -6.31
N GLU I 138 73.26 -12.17 -6.78
CA GLU I 138 74.57 -12.13 -7.42
C GLU I 138 74.49 -11.38 -8.75
N ASP I 139 73.50 -11.73 -9.58
CA ASP I 139 73.27 -11.05 -10.86
C ASP I 139 73.08 -9.54 -10.62
N LYS I 140 72.37 -9.19 -9.55
CA LYS I 140 72.17 -7.79 -9.22
C LYS I 140 73.49 -7.13 -8.85
N ARG I 141 74.37 -7.88 -8.17
CA ARG I 141 75.67 -7.37 -7.77
C ARG I 141 76.50 -7.06 -9.01
N GLN I 142 76.54 -8.02 -9.94
CA GLN I 142 77.34 -7.88 -11.15
C GLN I 142 76.87 -6.69 -11.97
N ALA I 143 75.54 -6.53 -12.09
CA ALA I 143 74.95 -5.39 -12.78
C ALA I 143 75.43 -4.09 -12.15
N LEU I 144 75.45 -4.03 -10.81
CA LEU I 144 75.89 -2.83 -10.09
C LEU I 144 77.38 -2.58 -10.33
N LEU I 145 78.18 -3.65 -10.25
CA LEU I 145 79.62 -3.55 -10.52
C LEU I 145 79.88 -3.02 -11.91
N ALA I 146 79.01 -3.36 -12.88
CA ALA I 146 79.19 -2.96 -14.29
C ALA I 146 78.64 -1.56 -14.54
N GLY I 147 78.17 -0.87 -13.51
CA GLY I 147 77.78 0.52 -13.67
C GLY I 147 76.38 0.72 -14.26
N LEU I 148 75.55 -0.35 -14.29
CA LEU I 148 74.32 -0.34 -15.06
C LEU I 148 73.14 0.23 -14.28
N GLY I 149 73.34 0.61 -13.01
CA GLY I 149 72.23 1.17 -12.26
C GLY I 149 72.58 1.41 -10.78
N VAL I 150 71.55 1.73 -9.99
CA VAL I 150 71.64 2.02 -8.58
C VAL I 150 70.61 1.18 -7.83
N ALA I 151 71.06 0.47 -6.79
CA ALA I 151 70.17 -0.41 -6.04
C ALA I 151 70.70 -0.70 -4.64
N THR I 152 69.80 -1.20 -3.79
CA THR I 152 70.12 -1.64 -2.45
C THR I 152 70.81 -3.01 -2.51
N MET I 153 71.75 -3.25 -1.58
CA MET I 153 72.40 -4.54 -1.46
C MET I 153 72.62 -4.85 0.03
N PRO I 154 72.66 -6.15 0.42
CA PRO I 154 73.09 -6.53 1.76
C PRO I 154 74.57 -6.18 1.97
N TYR I 155 74.86 -5.44 3.06
CA TYR I 155 76.19 -4.91 3.32
C TYR I 155 77.26 -6.01 3.26
N PRO I 156 77.06 -7.19 3.89
CA PRO I 156 78.09 -8.23 3.84
C PRO I 156 78.52 -8.59 2.43
N MET I 157 77.58 -8.57 1.49
CA MET I 157 77.86 -9.02 0.13
C MET I 157 78.65 -7.96 -0.67
N VAL I 158 78.65 -6.70 -0.22
CA VAL I 158 79.36 -5.63 -0.90
C VAL I 158 80.39 -4.93 -0.01
N GLU I 159 80.68 -5.50 1.17
CA GLU I 159 81.63 -4.88 2.10
C GLU I 159 83.00 -4.78 1.45
N LYS I 160 83.46 -5.89 0.87
CA LYS I 160 84.76 -5.91 0.21
C LYS I 160 84.73 -4.98 -1.00
N ASP I 161 83.62 -4.95 -1.72
CA ASP I 161 83.46 -4.12 -2.90
C ASP I 161 83.65 -2.66 -2.55
N ILE I 162 83.10 -2.23 -1.40
CA ILE I 162 83.20 -0.82 -0.99
C ILE I 162 84.63 -0.52 -0.55
N ALA I 163 85.22 -1.46 0.20
CA ALA I 163 86.61 -1.33 0.64
C ALA I 163 87.52 -1.16 -0.56
N GLU I 164 87.41 -2.07 -1.54
CA GLU I 164 88.33 -2.16 -2.66
C GLU I 164 87.90 -1.25 -3.81
N GLY I 165 86.96 -0.32 -3.53
CA GLY I 165 86.62 0.75 -4.45
C GLY I 165 85.90 0.30 -5.72
N ARG I 166 85.28 -0.91 -5.71
CA ARG I 166 84.47 -1.37 -6.83
C ARG I 166 83.04 -0.85 -6.71
N LEU I 167 82.58 -0.53 -5.48
CA LEU I 167 81.27 0.08 -5.26
C LEU I 167 81.42 1.21 -4.24
N ARG I 168 80.38 2.04 -4.12
CA ARG I 168 80.39 3.18 -3.23
C ARG I 168 78.97 3.43 -2.76
N VAL I 169 78.79 3.69 -1.46
CA VAL I 169 77.49 3.93 -0.87
C VAL I 169 76.98 5.27 -1.36
N VAL I 170 75.76 5.29 -1.88
CA VAL I 170 75.26 6.46 -2.56
C VAL I 170 75.02 7.56 -1.52
N SER I 171 74.25 7.18 -0.49
CA SER I 171 73.92 8.08 0.61
C SER I 171 73.58 7.23 1.83
N PRO I 172 74.14 7.54 3.00
CA PRO I 172 73.90 6.75 4.21
C PRO I 172 72.45 6.88 4.71
N GLU I 173 71.77 7.94 4.30
CA GLU I 173 70.40 8.21 4.74
C GLU I 173 69.47 7.05 4.37
N SER I 174 69.76 6.38 3.26
CA SER I 174 68.92 5.30 2.73
C SER I 174 69.23 3.94 3.36
N THR I 175 70.26 3.87 4.21
CA THR I 175 70.62 2.61 4.85
C THR I 175 69.48 2.16 5.75
N SER I 176 69.11 0.88 5.65
CA SER I 176 68.05 0.33 6.51
C SER I 176 68.53 -0.95 7.18
N GLU I 177 68.00 -1.23 8.38
CA GLU I 177 68.28 -2.44 9.11
C GLU I 177 67.08 -3.35 9.13
N ILE I 178 67.29 -4.64 8.85
CA ILE I 178 66.19 -5.59 8.69
C ILE I 178 66.47 -6.79 9.59
N ASP I 179 65.44 -7.21 10.33
CA ASP I 179 65.53 -8.40 11.16
C ASP I 179 65.34 -9.64 10.29
N ILE I 180 66.31 -10.56 10.38
CA ILE I 180 66.21 -11.86 9.73
C ILE I 180 65.66 -12.83 10.78
N ILE I 181 64.50 -13.44 10.47
CA ILE I 181 63.80 -14.29 11.42
C ILE I 181 63.77 -15.73 10.91
N MET I 182 63.66 -16.66 11.87
CA MET I 182 63.37 -18.06 11.61
C MET I 182 61.88 -18.27 11.90
N ALA I 183 61.16 -18.84 10.94
CA ALA I 183 59.73 -19.04 11.05
C ALA I 183 59.39 -20.48 10.67
N TRP I 184 58.33 -21.01 11.30
CA TRP I 184 57.80 -22.33 11.02
C TRP I 184 56.34 -22.38 11.40
N ARG I 185 55.70 -23.51 11.07
CA ARG I 185 54.30 -23.75 11.38
C ARG I 185 54.23 -24.72 12.55
N ARG I 186 53.26 -24.48 13.45
CA ARG I 186 53.18 -25.27 14.67
C ARG I 186 52.41 -26.58 14.46
N ASP I 187 51.74 -26.75 13.32
CA ASP I 187 50.83 -27.86 13.09
C ASP I 187 51.58 -29.19 12.85
N SER I 188 52.91 -29.17 12.94
CA SER I 188 53.74 -30.35 12.77
C SER I 188 55.10 -30.13 13.46
N MET I 189 55.70 -31.20 13.96
CA MET I 189 56.94 -31.07 14.72
C MET I 189 57.77 -32.35 14.67
N GLY I 190 58.22 -32.74 13.47
CA GLY I 190 59.02 -33.93 13.30
C GLY I 190 60.32 -33.85 14.08
N GLU I 191 61.05 -34.97 14.14
CA GLU I 191 62.35 -35.05 14.80
C GLU I 191 63.32 -34.04 14.20
N ALA I 192 63.52 -34.12 12.87
CA ALA I 192 64.51 -33.33 12.17
C ALA I 192 64.17 -31.85 12.29
N LYS I 193 62.90 -31.53 12.08
CA LYS I 193 62.43 -30.16 12.14
C LYS I 193 62.71 -29.57 13.52
N SER I 194 62.39 -30.32 14.58
CA SER I 194 62.57 -29.88 15.95
C SER I 194 64.06 -29.61 16.19
N TRP I 195 64.90 -30.57 15.77
CA TRP I 195 66.33 -30.46 15.95
C TRP I 195 66.88 -29.19 15.25
N CYS I 196 66.47 -28.95 14.00
CA CYS I 196 66.93 -27.79 13.26
C CYS I 196 66.50 -26.50 13.97
N LEU I 197 65.26 -26.45 14.47
CA LEU I 197 64.78 -25.25 15.15
C LEU I 197 65.66 -24.91 16.35
N ARG I 198 66.38 -25.91 16.89
CA ARG I 198 67.23 -25.70 18.05
C ARG I 198 68.63 -25.30 17.61
N GLU I 199 69.10 -25.91 16.52
CA GLU I 199 70.46 -25.74 16.01
C GLU I 199 70.61 -24.43 15.25
N ILE I 200 69.59 -24.03 14.49
CA ILE I 200 69.74 -22.88 13.60
C ILE I 200 70.11 -21.60 14.37
N PRO I 201 69.43 -21.24 15.48
CA PRO I 201 69.83 -20.09 16.27
C PRO I 201 71.29 -20.12 16.75
N LYS I 202 71.82 -21.33 16.98
CA LYS I 202 73.20 -21.49 17.44
C LYS I 202 74.18 -21.06 16.36
N LEU I 203 73.78 -21.16 15.08
CA LEU I 203 74.66 -20.78 13.97
C LEU I 203 74.91 -19.27 13.98
N PHE I 204 74.07 -18.49 14.66
CA PHE I 204 74.11 -17.04 14.57
C PHE I 204 74.25 -16.39 15.94
N ASN I 205 74.72 -17.13 16.95
CA ASN I 205 75.12 -16.55 18.23
C ASN I 205 76.07 -15.33 18.10
N GLY I 206 75.59 -14.19 18.64
CA GLY I 206 76.32 -12.93 18.66
C GLY I 206 75.92 -12.00 17.54
N HIS J 3 60.63 5.88 -28.67
CA HIS J 3 59.36 5.07 -28.40
C HIS J 3 58.96 5.34 -26.95
N MET J 4 57.74 4.94 -26.50
CA MET J 4 57.42 4.86 -25.07
C MET J 4 57.93 3.52 -24.49
N GLU J 5 57.81 3.35 -23.17
CA GLU J 5 58.31 2.19 -22.46
C GLU J 5 57.80 0.87 -23.08
N THR J 6 58.67 -0.15 -23.09
CA THR J 6 58.37 -1.53 -23.49
C THR J 6 59.08 -2.49 -22.52
N HIS J 7 58.59 -3.73 -22.39
CA HIS J 7 59.15 -4.68 -21.45
C HIS J 7 59.39 -6.01 -22.11
N LEU J 8 60.64 -6.48 -22.13
CA LEU J 8 60.96 -7.80 -22.66
C LEU J 8 61.52 -8.66 -21.55
N THR J 9 61.14 -9.95 -21.53
CA THR J 9 61.55 -10.88 -20.49
C THR J 9 62.34 -12.01 -21.13
N ILE J 10 63.64 -12.05 -20.84
CA ILE J 10 64.55 -13.09 -21.27
C ILE J 10 64.76 -14.01 -20.07
N VAL J 11 64.68 -15.31 -20.32
CA VAL J 11 64.95 -16.32 -19.31
C VAL J 11 66.29 -16.97 -19.64
N THR J 12 67.24 -16.90 -18.70
CA THR J 12 68.51 -17.58 -18.83
C THR J 12 68.57 -18.73 -17.82
N GLU J 13 68.74 -19.96 -18.32
CA GLU J 13 68.80 -21.13 -17.46
C GLU J 13 70.04 -21.02 -16.58
N ALA J 14 70.04 -21.74 -15.45
CA ALA J 14 71.01 -21.57 -14.39
C ALA J 14 72.44 -21.70 -14.91
N LEU J 15 72.65 -22.59 -15.90
CA LEU J 15 73.96 -22.86 -16.49
C LEU J 15 74.44 -21.67 -17.31
N VAL J 16 73.55 -20.72 -17.62
CA VAL J 16 73.88 -19.61 -18.51
C VAL J 16 74.12 -18.35 -17.68
N PRO J 17 75.34 -17.76 -17.72
CA PRO J 17 75.61 -16.49 -17.03
C PRO J 17 74.73 -15.34 -17.52
N THR J 18 73.89 -14.83 -16.65
CA THR J 18 73.05 -13.67 -16.91
C THR J 18 73.88 -12.47 -17.35
N PRO J 19 75.04 -12.15 -16.70
CA PRO J 19 75.79 -10.94 -17.10
C PRO J 19 76.26 -10.89 -18.55
N ALA J 20 76.29 -12.03 -19.23
CA ALA J 20 76.65 -12.06 -20.64
C ALA J 20 75.65 -11.28 -21.50
N PHE J 21 74.45 -11.01 -20.98
CA PHE J 21 73.39 -10.29 -21.70
C PHE J 21 73.35 -8.81 -21.35
N PHE J 22 74.30 -8.35 -20.52
CA PHE J 22 74.25 -6.98 -20.03
C PHE J 22 74.51 -5.97 -21.15
N PRO J 23 75.42 -6.25 -22.11
CA PRO J 23 75.60 -5.32 -23.25
C PRO J 23 74.32 -4.87 -23.95
N LEU J 24 73.29 -5.74 -23.95
CA LEU J 24 71.99 -5.43 -24.56
C LEU J 24 71.31 -4.23 -23.91
N ILE J 25 71.58 -3.95 -22.63
CA ILE J 25 70.74 -3.08 -21.82
C ILE J 25 70.71 -1.66 -22.38
N ASP J 26 71.88 -1.03 -22.50
CA ASP J 26 72.00 0.31 -23.03
C ASP J 26 71.49 0.41 -24.47
N LYS J 27 71.83 -0.57 -25.30
CA LYS J 27 71.43 -0.58 -26.70
C LYS J 27 69.91 -0.66 -26.79
N LEU J 28 69.29 -1.51 -25.95
CA LEU J 28 67.84 -1.64 -25.98
C LEU J 28 67.15 -0.34 -25.54
N ALA J 29 67.82 0.45 -24.70
CA ALA J 29 67.27 1.71 -24.21
C ALA J 29 67.29 2.76 -25.33
N ALA J 30 68.23 2.63 -26.28
CA ALA J 30 68.34 3.52 -27.43
C ALA J 30 67.48 3.05 -28.60
N LYS J 31 67.48 1.74 -28.85
CA LYS J 31 66.74 1.15 -29.95
C LYS J 31 65.24 1.38 -29.78
N ALA J 32 64.75 1.14 -28.57
CA ALA J 32 63.38 1.39 -28.17
C ALA J 32 63.39 1.92 -26.74
N ASN J 33 62.26 1.98 -26.05
CA ASN J 33 62.27 2.40 -24.65
C ASN J 33 62.20 1.15 -23.77
N THR J 34 62.83 0.06 -24.21
CA THR J 34 62.54 -1.27 -23.67
C THR J 34 63.35 -1.60 -22.43
N GLN J 35 62.63 -2.02 -21.38
CA GLN J 35 63.20 -2.33 -20.07
C GLN J 35 63.31 -3.86 -20.05
N LEU J 36 64.51 -4.33 -19.69
CA LEU J 36 64.83 -5.74 -19.79
C LEU J 36 64.63 -6.45 -18.46
N ALA J 37 64.20 -7.71 -18.53
CA ALA J 37 64.11 -8.58 -17.36
C ALA J 37 64.79 -9.89 -17.67
N ILE J 38 65.94 -10.17 -17.03
CA ILE J 38 66.70 -11.38 -17.31
C ILE J 38 66.58 -12.29 -16.10
N ILE J 39 65.67 -13.27 -16.20
CA ILE J 39 65.20 -14.11 -15.12
C ILE J 39 65.91 -15.45 -15.22
N THR J 40 66.25 -16.01 -14.06
CA THR J 40 66.94 -17.29 -14.02
C THR J 40 65.93 -18.38 -13.67
N GLU J 41 66.03 -19.51 -14.37
CA GLU J 41 65.24 -20.69 -14.09
C GLU J 41 66.17 -21.91 -14.23
N VAL J 42 65.68 -23.07 -13.81
CA VAL J 42 66.51 -24.27 -13.77
C VAL J 42 65.86 -25.34 -14.63
N LEU J 43 66.63 -25.90 -15.56
CA LEU J 43 66.25 -26.98 -16.45
C LEU J 43 64.85 -26.73 -17.02
N ALA J 44 63.90 -27.63 -16.72
CA ALA J 44 62.58 -27.65 -17.33
C ALA J 44 61.80 -26.39 -17.00
N GLY J 45 62.10 -25.76 -15.87
CA GLY J 45 61.43 -24.53 -15.46
C GLY J 45 61.59 -23.42 -16.49
N ALA J 46 62.73 -23.41 -17.20
CA ALA J 46 62.98 -22.43 -18.24
C ALA J 46 62.04 -22.66 -19.42
N TRP J 47 61.89 -23.91 -19.84
CA TRP J 47 61.04 -24.29 -20.96
C TRP J 47 59.57 -24.06 -20.62
N GLU J 48 59.19 -24.41 -19.39
CA GLU J 48 57.83 -24.27 -18.93
C GLU J 48 57.40 -22.83 -19.05
N ARG J 49 58.28 -21.89 -18.71
CA ARG J 49 57.99 -20.47 -18.85
C ARG J 49 57.66 -20.17 -20.33
N LEU J 50 58.37 -20.80 -21.27
CA LEU J 50 58.16 -20.51 -22.68
C LEU J 50 56.82 -21.06 -23.15
N GLU J 51 56.53 -22.32 -22.80
CA GLU J 51 55.27 -23.00 -23.11
C GLU J 51 54.10 -22.19 -22.57
N GLN J 52 54.17 -21.75 -21.30
CA GLN J 52 53.09 -21.03 -20.65
C GLN J 52 53.03 -19.57 -21.10
N GLY J 53 53.87 -19.17 -22.05
CA GLY J 53 53.85 -17.81 -22.59
C GLY J 53 54.26 -16.76 -21.56
N ARG J 54 55.14 -17.14 -20.62
CA ARG J 54 55.61 -16.22 -19.58
C ARG J 54 57.04 -15.77 -19.84
N ALA J 55 57.53 -15.93 -21.09
CA ALA J 55 58.90 -15.55 -21.43
C ALA J 55 58.98 -15.28 -22.92
N ASP J 56 59.50 -14.11 -23.30
CA ASP J 56 59.66 -13.78 -24.71
C ASP J 56 60.80 -14.58 -25.37
N ILE J 57 61.95 -14.72 -24.69
CA ILE J 57 63.07 -15.51 -25.21
C ILE J 57 63.63 -16.38 -24.08
N VAL J 58 64.02 -17.62 -24.41
CA VAL J 58 64.66 -18.52 -23.45
C VAL J 58 66.06 -18.87 -23.95
N ILE J 59 67.07 -18.72 -23.08
CA ILE J 59 68.42 -19.21 -23.33
C ILE J 59 68.69 -20.37 -22.37
N ALA J 60 68.84 -21.59 -22.90
CA ALA J 60 68.82 -22.79 -22.10
C ALA J 60 69.53 -23.92 -22.81
N PRO J 61 69.98 -24.96 -22.09
CA PRO J 61 70.47 -26.20 -22.73
C PRO J 61 69.43 -26.78 -23.67
N ASP J 62 69.89 -27.36 -24.78
CA ASP J 62 69.03 -28.16 -25.66
C ASP J 62 68.47 -29.34 -24.87
N MET J 63 67.15 -29.63 -25.05
CA MET J 63 66.43 -30.54 -24.16
C MET J 63 65.46 -31.46 -24.90
N HIS J 64 65.10 -32.55 -24.22
CA HIS J 64 64.46 -33.74 -24.79
C HIS J 64 63.06 -33.44 -25.34
N PHE J 65 62.37 -32.48 -24.72
CA PHE J 65 60.95 -32.24 -25.00
C PHE J 65 60.71 -31.81 -26.45
N ARG J 66 59.56 -32.20 -27.01
CA ARG J 66 59.16 -32.15 -28.40
C ARG J 66 59.27 -30.72 -28.95
N SER J 67 59.87 -30.57 -30.17
CA SER J 67 59.89 -29.28 -30.84
C SER J 67 58.46 -28.89 -31.23
N SER J 68 57.84 -28.06 -30.38
CA SER J 68 56.51 -27.49 -30.60
C SER J 68 56.37 -26.85 -31.98
N SER J 69 55.20 -27.07 -32.60
CA SER J 69 54.90 -26.50 -33.89
C SER J 69 54.84 -24.97 -33.85
N GLU J 70 55.31 -24.40 -32.73
CA GLU J 70 55.25 -22.96 -32.51
C GLU J 70 56.48 -22.47 -31.78
N ILE J 71 57.51 -23.31 -31.55
CA ILE J 71 58.76 -22.87 -30.94
C ILE J 71 59.87 -22.95 -31.98
N ASN J 72 60.49 -21.80 -32.27
CA ASN J 72 61.73 -21.80 -33.04
C ASN J 72 62.91 -21.86 -32.08
N SER J 73 64.06 -22.37 -32.56
CA SER J 73 65.29 -22.46 -31.76
C SER J 73 66.54 -22.36 -32.64
N ARG J 74 67.66 -21.96 -32.03
CA ARG J 74 68.91 -21.71 -32.75
C ARG J 74 70.07 -21.90 -31.76
N LYS J 75 71.14 -22.56 -32.21
CA LYS J 75 72.28 -22.87 -31.36
C LYS J 75 73.12 -21.60 -31.20
N LEU J 76 73.52 -21.32 -29.94
CA LEU J 76 74.29 -20.12 -29.62
C LEU J 76 75.77 -20.46 -29.41
N TYR J 77 76.03 -21.46 -28.59
CA TYR J 77 77.40 -21.82 -28.23
C TYR J 77 77.37 -23.14 -27.47
N THR J 78 78.57 -23.71 -27.28
CA THR J 78 78.74 -24.96 -26.56
C THR J 78 79.35 -24.67 -25.20
N LEU J 79 78.88 -25.42 -24.18
CA LEU J 79 79.32 -25.26 -22.81
C LEU J 79 79.84 -26.62 -22.33
N MET J 80 80.93 -26.57 -21.56
CA MET J 80 81.54 -27.77 -21.00
C MET J 80 81.14 -27.93 -19.53
N ASN J 81 80.80 -29.17 -19.17
CA ASN J 81 80.39 -29.54 -17.82
C ASN J 81 81.39 -30.54 -17.26
N VAL J 82 81.90 -30.24 -16.04
CA VAL J 82 82.92 -31.05 -15.42
C VAL J 82 82.41 -31.57 -14.09
N TYR J 83 82.63 -32.87 -13.86
CA TYR J 83 82.31 -33.52 -12.58
C TYR J 83 83.46 -33.23 -11.62
N VAL J 84 83.18 -32.42 -10.60
CA VAL J 84 84.22 -31.93 -9.72
C VAL J 84 83.91 -32.29 -8.27
N ALA J 85 84.94 -32.15 -7.44
CA ALA J 85 84.89 -32.31 -5.99
C ALA J 85 86.11 -31.62 -5.39
N ALA J 86 86.04 -31.33 -4.08
CA ALA J 86 87.14 -30.69 -3.40
C ALA J 86 88.35 -31.64 -3.46
N PRO J 87 89.58 -31.08 -3.44
CA PRO J 87 90.79 -31.87 -3.60
C PRO J 87 90.90 -33.00 -2.56
N ASP J 88 90.47 -32.76 -1.30
CA ASP J 88 90.62 -33.77 -0.26
C ASP J 88 89.45 -34.76 -0.21
N HIS J 89 88.52 -34.68 -1.15
CA HIS J 89 87.38 -35.58 -1.15
C HIS J 89 87.82 -37.01 -1.46
N PRO J 90 87.34 -38.03 -0.73
CA PRO J 90 87.72 -39.42 -0.98
C PRO J 90 87.35 -39.96 -2.37
N ILE J 91 86.48 -39.24 -3.10
CA ILE J 91 86.04 -39.71 -4.41
C ILE J 91 87.24 -39.82 -5.35
N HIS J 92 88.27 -39.00 -5.07
CA HIS J 92 89.47 -38.96 -5.90
C HIS J 92 90.28 -40.25 -5.79
N GLN J 93 90.26 -40.89 -4.61
CA GLN J 93 91.00 -42.13 -4.40
C GLN J 93 90.27 -43.36 -4.96
N GLU J 94 89.16 -43.14 -5.64
CA GLU J 94 88.32 -44.26 -6.03
C GLU J 94 88.73 -44.81 -7.38
N PRO J 95 88.88 -46.15 -7.52
CA PRO J 95 89.20 -46.76 -8.81
C PRO J 95 88.15 -46.48 -9.88
N GLU J 96 86.87 -46.47 -9.48
CA GLU J 96 85.78 -46.39 -10.45
C GLU J 96 84.80 -45.30 -10.02
N PRO J 97 85.20 -44.00 -10.09
CA PRO J 97 84.42 -42.95 -9.42
C PRO J 97 83.01 -42.76 -9.98
N LEU J 98 82.77 -43.20 -11.22
CA LEU J 98 81.48 -43.00 -11.88
C LEU J 98 80.63 -44.26 -11.84
N SER J 99 81.10 -45.31 -11.15
CA SER J 99 80.33 -46.54 -11.06
C SER J 99 79.17 -46.34 -10.10
N GLU J 100 77.99 -46.83 -10.49
CA GLU J 100 76.78 -46.77 -9.67
C GLU J 100 77.05 -47.31 -8.26
N VAL J 101 77.90 -48.32 -8.16
CA VAL J 101 78.24 -48.89 -6.86
C VAL J 101 79.02 -47.87 -6.03
N THR J 102 79.81 -47.02 -6.70
CA THR J 102 80.66 -46.06 -6.00
C THR J 102 79.88 -44.78 -5.69
N ARG J 103 79.12 -44.28 -6.67
CA ARG J 103 78.47 -42.98 -6.57
C ARG J 103 77.52 -42.93 -5.40
N VAL J 104 76.81 -44.03 -5.11
CA VAL J 104 75.91 -44.12 -3.97
C VAL J 104 76.63 -43.82 -2.66
N LYS J 105 77.94 -44.09 -2.60
CA LYS J 105 78.66 -43.91 -1.34
C LYS J 105 78.79 -42.43 -0.96
N TYR J 106 78.72 -41.53 -1.95
CA TYR J 106 79.06 -40.13 -1.74
C TYR J 106 77.85 -39.23 -2.05
N ARG J 107 77.80 -38.08 -1.35
CA ARG J 107 76.65 -37.17 -1.44
C ARG J 107 76.67 -36.42 -2.77
N GLY J 108 75.55 -36.49 -3.51
CA GLY J 108 75.38 -35.64 -4.69
C GLY J 108 74.83 -34.26 -4.28
N ILE J 109 75.01 -33.28 -5.17
CA ILE J 109 74.45 -31.95 -4.97
C ILE J 109 73.66 -31.56 -6.21
N ALA J 110 72.39 -31.23 -5.98
CA ALA J 110 71.42 -30.99 -7.03
C ALA J 110 70.86 -29.57 -6.93
N VAL J 111 70.66 -28.96 -8.09
CA VAL J 111 69.97 -27.67 -8.20
C VAL J 111 68.50 -27.97 -8.53
N ALA J 112 67.58 -27.55 -7.66
CA ALA J 112 66.15 -27.70 -7.90
C ALA J 112 65.40 -26.52 -7.28
N ASP J 113 65.21 -25.47 -8.09
CA ASP J 113 64.42 -24.30 -7.72
C ASP J 113 63.04 -24.31 -8.36
N THR J 114 62.92 -24.88 -9.57
CA THR J 114 61.75 -24.75 -10.44
C THR J 114 61.05 -26.12 -10.58
N ALA J 115 59.79 -26.13 -11.03
CA ALA J 115 58.93 -27.32 -10.91
C ALA J 115 58.35 -27.75 -12.26
N ARG J 116 58.83 -28.88 -12.84
CA ARG J 116 58.24 -29.46 -14.04
C ARG J 116 58.37 -30.98 -14.06
N GLU J 117 59.58 -31.50 -13.80
CA GLU J 117 59.94 -32.88 -14.10
C GLU J 117 61.14 -33.23 -13.22
N ARG J 118 61.13 -34.44 -12.63
CA ARG J 118 62.18 -34.84 -11.71
C ARG J 118 63.44 -35.20 -12.43
N PRO J 119 63.43 -36.08 -13.47
CA PRO J 119 64.64 -36.52 -14.17
C PRO J 119 65.41 -35.37 -14.81
N VAL J 120 66.66 -35.18 -14.36
CA VAL J 120 67.60 -34.25 -14.97
C VAL J 120 68.30 -35.01 -16.12
N LEU J 121 69.25 -34.37 -16.81
CA LEU J 121 70.10 -35.05 -17.78
C LEU J 121 71.58 -35.02 -17.41
N THR J 122 71.93 -34.28 -16.35
CA THR J 122 73.28 -34.19 -15.80
C THR J 122 73.16 -34.40 -14.29
N VAL J 123 74.29 -34.48 -13.57
CA VAL J 123 74.34 -34.58 -12.10
C VAL J 123 73.28 -35.56 -11.57
N GLN J 124 73.17 -36.72 -12.25
CA GLN J 124 72.07 -37.67 -12.03
C GLN J 124 72.22 -38.40 -10.70
N LEU J 125 71.18 -38.29 -9.82
CA LEU J 125 71.34 -38.76 -8.44
C LEU J 125 70.68 -40.12 -8.33
N LEU J 126 71.34 -41.11 -7.74
CA LEU J 126 70.80 -42.47 -7.63
C LEU J 126 69.97 -42.60 -6.35
N ASP J 127 69.02 -43.54 -6.33
CA ASP J 127 68.27 -43.83 -5.12
C ASP J 127 69.21 -44.29 -4.00
N LYS J 128 68.81 -44.08 -2.75
CA LYS J 128 69.62 -44.49 -1.60
C LYS J 128 70.89 -43.62 -1.48
N GLN J 129 71.15 -42.74 -2.47
CA GLN J 129 72.34 -41.91 -2.46
C GLN J 129 72.07 -40.65 -1.64
N PRO J 130 72.98 -40.26 -0.73
CA PRO J 130 72.81 -38.98 -0.01
C PRO J 130 72.83 -37.82 -1.00
N ARG J 131 72.06 -36.77 -0.71
CA ARG J 131 72.01 -35.60 -1.58
C ARG J 131 71.80 -34.35 -0.76
N LEU J 132 72.31 -33.21 -1.26
CA LEU J 132 71.95 -31.88 -0.80
C LEU J 132 71.35 -31.14 -1.99
N THR J 133 70.29 -30.36 -1.75
CA THR J 133 69.58 -29.69 -2.82
C THR J 133 69.64 -28.20 -2.56
N VAL J 134 70.00 -27.43 -3.60
CA VAL J 134 70.12 -25.98 -3.54
C VAL J 134 69.40 -25.40 -4.75
N SER J 135 69.16 -24.09 -4.75
CA SER J 135 68.37 -23.43 -5.79
C SER J 135 69.28 -22.78 -6.81
N THR J 136 70.51 -22.44 -6.43
CA THR J 136 71.39 -21.63 -7.26
C THR J 136 72.68 -22.38 -7.55
N ILE J 137 73.31 -22.01 -8.67
CA ILE J 137 74.53 -22.65 -9.10
C ILE J 137 75.68 -22.18 -8.20
N GLU J 138 75.55 -20.98 -7.64
CA GLU J 138 76.54 -20.45 -6.71
C GLU J 138 76.56 -21.25 -5.41
N ASP J 139 75.37 -21.48 -4.84
CA ASP J 139 75.21 -22.29 -3.63
C ASP J 139 75.81 -23.68 -3.85
N LYS J 140 75.61 -24.24 -5.04
CA LYS J 140 76.16 -25.55 -5.36
C LYS J 140 77.68 -25.49 -5.40
N ARG J 141 78.22 -24.38 -5.89
CA ARG J 141 79.66 -24.20 -5.96
C ARG J 141 80.27 -24.17 -4.57
N GLN J 142 79.65 -23.38 -3.68
CA GLN J 142 80.14 -23.22 -2.32
C GLN J 142 80.12 -24.56 -1.58
N ALA J 143 79.03 -25.32 -1.76
CA ALA J 143 78.90 -26.65 -1.17
C ALA J 143 80.06 -27.54 -1.65
N LEU J 144 80.39 -27.46 -2.94
CA LEU J 144 81.48 -28.27 -3.50
C LEU J 144 82.82 -27.83 -2.92
N LEU J 145 83.03 -26.51 -2.86
CA LEU J 145 84.25 -25.96 -2.28
C LEU J 145 84.43 -26.41 -0.84
N ALA J 146 83.32 -26.59 -0.10
CA ALA J 146 83.37 -26.96 1.31
C ALA J 146 83.49 -28.48 1.49
N GLY J 147 83.63 -29.23 0.41
CA GLY J 147 83.90 -30.66 0.51
C GLY J 147 82.65 -31.51 0.77
N LEU J 148 81.44 -30.95 0.59
CA LEU J 148 80.23 -31.58 1.07
C LEU J 148 79.63 -32.56 0.09
N GLY J 149 80.24 -32.73 -1.09
CA GLY J 149 79.70 -33.66 -2.07
C GLY J 149 80.41 -33.62 -3.41
N VAL J 150 79.81 -34.31 -4.41
CA VAL J 150 80.35 -34.41 -5.76
C VAL J 150 79.25 -34.07 -6.76
N ALA J 151 79.55 -33.16 -7.70
CA ALA J 151 78.54 -32.71 -8.64
C ALA J 151 79.17 -32.11 -9.90
N THR J 152 78.37 -32.02 -10.95
CA THR J 152 78.76 -31.41 -12.20
C THR J 152 78.68 -29.89 -12.07
N MET J 153 79.58 -29.17 -12.75
CA MET J 153 79.55 -27.72 -12.78
C MET J 153 79.91 -27.22 -14.18
N PRO J 154 79.35 -26.05 -14.60
CA PRO J 154 79.79 -25.39 -15.82
C PRO J 154 81.25 -24.92 -15.68
N TYR J 155 82.09 -25.31 -16.65
CA TYR J 155 83.53 -25.09 -16.58
C TYR J 155 83.86 -23.63 -16.31
N PRO J 156 83.25 -22.64 -17.00
CA PRO J 156 83.60 -21.23 -16.74
C PRO J 156 83.52 -20.85 -15.27
N MET J 157 82.54 -21.43 -14.55
CA MET J 157 82.30 -21.03 -13.17
C MET J 157 83.32 -21.65 -12.21
N VAL J 158 84.02 -22.72 -12.64
CA VAL J 158 85.00 -23.39 -11.79
C VAL J 158 86.40 -23.45 -12.41
N GLU J 159 86.62 -22.68 -13.50
CA GLU J 159 87.90 -22.75 -14.22
C GLU J 159 89.02 -22.31 -13.28
N LYS J 160 88.82 -21.16 -12.59
CA LYS J 160 89.84 -20.68 -11.70
C LYS J 160 90.01 -21.64 -10.53
N ASP J 161 88.90 -22.22 -10.06
CA ASP J 161 88.92 -23.13 -8.93
C ASP J 161 89.80 -24.32 -9.25
N ILE J 162 89.71 -24.84 -10.50
CA ILE J 162 90.48 -26.02 -10.87
C ILE J 162 91.94 -25.65 -11.01
N ALA J 163 92.19 -24.48 -11.63
CA ALA J 163 93.55 -23.98 -11.79
C ALA J 163 94.22 -23.84 -10.42
N GLU J 164 93.55 -23.16 -9.48
CA GLU J 164 94.14 -22.82 -8.19
C GLU J 164 93.97 -23.95 -7.17
N GLY J 165 93.57 -25.13 -7.62
CA GLY J 165 93.54 -26.33 -6.79
C GLY J 165 92.49 -26.30 -5.66
N ARG J 166 91.43 -25.47 -5.81
CA ARG J 166 90.32 -25.47 -4.88
C ARG J 166 89.28 -26.55 -5.25
N LEU J 167 89.24 -26.92 -6.55
CA LEU J 167 88.43 -28.06 -7.01
C LEU J 167 89.27 -28.90 -7.95
N ARG J 168 88.81 -30.12 -8.19
CA ARG J 168 89.58 -31.08 -8.96
C ARG J 168 88.58 -31.94 -9.75
N VAL J 169 88.88 -32.14 -11.03
CA VAL J 169 88.02 -32.90 -11.91
C VAL J 169 88.07 -34.36 -11.47
N VAL J 170 86.90 -34.96 -11.26
CA VAL J 170 86.85 -36.27 -10.66
C VAL J 170 87.41 -37.31 -11.63
N SER J 171 86.86 -37.26 -12.85
CA SER J 171 87.25 -38.14 -13.94
C SER J 171 86.85 -37.44 -15.24
N PRO J 172 87.75 -37.41 -16.25
CA PRO J 172 87.46 -36.71 -17.50
C PRO J 172 86.36 -37.40 -18.32
N GLU J 173 86.13 -38.69 -18.04
CA GLU J 173 85.16 -39.49 -18.77
C GLU J 173 83.77 -38.87 -18.67
N SER J 174 83.47 -38.21 -17.55
CA SER J 174 82.14 -37.65 -17.28
C SER J 174 81.97 -36.26 -17.86
N THR J 175 83.04 -35.68 -18.41
CA THR J 175 82.97 -34.34 -18.98
C THR J 175 82.05 -34.38 -20.20
N SER J 176 81.11 -33.44 -20.28
CA SER J 176 80.08 -33.43 -21.30
C SER J 176 80.01 -32.04 -21.91
N GLU J 177 79.58 -32.01 -23.18
CA GLU J 177 79.34 -30.77 -23.89
C GLU J 177 77.82 -30.61 -24.06
N ILE J 178 77.35 -29.38 -23.78
CA ILE J 178 75.93 -29.07 -23.88
C ILE J 178 75.81 -27.88 -24.82
N ASP J 179 74.90 -28.03 -25.80
CA ASP J 179 74.58 -26.92 -26.68
C ASP J 179 73.60 -25.99 -25.98
N ILE J 180 73.97 -24.71 -25.90
CA ILE J 180 73.11 -23.69 -25.33
C ILE J 180 72.39 -23.03 -26.50
N ILE J 181 71.04 -23.09 -26.46
CA ILE J 181 70.22 -22.65 -27.57
C ILE J 181 69.38 -21.45 -27.15
N MET J 182 69.04 -20.63 -28.14
CA MET J 182 68.06 -19.56 -27.99
C MET J 182 66.74 -20.07 -28.58
N ALA J 183 65.65 -19.96 -27.81
CA ALA J 183 64.33 -20.40 -28.21
C ALA J 183 63.32 -19.28 -28.01
N TRP J 184 62.29 -19.25 -28.86
CA TRP J 184 61.20 -18.30 -28.78
C TRP J 184 59.97 -18.87 -29.47
N ARG J 185 58.85 -18.15 -29.35
CA ARG J 185 57.61 -18.53 -29.98
C ARG J 185 57.37 -17.70 -31.23
N ARG J 186 56.87 -18.38 -32.27
CA ARG J 186 56.55 -17.76 -33.54
C ARG J 186 55.17 -17.09 -33.47
N ASP J 187 54.34 -17.42 -32.46
CA ASP J 187 52.95 -16.97 -32.47
C ASP J 187 52.83 -15.51 -32.05
N SER J 188 53.97 -14.83 -31.88
CA SER J 188 54.02 -13.45 -31.40
C SER J 188 55.31 -12.80 -31.91
N MET J 189 55.29 -11.48 -32.02
CA MET J 189 56.39 -10.77 -32.67
C MET J 189 56.33 -9.31 -32.26
N GLY J 190 57.50 -8.72 -32.02
CA GLY J 190 57.56 -7.26 -31.88
C GLY J 190 58.97 -6.78 -32.15
N GLU J 191 59.13 -5.46 -32.14
CA GLU J 191 60.39 -4.81 -32.50
C GLU J 191 61.52 -5.29 -31.61
N ALA J 192 61.34 -5.15 -30.28
CA ALA J 192 62.40 -5.44 -29.32
C ALA J 192 62.77 -6.92 -29.39
N LYS J 193 61.74 -7.78 -29.42
CA LYS J 193 61.97 -9.21 -29.47
C LYS J 193 62.81 -9.58 -30.70
N SER J 194 62.43 -9.02 -31.85
CA SER J 194 63.11 -9.30 -33.12
C SER J 194 64.57 -8.84 -33.01
N TRP J 195 64.77 -7.63 -32.50
CA TRP J 195 66.11 -7.05 -32.36
C TRP J 195 66.98 -7.94 -31.47
N CYS J 196 66.45 -8.39 -30.32
CA CYS J 196 67.21 -9.25 -29.42
C CYS J 196 67.60 -10.55 -30.12
N LEU J 197 66.65 -11.15 -30.86
CA LEU J 197 66.93 -12.41 -31.54
C LEU J 197 68.13 -12.26 -32.50
N ARG J 198 68.41 -11.03 -32.94
CA ARG J 198 69.50 -10.79 -33.88
C ARG J 198 70.78 -10.50 -33.12
N GLU J 199 70.66 -9.78 -32.01
CA GLU J 199 71.81 -9.29 -31.23
C GLU J 199 72.38 -10.41 -30.35
N ILE J 200 71.52 -11.28 -29.80
CA ILE J 200 72.00 -12.24 -28.82
C ILE J 200 73.05 -13.18 -29.41
N PRO J 201 72.89 -13.75 -30.62
CA PRO J 201 73.95 -14.57 -31.22
C PRO J 201 75.30 -13.85 -31.36
N LYS J 202 75.25 -12.53 -31.56
CA LYS J 202 76.46 -11.72 -31.70
C LYS J 202 77.25 -11.67 -30.40
N LEU J 203 76.57 -11.83 -29.25
CA LEU J 203 77.24 -11.81 -27.95
C LEU J 203 78.15 -13.00 -27.79
N PHE J 204 77.95 -14.06 -28.60
CA PHE J 204 78.66 -15.32 -28.39
C PHE J 204 79.44 -15.75 -29.62
N ASN J 205 79.65 -14.85 -30.59
CA ASN J 205 80.60 -15.06 -31.68
C ASN J 205 82.02 -15.17 -31.07
N GLY J 206 82.54 -14.04 -30.57
CA GLY J 206 83.97 -13.81 -30.33
C GLY J 206 84.56 -13.14 -31.57
N THR K 6 43.48 18.02 6.06
CA THR K 6 42.24 18.32 5.28
C THR K 6 41.67 17.02 4.71
N HIS K 7 42.56 16.06 4.46
CA HIS K 7 42.23 14.86 3.70
C HIS K 7 42.65 13.60 4.46
N LEU K 8 41.69 12.71 4.71
CA LEU K 8 41.97 11.40 5.27
C LEU K 8 41.71 10.32 4.22
N THR K 9 42.59 9.31 4.19
CA THR K 9 42.47 8.19 3.26
C THR K 9 42.28 6.91 4.07
N ILE K 10 41.08 6.31 3.95
CA ILE K 10 40.84 4.95 4.42
C ILE K 10 40.95 4.04 3.21
N VAL K 11 41.67 2.93 3.37
CA VAL K 11 41.77 1.91 2.33
C VAL K 11 41.00 0.69 2.79
N THR K 12 40.00 0.30 1.99
CA THR K 12 39.22 -0.91 2.24
C THR K 12 39.57 -1.95 1.18
N GLU K 13 40.09 -3.12 1.61
CA GLU K 13 40.46 -4.17 0.70
C GLU K 13 39.21 -4.68 0.00
N ALA K 14 39.39 -5.33 -1.16
CA ALA K 14 38.29 -5.65 -2.06
C ALA K 14 37.19 -6.45 -1.36
N LEU K 15 37.57 -7.31 -0.40
CA LEU K 15 36.62 -8.14 0.34
C LEU K 15 35.74 -7.30 1.27
N VAL K 16 36.12 -6.04 1.52
CA VAL K 16 35.43 -5.21 2.49
C VAL K 16 34.51 -4.22 1.77
N PRO K 17 33.17 -4.27 2.00
CA PRO K 17 32.25 -3.29 1.42
C PRO K 17 32.53 -1.87 1.90
N THR K 18 32.91 -1.02 0.97
CA THR K 18 33.15 0.40 1.20
C THR K 18 31.94 1.08 1.80
N PRO K 19 30.68 0.83 1.33
CA PRO K 19 29.53 1.57 1.88
C PRO K 19 29.30 1.43 3.39
N ALA K 20 29.89 0.40 4.00
CA ALA K 20 29.79 0.24 5.44
C ALA K 20 30.43 1.42 6.20
N PHE K 21 31.29 2.20 5.54
CA PHE K 21 31.99 3.32 6.15
C PHE K 21 31.31 4.66 5.86
N PHE K 22 30.15 4.61 5.19
CA PHE K 22 29.50 5.85 4.76
C PHE K 22 29.00 6.67 5.96
N PRO K 23 28.47 6.06 7.03
CA PRO K 23 28.08 6.82 8.23
C PRO K 23 29.10 7.83 8.74
N LEU K 24 30.39 7.51 8.55
CA LEU K 24 31.49 8.38 8.99
C LEU K 24 31.46 9.74 8.29
N ILE K 25 30.92 9.83 7.06
CA ILE K 25 31.18 10.95 6.17
C ILE K 25 30.70 12.27 6.77
N ASP K 26 29.41 12.35 7.10
CA ASP K 26 28.83 13.58 7.63
C ASP K 26 29.45 13.95 8.98
N LYS K 27 29.66 12.94 9.83
CA LYS K 27 30.22 13.14 11.16
C LYS K 27 31.65 13.68 11.03
N LEU K 28 32.42 13.13 10.10
CA LEU K 28 33.80 13.58 9.92
C LEU K 28 33.84 15.02 9.40
N ALA K 29 32.80 15.46 8.69
CA ALA K 29 32.74 16.82 8.17
C ALA K 29 32.46 17.82 9.29
N ALA K 30 31.81 17.35 10.38
CA ALA K 30 31.52 18.15 11.55
C ALA K 30 32.66 18.09 12.57
N LYS K 31 33.22 16.89 12.77
CA LYS K 31 34.30 16.68 13.74
C LYS K 31 35.54 17.48 13.36
N ALA K 32 35.88 17.42 12.08
CA ALA K 32 37.00 18.15 11.50
C ALA K 32 36.55 18.66 10.13
N ASN K 33 37.46 19.35 9.44
CA ASN K 33 37.16 19.89 8.14
C ASN K 33 37.66 18.92 7.06
N THR K 34 37.68 17.63 7.40
CA THR K 34 38.40 16.60 6.68
C THR K 34 37.52 16.02 5.57
N GLN K 35 38.07 15.95 4.36
CA GLN K 35 37.48 15.28 3.21
C GLN K 35 37.97 13.84 3.14
N LEU K 36 37.03 12.90 3.03
CA LEU K 36 37.31 11.49 3.13
C LEU K 36 37.54 10.88 1.74
N ALA K 37 38.47 9.92 1.69
CA ALA K 37 38.69 9.06 0.55
C ALA K 37 38.69 7.62 1.02
N ILE K 38 37.71 6.83 0.56
CA ILE K 38 37.65 5.41 0.89
C ILE K 38 38.01 4.63 -0.37
N ILE K 39 39.27 4.19 -0.45
CA ILE K 39 39.93 3.69 -1.64
C ILE K 39 39.95 2.17 -1.54
N THR K 40 39.74 1.50 -2.68
CA THR K 40 39.75 0.05 -2.69
C THR K 40 41.09 -0.44 -3.25
N GLU K 41 41.63 -1.47 -2.61
CA GLU K 41 42.85 -2.11 -3.08
C GLU K 41 42.64 -3.63 -2.91
N VAL K 42 43.56 -4.43 -3.46
CA VAL K 42 43.45 -5.87 -3.45
C VAL K 42 44.67 -6.45 -2.72
N LEU K 43 44.40 -7.30 -1.71
CA LEU K 43 45.40 -7.98 -0.91
C LEU K 43 46.59 -7.07 -0.57
N ALA K 44 47.78 -7.42 -1.08
CA ALA K 44 49.03 -6.78 -0.68
C ALA K 44 49.05 -5.29 -1.02
N GLY K 45 48.28 -4.90 -2.06
CA GLY K 45 48.20 -3.51 -2.48
C GLY K 45 47.70 -2.61 -1.36
N ALA K 46 46.83 -3.16 -0.50
CA ALA K 46 46.28 -2.39 0.62
C ALA K 46 47.39 -2.11 1.64
N TRP K 47 48.18 -3.13 1.95
CA TRP K 47 49.27 -3.02 2.92
C TRP K 47 50.38 -2.12 2.41
N GLU K 48 50.68 -2.25 1.11
CA GLU K 48 51.73 -1.46 0.47
C GLU K 48 51.42 0.02 0.63
N ARG K 49 50.15 0.40 0.48
CA ARG K 49 49.73 1.77 0.68
C ARG K 49 50.06 2.22 2.10
N LEU K 50 49.90 1.32 3.09
CA LEU K 50 50.12 1.68 4.49
C LEU K 50 51.61 1.88 4.74
N GLU K 51 52.44 0.94 4.26
CA GLU K 51 53.90 1.01 4.36
C GLU K 51 54.42 2.31 3.74
N GLN K 52 53.95 2.63 2.52
CA GLN K 52 54.41 3.81 1.80
C GLN K 52 53.80 5.10 2.34
N GLY K 53 53.02 5.02 3.43
CA GLY K 53 52.40 6.18 4.05
C GLY K 53 51.39 6.88 3.14
N ARG K 54 50.73 6.11 2.27
CA ARG K 54 49.73 6.64 1.36
C ARG K 54 48.31 6.24 1.77
N ALA K 55 48.15 5.91 3.05
CA ALA K 55 46.88 5.50 3.64
C ALA K 55 46.97 5.69 5.15
N ASP K 56 46.04 6.45 5.73
CA ASP K 56 45.96 6.68 7.16
C ASP K 56 45.48 5.41 7.89
N ILE K 57 44.43 4.74 7.39
CA ILE K 57 43.88 3.54 7.99
C ILE K 57 43.60 2.50 6.91
N VAL K 58 43.91 1.22 7.21
CA VAL K 58 43.66 0.12 6.30
C VAL K 58 42.66 -0.86 6.93
N ILE K 59 41.59 -1.21 6.19
CA ILE K 59 40.66 -2.25 6.57
C ILE K 59 40.83 -3.41 5.60
N ALA K 60 41.34 -4.55 6.08
CA ALA K 60 41.84 -5.59 5.20
C ALA K 60 41.89 -6.91 5.93
N PRO K 61 41.94 -8.05 5.20
CA PRO K 61 42.22 -9.35 5.80
C PRO K 61 43.53 -9.34 6.58
N ASP K 62 43.54 -10.09 7.69
CA ASP K 62 44.69 -10.20 8.59
C ASP K 62 45.92 -10.67 7.85
N MET K 63 47.06 -9.98 8.12
CA MET K 63 48.35 -10.07 7.47
C MET K 63 49.26 -9.46 8.56
N HIS K 64 48.79 -9.63 9.80
CA HIS K 64 49.45 -9.25 11.06
C HIS K 64 50.91 -9.71 11.20
N PHE K 65 51.79 -8.99 10.52
CA PHE K 65 53.22 -9.29 10.50
C PHE K 65 54.02 -8.03 10.22
N ARG K 66 55.20 -7.85 10.86
CA ARG K 66 55.97 -6.60 10.75
C ARG K 66 57.35 -6.72 10.07
N SER K 67 57.44 -6.26 8.82
CA SER K 67 58.73 -5.98 8.19
C SER K 67 58.94 -4.51 8.46
N SER K 68 57.98 -3.71 7.95
CA SER K 68 58.01 -2.24 8.06
C SER K 68 57.89 -1.83 9.51
N SER K 69 57.37 -2.75 10.35
CA SER K 69 57.11 -2.49 11.75
C SER K 69 56.01 -1.43 11.97
N GLU K 70 55.89 -0.90 13.18
CA GLU K 70 55.24 0.37 13.53
C GLU K 70 53.72 0.38 13.35
N ILE K 71 53.13 -0.80 13.20
CA ILE K 71 51.75 -0.98 12.79
C ILE K 71 50.94 -1.54 13.96
N ASN K 72 49.93 -0.79 14.40
CA ASN K 72 48.94 -1.32 15.31
C ASN K 72 47.79 -1.91 14.51
N SER K 73 47.07 -2.85 15.13
CA SER K 73 45.93 -3.51 14.49
C SER K 73 44.89 -3.96 15.51
N ARG K 74 43.65 -4.13 15.05
CA ARG K 74 42.53 -4.58 15.87
C ARG K 74 41.53 -5.32 15.00
N LYS K 75 40.98 -6.42 15.51
CA LYS K 75 40.07 -7.26 14.77
C LYS K 75 38.70 -6.59 14.77
N LEU K 76 38.07 -6.56 13.57
CA LEU K 76 36.78 -5.90 13.39
C LEU K 76 35.66 -6.94 13.32
N TYR K 77 35.83 -7.96 12.48
CA TYR K 77 34.80 -8.99 12.29
C TYR K 77 35.38 -10.12 11.46
N THR K 78 34.64 -11.22 11.38
CA THR K 78 35.03 -12.41 10.63
C THR K 78 34.20 -12.51 9.35
N LEU K 79 34.85 -12.96 8.27
CA LEU K 79 34.24 -13.11 6.96
C LEU K 79 34.40 -14.55 6.51
N MET K 80 33.33 -15.11 5.92
CA MET K 80 33.32 -16.46 5.40
C MET K 80 33.49 -16.44 3.88
N ASN K 81 34.33 -17.34 3.35
CA ASN K 81 34.61 -17.47 1.92
C ASN K 81 34.15 -18.84 1.43
N VAL K 82 33.36 -18.86 0.36
CA VAL K 82 32.74 -20.07 -0.15
C VAL K 82 33.12 -20.25 -1.62
N TYR K 83 33.44 -21.50 -1.97
CA TYR K 83 33.77 -21.92 -3.32
C TYR K 83 32.47 -22.16 -4.07
N VAL K 84 32.15 -21.29 -5.03
CA VAL K 84 30.86 -21.31 -5.71
C VAL K 84 31.03 -21.43 -7.23
N ALA K 85 29.93 -21.73 -7.91
CA ALA K 85 29.81 -21.81 -9.36
C ALA K 85 28.33 -21.74 -9.75
N ALA K 86 28.06 -21.43 -11.01
CA ALA K 86 26.68 -21.33 -11.49
C ALA K 86 26.02 -22.68 -11.34
N PRO K 87 24.69 -22.73 -11.16
CA PRO K 87 23.98 -24.00 -10.93
C PRO K 87 24.21 -25.01 -12.05
N ASP K 88 24.26 -24.56 -13.31
CA ASP K 88 24.36 -25.43 -14.48
C ASP K 88 25.83 -25.67 -14.83
N HIS K 89 26.77 -25.25 -14.01
CA HIS K 89 28.17 -25.55 -14.27
C HIS K 89 28.43 -27.04 -14.06
N PRO K 90 29.17 -27.70 -14.99
CA PRO K 90 29.42 -29.13 -14.85
C PRO K 90 30.22 -29.53 -13.61
N ILE K 91 30.80 -28.57 -12.88
CA ILE K 91 31.58 -28.89 -11.69
C ILE K 91 30.70 -29.59 -10.66
N HIS K 92 29.40 -29.29 -10.71
CA HIS K 92 28.42 -29.84 -9.78
C HIS K 92 28.20 -31.33 -10.03
N GLN K 93 28.31 -31.78 -11.27
CA GLN K 93 28.10 -33.19 -11.63
C GLN K 93 29.36 -34.03 -11.36
N GLU K 94 30.38 -33.43 -10.74
CA GLU K 94 31.66 -34.11 -10.60
C GLU K 94 31.62 -34.94 -9.32
N PRO K 95 32.08 -36.22 -9.36
CA PRO K 95 32.25 -37.01 -8.15
C PRO K 95 33.24 -36.39 -7.16
N GLU K 96 34.32 -35.79 -7.69
CA GLU K 96 35.38 -35.27 -6.85
C GLU K 96 35.70 -33.86 -7.30
N PRO K 97 34.84 -32.86 -6.98
CA PRO K 97 35.01 -31.51 -7.50
C PRO K 97 36.32 -30.84 -7.08
N LEU K 98 36.90 -31.27 -5.94
CA LEU K 98 38.08 -30.60 -5.40
C LEU K 98 39.35 -31.39 -5.72
N SER K 99 39.23 -32.47 -6.52
CA SER K 99 40.41 -33.26 -6.89
C SER K 99 41.24 -32.49 -7.90
N GLU K 100 42.56 -32.51 -7.71
CA GLU K 100 43.52 -31.88 -8.61
C GLU K 100 43.28 -32.30 -10.05
N VAL K 101 42.89 -33.56 -10.24
CA VAL K 101 42.62 -34.09 -11.58
C VAL K 101 41.38 -33.40 -12.16
N THR K 102 40.42 -33.03 -11.29
CA THR K 102 39.18 -32.42 -11.75
C THR K 102 39.33 -30.91 -11.94
N ARG K 103 39.98 -30.25 -10.97
CA ARG K 103 40.02 -28.80 -10.93
C ARG K 103 40.68 -28.20 -12.16
N VAL K 104 41.71 -28.89 -12.68
CA VAL K 104 42.40 -28.47 -13.90
C VAL K 104 41.43 -28.40 -15.09
N LYS K 105 40.35 -29.18 -15.05
CA LYS K 105 39.43 -29.24 -16.19
C LYS K 105 38.66 -27.91 -16.34
N TYR K 106 38.49 -27.17 -15.23
CA TYR K 106 37.56 -26.05 -15.19
C TYR K 106 38.29 -24.74 -14.88
N ARG K 107 37.75 -23.63 -15.41
CA ARG K 107 38.43 -22.34 -15.36
C ARG K 107 38.35 -21.74 -13.96
N GLY K 108 39.51 -21.37 -13.39
CA GLY K 108 39.51 -20.58 -12.16
C GLY K 108 39.39 -19.08 -12.46
N ILE K 109 38.99 -18.29 -11.45
CA ILE K 109 38.84 -16.84 -11.62
C ILE K 109 39.56 -16.17 -10.45
N ALA K 110 40.48 -15.24 -10.77
CA ALA K 110 41.31 -14.55 -9.81
C ALA K 110 41.10 -13.04 -9.87
N VAL K 111 41.16 -12.38 -8.71
CA VAL K 111 41.19 -10.93 -8.61
C VAL K 111 42.67 -10.54 -8.48
N ALA K 112 43.17 -9.73 -9.42
CA ALA K 112 44.58 -9.35 -9.49
C ALA K 112 44.90 -8.44 -8.31
N ASP K 113 46.16 -8.46 -7.85
CA ASP K 113 46.66 -7.68 -6.73
C ASP K 113 47.35 -6.38 -7.20
N THR K 114 47.25 -5.32 -6.38
CA THR K 114 47.69 -3.98 -6.75
C THR K 114 49.20 -3.95 -7.04
N ALA K 115 49.97 -4.69 -6.22
CA ALA K 115 51.43 -4.71 -6.29
C ALA K 115 52.01 -5.56 -5.15
N ARG K 116 53.37 -5.65 -5.11
CA ARG K 116 54.14 -6.30 -4.06
C ARG K 116 53.84 -7.81 -4.10
N GLU K 117 53.29 -8.36 -3.02
CA GLU K 117 53.29 -9.78 -2.76
C GLU K 117 52.31 -10.48 -3.70
N ARG K 118 52.42 -11.79 -3.72
CA ARG K 118 51.61 -12.71 -4.48
C ARG K 118 50.19 -12.78 -3.90
N PRO K 119 49.17 -12.98 -4.76
CA PRO K 119 47.82 -13.40 -4.34
C PRO K 119 47.82 -14.71 -3.55
N VAL K 120 47.34 -14.63 -2.30
CA VAL K 120 47.37 -15.75 -1.36
C VAL K 120 46.67 -16.96 -1.99
N LEU K 121 45.62 -16.69 -2.79
CA LEU K 121 44.82 -17.74 -3.42
C LEU K 121 44.30 -18.83 -2.46
N THR K 122 43.21 -18.49 -1.76
CA THR K 122 42.53 -19.35 -0.81
C THR K 122 42.39 -20.80 -1.33
N VAL K 123 41.89 -20.93 -2.59
CA VAL K 123 41.92 -22.19 -3.31
C VAL K 123 43.01 -22.11 -4.41
N GLN K 124 43.58 -23.26 -4.76
CA GLN K 124 44.75 -23.37 -5.61
C GLN K 124 44.39 -23.10 -7.08
N LEU K 125 45.07 -22.13 -7.73
CA LEU K 125 45.05 -22.00 -9.18
C LEU K 125 46.17 -22.86 -9.83
N LEU K 126 45.81 -24.06 -10.30
CA LEU K 126 46.77 -25.11 -10.66
C LEU K 126 47.41 -24.80 -12.00
N ASP K 127 48.63 -25.32 -12.23
CA ASP K 127 49.26 -25.14 -13.53
C ASP K 127 48.42 -25.81 -14.61
N LYS K 128 48.53 -25.32 -15.87
CA LYS K 128 47.80 -25.92 -16.97
C LYS K 128 46.29 -25.68 -16.85
N GLN K 129 45.84 -25.06 -15.73
CA GLN K 129 44.42 -24.82 -15.49
C GLN K 129 44.01 -23.53 -16.19
N PRO K 130 42.88 -23.52 -16.93
CA PRO K 130 42.38 -22.28 -17.51
C PRO K 130 42.04 -21.27 -16.41
N ARG K 131 42.23 -19.98 -16.68
CA ARG K 131 41.97 -18.95 -15.70
C ARG K 131 41.49 -17.68 -16.38
N LEU K 132 40.67 -16.90 -15.66
CA LEU K 132 40.34 -15.53 -16.01
C LEU K 132 40.78 -14.64 -14.85
N THR K 133 41.29 -13.45 -15.15
CA THR K 133 41.74 -12.54 -14.12
C THR K 133 40.94 -11.25 -14.27
N VAL K 134 40.43 -10.74 -13.15
CA VAL K 134 39.67 -9.49 -13.10
C VAL K 134 40.20 -8.65 -11.95
N SER K 135 39.84 -7.37 -11.91
CA SER K 135 40.36 -6.41 -10.94
C SER K 135 39.39 -6.26 -9.77
N THR K 136 38.11 -6.53 -9.99
CA THR K 136 37.08 -6.20 -9.02
C THR K 136 36.33 -7.46 -8.59
N ILE K 137 35.78 -7.40 -7.38
CA ILE K 137 35.07 -8.54 -6.82
C ILE K 137 33.73 -8.66 -7.55
N GLU K 138 33.19 -7.53 -8.02
CA GLU K 138 31.93 -7.51 -8.76
C GLU K 138 32.11 -8.21 -10.11
N ASP K 139 33.17 -7.86 -10.85
CA ASP K 139 33.49 -8.51 -12.12
C ASP K 139 33.61 -10.02 -11.92
N LYS K 140 34.24 -10.42 -10.82
CA LYS K 140 34.40 -11.84 -10.55
C LYS K 140 33.03 -12.49 -10.30
N ARG K 141 32.13 -11.76 -9.66
CA ARG K 141 30.79 -12.25 -9.36
C ARG K 141 30.03 -12.49 -10.67
N GLN K 142 30.08 -11.49 -11.56
CA GLN K 142 29.38 -11.56 -12.83
C GLN K 142 29.90 -12.71 -13.67
N ALA K 143 31.21 -12.90 -13.71
CA ALA K 143 31.84 -14.02 -14.40
C ALA K 143 31.28 -15.34 -13.87
N LEU K 144 31.17 -15.46 -12.54
CA LEU K 144 30.66 -16.67 -11.92
C LEU K 144 29.18 -16.88 -12.28
N LEU K 145 28.39 -15.80 -12.20
CA LEU K 145 26.97 -15.84 -12.56
C LEU K 145 26.80 -16.29 -14.01
N ALA K 146 27.74 -15.94 -14.89
CA ALA K 146 27.64 -16.25 -16.31
C ALA K 146 28.17 -17.65 -16.62
N GLY K 147 28.56 -18.40 -15.59
CA GLY K 147 28.94 -19.80 -15.80
C GLY K 147 30.37 -19.99 -16.29
N LEU K 148 31.21 -18.94 -16.22
CA LEU K 148 32.50 -18.93 -16.90
C LEU K 148 33.61 -19.57 -16.07
N GLY K 149 33.31 -19.97 -14.82
CA GLY K 149 34.37 -20.57 -14.02
C GLY K 149 33.93 -20.91 -12.59
N VAL K 150 34.90 -21.31 -11.77
CA VAL K 150 34.69 -21.68 -10.37
C VAL K 150 35.70 -20.92 -9.50
N ALA K 151 35.19 -20.25 -8.45
CA ALA K 151 36.06 -19.43 -7.62
C ALA K 151 35.44 -19.20 -6.24
N THR K 152 36.29 -18.76 -5.31
CA THR K 152 35.88 -18.38 -3.97
C THR K 152 35.22 -17.00 -4.00
N MET K 153 34.23 -16.78 -3.13
CA MET K 153 33.59 -15.48 -2.98
C MET K 153 33.25 -15.24 -1.50
N PRO K 154 33.22 -13.95 -1.07
CA PRO K 154 32.72 -13.61 0.25
C PRO K 154 31.23 -13.94 0.39
N TYR K 155 30.87 -14.70 1.40
CA TYR K 155 29.52 -15.25 1.58
C TYR K 155 28.47 -14.15 1.51
N PRO K 156 28.61 -13.01 2.22
CA PRO K 156 27.59 -11.97 2.17
C PRO K 156 27.25 -11.52 0.75
N MET K 157 28.26 -11.50 -0.13
CA MET K 157 28.08 -10.97 -1.47
C MET K 157 27.36 -11.97 -2.38
N VAL K 158 27.32 -13.27 -2.00
CA VAL K 158 26.63 -14.27 -2.80
C VAL K 158 25.54 -15.00 -2.02
N GLU K 159 25.18 -14.53 -0.82
CA GLU K 159 24.19 -15.19 0.01
C GLU K 159 22.85 -15.21 -0.73
N LYS K 160 22.44 -14.06 -1.26
CA LYS K 160 21.18 -13.99 -1.99
C LYS K 160 21.26 -14.83 -3.25
N ASP K 161 22.43 -14.83 -3.91
CA ASP K 161 22.63 -15.59 -5.13
C ASP K 161 22.40 -17.09 -4.86
N ILE K 162 22.87 -17.58 -3.72
CA ILE K 162 22.75 -19.00 -3.39
C ILE K 162 21.28 -19.31 -3.05
N ALA K 163 20.66 -18.42 -2.28
CA ALA K 163 19.26 -18.56 -1.93
C ALA K 163 18.40 -18.63 -3.19
N GLU K 164 18.58 -17.67 -4.10
CA GLU K 164 17.72 -17.52 -5.27
C GLU K 164 18.22 -18.37 -6.44
N GLY K 165 19.12 -19.32 -6.17
CA GLY K 165 19.54 -20.34 -7.12
C GLY K 165 20.31 -19.80 -8.32
N ARG K 166 20.94 -18.63 -8.19
CA ARG K 166 21.82 -18.08 -9.24
C ARG K 166 23.25 -18.61 -9.07
N LEU K 167 23.64 -19.03 -7.85
CA LEU K 167 24.91 -19.69 -7.58
C LEU K 167 24.70 -20.86 -6.64
N ARG K 168 25.70 -21.73 -6.52
CA ARG K 168 25.60 -22.92 -5.71
C ARG K 168 26.97 -23.27 -5.17
N VAL K 169 27.05 -23.62 -3.88
CA VAL K 169 28.31 -23.90 -3.21
C VAL K 169 28.84 -25.21 -3.77
N VAL K 170 30.09 -25.22 -4.19
CA VAL K 170 30.62 -26.37 -4.91
C VAL K 170 30.80 -27.50 -3.90
N SER K 171 31.50 -27.18 -2.81
CA SER K 171 31.75 -28.14 -1.74
C SER K 171 32.02 -27.36 -0.46
N PRO K 172 31.36 -27.72 0.66
CA PRO K 172 31.53 -26.98 1.92
C PRO K 172 32.94 -27.17 2.51
N GLU K 173 33.63 -28.23 2.10
CA GLU K 173 34.83 -28.70 2.75
C GLU K 173 35.89 -27.60 2.82
N SER K 174 35.95 -26.79 1.74
CA SER K 174 37.04 -25.83 1.59
C SER K 174 36.65 -24.46 2.16
N THR K 175 35.44 -24.34 2.77
CA THR K 175 34.98 -23.01 3.18
C THR K 175 35.90 -22.48 4.30
N SER K 176 36.29 -21.21 4.21
CA SER K 176 37.31 -20.67 5.11
C SER K 176 36.85 -19.36 5.75
N GLU K 177 37.39 -19.09 6.95
CA GLU K 177 37.08 -17.87 7.68
C GLU K 177 38.30 -16.97 7.70
N ILE K 178 38.08 -15.67 7.50
CA ILE K 178 39.15 -14.68 7.48
C ILE K 178 38.79 -13.56 8.44
N ASP K 179 39.73 -13.16 9.28
CA ASP K 179 39.58 -11.99 10.14
C ASP K 179 39.81 -10.72 9.34
N ILE K 180 38.85 -9.80 9.39
CA ILE K 180 39.01 -8.46 8.82
C ILE K 180 39.48 -7.55 9.94
N ILE K 181 40.67 -6.93 9.76
CA ILE K 181 41.27 -6.10 10.80
C ILE K 181 41.35 -4.63 10.35
N MET K 182 41.38 -3.73 11.34
CA MET K 182 41.72 -2.34 11.14
C MET K 182 43.18 -2.13 11.57
N ALA K 183 43.98 -1.52 10.68
CA ALA K 183 45.39 -1.32 10.90
C ALA K 183 45.78 0.12 10.61
N TRP K 184 46.79 0.63 11.33
CA TRP K 184 47.32 1.97 11.14
C TRP K 184 48.76 2.02 11.67
N ARG K 185 49.43 3.16 11.44
CA ARG K 185 50.77 3.40 11.92
C ARG K 185 50.72 4.35 13.11
N ARG K 186 51.63 4.11 14.07
CA ARG K 186 51.63 4.89 15.30
C ARG K 186 52.42 6.19 15.14
N ASP K 187 53.17 6.37 14.05
CA ASP K 187 54.07 7.51 13.91
C ASP K 187 53.34 8.82 13.64
N SER K 188 52.00 8.79 13.62
CA SER K 188 51.17 9.97 13.41
C SER K 188 49.78 9.73 14.01
N MET K 189 49.15 10.80 14.48
CA MET K 189 47.89 10.66 15.20
C MET K 189 47.06 11.94 15.09
N GLY K 190 46.68 12.31 13.85
CA GLY K 190 45.86 13.49 13.63
C GLY K 190 44.53 13.38 14.35
N GLU K 191 43.79 14.49 14.42
CA GLU K 191 42.49 14.49 15.06
C GLU K 191 41.52 13.53 14.36
N ALA K 192 41.39 13.70 13.06
CA ALA K 192 40.47 12.93 12.22
C ALA K 192 40.81 11.44 12.29
N LYS K 193 42.09 11.13 12.12
CA LYS K 193 42.56 9.76 12.14
C LYS K 193 42.20 9.10 13.47
N SER K 194 42.47 9.80 14.58
CA SER K 194 42.21 9.28 15.92
C SER K 194 40.71 9.01 16.07
N TRP K 195 39.89 9.97 15.65
CA TRP K 195 38.45 9.86 15.74
C TRP K 195 37.94 8.64 14.95
N CYS K 196 38.43 8.46 13.72
CA CYS K 196 38.01 7.33 12.90
C CYS K 196 38.39 6.01 13.57
N LEU K 197 39.61 5.94 14.14
CA LEU K 197 40.05 4.71 14.79
C LEU K 197 39.10 4.32 15.93
N ARG K 198 38.34 5.28 16.46
CA ARG K 198 37.42 5.02 17.56
C ARG K 198 36.05 4.65 17.01
N GLU K 199 35.66 5.31 15.93
CA GLU K 199 34.33 5.16 15.33
C GLU K 199 34.22 3.88 14.51
N ILE K 200 35.29 3.51 13.79
CA ILE K 200 35.20 2.41 12.86
C ILE K 200 34.79 1.11 13.55
N PRO K 201 35.40 0.70 14.68
CA PRO K 201 34.96 -0.49 15.40
C PRO K 201 33.48 -0.49 15.77
N LYS K 202 32.93 0.71 16.04
CA LYS K 202 31.53 0.84 16.41
C LYS K 202 30.61 0.46 15.26
N LEU K 203 31.08 0.62 14.01
CA LEU K 203 30.29 0.28 12.84
C LEU K 203 30.04 -1.24 12.76
N PHE K 204 30.85 -2.03 13.46
CA PHE K 204 30.82 -3.49 13.30
C PHE K 204 30.61 -4.21 14.63
N ASN K 205 30.12 -3.50 15.65
CA ASN K 205 29.96 -4.08 16.98
C ASN K 205 29.02 -5.31 16.99
N GLY K 206 29.52 -6.41 17.58
CA GLY K 206 28.79 -7.65 17.68
C GLY K 206 29.02 -8.62 16.51
N LYS K 207 29.79 -8.17 15.50
CA LYS K 207 29.95 -8.95 14.25
C LYS K 207 31.26 -9.76 14.29
N MET L 4 50.18 -24.27 -27.41
CA MET L 4 50.31 -24.32 -25.93
C MET L 4 49.60 -23.09 -25.33
N GLU L 5 49.65 -22.99 -23.99
CA GLU L 5 49.02 -21.86 -23.30
C GLU L 5 49.61 -20.51 -23.76
N THR L 6 48.74 -19.51 -23.80
CA THR L 6 49.05 -18.11 -24.12
C THR L 6 48.26 -17.19 -23.18
N HIS L 7 48.78 -15.98 -22.95
CA HIS L 7 48.15 -15.06 -22.01
C HIS L 7 47.99 -13.69 -22.62
N LEU L 8 46.75 -13.21 -22.72
CA LEU L 8 46.47 -11.86 -23.21
C LEU L 8 45.86 -11.02 -22.10
N THR L 9 46.21 -9.73 -22.04
CA THR L 9 45.70 -8.81 -21.04
C THR L 9 44.93 -7.70 -21.73
N ILE L 10 43.62 -7.68 -21.50
CA ILE L 10 42.73 -6.61 -21.91
C ILE L 10 42.50 -5.70 -20.70
N VAL L 11 42.60 -4.39 -20.91
CA VAL L 11 42.25 -3.41 -19.90
C VAL L 11 40.93 -2.76 -20.29
N THR L 12 39.92 -2.84 -19.41
CA THR L 12 38.66 -2.14 -19.58
C THR L 12 38.55 -1.02 -18.56
N GLU L 13 38.43 0.22 -19.02
CA GLU L 13 38.32 1.38 -18.14
C GLU L 13 37.03 1.26 -17.34
N ALA L 14 36.96 1.95 -16.21
CA ALA L 14 35.91 1.74 -15.21
C ALA L 14 34.52 1.90 -15.82
N LEU L 15 34.38 2.83 -16.79
CA LEU L 15 33.11 3.11 -17.45
C LEU L 15 32.67 1.95 -18.33
N VAL L 16 33.58 1.01 -18.62
CA VAL L 16 33.28 -0.07 -19.54
C VAL L 16 32.99 -1.35 -18.76
N PRO L 17 31.77 -1.94 -18.87
CA PRO L 17 31.46 -3.21 -18.24
C PRO L 17 32.35 -4.35 -18.72
N THR L 18 33.16 -4.90 -17.81
CA THR L 18 34.01 -6.05 -18.06
C THR L 18 33.19 -7.24 -18.58
N PRO L 19 32.00 -7.58 -18.01
CA PRO L 19 31.26 -8.74 -18.47
C PRO L 19 30.88 -8.77 -19.96
N ALA L 20 30.89 -7.61 -20.61
CA ALA L 20 30.61 -7.55 -22.04
C ALA L 20 31.66 -8.34 -22.86
N PHE L 21 32.84 -8.61 -22.27
CA PHE L 21 33.92 -9.32 -22.94
C PHE L 21 33.94 -10.81 -22.59
N PHE L 22 32.96 -11.28 -21.83
CA PHE L 22 32.96 -12.66 -21.36
C PHE L 22 32.78 -13.65 -22.51
N PRO L 23 31.94 -13.36 -23.54
CA PRO L 23 31.85 -14.24 -24.71
C PRO L 23 33.17 -14.69 -25.31
N LEU L 24 34.19 -13.84 -25.23
CA LEU L 24 35.53 -14.12 -25.76
C LEU L 24 36.18 -15.33 -25.08
N ILE L 25 35.82 -15.60 -23.81
CA ILE L 25 36.62 -16.48 -22.96
C ILE L 25 36.65 -17.90 -23.52
N ASP L 26 35.46 -18.50 -23.70
CA ASP L 26 35.36 -19.87 -24.20
C ASP L 26 35.90 -19.98 -25.62
N LYS L 27 35.62 -18.99 -26.46
CA LYS L 27 36.09 -18.99 -27.85
C LYS L 27 37.62 -18.96 -27.89
N LEU L 28 38.21 -18.11 -27.03
CA LEU L 28 39.67 -18.02 -26.99
C LEU L 28 40.30 -19.33 -26.52
N ALA L 29 39.58 -20.09 -25.70
CA ALA L 29 40.09 -21.36 -25.16
C ALA L 29 40.10 -22.44 -26.25
N ALA L 30 39.20 -22.29 -27.25
CA ALA L 30 39.10 -23.22 -28.37
C ALA L 30 40.01 -22.79 -29.52
N LYS L 31 40.04 -21.47 -29.80
CA LYS L 31 40.83 -20.93 -30.90
C LYS L 31 42.31 -21.17 -30.67
N ALA L 32 42.77 -20.94 -29.44
CA ALA L 32 44.14 -21.17 -29.00
C ALA L 32 44.07 -21.67 -27.56
N ASN L 33 45.20 -21.73 -26.85
CA ASN L 33 45.18 -22.14 -25.46
C ASN L 33 45.24 -20.90 -24.58
N THR L 34 44.61 -19.80 -25.03
CA THR L 34 44.88 -18.47 -24.50
C THR L 34 44.02 -18.17 -23.26
N GLN L 35 44.67 -17.72 -22.20
CA GLN L 35 44.03 -17.36 -20.94
C GLN L 35 43.90 -15.84 -20.95
N LEU L 36 42.69 -15.36 -20.68
CA LEU L 36 42.39 -13.94 -20.75
C LEU L 36 42.48 -13.30 -19.36
N ALA L 37 42.94 -12.05 -19.34
CA ALA L 37 42.95 -11.23 -18.13
C ALA L 37 42.30 -9.89 -18.44
N ILE L 38 41.13 -9.61 -17.86
CA ILE L 38 40.41 -8.39 -18.16
C ILE L 38 40.47 -7.51 -16.91
N ILE L 39 41.37 -6.53 -16.92
CA ILE L 39 41.76 -5.71 -15.79
C ILE L 39 41.04 -4.37 -15.90
N THR L 40 40.64 -3.84 -14.74
CA THR L 40 39.95 -2.56 -14.71
C THR L 40 40.93 -1.47 -14.28
N GLU L 41 40.87 -0.32 -14.96
CA GLU L 41 41.64 0.85 -14.60
C GLU L 41 40.75 2.08 -14.73
N VAL L 42 41.21 3.23 -14.25
CA VAL L 42 40.41 4.44 -14.27
C VAL L 42 41.12 5.52 -15.08
N LEU L 43 40.41 6.09 -16.05
CA LEU L 43 40.85 7.18 -16.92
C LEU L 43 42.29 6.92 -17.39
N ALA L 44 43.21 7.82 -17.01
CA ALA L 44 44.57 7.84 -17.54
C ALA L 44 45.33 6.57 -17.17
N GLY L 45 44.94 5.91 -16.07
CA GLY L 45 45.57 4.67 -15.65
C GLY L 45 45.48 3.58 -16.71
N ALA L 46 44.39 3.60 -17.50
CA ALA L 46 44.21 2.64 -18.58
C ALA L 46 45.23 2.88 -19.69
N TRP L 47 45.42 4.14 -20.06
CA TRP L 47 46.36 4.52 -21.11
C TRP L 47 47.79 4.26 -20.69
N GLU L 48 48.09 4.60 -19.42
CA GLU L 48 49.42 4.44 -18.85
C GLU L 48 49.84 2.99 -19.00
N ARG L 49 48.93 2.05 -18.73
CA ARG L 49 49.20 0.65 -18.88
C ARG L 49 49.63 0.34 -20.32
N LEU L 50 48.98 1.00 -21.30
CA LEU L 50 49.27 0.72 -22.71
C LEU L 50 50.66 1.25 -23.08
N GLU L 51 50.94 2.50 -22.69
CA GLU L 51 52.22 3.15 -22.93
C GLU L 51 53.35 2.32 -22.32
N GLN L 52 53.19 1.87 -21.05
CA GLN L 52 54.22 1.13 -20.34
C GLN L 52 54.28 -0.32 -20.79
N GLY L 53 53.50 -0.70 -21.81
CA GLY L 53 53.55 -2.05 -22.36
C GLY L 53 53.06 -3.11 -21.37
N ARG L 54 52.11 -2.73 -20.50
CA ARG L 54 51.58 -3.66 -19.51
C ARG L 54 50.16 -4.09 -19.88
N ALA L 55 49.77 -3.91 -21.16
CA ALA L 55 48.41 -4.25 -21.60
C ALA L 55 48.41 -4.42 -23.11
N ASP L 56 47.92 -5.57 -23.60
CA ASP L 56 47.86 -5.83 -25.03
C ASP L 56 46.78 -4.99 -25.73
N ILE L 57 45.58 -4.88 -25.15
CA ILE L 57 44.49 -4.08 -25.71
C ILE L 57 43.84 -3.25 -24.59
N VAL L 58 43.49 -2.00 -24.89
CA VAL L 58 42.80 -1.12 -23.96
C VAL L 58 41.42 -0.74 -24.53
N ILE L 59 40.36 -0.89 -23.72
CA ILE L 59 39.03 -0.39 -24.03
C ILE L 59 38.72 0.74 -23.06
N ALA L 60 38.62 1.97 -23.57
CA ALA L 60 38.60 3.16 -22.72
C ALA L 60 37.94 4.32 -23.46
N PRO L 61 37.48 5.35 -22.74
CA PRO L 61 37.06 6.60 -23.35
C PRO L 61 38.17 7.19 -24.21
N ASP L 62 37.80 7.82 -25.33
CA ASP L 62 38.74 8.54 -26.19
C ASP L 62 39.38 9.67 -25.35
N MET L 63 40.72 9.82 -25.51
CA MET L 63 41.52 10.65 -24.63
C MET L 63 42.74 11.20 -25.37
N HIS L 64 43.41 12.18 -24.73
CA HIS L 64 44.52 12.99 -25.22
C HIS L 64 45.73 12.15 -25.61
N PHE L 65 45.93 11.01 -24.96
CA PHE L 65 46.98 10.07 -25.28
C PHE L 65 46.88 9.55 -26.73
N ARG L 66 45.68 9.62 -27.36
CA ARG L 66 45.39 8.84 -28.57
C ARG L 66 46.21 9.31 -29.77
N SER L 67 46.74 10.56 -29.70
CA SER L 67 47.46 11.11 -30.85
C SER L 67 48.82 10.43 -31.07
N SER L 68 49.14 9.43 -30.21
CA SER L 68 50.45 8.79 -30.22
C SER L 68 50.60 7.94 -31.47
N SER L 69 51.81 7.96 -32.06
CA SER L 69 52.05 7.42 -33.39
C SER L 69 52.04 5.88 -33.36
N GLU L 70 52.49 5.27 -32.22
CA GLU L 70 52.61 3.81 -32.20
C GLU L 70 51.34 3.14 -31.69
N ILE L 71 50.27 3.93 -31.43
CA ILE L 71 49.01 3.39 -30.97
C ILE L 71 47.97 3.50 -32.08
N ASN L 72 47.42 2.34 -32.45
CA ASN L 72 46.26 2.29 -33.33
C ASN L 72 45.01 2.31 -32.46
N SER L 73 43.90 2.81 -33.01
CA SER L 73 42.66 2.94 -32.27
C SER L 73 41.45 2.88 -33.18
N ARG L 74 40.31 2.48 -32.63
CA ARG L 74 39.08 2.28 -33.40
C ARG L 74 37.88 2.49 -32.48
N LYS L 75 36.87 3.21 -32.97
CA LYS L 75 35.71 3.54 -32.14
C LYS L 75 34.81 2.31 -32.06
N LEU L 76 34.33 2.00 -30.85
CA LEU L 76 33.52 0.80 -30.60
C LEU L 76 32.05 1.17 -30.46
N TYR L 77 31.76 2.18 -29.64
CA TYR L 77 30.39 2.59 -29.36
C TYR L 77 30.41 3.88 -28.57
N THR L 78 29.22 4.49 -28.41
CA THR L 78 29.04 5.73 -27.68
C THR L 78 28.33 5.43 -26.36
N LEU L 79 28.74 6.13 -25.30
CA LEU L 79 28.20 5.96 -23.96
C LEU L 79 27.67 7.32 -23.50
N MET L 80 26.52 7.28 -22.81
CA MET L 80 25.89 8.47 -22.28
C MET L 80 26.17 8.60 -20.78
N ASN L 81 26.48 9.82 -20.34
CA ASN L 81 26.78 10.16 -18.95
C ASN L 81 25.74 11.14 -18.44
N VAL L 82 25.16 10.85 -17.27
CA VAL L 82 24.10 11.66 -16.70
C VAL L 82 24.52 12.11 -15.31
N TYR L 83 24.26 13.39 -15.02
CA TYR L 83 24.49 14.00 -13.71
C TYR L 83 23.27 13.68 -12.85
N VAL L 84 23.48 12.82 -11.84
CA VAL L 84 22.37 12.31 -11.05
C VAL L 84 22.60 12.60 -9.56
N ALA L 85 21.52 12.41 -8.79
CA ALA L 85 21.49 12.50 -7.34
C ALA L 85 20.24 11.79 -6.86
N ALA L 86 20.22 11.44 -5.56
CA ALA L 86 19.07 10.76 -4.98
C ALA L 86 17.87 11.69 -5.09
N PRO L 87 16.64 11.14 -5.18
CA PRO L 87 15.44 11.95 -5.36
C PRO L 87 15.26 13.02 -4.28
N ASP L 88 15.59 12.68 -3.01
CA ASP L 88 15.37 13.58 -1.89
C ASP L 88 16.56 14.52 -1.68
N HIS L 89 17.54 14.52 -2.58
CA HIS L 89 18.68 15.41 -2.43
C HIS L 89 18.26 16.85 -2.67
N PRO L 90 18.69 17.81 -1.83
CA PRO L 90 18.30 19.21 -1.99
C PRO L 90 18.74 19.86 -3.29
N ILE L 91 19.65 19.21 -4.04
CA ILE L 91 20.16 19.79 -5.28
C ILE L 91 19.01 19.97 -6.27
N HIS L 92 17.97 19.13 -6.12
CA HIS L 92 16.83 19.14 -7.02
C HIS L 92 16.00 20.41 -6.83
N GLN L 93 15.92 20.92 -5.58
CA GLN L 93 15.14 22.11 -5.29
C GLN L 93 15.90 23.40 -5.63
N GLU L 94 17.04 23.29 -6.29
CA GLU L 94 17.88 24.44 -6.55
C GLU L 94 17.42 25.12 -7.83
N PRO L 95 17.28 26.47 -7.85
CA PRO L 95 17.04 27.21 -9.08
C PRO L 95 18.15 27.03 -10.12
N GLU L 96 19.41 26.96 -9.64
CA GLU L 96 20.54 26.93 -10.56
C GLU L 96 21.48 25.79 -10.17
N PRO L 97 21.10 24.51 -10.36
CA PRO L 97 21.87 23.41 -9.80
C PRO L 97 23.30 23.30 -10.33
N LEU L 98 23.56 23.84 -11.54
CA LEU L 98 24.87 23.68 -12.18
C LEU L 98 25.69 24.95 -12.04
N SER L 99 25.20 25.95 -11.28
CA SER L 99 25.96 27.17 -11.04
C SER L 99 27.10 26.88 -10.07
N GLU L 100 28.31 27.39 -10.39
CA GLU L 100 29.48 27.28 -9.54
C GLU L 100 29.17 27.68 -8.10
N VAL L 101 28.32 28.69 -7.94
CA VAL L 101 27.94 29.17 -6.61
C VAL L 101 27.13 28.09 -5.89
N THR L 102 26.35 27.29 -6.65
CA THR L 102 25.49 26.29 -6.04
C THR L 102 26.24 24.98 -5.82
N ARG L 103 27.04 24.56 -6.82
CA ARG L 103 27.67 23.25 -6.78
C ARG L 103 28.61 23.13 -5.58
N VAL L 104 29.29 24.21 -5.18
CA VAL L 104 30.15 24.22 -4.02
C VAL L 104 29.39 23.83 -2.75
N LYS L 105 28.08 24.08 -2.71
CA LYS L 105 27.31 23.81 -1.50
C LYS L 105 27.18 22.30 -1.24
N TYR L 106 27.28 21.48 -2.29
CA TYR L 106 26.96 20.06 -2.20
C TYR L 106 28.18 19.19 -2.54
N ARG L 107 28.22 17.99 -1.93
CA ARG L 107 29.38 17.12 -2.04
C ARG L 107 29.44 16.46 -3.41
N GLY L 108 30.59 16.59 -4.09
CA GLY L 108 30.84 15.81 -5.30
C GLY L 108 31.40 14.43 -4.96
N ILE L 109 31.33 13.51 -5.93
CA ILE L 109 31.86 12.17 -5.77
C ILE L 109 32.73 11.84 -6.98
N ALA L 110 33.98 11.45 -6.72
CA ALA L 110 34.98 11.17 -7.74
C ALA L 110 35.44 9.70 -7.64
N VAL L 111 35.69 9.09 -8.80
CA VAL L 111 36.43 7.85 -8.90
C VAL L 111 37.88 8.22 -9.20
N ALA L 112 38.81 7.80 -8.32
CA ALA L 112 40.18 8.29 -8.37
C ALA L 112 40.91 7.85 -9.65
N ASP L 113 41.83 8.71 -10.12
CA ASP L 113 42.65 8.45 -11.29
C ASP L 113 44.09 8.36 -10.78
N THR L 114 44.52 9.40 -10.04
CA THR L 114 45.77 9.43 -9.26
C THR L 114 47.01 9.18 -10.12
N ALA L 115 46.97 9.77 -11.33
CA ALA L 115 48.01 9.58 -12.35
C ALA L 115 48.90 10.81 -12.47
N ARG L 116 48.90 11.72 -11.48
CA ARG L 116 49.67 12.97 -11.50
C ARG L 116 49.48 13.82 -12.76
N GLU L 117 48.33 13.68 -13.41
CA GLU L 117 47.99 14.37 -14.66
C GLU L 117 46.48 14.24 -14.80
N ARG L 118 45.77 15.38 -14.97
CA ARG L 118 44.32 15.37 -15.10
C ARG L 118 43.64 14.84 -13.84
N PRO L 119 43.73 15.57 -12.71
CA PRO L 119 43.00 15.17 -11.50
C PRO L 119 41.50 15.37 -11.55
N VAL L 120 40.95 16.27 -12.43
CA VAL L 120 39.54 16.63 -12.34
C VAL L 120 38.77 16.24 -13.64
N LEU L 121 37.70 15.46 -13.47
CA LEU L 121 37.08 14.73 -14.58
C LEU L 121 35.58 14.93 -14.48
N THR L 122 34.89 14.86 -15.64
CA THR L 122 33.46 15.15 -15.71
C THR L 122 33.26 16.62 -15.28
N VAL L 123 32.00 17.07 -15.12
CA VAL L 123 31.64 18.44 -14.85
C VAL L 123 32.50 18.86 -13.65
N GLN L 124 33.12 20.05 -13.71
CA GLN L 124 34.27 20.39 -12.84
C GLN L 124 33.92 20.23 -11.35
N LEU L 125 34.59 19.31 -10.64
CA LEU L 125 34.63 19.38 -9.17
C LEU L 125 35.36 20.67 -8.82
N LEU L 126 34.82 21.48 -7.90
CA LEU L 126 35.33 22.82 -7.67
C LEU L 126 36.17 22.84 -6.39
N ASP L 127 37.11 23.78 -6.30
CA ASP L 127 37.81 24.15 -5.09
C ASP L 127 36.84 24.43 -3.94
N LYS L 128 37.23 24.17 -2.69
CA LYS L 128 36.40 24.50 -1.54
C LYS L 128 35.14 23.63 -1.49
N GLN L 129 34.90 22.80 -2.54
CA GLN L 129 33.70 21.98 -2.60
C GLN L 129 33.94 20.68 -1.84
N PRO L 130 33.01 20.22 -0.98
CA PRO L 130 33.15 18.92 -0.33
C PRO L 130 33.18 17.80 -1.38
N ARG L 131 33.95 16.75 -1.11
CA ARG L 131 34.05 15.64 -2.05
C ARG L 131 34.25 14.34 -1.29
N LEU L 132 33.79 13.24 -1.89
CA LEU L 132 34.13 11.87 -1.50
C LEU L 132 34.81 11.22 -2.70
N THR L 133 35.87 10.45 -2.43
CA THR L 133 36.63 9.83 -3.50
C THR L 133 36.60 8.33 -3.26
N VAL L 134 36.30 7.57 -4.31
CA VAL L 134 36.21 6.12 -4.26
C VAL L 134 36.97 5.56 -5.46
N SER L 135 37.22 4.25 -5.47
CA SER L 135 38.04 3.60 -6.46
C SER L 135 37.18 2.97 -7.55
N THR L 136 35.93 2.63 -7.21
CA THR L 136 35.09 1.84 -8.11
C THR L 136 33.82 2.61 -8.47
N ILE L 137 33.27 2.27 -9.62
CA ILE L 137 32.09 2.91 -10.13
C ILE L 137 30.88 2.43 -9.32
N GLU L 138 30.97 1.21 -8.77
CA GLU L 138 29.91 0.67 -7.92
C GLU L 138 29.82 1.45 -6.61
N ASP L 139 30.98 1.66 -5.96
CA ASP L 139 31.05 2.43 -4.73
C ASP L 139 30.46 3.83 -4.95
N LYS L 140 30.75 4.42 -6.12
CA LYS L 140 30.23 5.73 -6.42
C LYS L 140 28.71 5.68 -6.55
N ARG L 141 28.20 4.57 -7.12
CA ARG L 141 26.76 4.41 -7.30
C ARG L 141 26.06 4.34 -5.94
N GLN L 142 26.62 3.52 -5.04
CA GLN L 142 26.04 3.31 -3.73
C GLN L 142 26.01 4.62 -2.94
N ALA L 143 27.11 5.39 -3.02
CA ALA L 143 27.17 6.69 -2.38
C ALA L 143 26.04 7.60 -2.89
N LEU L 144 25.81 7.57 -4.22
CA LEU L 144 24.76 8.40 -4.80
C LEU L 144 23.37 7.92 -4.35
N LEU L 145 23.18 6.60 -4.35
CA LEU L 145 21.92 6.00 -3.88
C LEU L 145 21.64 6.40 -2.45
N ALA L 146 22.69 6.55 -1.62
CA ALA L 146 22.53 6.86 -0.20
C ALA L 146 22.39 8.36 0.04
N GLY L 147 22.34 9.15 -1.02
CA GLY L 147 22.04 10.58 -0.87
C GLY L 147 23.26 11.42 -0.47
N LEU L 148 24.48 10.88 -0.59
CA LEU L 148 25.67 11.48 0.00
C LEU L 148 26.32 12.50 -0.93
N GLY L 149 25.79 12.68 -2.15
CA GLY L 149 26.41 13.65 -3.05
C GLY L 149 25.78 13.68 -4.43
N VAL L 150 26.43 14.42 -5.35
CA VAL L 150 25.98 14.60 -6.73
C VAL L 150 27.15 14.32 -7.68
N ALA L 151 26.91 13.45 -8.68
CA ALA L 151 27.98 13.05 -9.58
C ALA L 151 27.44 12.49 -10.90
N THR L 152 28.31 12.45 -11.91
CA THR L 152 28.01 11.86 -13.19
C THR L 152 28.07 10.33 -13.10
N MET L 153 27.22 9.64 -13.87
CA MET L 153 27.26 8.19 -13.95
C MET L 153 26.97 7.74 -15.38
N PRO L 154 27.54 6.59 -15.80
CA PRO L 154 27.19 5.96 -17.06
C PRO L 154 25.73 5.50 -17.04
N TYR L 155 24.95 5.93 -18.05
CA TYR L 155 23.51 5.73 -18.10
C TYR L 155 23.14 4.27 -17.91
N PRO L 156 23.78 3.30 -18.60
CA PRO L 156 23.42 1.89 -18.42
C PRO L 156 23.42 1.44 -16.96
N MET L 157 24.35 1.97 -16.16
CA MET L 157 24.51 1.53 -14.79
C MET L 157 23.43 2.12 -13.86
N VAL L 158 22.76 3.20 -14.29
CA VAL L 158 21.73 3.84 -13.48
C VAL L 158 20.38 3.92 -14.20
N GLU L 159 20.22 3.20 -15.31
CA GLU L 159 19.00 3.25 -16.10
C GLU L 159 17.82 2.79 -15.24
N LYS L 160 17.99 1.62 -14.60
CA LYS L 160 16.92 1.08 -13.79
C LYS L 160 16.68 2.01 -12.58
N ASP L 161 17.76 2.57 -12.03
CA ASP L 161 17.67 3.43 -10.87
C ASP L 161 16.80 4.64 -11.19
N ILE L 162 16.95 5.21 -12.41
CA ILE L 162 16.20 6.40 -12.78
C ILE L 162 14.75 6.03 -13.03
N ALA L 163 14.54 4.89 -13.70
CA ALA L 163 13.20 4.38 -13.97
C ALA L 163 12.45 4.17 -12.65
N GLU L 164 13.08 3.47 -11.69
CA GLU L 164 12.42 3.04 -10.47
C GLU L 164 12.54 4.12 -9.38
N GLY L 165 12.93 5.33 -9.77
CA GLY L 165 12.89 6.51 -8.89
C GLY L 165 13.89 6.45 -7.72
N ARG L 166 14.96 5.65 -7.83
CA ARG L 166 16.02 5.62 -6.83
C ARG L 166 17.07 6.71 -7.11
N LEU L 167 17.19 7.15 -8.38
CA LEU L 167 18.02 8.29 -8.74
C LEU L 167 17.23 9.19 -9.70
N ARG L 168 17.71 10.42 -9.86
CA ARG L 168 16.98 11.41 -10.65
C ARG L 168 18.02 12.32 -11.32
N VAL L 169 17.81 12.59 -12.61
CA VAL L 169 18.75 13.38 -13.40
C VAL L 169 18.67 14.82 -12.90
N VAL L 170 19.82 15.40 -12.58
CA VAL L 170 19.81 16.70 -11.91
C VAL L 170 19.38 17.75 -12.94
N SER L 171 20.06 17.72 -14.10
CA SER L 171 19.80 18.64 -15.20
C SER L 171 20.30 17.99 -16.48
N PRO L 172 19.47 17.99 -17.56
CA PRO L 172 19.87 17.36 -18.82
C PRO L 172 21.00 18.09 -19.52
N GLU L 173 21.20 19.37 -19.17
CA GLU L 173 22.24 20.20 -19.78
C GLU L 173 23.62 19.56 -19.64
N SER L 174 23.83 18.86 -18.53
CA SER L 174 25.13 18.28 -18.18
C SER L 174 25.34 16.89 -18.81
N THR L 175 24.32 16.36 -19.48
CA THR L 175 24.46 15.06 -20.14
C THR L 175 25.53 15.15 -21.23
N SER L 176 26.43 14.16 -21.25
CA SER L 176 27.54 14.12 -22.18
C SER L 176 27.58 12.77 -22.88
N GLU L 177 28.20 12.75 -24.06
CA GLU L 177 28.43 11.54 -24.84
C GLU L 177 29.95 11.30 -24.86
N ILE L 178 30.34 10.05 -24.63
CA ILE L 178 31.75 9.67 -24.66
C ILE L 178 31.91 8.52 -25.64
N ASP L 179 32.88 8.64 -26.54
CA ASP L 179 33.22 7.56 -27.46
C ASP L 179 34.12 6.58 -26.74
N ILE L 180 33.73 5.30 -26.72
CA ILE L 180 34.52 4.24 -26.15
C ILE L 180 35.30 3.60 -27.30
N ILE L 181 36.64 3.62 -27.21
CA ILE L 181 37.52 3.18 -28.27
C ILE L 181 38.32 1.96 -27.84
N MET L 182 38.71 1.15 -28.82
CA MET L 182 39.66 0.05 -28.66
C MET L 182 41.02 0.55 -29.17
N ALA L 183 42.06 0.40 -28.34
CA ALA L 183 43.41 0.85 -28.66
C ALA L 183 44.41 -0.27 -28.40
N TRP L 184 45.47 -0.30 -29.20
CA TRP L 184 46.57 -1.23 -29.08
C TRP L 184 47.84 -0.65 -29.70
N ARG L 185 48.96 -1.35 -29.52
CA ARG L 185 50.24 -0.94 -30.08
C ARG L 185 50.55 -1.81 -31.30
N ARG L 186 51.16 -1.15 -32.29
CA ARG L 186 51.52 -1.82 -33.54
C ARG L 186 52.86 -2.53 -33.41
N ASP L 187 53.65 -2.24 -32.35
CA ASP L 187 55.03 -2.72 -32.31
C ASP L 187 55.10 -4.20 -31.92
N SER L 188 53.93 -4.84 -31.78
CA SER L 188 53.86 -6.25 -31.39
C SER L 188 52.56 -6.86 -31.92
N MET L 189 52.57 -8.18 -32.14
CA MET L 189 51.47 -8.86 -32.78
C MET L 189 51.56 -10.33 -32.40
N GLY L 190 50.40 -10.96 -32.17
CA GLY L 190 50.34 -12.41 -32.07
C GLY L 190 48.94 -12.90 -32.46
N GLU L 191 48.76 -14.23 -32.45
CA GLU L 191 47.53 -14.86 -32.87
C GLU L 191 46.35 -14.34 -32.05
N ALA L 192 46.44 -14.47 -30.72
CA ALA L 192 45.34 -14.17 -29.82
C ALA L 192 44.99 -12.68 -29.91
N LYS L 193 46.03 -11.84 -29.89
CA LYS L 193 45.82 -10.40 -29.98
C LYS L 193 45.06 -10.04 -31.24
N SER L 194 45.51 -10.60 -32.38
CA SER L 194 44.91 -10.31 -33.67
C SER L 194 43.44 -10.74 -33.66
N TRP L 195 43.18 -11.95 -33.15
CA TRP L 195 41.84 -12.49 -33.11
C TRP L 195 40.92 -11.60 -32.28
N CYS L 196 41.38 -11.16 -31.08
CA CYS L 196 40.58 -10.30 -30.23
C CYS L 196 40.26 -9.00 -30.92
N LEU L 197 41.26 -8.39 -31.61
CA LEU L 197 41.04 -7.12 -32.28
C LEU L 197 39.92 -7.24 -33.31
N ARG L 198 39.64 -8.46 -33.79
CA ARG L 198 38.62 -8.66 -34.79
C ARG L 198 37.28 -8.95 -34.13
N GLU L 199 37.32 -9.69 -33.02
CA GLU L 199 36.12 -10.14 -32.32
C GLU L 199 35.51 -9.02 -31.47
N ILE L 200 36.33 -8.18 -30.86
CA ILE L 200 35.82 -7.21 -29.91
C ILE L 200 34.80 -6.27 -30.55
N PRO L 201 35.06 -5.67 -31.74
CA PRO L 201 34.06 -4.83 -32.39
C PRO L 201 32.73 -5.54 -32.66
N LYS L 202 32.78 -6.86 -32.88
CA LYS L 202 31.59 -7.65 -33.14
C LYS L 202 30.69 -7.70 -31.92
N LEU L 203 31.26 -7.58 -30.70
CA LEU L 203 30.48 -7.62 -29.48
C LEU L 203 29.54 -6.41 -29.38
N PHE L 204 29.84 -5.35 -30.13
CA PHE L 204 29.12 -4.07 -29.95
C PHE L 204 28.31 -3.57 -31.15
N ASN L 205 28.99 -2.92 -32.14
CA ASN L 205 28.36 -2.55 -33.40
C ASN L 205 28.77 -3.52 -34.51
N GLY L 206 27.83 -4.42 -34.88
CA GLY L 206 28.03 -5.49 -35.85
C GLY L 206 28.58 -6.75 -35.20
N GLU M 5 27.24 -36.41 5.05
CA GLU M 5 25.96 -36.72 5.73
C GLU M 5 26.21 -36.58 7.23
N THR M 6 26.51 -35.33 7.63
CA THR M 6 26.98 -35.06 9.00
C THR M 6 26.06 -34.09 9.77
N HIS M 7 25.96 -34.37 11.07
CA HIS M 7 24.80 -33.98 11.85
C HIS M 7 25.25 -33.28 13.12
N LEU M 8 24.79 -32.03 13.33
CA LEU M 8 24.94 -31.36 14.59
C LEU M 8 23.58 -31.21 15.29
N THR M 9 23.58 -31.43 16.61
CA THR M 9 22.38 -31.32 17.42
C THR M 9 22.58 -30.19 18.43
N ILE M 10 21.83 -29.10 18.26
CA ILE M 10 21.72 -28.06 19.27
C ILE M 10 20.42 -28.31 20.02
N VAL M 11 20.50 -28.24 21.37
CA VAL M 11 19.33 -28.39 22.21
C VAL M 11 19.01 -27.03 22.81
N THR M 12 17.78 -26.55 22.55
CA THR M 12 17.30 -25.30 23.13
C THR M 12 16.21 -25.64 24.15
N GLU M 13 16.42 -25.25 25.42
CA GLU M 13 15.45 -25.53 26.46
C GLU M 13 14.18 -24.75 26.18
N ALA M 14 13.05 -25.19 26.75
CA ALA M 14 11.73 -24.71 26.36
C ALA M 14 11.63 -23.19 26.47
N LEU M 15 12.33 -22.58 27.45
CA LEU M 15 12.31 -21.15 27.69
C LEU M 15 13.03 -20.39 26.56
N VAL M 16 13.82 -21.11 25.74
CA VAL M 16 14.64 -20.47 24.73
C VAL M 16 13.97 -20.59 23.36
N PRO M 17 13.61 -19.47 22.69
CA PRO M 17 13.07 -19.51 21.33
C PRO M 17 14.01 -20.14 20.32
N THR M 18 13.60 -21.26 19.77
CA THR M 18 14.33 -21.98 18.73
C THR M 18 14.58 -21.07 17.52
N PRO M 19 13.61 -20.28 17.03
CA PRO M 19 13.83 -19.46 15.83
C PRO M 19 15.00 -18.47 15.88
N ALA M 20 15.45 -18.14 17.09
CA ALA M 20 16.61 -17.27 17.23
C ALA M 20 17.88 -17.89 16.64
N PHE M 21 17.89 -19.21 16.43
CA PHE M 21 19.05 -19.92 15.88
C PHE M 21 18.91 -20.17 14.38
N PHE M 22 17.87 -19.64 13.75
CA PHE M 22 17.61 -19.92 12.35
C PHE M 22 18.67 -19.31 11.45
N PRO M 23 19.20 -18.10 11.72
CA PRO M 23 20.30 -17.55 10.90
C PRO M 23 21.47 -18.50 10.64
N LEU M 24 21.74 -19.40 11.61
CA LEU M 24 22.82 -20.37 11.50
C LEU M 24 22.63 -21.32 10.32
N ILE M 25 21.38 -21.58 9.90
CA ILE M 25 21.06 -22.74 9.07
C ILE M 25 21.79 -22.69 7.73
N ASP M 26 21.57 -21.60 6.98
CA ASP M 26 22.16 -21.46 5.65
C ASP M 26 23.69 -21.41 5.73
N LYS M 27 24.20 -20.66 6.73
CA LYS M 27 25.63 -20.49 6.90
C LYS M 27 26.27 -21.83 7.22
N LEU M 28 25.63 -22.63 8.07
CA LEU M 28 26.19 -23.92 8.44
C LEU M 28 26.19 -24.88 7.25
N ALA M 29 25.28 -24.68 6.29
CA ALA M 29 25.21 -25.54 5.11
C ALA M 29 26.35 -25.23 4.15
N ALA M 30 26.87 -23.99 4.22
CA ALA M 30 28.00 -23.55 3.39
C ALA M 30 29.32 -23.82 4.09
N LYS M 31 29.38 -23.56 5.41
CA LYS M 31 30.60 -23.73 6.20
C LYS M 31 31.03 -25.20 6.19
N ALA M 32 30.06 -26.09 6.40
CA ALA M 32 30.27 -27.53 6.39
C ALA M 32 29.05 -28.15 5.72
N ASN M 33 29.09 -29.48 5.60
CA ASN M 33 28.03 -30.22 4.95
C ASN M 33 27.11 -30.78 6.02
N THR M 34 26.94 -30.02 7.11
CA THR M 34 26.30 -30.47 8.34
C THR M 34 24.79 -30.19 8.23
N GLN M 35 23.99 -31.21 8.57
CA GLN M 35 22.54 -31.09 8.75
C GLN M 35 22.24 -30.80 10.22
N LEU M 36 21.44 -29.74 10.45
CA LEU M 36 21.22 -29.23 11.79
C LEU M 36 19.94 -29.80 12.37
N ALA M 37 19.96 -30.04 13.69
CA ALA M 37 18.81 -30.35 14.49
C ALA M 37 18.79 -29.39 15.68
N ILE M 38 17.74 -28.57 15.77
CA ILE M 38 17.53 -27.72 16.93
C ILE M 38 16.35 -28.30 17.71
N ILE M 39 16.67 -29.06 18.77
CA ILE M 39 15.75 -29.90 19.50
C ILE M 39 15.36 -29.17 20.77
N THR M 40 14.08 -29.31 21.16
CA THR M 40 13.60 -28.67 22.37
C THR M 40 13.53 -29.71 23.48
N GLU M 41 13.97 -29.32 24.68
CA GLU M 41 13.86 -30.13 25.87
C GLU M 41 13.42 -29.23 27.01
N VAL M 42 13.03 -29.84 28.13
CA VAL M 42 12.53 -29.12 29.28
C VAL M 42 13.47 -29.41 30.46
N LEU M 43 13.96 -28.30 31.06
CA LEU M 43 14.77 -28.33 32.26
C LEU M 43 15.85 -29.41 32.18
N ALA M 44 15.80 -30.39 33.08
CA ALA M 44 16.88 -31.37 33.27
C ALA M 44 17.08 -32.22 32.03
N GLY M 45 16.00 -32.39 31.23
CA GLY M 45 16.08 -33.17 30.00
C GLY M 45 17.12 -32.62 29.04
N ALA M 46 17.33 -31.29 29.06
CA ALA M 46 18.31 -30.66 28.20
C ALA M 46 19.71 -31.08 28.60
N TRP M 47 19.98 -31.05 29.91
CA TRP M 47 21.30 -31.37 30.45
C TRP M 47 21.59 -32.86 30.28
N GLU M 48 20.57 -33.70 30.50
CA GLU M 48 20.68 -35.14 30.40
C GLU M 48 21.18 -35.50 29.00
N ARG M 49 20.62 -34.83 27.97
CA ARG M 49 21.05 -35.05 26.61
C ARG M 49 22.54 -34.77 26.48
N LEU M 50 23.05 -33.72 27.17
CA LEU M 50 24.44 -33.33 27.02
C LEU M 50 25.34 -34.38 27.67
N GLU M 51 24.99 -34.80 28.91
CA GLU M 51 25.72 -35.82 29.64
C GLU M 51 25.80 -37.11 28.83
N GLN M 52 24.67 -37.55 28.28
CA GLN M 52 24.58 -38.81 27.54
C GLN M 52 25.17 -38.68 26.14
N GLY M 53 25.76 -37.52 25.80
CA GLY M 53 26.39 -37.31 24.50
C GLY M 53 25.40 -37.35 23.34
N ARG M 54 24.15 -36.95 23.60
CA ARG M 54 23.09 -36.94 22.58
C ARG M 54 22.80 -35.50 22.11
N ALA M 55 23.71 -34.58 22.38
CA ALA M 55 23.59 -33.17 22.05
C ALA M 55 24.97 -32.53 22.07
N ASP M 56 25.35 -31.89 20.96
CA ASP M 56 26.62 -31.21 20.83
C ASP M 56 26.67 -29.92 21.64
N ILE M 57 25.61 -29.11 21.60
CA ILE M 57 25.54 -27.83 22.33
C ILE M 57 24.17 -27.70 22.98
N VAL M 58 24.16 -27.19 24.23
CA VAL M 58 22.92 -26.96 24.95
C VAL M 58 22.77 -25.46 25.24
N ILE M 59 21.59 -24.90 24.89
CA ILE M 59 21.22 -23.54 25.27
C ILE M 59 20.07 -23.64 26.26
N ALA M 60 20.32 -23.25 27.52
CA ALA M 60 19.40 -23.57 28.60
C ALA M 60 19.61 -22.61 29.75
N PRO M 61 18.63 -22.50 30.67
CA PRO M 61 18.85 -21.81 31.95
C PRO M 61 20.03 -22.44 32.69
N ASP M 62 20.80 -21.60 33.39
CA ASP M 62 21.85 -22.10 34.27
C ASP M 62 21.20 -22.96 35.37
N MET M 63 21.76 -24.14 35.66
CA MET M 63 21.10 -25.21 36.40
C MET M 63 22.17 -26.12 37.02
N HIS M 64 21.80 -26.80 38.14
CA HIS M 64 22.77 -27.49 39.01
C HIS M 64 23.43 -28.69 38.33
N PHE M 65 22.69 -29.33 37.43
CA PHE M 65 23.26 -30.28 36.48
C PHE M 65 24.04 -31.45 37.07
N ARG M 66 25.34 -31.53 36.74
CA ARG M 66 26.27 -32.51 37.29
C ARG M 66 27.69 -32.04 36.93
N SER M 67 28.64 -32.13 37.89
CA SER M 67 29.99 -31.63 37.64
C SER M 67 30.77 -32.51 36.66
N SER M 68 30.48 -32.36 35.36
CA SER M 68 31.44 -32.71 34.29
C SER M 68 32.56 -31.68 34.30
N SER M 69 33.82 -32.13 34.26
CA SER M 69 34.96 -31.24 34.35
C SER M 69 35.36 -30.74 32.98
N GLU M 70 34.85 -31.33 31.89
CA GLU M 70 34.91 -30.73 30.55
C GLU M 70 33.61 -29.99 30.28
N ILE M 71 32.92 -29.45 31.30
CA ILE M 71 31.64 -28.81 30.99
C ILE M 71 31.96 -27.33 30.89
N ASN M 72 32.09 -26.93 29.62
CA ASN M 72 32.44 -25.50 29.40
C ASN M 72 31.10 -24.76 29.21
N SER M 73 31.10 -23.47 29.60
CA SER M 73 29.87 -22.68 29.52
C SER M 73 30.19 -21.20 29.27
N ARG M 74 29.19 -20.50 28.73
CA ARG M 74 29.26 -19.05 28.51
C ARG M 74 27.85 -18.49 28.67
N LYS M 75 27.74 -17.35 29.36
CA LYS M 75 26.45 -16.70 29.54
C LYS M 75 26.09 -15.97 28.24
N LEU M 76 24.84 -16.13 27.79
CA LEU M 76 24.38 -15.57 26.51
C LEU M 76 23.54 -14.32 26.76
N TYR M 77 22.57 -14.40 27.67
CA TYR M 77 21.68 -13.29 27.96
C TYR M 77 20.86 -13.61 29.19
N THR M 78 20.14 -12.61 29.70
CA THR M 78 19.28 -12.75 30.86
C THR M 78 17.82 -12.74 30.42
N LEU M 79 17.00 -13.56 31.08
CA LEU M 79 15.58 -13.71 30.79
C LEU M 79 14.79 -13.41 32.05
N MET M 80 13.67 -12.70 31.92
CA MET M 80 12.79 -12.38 33.04
C MET M 80 11.58 -13.33 33.00
N ASN M 81 11.20 -13.82 34.18
CA ASN M 81 10.06 -14.71 34.36
C ASN M 81 9.03 -14.02 35.25
N VAL M 82 7.79 -13.98 34.77
CA VAL M 82 6.72 -13.23 35.44
C VAL M 82 5.58 -14.20 35.76
N TYR M 83 5.07 -14.06 36.98
CA TYR M 83 3.92 -14.80 37.47
C TYR M 83 2.67 -14.10 36.96
N VAL M 84 1.95 -14.76 36.03
CA VAL M 84 0.84 -14.13 35.33
C VAL M 84 -0.43 -14.98 35.51
N ALA M 85 -1.56 -14.37 35.15
CA ALA M 85 -2.88 -14.97 35.15
C ALA M 85 -3.81 -14.09 34.31
N ALA M 86 -4.93 -14.68 33.87
CA ALA M 86 -5.89 -13.95 33.06
C ALA M 86 -6.42 -12.77 33.88
N PRO M 87 -6.83 -11.68 33.21
CA PRO M 87 -7.24 -10.47 33.92
C PRO M 87 -8.38 -10.69 34.89
N ASP M 88 -9.34 -11.56 34.56
CA ASP M 88 -10.53 -11.80 35.37
C ASP M 88 -10.29 -12.89 36.42
N HIS M 89 -9.07 -13.40 36.53
CA HIS M 89 -8.81 -14.44 37.51
C HIS M 89 -8.89 -13.87 38.92
N PRO M 90 -9.55 -14.57 39.88
CA PRO M 90 -9.69 -14.07 41.24
C PRO M 90 -8.37 -13.87 41.99
N ILE M 91 -7.26 -14.41 41.45
CA ILE M 91 -5.97 -14.30 42.15
C ILE M 91 -5.59 -12.81 42.28
N HIS M 92 -6.10 -12.00 41.35
CA HIS M 92 -5.80 -10.57 41.29
C HIS M 92 -6.42 -9.83 42.47
N GLN M 93 -7.60 -10.29 42.94
CA GLN M 93 -8.27 -9.63 44.06
C GLN M 93 -7.71 -10.05 45.41
N GLU M 94 -6.60 -10.80 45.42
CA GLU M 94 -6.05 -11.29 46.66
C GLU M 94 -5.16 -10.26 47.32
N PRO M 95 -5.31 -10.02 48.64
CA PRO M 95 -4.31 -9.23 49.39
C PRO M 95 -2.92 -9.87 49.38
N GLU M 96 -2.87 -11.21 49.43
CA GLU M 96 -1.60 -11.91 49.54
C GLU M 96 -1.55 -13.02 48.50
N PRO M 97 -1.41 -12.68 47.20
CA PRO M 97 -1.46 -13.70 46.15
C PRO M 97 -0.37 -14.77 46.23
N LEU M 98 0.76 -14.45 46.88
CA LEU M 98 1.90 -15.37 46.92
C LEU M 98 1.96 -16.12 48.25
N SER M 99 0.95 -15.93 49.12
CA SER M 99 0.94 -16.63 50.39
C SER M 99 0.58 -18.11 50.16
N GLU M 100 1.32 -19.00 50.84
CA GLU M 100 1.09 -20.43 50.77
C GLU M 100 -0.38 -20.78 51.01
N VAL M 101 -1.02 -20.02 51.91
CA VAL M 101 -2.42 -20.23 52.23
C VAL M 101 -3.29 -19.88 51.02
N THR M 102 -2.84 -18.91 50.21
CA THR M 102 -3.63 -18.43 49.08
C THR M 102 -3.37 -19.30 47.84
N ARG M 103 -2.08 -19.61 47.59
CA ARG M 103 -1.69 -20.25 46.34
C ARG M 103 -2.35 -21.61 46.17
N VAL M 104 -2.51 -22.34 47.28
CA VAL M 104 -3.17 -23.64 47.28
C VAL M 104 -4.59 -23.54 46.72
N LYS M 105 -5.23 -22.38 46.85
CA LYS M 105 -6.62 -22.28 46.44
C LYS M 105 -6.77 -22.33 44.91
N TYR M 106 -5.71 -21.97 44.19
CA TYR M 106 -5.80 -21.77 42.74
C TYR M 106 -4.87 -22.72 41.97
N ARG M 107 -5.27 -23.09 40.75
CA ARG M 107 -4.60 -24.15 40.00
C ARG M 107 -3.27 -23.66 39.44
N GLY M 108 -2.18 -24.37 39.72
CA GLY M 108 -0.91 -24.12 39.05
C GLY M 108 -0.80 -24.83 37.73
N ILE M 109 0.11 -24.38 36.86
CA ILE M 109 0.32 -25.01 35.56
C ILE M 109 1.82 -25.23 35.40
N ALA M 110 2.19 -26.49 35.12
CA ALA M 110 3.58 -26.95 35.07
C ALA M 110 3.88 -27.55 33.70
N VAL M 111 5.11 -27.30 33.22
CA VAL M 111 5.63 -27.93 32.03
C VAL M 111 6.46 -29.14 32.46
N ALA M 112 6.08 -30.34 32.01
CA ALA M 112 6.69 -31.59 32.44
C ALA M 112 8.12 -31.66 31.93
N ASP M 113 8.97 -32.39 32.67
CA ASP M 113 10.41 -32.43 32.41
C ASP M 113 10.72 -33.65 31.53
N THR M 114 11.19 -33.35 30.31
CA THR M 114 11.44 -34.27 29.21
C THR M 114 10.24 -35.15 28.89
N ALA M 115 9.04 -34.55 28.97
CA ALA M 115 7.75 -35.25 28.80
C ALA M 115 7.39 -36.31 29.88
N ARG M 116 6.79 -35.86 31.01
CA ARG M 116 6.31 -36.78 32.04
C ARG M 116 5.00 -36.32 32.68
N GLU M 117 4.65 -36.86 33.86
CA GLU M 117 3.60 -36.35 34.71
C GLU M 117 4.18 -35.57 35.89
N ARG M 118 5.46 -35.83 36.25
CA ARG M 118 6.07 -35.31 37.45
C ARG M 118 6.65 -33.90 37.24
N PRO M 119 6.29 -32.91 38.09
CA PRO M 119 6.89 -31.57 38.01
C PRO M 119 8.34 -31.48 38.52
N VAL M 120 8.92 -30.29 38.30
CA VAL M 120 10.02 -29.68 39.05
C VAL M 120 9.51 -28.34 39.64
N LEU M 121 10.35 -27.53 40.27
CA LEU M 121 9.89 -26.40 41.07
C LEU M 121 8.94 -25.49 40.28
N THR M 122 9.27 -25.24 39.02
CA THR M 122 8.59 -24.27 38.16
C THR M 122 8.36 -22.92 38.86
N VAL M 123 9.29 -22.45 39.67
CA VAL M 123 9.18 -21.26 40.50
C VAL M 123 8.11 -21.39 41.58
N GLN M 124 6.93 -21.96 41.26
CA GLN M 124 5.78 -21.97 42.17
C GLN M 124 4.99 -23.28 42.13
N LEU M 125 4.87 -23.95 43.29
CA LEU M 125 4.18 -25.21 43.46
C LEU M 125 3.91 -25.39 44.95
N LEU M 126 2.70 -25.92 45.29
CA LEU M 126 2.49 -26.41 46.66
C LEU M 126 1.80 -27.76 46.63
N ASP M 127 2.05 -28.58 47.66
CA ASP M 127 1.32 -29.85 47.78
C ASP M 127 -0.17 -29.55 48.00
N LYS M 128 -1.05 -30.50 47.64
CA LYS M 128 -2.48 -30.33 47.82
C LYS M 128 -3.05 -29.23 46.92
N GLN M 129 -2.16 -28.55 46.13
CA GLN M 129 -2.60 -27.50 45.23
C GLN M 129 -3.05 -28.13 43.91
N PRO M 130 -4.21 -27.72 43.36
CA PRO M 130 -4.63 -28.19 42.04
C PRO M 130 -3.59 -27.81 40.98
N ARG M 131 -3.41 -28.67 39.97
CA ARG M 131 -2.40 -28.43 38.96
C ARG M 131 -2.85 -29.01 37.62
N LEU M 132 -2.39 -28.39 36.54
CA LEU M 132 -2.43 -28.94 35.19
C LEU M 132 -0.99 -29.07 34.70
N THR M 133 -0.72 -30.16 33.97
CA THR M 133 0.62 -30.40 33.46
C THR M 133 0.53 -30.45 31.94
N VAL M 134 1.44 -29.72 31.28
CA VAL M 134 1.54 -29.67 29.84
C VAL M 134 2.99 -29.86 29.44
N SER M 135 3.27 -30.13 28.17
CA SER M 135 4.59 -30.48 27.68
C SER M 135 5.28 -29.26 27.08
N THR M 136 4.49 -28.29 26.61
CA THR M 136 5.01 -27.18 25.84
C THR M 136 4.66 -25.87 26.53
N ILE M 137 5.49 -24.87 26.26
CA ILE M 137 5.33 -23.55 26.84
C ILE M 137 4.13 -22.87 26.18
N GLU M 138 3.85 -23.23 24.94
CA GLU M 138 2.70 -22.69 24.19
C GLU M 138 1.39 -23.16 24.84
N ASP M 139 1.29 -24.49 25.10
CA ASP M 139 0.13 -25.07 25.76
C ASP M 139 -0.10 -24.39 27.10
N LYS M 140 0.99 -24.11 27.83
CA LYS M 140 0.87 -23.45 29.11
C LYS M 140 0.33 -22.02 28.94
N ARG M 141 0.74 -21.36 27.84
CA ARG M 141 0.29 -20.01 27.56
C ARG M 141 -1.23 -19.99 27.32
N GLN M 142 -1.68 -20.93 26.46
CA GLN M 142 -3.08 -21.00 26.10
C GLN M 142 -3.95 -21.29 27.33
N ALA M 143 -3.48 -22.20 28.20
CA ALA M 143 -4.16 -22.51 29.44
C ALA M 143 -4.32 -21.25 30.29
N LEU M 144 -3.24 -20.43 30.37
CA LEU M 144 -3.27 -19.20 31.14
C LEU M 144 -4.24 -18.20 30.53
N LEU M 145 -4.19 -18.06 29.19
CA LEU M 145 -5.08 -17.17 28.46
C LEU M 145 -6.54 -17.57 28.71
N ALA M 146 -6.82 -18.87 28.88
CA ALA M 146 -8.18 -19.36 29.06
C ALA M 146 -8.62 -19.28 30.53
N GLY M 147 -7.79 -18.71 31.40
CA GLY M 147 -8.23 -18.47 32.77
C GLY M 147 -8.10 -19.68 33.68
N LEU M 148 -7.39 -20.74 33.24
CA LEU M 148 -7.46 -22.04 33.91
C LEU M 148 -6.46 -22.16 35.05
N GLY M 149 -5.62 -21.13 35.28
CA GLY M 149 -4.68 -21.22 36.38
C GLY M 149 -3.73 -20.03 36.45
N VAL M 150 -2.71 -20.16 37.32
CA VAL M 150 -1.69 -19.15 37.56
C VAL M 150 -0.32 -19.80 37.46
N ALA M 151 0.56 -19.20 36.65
CA ALA M 151 1.88 -19.78 36.42
C ALA M 151 2.89 -18.73 35.95
N THR M 152 4.17 -19.08 36.06
CA THR M 152 5.26 -18.26 35.58
C THR M 152 5.38 -18.41 34.07
N MET M 153 5.77 -17.33 33.38
CA MET M 153 6.02 -17.36 31.95
C MET M 153 7.23 -16.48 31.61
N PRO M 154 7.97 -16.78 30.53
CA PRO M 154 9.02 -15.88 30.04
C PRO M 154 8.41 -14.59 29.53
N TYR M 155 8.89 -13.44 30.02
CA TYR M 155 8.29 -12.12 29.76
C TYR M 155 8.13 -11.89 28.25
N PRO M 156 9.15 -12.14 27.40
CA PRO M 156 9.00 -11.92 25.96
C PRO M 156 7.78 -12.61 25.36
N MET M 157 7.46 -13.80 25.86
CA MET M 157 6.39 -14.62 25.30
C MET M 157 4.98 -14.09 25.69
N VAL M 158 4.91 -13.28 26.76
CA VAL M 158 3.64 -12.74 27.22
C VAL M 158 3.64 -11.21 27.26
N GLU M 159 4.65 -10.55 26.68
CA GLU M 159 4.75 -9.10 26.71
C GLU M 159 3.55 -8.50 25.99
N LYS M 160 3.25 -9.00 24.80
CA LYS M 160 2.11 -8.52 24.03
C LYS M 160 0.81 -8.82 24.78
N ASP M 161 0.74 -9.99 25.42
CA ASP M 161 -0.44 -10.40 26.16
C ASP M 161 -0.74 -9.42 27.28
N ILE M 162 0.30 -8.96 27.97
CA ILE M 162 0.13 -8.04 29.09
C ILE M 162 -0.28 -6.67 28.56
N ALA M 163 0.36 -6.24 27.48
CA ALA M 163 0.04 -4.98 26.83
C ALA M 163 -1.43 -4.96 26.42
N GLU M 164 -1.87 -6.00 25.70
CA GLU M 164 -3.18 -6.05 25.09
C GLU M 164 -4.22 -6.61 26.05
N GLY M 165 -3.88 -6.68 27.35
CA GLY M 165 -4.83 -6.98 28.42
C GLY M 165 -5.37 -8.40 28.40
N ARG M 166 -4.67 -9.34 27.75
CA ARG M 166 -5.06 -10.76 27.76
C ARG M 166 -4.48 -11.46 28.99
N LEU M 167 -3.36 -10.93 29.55
CA LEU M 167 -2.78 -11.43 30.78
C LEU M 167 -2.40 -10.26 31.67
N ARG M 168 -2.11 -10.54 32.94
CA ARG M 168 -1.80 -9.51 33.92
C ARG M 168 -0.82 -10.12 34.92
N VAL M 169 0.23 -9.37 35.28
CA VAL M 169 1.23 -9.83 36.23
C VAL M 169 0.59 -9.90 37.60
N VAL M 170 0.74 -11.03 38.27
CA VAL M 170 0.01 -11.27 39.51
C VAL M 170 0.58 -10.37 40.58
N SER M 171 1.90 -10.46 40.74
CA SER M 171 2.65 -9.70 41.72
C SER M 171 4.10 -9.63 41.26
N PRO M 172 4.71 -8.42 41.28
CA PRO M 172 6.09 -8.26 40.81
C PRO M 172 7.11 -8.94 41.73
N GLU M 173 6.71 -9.21 42.98
CA GLU M 173 7.59 -9.80 43.98
C GLU M 173 8.14 -11.14 43.50
N SER M 174 7.32 -11.86 42.72
CA SER M 174 7.64 -13.21 42.28
C SER M 174 8.48 -13.23 41.00
N THR M 175 8.74 -12.06 40.41
CA THR M 175 9.54 -11.98 39.19
C THR M 175 10.96 -12.47 39.48
N SER M 176 11.48 -13.33 38.61
CA SER M 176 12.86 -13.79 38.73
C SER M 176 13.61 -13.60 37.42
N GLU M 177 14.94 -13.44 37.53
CA GLU M 177 15.83 -13.30 36.39
C GLU M 177 16.67 -14.56 36.27
N ILE M 178 16.79 -15.10 35.05
CA ILE M 178 17.48 -16.37 34.82
C ILE M 178 18.51 -16.13 33.72
N ASP M 179 19.74 -16.59 33.97
CA ASP M 179 20.81 -16.52 32.99
C ASP M 179 20.64 -17.69 32.02
N ILE M 180 20.58 -17.37 30.72
CA ILE M 180 20.55 -18.37 29.67
C ILE M 180 21.99 -18.57 29.21
N ILE M 181 22.48 -19.82 29.32
CA ILE M 181 23.87 -20.13 29.03
C ILE M 181 23.99 -21.07 27.85
N MET M 182 25.14 -20.99 27.17
CA MET M 182 25.55 -21.96 26.16
C MET M 182 26.57 -22.90 26.80
N ALA M 183 26.31 -24.20 26.71
CA ALA M 183 27.15 -25.22 27.34
C ALA M 183 27.51 -26.31 26.32
N TRP M 184 28.71 -26.89 26.50
CA TRP M 184 29.16 -28.01 25.68
C TRP M 184 30.23 -28.79 26.44
N ARG M 185 30.64 -29.92 25.83
CA ARG M 185 31.68 -30.76 26.42
C ARG M 185 32.94 -30.58 25.57
N ARG M 186 34.09 -30.47 26.25
CA ARG M 186 35.35 -30.11 25.62
C ARG M 186 36.03 -31.33 25.00
N ASP M 187 35.54 -32.57 25.27
CA ASP M 187 36.22 -33.78 24.86
C ASP M 187 36.08 -34.05 23.37
N SER M 188 35.46 -33.14 22.62
CA SER M 188 35.29 -33.25 21.18
C SER M 188 35.02 -31.85 20.62
N MET M 189 35.49 -31.60 19.37
CA MET M 189 35.49 -30.25 18.85
C MET M 189 35.55 -30.33 17.33
N GLY M 190 34.46 -30.79 16.72
CA GLY M 190 34.42 -30.86 15.26
C GLY M 190 34.33 -29.46 14.66
N GLU M 191 34.37 -29.41 13.33
CA GLU M 191 34.40 -28.14 12.61
C GLU M 191 33.12 -27.34 12.90
N ALA M 192 31.98 -27.99 12.65
CA ALA M 192 30.66 -27.37 12.76
C ALA M 192 30.42 -26.93 14.19
N LYS M 193 30.72 -27.80 15.14
CA LYS M 193 30.52 -27.52 16.55
C LYS M 193 31.31 -26.28 16.95
N SER M 194 32.58 -26.23 16.54
CA SER M 194 33.47 -25.11 16.88
C SER M 194 32.90 -23.82 16.30
N TRP M 195 32.49 -23.87 15.02
CA TRP M 195 31.94 -22.72 14.34
C TRP M 195 30.69 -22.20 15.06
N CYS M 196 29.77 -23.10 15.44
CA CYS M 196 28.55 -22.70 16.12
C CYS M 196 28.88 -22.05 17.46
N LEU M 197 29.84 -22.61 18.21
CA LEU M 197 30.21 -22.04 19.50
C LEU M 197 30.67 -20.59 19.36
N ARG M 198 31.13 -20.21 18.16
CA ARG M 198 31.62 -18.86 17.94
C ARG M 198 30.47 -17.96 17.47
N GLU M 199 29.57 -18.52 16.65
CA GLU M 199 28.49 -17.78 16.04
C GLU M 199 27.34 -17.54 17.02
N ILE M 200 27.04 -18.52 17.87
CA ILE M 200 25.85 -18.44 18.71
C ILE M 200 25.88 -17.20 19.61
N PRO M 201 26.98 -16.89 20.34
CA PRO M 201 27.04 -15.66 21.12
C PRO M 201 26.75 -14.38 20.34
N LYS M 202 27.12 -14.37 19.05
CA LYS M 202 26.92 -13.20 18.20
C LYS M 202 25.43 -12.96 17.97
N LEU M 203 24.60 -14.03 18.02
CA LEU M 203 23.17 -13.88 17.82
C LEU M 203 22.53 -13.07 18.93
N PHE M 204 23.20 -12.95 20.09
CA PHE M 204 22.58 -12.37 21.27
C PHE M 204 23.37 -11.19 21.82
N ASN M 205 24.31 -10.66 21.05
CA ASN M 205 25.01 -9.43 21.44
C ASN M 205 24.05 -8.25 21.62
N GLY M 206 24.16 -7.56 22.76
CA GLY M 206 23.32 -6.40 23.07
C GLY M 206 22.04 -6.73 23.85
N LYS M 207 21.56 -7.98 23.68
CA LYS M 207 20.36 -8.61 24.23
C LYS M 207 19.39 -7.57 24.84
N HIS N 3 -14.07 -39.34 46.88
CA HIS N 3 -13.40 -38.60 45.74
C HIS N 3 -12.29 -37.67 46.27
N MET N 4 -11.20 -38.35 46.69
CA MET N 4 -9.91 -37.78 47.01
C MET N 4 -9.13 -37.54 45.71
N GLU N 5 -7.93 -36.93 45.83
CA GLU N 5 -7.11 -36.54 44.69
C GLU N 5 -6.85 -37.72 43.74
N THR N 6 -6.90 -37.46 42.43
CA THR N 6 -6.56 -38.42 41.38
C THR N 6 -5.74 -37.72 40.29
N HIS N 7 -4.88 -38.50 39.61
CA HIS N 7 -4.04 -37.94 38.58
C HIS N 7 -4.17 -38.77 37.31
N LEU N 8 -4.65 -38.13 36.23
CA LEU N 8 -4.77 -38.80 34.94
C LEU N 8 -3.83 -38.13 33.94
N THR N 9 -3.22 -38.95 33.07
CA THR N 9 -2.27 -38.48 32.07
C THR N 9 -2.83 -38.78 30.69
N ILE N 10 -3.18 -37.71 29.95
CA ILE N 10 -3.55 -37.78 28.56
C ILE N 10 -2.33 -37.38 27.74
N VAL N 11 -2.05 -38.16 26.69
CA VAL N 11 -1.01 -37.83 25.74
C VAL N 11 -1.67 -37.39 24.44
N THR N 12 -1.35 -36.16 24.00
CA THR N 12 -1.78 -35.66 22.71
C THR N 12 -0.59 -35.57 21.77
N GLU N 13 -0.64 -36.28 20.64
CA GLU N 13 0.44 -36.27 19.66
C GLU N 13 0.56 -34.85 19.08
N ALA N 14 1.72 -34.52 18.53
CA ALA N 14 2.07 -33.15 18.18
C ALA N 14 1.02 -32.53 17.24
N LEU N 15 0.43 -33.34 16.35
CA LEU N 15 -0.57 -32.91 15.39
C LEU N 15 -1.87 -32.51 16.07
N VAL N 16 -2.05 -32.90 17.34
CA VAL N 16 -3.30 -32.68 18.05
C VAL N 16 -3.16 -31.48 18.98
N PRO N 17 -3.98 -30.42 18.79
CA PRO N 17 -3.99 -29.28 19.71
C PRO N 17 -4.37 -29.67 21.13
N THR N 18 -3.43 -29.50 22.06
CA THR N 18 -3.66 -29.73 23.48
C THR N 18 -4.82 -28.88 23.99
N PRO N 19 -4.94 -27.57 23.64
CA PRO N 19 -6.03 -26.75 24.18
C PRO N 19 -7.45 -27.24 23.94
N ALA N 20 -7.63 -28.12 22.95
CA ALA N 20 -8.94 -28.70 22.69
C ALA N 20 -9.44 -29.54 23.86
N PHE N 21 -8.55 -29.95 24.77
CA PHE N 21 -8.89 -30.77 25.93
C PHE N 21 -9.08 -29.94 27.20
N PHE N 22 -9.02 -28.61 27.07
CA PHE N 22 -9.08 -27.74 28.25
C PHE N 22 -10.46 -27.78 28.89
N PRO N 23 -11.57 -27.84 28.13
CA PRO N 23 -12.89 -27.98 28.74
C PRO N 23 -13.03 -29.07 29.80
N LEU N 24 -12.26 -30.15 29.65
CA LEU N 24 -12.25 -31.27 30.61
C LEU N 24 -11.83 -30.83 32.01
N ILE N 25 -11.00 -29.79 32.14
CA ILE N 25 -10.24 -29.53 33.37
C ILE N 25 -11.18 -29.23 34.53
N ASP N 26 -12.03 -28.22 34.38
CA ASP N 26 -12.96 -27.81 35.41
C ASP N 26 -13.95 -28.93 35.74
N LYS N 27 -14.46 -29.60 34.70
CA LYS N 27 -15.43 -30.67 34.87
C LYS N 27 -14.80 -31.82 35.65
N LEU N 28 -13.55 -32.15 35.33
CA LEU N 28 -12.87 -33.23 36.03
C LEU N 28 -12.64 -32.89 37.50
N ALA N 29 -12.51 -31.60 37.81
CA ALA N 29 -12.30 -31.15 39.19
C ALA N 29 -13.58 -31.29 40.01
N ALA N 30 -14.74 -31.25 39.33
CA ALA N 30 -16.05 -31.40 39.97
C ALA N 30 -16.47 -32.88 40.00
N LYS N 31 -16.22 -33.60 38.90
CA LYS N 31 -16.62 -35.00 38.78
C LYS N 31 -15.87 -35.85 39.82
N ALA N 32 -14.57 -35.60 39.94
CA ALA N 32 -13.70 -36.25 40.92
C ALA N 32 -12.71 -35.20 41.41
N ASN N 33 -11.67 -35.61 42.13
CA ASN N 33 -10.67 -34.66 42.59
C ASN N 33 -9.47 -34.72 41.65
N THR N 34 -9.73 -34.95 40.35
CA THR N 34 -8.68 -35.41 39.43
C THR N 34 -7.91 -34.24 38.82
N GLN N 35 -6.56 -34.32 38.91
CA GLN N 35 -5.64 -33.39 38.29
C GLN N 35 -5.22 -33.97 36.95
N LEU N 36 -5.32 -33.15 35.91
CA LEU N 36 -5.02 -33.60 34.56
C LEU N 36 -3.61 -33.24 34.15
N ALA N 37 -3.00 -34.12 33.34
CA ALA N 37 -1.71 -33.86 32.71
C ALA N 37 -1.81 -34.16 31.22
N ILE N 38 -1.71 -33.12 30.36
CA ILE N 38 -1.87 -33.31 28.93
C ILE N 38 -0.50 -33.11 28.29
N ILE N 39 0.17 -34.23 27.98
CA ILE N 39 1.56 -34.31 27.57
C ILE N 39 1.62 -34.46 26.06
N THR N 40 2.61 -33.83 25.45
CA THR N 40 2.78 -33.90 24.00
C THR N 40 3.89 -34.88 23.67
N GLU N 41 3.66 -35.69 22.64
CA GLU N 41 4.63 -36.62 22.11
C GLU N 41 4.55 -36.58 20.59
N VAL N 42 5.50 -37.22 19.93
CA VAL N 42 5.60 -37.16 18.47
C VAL N 42 5.54 -38.58 17.93
N LEU N 43 4.62 -38.81 16.99
CA LEU N 43 4.40 -40.07 16.30
C LEU N 43 4.49 -41.26 17.28
N ALA N 44 5.48 -42.13 17.06
CA ALA N 44 5.59 -43.41 17.75
C ALA N 44 5.80 -43.21 19.25
N GLY N 45 6.37 -42.07 19.64
CA GLY N 45 6.59 -41.75 21.04
C GLY N 45 5.28 -41.74 21.84
N ALA N 46 4.18 -41.36 21.19
CA ALA N 46 2.87 -41.34 21.83
C ALA N 46 2.42 -42.77 22.11
N TRP N 47 2.59 -43.67 21.15
CA TRP N 47 2.20 -45.07 21.29
C TRP N 47 3.06 -45.78 22.32
N GLU N 48 4.36 -45.48 22.29
CA GLU N 48 5.32 -46.09 23.20
C GLU N 48 4.91 -45.81 24.64
N ARG N 49 4.46 -44.58 24.91
CA ARG N 49 3.98 -44.22 26.23
C ARG N 49 2.82 -45.13 26.63
N LEU N 50 1.95 -45.47 25.68
CA LEU N 50 0.77 -46.28 25.98
C LEU N 50 1.18 -47.72 26.29
N GLU N 51 2.04 -48.29 25.43
CA GLU N 51 2.56 -49.64 25.61
C GLU N 51 3.25 -49.76 26.97
N GLN N 52 4.12 -48.78 27.32
CA GLN N 52 4.87 -48.84 28.55
C GLN N 52 4.03 -48.46 29.77
N GLY N 53 2.73 -48.23 29.58
CA GLY N 53 1.82 -47.92 30.68
C GLY N 53 2.14 -46.58 31.35
N ARG N 54 2.66 -45.62 30.56
CA ARG N 54 3.00 -44.32 31.08
C ARG N 54 2.01 -43.26 30.62
N ALA N 55 0.82 -43.68 30.16
CA ALA N 55 -0.22 -42.79 29.68
C ALA N 55 -1.56 -43.52 29.79
N ASP N 56 -2.54 -42.89 30.46
CA ASP N 56 -3.87 -43.45 30.57
C ASP N 56 -4.64 -43.42 29.25
N ILE N 57 -4.59 -42.29 28.52
CA ILE N 57 -5.27 -42.16 27.22
C ILE N 57 -4.31 -41.49 26.22
N VAL N 58 -4.31 -41.95 24.98
CA VAL N 58 -3.51 -41.37 23.91
C VAL N 58 -4.43 -40.85 22.81
N ILE N 59 -4.22 -39.59 22.39
CA ILE N 59 -4.88 -39.01 21.22
C ILE N 59 -3.81 -38.79 20.15
N ALA N 60 -3.89 -39.53 19.04
CA ALA N 60 -2.80 -39.61 18.08
C ALA N 60 -3.32 -40.02 16.71
N PRO N 61 -2.56 -39.76 15.63
CA PRO N 61 -2.86 -40.33 14.32
C PRO N 61 -2.93 -41.86 14.38
N ASP N 62 -3.85 -42.44 13.59
CA ASP N 62 -3.99 -43.88 13.48
C ASP N 62 -2.68 -44.50 12.97
N MET N 63 -2.25 -45.60 13.61
CA MET N 63 -0.92 -46.18 13.42
C MET N 63 -0.96 -47.68 13.66
N HIS N 64 0.09 -48.38 13.20
CA HIS N 64 0.14 -49.84 13.05
C HIS N 64 0.10 -50.57 14.39
N PHE N 65 0.54 -49.90 15.46
CA PHE N 65 0.46 -50.41 16.82
C PHE N 65 -0.99 -50.69 17.25
N ARG N 66 -1.99 -50.08 16.58
CA ARG N 66 -3.38 -50.09 17.05
C ARG N 66 -3.97 -51.51 17.05
N SER N 67 -3.41 -52.42 16.24
CA SER N 67 -3.99 -53.76 16.11
C SER N 67 -3.77 -54.60 17.38
N SER N 68 -3.19 -54.00 18.41
CA SER N 68 -2.89 -54.69 19.67
C SER N 68 -4.17 -55.08 20.38
N SER N 69 -4.19 -56.27 20.97
CA SER N 69 -5.38 -56.88 21.52
C SER N 69 -5.78 -56.18 22.84
N GLU N 70 -4.77 -55.67 23.57
CA GLU N 70 -5.00 -55.04 24.86
C GLU N 70 -5.23 -53.54 24.71
N ILE N 71 -5.24 -53.01 23.48
CA ILE N 71 -5.47 -51.59 23.23
C ILE N 71 -6.80 -51.45 22.51
N ASN N 72 -7.72 -50.71 23.15
CA ASN N 72 -8.94 -50.31 22.50
C ASN N 72 -8.72 -48.95 21.83
N SER N 73 -9.49 -48.67 20.77
CA SER N 73 -9.34 -47.42 20.02
C SER N 73 -10.66 -47.00 19.38
N ARG N 74 -10.79 -45.70 19.11
CA ARG N 74 -12.00 -45.11 18.55
C ARG N 74 -11.63 -43.86 17.75
N LYS N 75 -12.24 -43.68 16.57
CA LYS N 75 -11.93 -42.55 15.70
C LYS N 75 -12.61 -41.31 16.27
N LEU N 76 -11.87 -40.20 16.31
CA LEU N 76 -12.36 -38.95 16.89
C LEU N 76 -12.73 -37.96 15.79
N TYR N 77 -11.83 -37.77 14.83
CA TYR N 77 -12.03 -36.80 13.76
C TYR N 77 -10.94 -36.99 12.71
N THR N 78 -11.15 -36.34 11.57
CA THR N 78 -10.20 -36.36 10.47
C THR N 78 -9.48 -35.01 10.40
N LEU N 79 -8.18 -35.07 10.10
CA LEU N 79 -7.32 -33.88 10.06
C LEU N 79 -6.68 -33.82 8.67
N MET N 80 -6.60 -32.59 8.14
CA MET N 80 -6.04 -32.34 6.83
C MET N 80 -4.60 -31.82 6.98
N ASN N 81 -3.70 -32.35 6.14
CA ASN N 81 -2.29 -31.99 6.12
C ASN N 81 -1.96 -31.39 4.76
N VAL N 82 -1.31 -30.23 4.78
CA VAL N 82 -1.03 -29.48 3.56
C VAL N 82 0.48 -29.25 3.47
N TYR N 83 1.01 -29.46 2.25
CA TYR N 83 2.40 -29.23 1.93
C TYR N 83 2.55 -27.74 1.61
N VAL N 84 3.24 -27.00 2.50
CA VAL N 84 3.30 -25.56 2.41
C VAL N 84 4.75 -25.08 2.36
N ALA N 85 4.91 -23.80 2.00
CA ALA N 85 6.16 -23.08 1.99
C ALA N 85 5.86 -21.59 1.97
N ALA N 86 6.86 -20.76 2.33
CA ALA N 86 6.67 -19.32 2.33
C ALA N 86 6.40 -18.88 0.91
N PRO N 87 5.65 -17.76 0.71
CA PRO N 87 5.28 -17.29 -0.61
C PRO N 87 6.48 -17.08 -1.54
N ASP N 88 7.61 -16.56 -0.99
CA ASP N 88 8.77 -16.24 -1.82
C ASP N 88 9.71 -17.43 -1.98
N HIS N 89 9.31 -18.62 -1.53
CA HIS N 89 10.17 -19.79 -1.69
C HIS N 89 10.21 -20.19 -3.17
N PRO N 90 11.40 -20.50 -3.73
CA PRO N 90 11.51 -20.89 -5.14
C PRO N 90 10.74 -22.15 -5.53
N ILE N 91 10.27 -22.93 -4.54
CA ILE N 91 9.57 -24.18 -4.84
C ILE N 91 8.30 -23.86 -5.64
N HIS N 92 7.76 -22.65 -5.44
CA HIS N 92 6.52 -22.22 -6.06
C HIS N 92 6.71 -22.01 -7.56
N GLN N 93 7.91 -21.59 -7.99
CA GLN N 93 8.17 -21.33 -9.40
C GLN N 93 8.50 -22.61 -10.16
N GLU N 94 8.35 -23.77 -9.50
CA GLU N 94 8.80 -25.02 -10.09
C GLU N 94 7.69 -25.57 -10.98
N PRO N 95 8.07 -26.07 -12.18
CA PRO N 95 7.17 -26.89 -13.00
C PRO N 95 6.73 -28.17 -12.28
N GLU N 96 7.66 -28.80 -11.54
CA GLU N 96 7.36 -30.12 -10.99
C GLU N 96 7.70 -30.19 -9.50
N PRO N 97 6.97 -29.47 -8.63
CA PRO N 97 7.39 -29.28 -7.26
C PRO N 97 7.48 -30.57 -6.44
N LEU N 98 6.69 -31.59 -6.84
CA LEU N 98 6.60 -32.81 -6.05
C LEU N 98 7.42 -33.92 -6.66
N SER N 99 8.19 -33.61 -7.74
CA SER N 99 9.03 -34.62 -8.37
C SER N 99 10.23 -34.91 -7.46
N GLU N 100 10.55 -36.21 -7.32
CA GLU N 100 11.66 -36.65 -6.49
C GLU N 100 12.95 -35.93 -6.87
N VAL N 101 13.10 -35.65 -8.16
CA VAL N 101 14.27 -34.95 -8.68
C VAL N 101 14.28 -33.51 -8.16
N THR N 102 13.09 -32.92 -7.97
CA THR N 102 13.00 -31.53 -7.56
C THR N 102 13.06 -31.39 -6.04
N ARG N 103 12.37 -32.27 -5.33
CA ARG N 103 12.27 -32.21 -3.87
C ARG N 103 13.64 -32.23 -3.19
N VAL N 104 14.55 -33.02 -3.73
CA VAL N 104 15.92 -33.13 -3.23
C VAL N 104 16.62 -31.77 -3.25
N LYS N 105 16.21 -30.88 -4.15
CA LYS N 105 16.90 -29.60 -4.29
C LYS N 105 16.64 -28.69 -3.09
N TYR N 106 15.52 -28.91 -2.37
CA TYR N 106 15.08 -27.98 -1.34
C TYR N 106 15.03 -28.65 0.03
N ARG N 107 15.23 -27.84 1.08
CA ARG N 107 15.36 -28.35 2.45
C ARG N 107 14.00 -28.79 2.98
N GLY N 108 13.92 -30.03 3.47
CA GLY N 108 12.75 -30.48 4.21
C GLY N 108 12.86 -30.11 5.69
N ILE N 109 11.73 -30.12 6.39
CA ILE N 109 11.70 -29.88 7.83
C ILE N 109 10.93 -31.00 8.49
N ALA N 110 11.57 -31.63 9.50
CA ALA N 110 11.03 -32.78 10.21
C ALA N 110 10.88 -32.45 11.69
N VAL N 111 9.82 -33.00 12.29
CA VAL N 111 9.63 -33.04 13.73
C VAL N 111 10.16 -34.39 14.21
N ALA N 112 11.16 -34.38 15.11
CA ALA N 112 11.86 -35.57 15.56
C ALA N 112 10.91 -36.44 16.35
N ASP N 113 11.16 -37.77 16.33
CA ASP N 113 10.31 -38.77 16.96
C ASP N 113 10.92 -39.21 18.30
N THR N 114 10.06 -39.31 19.34
CA THR N 114 10.48 -39.76 20.67
C THR N 114 11.05 -41.20 20.61
N ALA N 115 10.65 -41.98 19.59
CA ALA N 115 11.16 -43.31 19.36
C ALA N 115 12.47 -43.32 18.59
N ARG N 116 13.11 -42.19 18.23
CA ARG N 116 14.30 -42.15 17.37
C ARG N 116 14.08 -42.87 16.04
N GLU N 117 12.83 -42.99 15.57
CA GLU N 117 12.43 -43.95 14.55
C GLU N 117 12.17 -43.20 13.26
N ARG N 118 13.01 -43.42 12.24
CA ARG N 118 12.90 -42.63 11.01
C ARG N 118 11.55 -42.74 10.27
N PRO N 119 10.71 -41.67 10.26
CA PRO N 119 9.35 -41.77 9.73
C PRO N 119 9.33 -41.72 8.20
N VAL N 120 8.62 -42.66 7.55
CA VAL N 120 8.31 -42.63 6.12
C VAL N 120 6.78 -42.67 5.91
N LEU N 121 6.15 -41.48 5.93
CA LEU N 121 4.68 -41.40 5.82
C LEU N 121 4.12 -40.53 4.71
N THR N 122 4.07 -39.19 4.95
CA THR N 122 3.58 -38.22 3.96
C THR N 122 4.73 -37.34 3.46
N VAL N 123 4.82 -37.20 2.13
CA VAL N 123 5.82 -36.37 1.47
C VAL N 123 7.20 -36.60 2.10
N GLN N 124 7.56 -37.87 2.28
CA GLN N 124 8.75 -38.31 2.99
C GLN N 124 10.02 -37.69 2.43
N LEU N 125 10.88 -37.24 3.33
CA LEU N 125 12.24 -36.81 3.09
C LEU N 125 12.95 -37.81 2.18
N LEU N 126 13.72 -37.32 1.20
CA LEU N 126 14.55 -38.16 0.36
C LEU N 126 15.99 -38.16 0.85
N ASP N 127 16.74 -39.21 0.48
CA ASP N 127 18.17 -39.25 0.75
C ASP N 127 18.86 -38.10 0.03
N LYS N 128 20.02 -37.65 0.55
CA LYS N 128 20.78 -36.58 -0.08
C LYS N 128 20.04 -35.23 0.00
N GLN N 129 18.80 -35.23 0.55
CA GLN N 129 18.02 -34.00 0.63
C GLN N 129 18.40 -33.23 1.89
N PRO N 130 18.63 -31.90 1.79
CA PRO N 130 18.88 -31.10 2.98
C PRO N 130 17.68 -31.13 3.92
N ARG N 131 17.93 -31.08 5.22
CA ARG N 131 16.84 -31.14 6.19
C ARG N 131 17.18 -30.31 7.43
N LEU N 132 16.15 -29.78 8.09
CA LEU N 132 16.23 -29.23 9.44
C LEU N 132 15.28 -30.03 10.32
N THR N 133 15.70 -30.30 11.56
CA THR N 133 14.91 -31.10 12.46
C THR N 133 14.58 -30.26 13.69
N VAL N 134 13.31 -30.29 14.10
CA VAL N 134 12.83 -29.58 15.29
C VAL N 134 11.98 -30.54 16.11
N SER N 135 11.65 -30.17 17.34
CA SER N 135 10.95 -31.01 18.28
C SER N 135 9.47 -30.69 18.29
N THR N 136 9.11 -29.44 17.96
CA THR N 136 7.75 -28.96 18.15
C THR N 136 7.13 -28.53 16.82
N ILE N 137 5.81 -28.56 16.78
CA ILE N 137 5.08 -28.22 15.59
C ILE N 137 5.15 -26.71 15.37
N GLU N 138 5.27 -25.96 16.49
CA GLU N 138 5.38 -24.50 16.42
C GLU N 138 6.71 -24.11 15.78
N ASP N 139 7.80 -24.72 16.26
CA ASP N 139 9.14 -24.48 15.71
C ASP N 139 9.14 -24.77 14.21
N LYS N 140 8.45 -25.83 13.80
CA LYS N 140 8.37 -26.18 12.39
C LYS N 140 7.62 -25.10 11.62
N ARG N 141 6.59 -24.52 12.25
CA ARG N 141 5.80 -23.47 11.62
C ARG N 141 6.68 -22.23 11.38
N GLN N 142 7.41 -21.84 12.42
CA GLN N 142 8.26 -20.65 12.37
C GLN N 142 9.33 -20.82 11.29
N ALA N 143 9.94 -22.01 11.21
CA ALA N 143 10.92 -22.32 10.18
C ALA N 143 10.32 -22.12 8.80
N LEU N 144 9.07 -22.60 8.60
CA LEU N 144 8.38 -22.48 7.32
C LEU N 144 8.09 -21.00 7.02
N LEU N 145 7.60 -20.26 8.03
CA LEU N 145 7.33 -18.84 7.88
C LEU N 145 8.58 -18.09 7.47
N ALA N 146 9.75 -18.54 7.95
CA ALA N 146 11.02 -17.85 7.68
C ALA N 146 11.63 -18.27 6.35
N GLY N 147 10.93 -19.12 5.59
CA GLY N 147 11.37 -19.44 4.24
C GLY N 147 12.47 -20.52 4.20
N LEU N 148 12.69 -21.25 5.31
CA LEU N 148 13.86 -22.10 5.46
C LEU N 148 13.66 -23.50 4.86
N GLY N 149 12.46 -23.80 4.35
CA GLY N 149 12.23 -25.12 3.80
C GLY N 149 10.78 -25.35 3.37
N VAL N 150 10.49 -26.62 3.03
CA VAL N 150 9.17 -27.06 2.57
C VAL N 150 8.76 -28.29 3.36
N ALA N 151 7.54 -28.24 3.93
CA ALA N 151 7.09 -29.34 4.77
C ALA N 151 5.56 -29.35 4.89
N THR N 152 5.04 -30.47 5.34
CA THR N 152 3.63 -30.66 5.63
C THR N 152 3.29 -29.99 6.96
N MET N 153 2.06 -29.46 7.07
CA MET N 153 1.55 -28.90 8.31
C MET N 153 0.08 -29.25 8.47
N PRO N 154 -0.42 -29.37 9.71
CA PRO N 154 -1.85 -29.49 9.96
C PRO N 154 -2.58 -28.20 9.55
N TYR N 155 -3.61 -28.34 8.72
CA TYR N 155 -4.31 -27.21 8.12
C TYR N 155 -4.77 -26.19 9.18
N PRO N 156 -5.40 -26.62 10.30
CA PRO N 156 -5.86 -25.65 11.30
C PRO N 156 -4.75 -24.70 11.76
N MET N 157 -3.51 -25.21 11.86
CA MET N 157 -2.43 -24.42 12.40
C MET N 157 -1.88 -23.40 11.40
N VAL N 158 -2.18 -23.58 10.10
CA VAL N 158 -1.69 -22.68 9.06
C VAL N 158 -2.84 -22.07 8.23
N GLU N 159 -4.09 -22.23 8.69
CA GLU N 159 -5.24 -21.75 7.93
C GLU N 159 -5.14 -20.23 7.77
N LYS N 160 -4.89 -19.53 8.88
CA LYS N 160 -4.81 -18.08 8.82
C LYS N 160 -3.60 -17.67 7.98
N ASP N 161 -2.50 -18.43 8.12
CA ASP N 161 -1.26 -18.13 7.41
C ASP N 161 -1.52 -18.17 5.90
N ILE N 162 -2.30 -19.15 5.43
CA ILE N 162 -2.55 -19.29 4.01
C ILE N 162 -3.49 -18.19 3.53
N ALA N 163 -4.51 -17.89 4.34
CA ALA N 163 -5.45 -16.82 4.04
C ALA N 163 -4.68 -15.50 3.89
N GLU N 164 -3.85 -15.17 4.87
CA GLU N 164 -3.19 -13.86 4.93
C GLU N 164 -1.87 -13.85 4.14
N GLY N 165 -1.65 -14.87 3.32
CA GLY N 165 -0.54 -14.90 2.38
C GLY N 165 0.86 -15.00 3.03
N ARG N 166 0.93 -15.49 4.29
CA ARG N 166 2.20 -15.76 4.95
C ARG N 166 2.75 -17.14 4.56
N LEU N 167 1.85 -18.07 4.19
CA LEU N 167 2.24 -19.37 3.64
C LEU N 167 1.39 -19.67 2.42
N ARG N 168 1.82 -20.63 1.62
CA ARG N 168 1.15 -20.93 0.36
C ARG N 168 1.28 -22.42 0.12
N VAL N 169 0.16 -23.04 -0.28
CA VAL N 169 0.10 -24.49 -0.48
C VAL N 169 0.92 -24.78 -1.74
N VAL N 170 1.86 -25.73 -1.63
CA VAL N 170 2.81 -25.92 -2.71
C VAL N 170 2.07 -26.56 -3.88
N SER N 171 1.33 -27.64 -3.59
CA SER N 171 0.52 -28.35 -4.58
C SER N 171 -0.56 -29.11 -3.83
N PRO N 172 -1.83 -29.03 -4.27
CA PRO N 172 -2.94 -29.70 -3.58
C PRO N 172 -2.87 -31.22 -3.68
N GLU N 173 -2.11 -31.73 -4.67
CA GLU N 173 -1.98 -33.15 -4.88
C GLU N 173 -1.45 -33.86 -3.64
N SER N 174 -0.60 -33.17 -2.86
CA SER N 174 0.07 -33.74 -1.70
C SER N 174 -0.78 -33.66 -0.43
N THR N 175 -1.95 -33.01 -0.50
CA THR N 175 -2.82 -32.90 0.66
C THR N 175 -3.29 -34.29 1.06
N SER N 176 -3.21 -34.60 2.36
CA SER N 176 -3.53 -35.91 2.89
C SER N 176 -4.47 -35.75 4.08
N GLU N 177 -5.23 -36.82 4.34
CA GLU N 177 -6.17 -36.87 5.45
C GLU N 177 -5.64 -37.91 6.44
N ILE N 178 -5.67 -37.56 7.74
CA ILE N 178 -5.21 -38.44 8.78
C ILE N 178 -6.34 -38.60 9.79
N ASP N 179 -6.62 -39.83 10.19
CA ASP N 179 -7.65 -40.10 11.18
C ASP N 179 -6.99 -39.96 12.55
N ILE N 180 -7.55 -39.10 13.41
CA ILE N 180 -7.07 -38.92 14.77
C ILE N 180 -7.92 -39.79 15.67
N ILE N 181 -7.28 -40.73 16.38
CA ILE N 181 -7.97 -41.72 17.19
C ILE N 181 -7.66 -41.53 18.67
N MET N 182 -8.60 -41.96 19.52
CA MET N 182 -8.42 -42.06 20.96
C MET N 182 -8.14 -43.54 21.27
N ALA N 183 -7.05 -43.79 22.01
CA ALA N 183 -6.64 -45.14 22.36
C ALA N 183 -6.36 -45.23 23.85
N TRP N 184 -6.61 -46.42 24.42
CA TRP N 184 -6.35 -46.72 25.81
C TRP N 184 -6.15 -48.22 25.98
N ARG N 185 -5.76 -48.62 27.20
CA ARG N 185 -5.58 -50.02 27.52
C ARG N 185 -6.75 -50.51 28.36
N ARG N 186 -7.15 -51.74 28.06
CA ARG N 186 -8.25 -52.39 28.75
C ARG N 186 -7.77 -53.03 30.05
N ASP N 187 -6.45 -53.16 30.27
CA ASP N 187 -5.96 -53.94 31.41
C ASP N 187 -6.05 -53.16 32.71
N SER N 188 -6.63 -51.95 32.65
CA SER N 188 -6.86 -51.12 33.84
C SER N 188 -8.04 -50.18 33.58
N MET N 189 -8.71 -49.77 34.67
CA MET N 189 -9.93 -48.99 34.53
C MET N 189 -10.17 -48.26 35.86
N GLY N 190 -10.61 -47.01 35.78
CA GLY N 190 -11.11 -46.32 36.97
C GLY N 190 -12.01 -45.16 36.58
N GLU N 191 -12.53 -44.46 37.58
CA GLU N 191 -13.60 -43.51 37.45
C GLU N 191 -13.24 -42.42 36.44
N ALA N 192 -12.09 -41.73 36.68
CA ALA N 192 -11.70 -40.58 35.90
C ALA N 192 -11.44 -40.99 34.45
N LYS N 193 -10.70 -42.10 34.30
CA LYS N 193 -10.36 -42.59 32.98
C LYS N 193 -11.63 -42.89 32.18
N SER N 194 -12.60 -43.57 32.82
CA SER N 194 -13.84 -43.93 32.17
C SER N 194 -14.59 -42.67 31.74
N TRP N 195 -14.67 -41.70 32.64
CA TRP N 195 -15.37 -40.45 32.37
C TRP N 195 -14.75 -39.73 31.17
N CYS N 196 -13.41 -39.63 31.14
CA CYS N 196 -12.72 -38.97 30.04
C CYS N 196 -13.00 -39.67 28.72
N LEU N 197 -12.96 -41.01 28.73
CA LEU N 197 -13.19 -41.77 27.50
C LEU N 197 -14.57 -41.45 26.92
N ARG N 198 -15.49 -40.97 27.75
CA ARG N 198 -16.86 -40.68 27.30
C ARG N 198 -16.94 -39.24 26.83
N GLU N 199 -16.24 -38.34 27.55
CA GLU N 199 -16.27 -36.91 27.30
C GLU N 199 -15.45 -36.50 26.09
N ILE N 200 -14.31 -37.15 25.89
CA ILE N 200 -13.39 -36.70 24.85
C ILE N 200 -14.05 -36.73 23.46
N PRO N 201 -14.75 -37.82 23.04
CA PRO N 201 -15.46 -37.79 21.76
C PRO N 201 -16.45 -36.65 21.60
N LYS N 202 -17.06 -36.21 22.70
CA LYS N 202 -18.03 -35.13 22.69
C LYS N 202 -17.36 -33.81 22.33
N LEU N 203 -16.06 -33.65 22.62
CA LEU N 203 -15.34 -32.44 22.30
C LEU N 203 -15.22 -32.24 20.79
N PHE N 204 -15.41 -33.32 20.01
CA PHE N 204 -15.12 -33.26 18.58
C PHE N 204 -16.32 -33.65 17.74
N ASN N 205 -17.54 -33.74 18.34
CA ASN N 205 -18.77 -33.97 17.61
C ASN N 205 -19.71 -32.80 17.88
N GLY N 206 -19.58 -32.16 19.08
CA GLY N 206 -20.49 -31.12 19.51
C GLY N 206 -20.04 -29.69 19.17
N LYS N 207 -18.94 -29.54 18.41
CA LYS N 207 -18.25 -28.25 18.31
C LYS N 207 -19.02 -27.23 17.46
N THR O 6 6.58 1.11 44.70
CA THR O 6 7.92 1.74 44.93
C THR O 6 8.08 2.88 43.93
N HIS O 7 9.01 3.80 44.21
CA HIS O 7 9.30 4.91 43.31
C HIS O 7 10.80 5.00 43.05
N LEU O 8 11.19 4.91 41.78
CA LEU O 8 12.58 5.14 41.38
C LEU O 8 12.68 6.43 40.56
N THR O 9 13.75 7.20 40.79
CA THR O 9 14.01 8.43 40.05
C THR O 9 15.31 8.27 39.29
N ILE O 10 15.21 8.24 37.95
CA ILE O 10 16.37 8.37 37.06
C ILE O 10 16.43 9.82 36.60
N VAL O 11 17.62 10.41 36.65
CA VAL O 11 17.84 11.76 36.16
C VAL O 11 18.66 11.67 34.89
N THR O 12 18.12 12.21 33.80
CA THR O 12 18.83 12.30 32.53
C THR O 12 19.17 13.76 32.26
N GLU O 13 20.47 14.08 32.14
CA GLU O 13 20.92 15.44 31.89
C GLU O 13 20.42 15.87 30.52
N ALA O 14 20.34 17.18 30.29
CA ALA O 14 19.64 17.75 29.14
C ALA O 14 20.16 17.18 27.82
N LEU O 15 21.48 16.89 27.76
CA LEU O 15 22.12 16.35 26.57
C LEU O 15 21.67 14.92 26.27
N VAL O 16 21.03 14.26 27.25
CA VAL O 16 20.67 12.86 27.12
C VAL O 16 19.18 12.73 26.78
N PRO O 17 18.83 12.14 25.63
CA PRO O 17 17.41 11.90 25.28
C PRO O 17 16.72 10.97 26.28
N THR O 18 15.73 11.51 26.97
CA THR O 18 14.90 10.78 27.91
C THR O 18 14.25 9.58 27.25
N PRO O 19 13.68 9.67 26.02
CA PRO O 19 12.99 8.53 25.41
C PRO O 19 13.81 7.25 25.25
N ALA O 20 15.13 7.36 25.29
CA ALA O 20 15.99 6.19 25.21
C ALA O 20 15.78 5.25 26.39
N PHE O 21 15.18 5.74 27.49
CA PHE O 21 14.95 4.96 28.71
C PHE O 21 13.52 4.41 28.77
N PHE O 22 12.73 4.62 27.72
CA PHE O 22 11.33 4.23 27.75
C PHE O 22 11.16 2.72 27.79
N PRO O 23 11.98 1.92 27.08
CA PRO O 23 11.89 0.46 27.18
C PRO O 23 11.83 -0.11 28.60
N LEU O 24 12.49 0.58 29.54
CA LEU O 24 12.54 0.17 30.94
C LEU O 24 11.16 0.16 31.59
N ILE O 25 10.22 1.00 31.11
CA ILE O 25 9.03 1.35 31.88
C ILE O 25 8.17 0.13 32.14
N ASP O 26 7.74 -0.56 31.07
CA ASP O 26 6.86 -1.71 31.21
C ASP O 26 7.56 -2.85 31.96
N LYS O 27 8.86 -3.06 31.65
CA LYS O 27 9.61 -4.13 32.31
C LYS O 27 9.71 -3.85 33.81
N LEU O 28 9.96 -2.59 34.19
CA LEU O 28 10.08 -2.25 35.59
C LEU O 28 8.75 -2.42 36.33
N ALA O 29 7.63 -2.29 35.61
CA ALA O 29 6.31 -2.46 36.22
C ALA O 29 6.02 -3.93 36.52
N ALA O 30 6.67 -4.83 35.76
CA ALA O 30 6.53 -6.27 35.95
C ALA O 30 7.58 -6.79 36.93
N LYS O 31 8.81 -6.30 36.82
CA LYS O 31 9.92 -6.74 37.66
C LYS O 31 9.63 -6.41 39.14
N ALA O 32 9.16 -5.19 39.37
CA ALA O 32 8.80 -4.71 40.69
C ALA O 32 7.52 -3.88 40.51
N ASN O 33 7.04 -3.34 41.65
CA ASN O 33 5.84 -2.54 41.62
C ASN O 33 6.19 -1.07 41.53
N THR O 34 7.33 -0.78 40.88
CA THR O 34 8.01 0.50 40.95
C THR O 34 7.47 1.45 39.88
N GLN O 35 7.12 2.66 40.31
CA GLN O 35 6.74 3.76 39.43
C GLN O 35 7.96 4.61 39.12
N LEU O 36 8.17 4.86 37.82
CA LEU O 36 9.39 5.49 37.35
C LEU O 36 9.17 7.00 37.19
N ALA O 37 10.24 7.76 37.49
CA ALA O 37 10.38 9.16 37.15
C ALA O 37 11.70 9.32 36.39
N ILE O 38 11.60 9.78 35.13
CA ILE O 38 12.79 10.13 34.36
C ILE O 38 12.81 11.66 34.24
N ILE O 39 13.63 12.30 35.10
CA ILE O 39 13.65 13.73 35.33
C ILE O 39 14.81 14.33 34.56
N THR O 40 14.61 15.51 33.99
CA THR O 40 15.67 16.18 33.26
C THR O 40 16.27 17.28 34.12
N GLU O 41 17.59 17.37 34.10
CA GLU O 41 18.33 18.41 34.79
C GLU O 41 19.46 18.87 33.89
N VAL O 42 20.10 19.98 34.24
CA VAL O 42 21.11 20.59 33.40
C VAL O 42 22.43 20.64 34.16
N LEU O 43 23.49 20.09 33.54
CA LEU O 43 24.84 20.05 34.09
C LEU O 43 24.84 19.70 35.57
N ALA O 44 25.32 20.63 36.42
CA ALA O 44 25.59 20.38 37.82
C ALA O 44 24.30 20.05 38.58
N GLY O 45 23.16 20.53 38.08
CA GLY O 45 21.86 20.25 38.69
C GLY O 45 21.58 18.75 38.77
N ALA O 46 22.08 17.99 37.80
CA ALA O 46 21.91 16.55 37.78
C ALA O 46 22.67 15.92 38.93
N TRP O 47 23.93 16.34 39.11
CA TRP O 47 24.81 15.80 40.15
C TRP O 47 24.29 16.21 41.53
N GLU O 48 23.83 17.45 41.66
CA GLU O 48 23.31 17.99 42.91
C GLU O 48 22.18 17.09 43.41
N ARG O 49 21.30 16.67 42.49
CA ARG O 49 20.22 15.77 42.83
C ARG O 49 20.78 14.48 43.42
N LEU O 50 21.91 13.99 42.89
CA LEU O 50 22.48 12.71 43.35
C LEU O 50 23.05 12.88 44.75
N GLU O 51 23.83 13.96 44.96
CA GLU O 51 24.41 14.29 46.26
C GLU O 51 23.32 14.42 47.32
N GLN O 52 22.26 15.17 47.01
CA GLN O 52 21.17 15.42 47.96
C GLN O 52 20.25 14.20 48.12
N GLY O 53 20.58 13.08 47.46
CA GLY O 53 19.79 11.86 47.58
C GLY O 53 18.39 11.99 47.00
N ARG O 54 18.24 12.85 45.99
CA ARG O 54 16.95 13.08 45.34
C ARG O 54 16.90 12.41 43.96
N ALA O 55 17.78 11.44 43.71
CA ALA O 55 17.91 10.74 42.46
C ALA O 55 18.67 9.43 42.70
N ASP O 56 18.06 8.30 42.35
CA ASP O 56 18.67 6.99 42.46
C ASP O 56 19.79 6.78 41.45
N ILE O 57 19.58 7.16 40.17
CA ILE O 57 20.57 7.01 39.12
C ILE O 57 20.65 8.27 38.27
N VAL O 58 21.87 8.68 37.90
CA VAL O 58 22.08 9.85 37.07
C VAL O 58 22.74 9.43 35.75
N ILE O 59 22.15 9.87 34.62
CA ILE O 59 22.76 9.71 33.30
C ILE O 59 23.16 11.11 32.82
N ALA O 60 24.46 11.36 32.68
CA ALA O 60 24.97 12.72 32.55
C ALA O 60 26.37 12.71 31.98
N PRO O 61 26.84 13.84 31.40
CA PRO O 61 28.25 13.99 31.03
C PRO O 61 29.19 13.72 32.21
N ASP O 62 30.33 13.12 31.88
CA ASP O 62 31.36 12.60 32.73
C ASP O 62 31.81 13.62 33.75
N MET O 63 32.05 13.21 35.01
CA MET O 63 32.58 14.13 36.03
C MET O 63 33.70 13.57 36.89
N HIS O 64 34.65 14.43 37.30
CA HIS O 64 35.89 14.01 37.97
C HIS O 64 35.61 13.42 39.36
N PHE O 65 34.62 14.02 40.04
CA PHE O 65 34.25 13.53 41.37
C PHE O 65 35.40 13.55 42.41
N ARG O 66 35.73 12.36 42.96
CA ARG O 66 36.69 12.20 44.04
C ARG O 66 36.22 12.88 45.34
N SER O 67 34.98 13.38 45.40
CA SER O 67 34.45 14.02 46.59
C SER O 67 34.21 13.04 47.72
N SER O 68 34.58 11.76 47.52
CA SER O 68 34.41 10.70 48.51
C SER O 68 32.92 10.47 48.82
N SER O 69 32.08 10.93 47.87
CA SER O 69 30.64 10.83 47.98
C SER O 69 30.17 9.38 47.84
N GLU O 70 31.10 8.42 47.65
CA GLU O 70 30.77 7.02 47.45
C GLU O 70 29.87 6.84 46.22
N ILE O 71 30.37 7.44 45.15
CA ILE O 71 29.69 7.45 43.85
C ILE O 71 30.40 6.54 42.85
N ASN O 72 29.67 5.53 42.39
CA ASN O 72 30.15 4.61 41.38
C ASN O 72 29.70 5.15 40.03
N SER O 73 30.44 4.79 38.95
CA SER O 73 30.11 5.26 37.61
C SER O 73 30.55 4.26 36.55
N ARG O 74 29.92 4.35 35.36
CA ARG O 74 30.26 3.52 34.22
C ARG O 74 29.94 4.27 32.93
N LYS O 75 30.83 4.17 31.95
CA LYS O 75 30.68 4.90 30.70
C LYS O 75 29.65 4.18 29.83
N LEU O 76 28.71 4.95 29.25
CA LEU O 76 27.61 4.38 28.47
C LEU O 76 27.88 4.57 26.97
N TYR O 77 28.24 5.79 26.56
CA TYR O 77 28.48 6.09 25.16
C TYR O 77 29.09 7.47 25.02
N THR O 78 29.56 7.80 23.81
CA THR O 78 30.15 9.09 23.50
C THR O 78 29.18 9.92 22.68
N LEU O 79 29.14 11.23 22.94
CA LEU O 79 28.26 12.17 22.28
C LEU O 79 29.10 13.29 21.65
N MET O 80 28.73 13.69 20.44
CA MET O 80 29.41 14.74 19.71
C MET O 80 28.61 16.04 19.81
N ASN O 81 29.33 17.15 20.07
CA ASN O 81 28.74 18.49 20.18
C ASN O 81 29.30 19.38 19.07
N VAL O 82 28.41 20.05 18.35
CA VAL O 82 28.76 20.84 17.18
C VAL O 82 28.31 22.28 17.40
N TYR O 83 29.21 23.21 17.05
CA TYR O 83 28.94 24.63 17.09
C TYR O 83 28.19 25.01 15.82
N VAL O 84 26.91 25.36 15.95
CA VAL O 84 26.05 25.57 14.80
C VAL O 84 25.43 26.96 14.84
N ALA O 85 24.85 27.35 13.70
CA ALA O 85 24.10 28.57 13.51
C ALA O 85 23.25 28.43 12.25
N ALA O 86 22.24 29.30 12.13
CA ALA O 86 21.36 29.26 10.97
C ALA O 86 22.20 29.56 9.73
N PRO O 87 21.78 29.04 8.56
CA PRO O 87 22.57 29.19 7.33
C PRO O 87 22.86 30.63 6.97
N ASP O 88 21.91 31.54 7.19
CA ASP O 88 22.04 32.96 6.79
C ASP O 88 22.71 33.79 7.90
N HIS O 89 23.18 33.15 8.98
CA HIS O 89 23.81 33.91 10.05
C HIS O 89 25.16 34.45 9.56
N PRO O 90 25.48 35.74 9.84
CA PRO O 90 26.76 36.32 9.39
C PRO O 90 28.00 35.63 9.95
N ILE O 91 27.86 34.78 10.97
CA ILE O 91 29.02 34.12 11.57
C ILE O 91 29.73 33.26 10.52
N HIS O 92 28.97 32.81 9.52
CA HIS O 92 29.46 31.95 8.46
C HIS O 92 30.42 32.71 7.55
N GLN O 93 30.20 34.01 7.35
CA GLN O 93 31.05 34.83 6.48
C GLN O 93 32.30 35.30 7.20
N GLU O 94 32.55 34.80 8.41
CA GLU O 94 33.64 35.34 9.23
C GLU O 94 34.92 34.57 8.88
N PRO O 95 36.06 35.27 8.64
CA PRO O 95 37.34 34.59 8.45
C PRO O 95 37.77 33.77 9.67
N GLU O 96 37.48 34.29 10.86
CA GLU O 96 37.93 33.72 12.11
C GLU O 96 36.76 33.56 13.07
N PRO O 97 35.81 32.64 12.82
CA PRO O 97 34.58 32.60 13.60
C PRO O 97 34.78 32.30 15.10
N LEU O 98 35.91 31.65 15.44
CA LEU O 98 36.14 31.24 16.82
C LEU O 98 37.11 32.19 17.53
N SER O 99 37.49 33.29 16.87
CA SER O 99 38.36 34.27 17.50
C SER O 99 37.59 35.07 18.53
N GLU O 100 38.22 35.28 19.70
CA GLU O 100 37.67 36.05 20.81
C GLU O 100 37.13 37.40 20.30
N VAL O 101 37.84 38.00 19.34
CA VAL O 101 37.46 39.28 18.80
C VAL O 101 36.15 39.14 18.01
N THR O 102 35.93 37.97 17.39
CA THR O 102 34.77 37.76 16.55
C THR O 102 33.57 37.31 17.39
N ARG O 103 33.81 36.37 18.31
CA ARG O 103 32.73 35.72 19.04
C ARG O 103 31.88 36.72 19.83
N VAL O 104 32.56 37.73 20.40
CA VAL O 104 31.89 38.77 21.17
C VAL O 104 30.87 39.51 20.32
N LYS O 105 31.07 39.54 18.98
CA LYS O 105 30.18 40.31 18.14
C LYS O 105 28.78 39.69 18.05
N TYR O 106 28.69 38.37 18.29
CA TYR O 106 27.45 37.62 18.02
C TYR O 106 26.89 37.00 19.30
N ARG O 107 25.56 36.84 19.35
CA ARG O 107 24.88 36.43 20.57
C ARG O 107 25.10 34.94 20.83
N GLY O 108 25.56 34.58 22.02
CA GLY O 108 25.61 33.19 22.45
C GLY O 108 24.27 32.77 23.06
N ILE O 109 24.03 31.46 23.12
CA ILE O 109 22.81 30.92 23.71
C ILE O 109 23.21 29.84 24.70
N ALA O 110 22.73 30.01 25.95
CA ALA O 110 23.05 29.14 27.06
C ALA O 110 21.78 28.48 27.60
N VAL O 111 21.94 27.21 28.02
CA VAL O 111 20.94 26.51 28.80
C VAL O 111 21.33 26.67 30.27
N ALA O 112 20.44 27.25 31.09
CA ALA O 112 20.69 27.54 32.49
C ALA O 112 20.81 26.24 33.27
N ASP O 113 21.62 26.26 34.35
CA ASP O 113 21.97 25.07 35.11
C ASP O 113 21.12 24.96 36.37
N THR O 114 20.58 23.76 36.65
CA THR O 114 19.59 23.53 37.72
C THR O 114 18.34 24.39 37.52
N ALA O 115 18.01 24.79 36.27
CA ALA O 115 17.07 25.88 35.98
C ALA O 115 17.60 27.25 36.43
N ARG O 116 16.73 28.28 36.54
CA ARG O 116 17.09 29.64 36.96
C ARG O 116 18.02 30.26 35.92
N GLU O 117 18.86 31.25 36.32
CA GLU O 117 19.77 31.91 35.39
C GLU O 117 21.19 31.82 35.97
N ARG O 118 21.57 30.58 36.30
CA ARG O 118 22.89 30.30 36.87
C ARG O 118 24.03 30.59 35.89
N PRO O 119 24.93 31.57 36.18
CA PRO O 119 25.99 31.93 35.23
C PRO O 119 27.12 30.91 35.24
N VAL O 120 27.33 30.20 34.12
CA VAL O 120 28.23 29.05 34.05
C VAL O 120 28.84 29.09 32.65
N LEU O 121 30.16 28.83 32.51
CA LEU O 121 30.80 29.01 31.22
C LEU O 121 30.38 27.79 30.42
N THR O 122 29.61 27.97 29.32
CA THR O 122 29.20 26.86 28.49
C THR O 122 30.48 26.27 27.85
N VAL O 123 30.31 25.33 26.91
CA VAL O 123 31.35 24.93 25.96
C VAL O 123 32.11 26.19 25.48
N GLN O 124 31.37 27.27 25.18
CA GLN O 124 31.91 28.52 24.69
C GLN O 124 30.97 29.69 24.98
N LEU O 125 31.46 30.73 25.67
CA LEU O 125 30.75 31.98 25.92
C LEU O 125 31.74 32.97 26.55
N LEU O 126 31.72 34.24 26.13
CA LEU O 126 32.51 35.30 26.73
C LEU O 126 31.64 36.19 27.61
N ASP O 127 32.25 36.89 28.57
CA ASP O 127 31.53 37.83 29.40
C ASP O 127 30.85 38.95 28.63
N LYS O 128 31.58 39.89 28.01
CA LYS O 128 30.94 41.07 27.43
C LYS O 128 30.11 40.73 26.18
N GLN O 129 29.93 39.44 25.92
CA GLN O 129 29.26 38.91 24.74
C GLN O 129 27.75 38.92 24.98
N PRO O 130 26.95 39.36 24.01
CA PRO O 130 25.48 39.25 24.09
C PRO O 130 25.06 37.80 24.24
N ARG O 131 23.99 37.55 25.01
CA ARG O 131 23.60 36.18 25.29
C ARG O 131 22.08 36.10 25.48
N LEU O 132 21.52 34.93 25.16
CA LEU O 132 20.16 34.55 25.52
C LEU O 132 20.26 33.28 26.36
N THR O 133 19.41 33.16 27.38
CA THR O 133 19.43 32.03 28.27
C THR O 133 18.06 31.36 28.21
N VAL O 134 18.07 30.03 28.08
CA VAL O 134 16.87 29.21 28.03
C VAL O 134 17.07 28.03 28.97
N SER O 135 15.98 27.30 29.27
CA SER O 135 15.98 26.24 30.25
C SER O 135 16.15 24.88 29.58
N THR O 136 15.72 24.77 28.33
CA THR O 136 15.61 23.49 27.64
C THR O 136 16.47 23.48 26.39
N ILE O 137 16.85 22.27 25.97
CA ILE O 137 17.71 22.09 24.81
C ILE O 137 16.85 22.34 23.56
N GLU O 138 15.54 22.09 23.65
CA GLU O 138 14.62 22.34 22.55
C GLU O 138 14.50 23.85 22.28
N ASP O 139 14.28 24.63 23.36
CA ASP O 139 14.21 26.08 23.25
C ASP O 139 15.49 26.62 22.62
N LYS O 140 16.63 26.06 22.99
CA LYS O 140 17.89 26.49 22.42
C LYS O 140 17.95 26.18 20.94
N ARG O 141 17.38 25.03 20.55
CA ARG O 141 17.35 24.63 19.15
C ARG O 141 16.54 25.62 18.33
N GLN O 142 15.33 25.94 18.84
CA GLN O 142 14.43 26.85 18.13
C GLN O 142 15.07 28.22 17.98
N ALA O 143 15.72 28.71 19.02
CA ALA O 143 16.43 29.98 18.98
C ALA O 143 17.48 29.96 17.87
N LEU O 144 18.22 28.85 17.76
CA LEU O 144 19.24 28.72 16.73
C LEU O 144 18.62 28.68 15.34
N LEU O 145 17.53 27.91 15.20
CA LEU O 145 16.81 27.81 13.94
C LEU O 145 16.32 29.20 13.51
N ALA O 146 15.96 30.06 14.47
CA ALA O 146 15.42 31.39 14.17
C ALA O 146 16.52 32.42 13.94
N GLY O 147 17.79 31.99 13.94
CA GLY O 147 18.87 32.88 13.57
C GLY O 147 19.32 33.83 14.69
N LEU O 148 18.91 33.55 15.94
CA LEU O 148 19.07 34.49 17.05
C LEU O 148 20.43 34.37 17.73
N GLY O 149 21.28 33.45 17.30
CA GLY O 149 22.59 33.33 17.91
C GLY O 149 23.39 32.13 17.41
N VAL O 150 24.51 31.89 18.10
CA VAL O 150 25.43 30.80 17.79
C VAL O 150 25.72 30.02 19.07
N ALA O 151 25.58 28.69 18.98
CA ALA O 151 25.75 27.86 20.17
C ALA O 151 26.04 26.40 19.80
N THR O 152 26.56 25.66 20.77
CA THR O 152 26.81 24.25 20.65
C THR O 152 25.51 23.47 20.77
N MET O 153 25.40 22.34 20.04
CA MET O 153 24.26 21.45 20.15
C MET O 153 24.71 20.00 20.04
N PRO O 154 23.98 19.05 20.66
CA PRO O 154 24.25 17.62 20.46
C PRO O 154 23.94 17.22 19.02
N TYR O 155 24.91 16.59 18.35
CA TYR O 155 24.82 16.28 16.92
C TYR O 155 23.52 15.55 16.59
N PRO O 156 23.12 14.49 17.32
CA PRO O 156 21.89 13.77 16.98
C PRO O 156 20.68 14.68 16.87
N MET O 157 20.61 15.71 17.71
CA MET O 157 19.44 16.58 17.77
C MET O 157 19.39 17.57 16.60
N VAL O 158 20.54 17.80 15.92
CA VAL O 158 20.58 18.72 14.80
C VAL O 158 21.09 18.06 13.51
N GLU O 159 21.19 16.72 13.48
CA GLU O 159 21.72 16.01 12.32
C GLU O 159 20.83 16.28 11.12
N LYS O 160 19.51 16.12 11.30
CA LYS O 160 18.58 16.34 10.21
C LYS O 160 18.59 17.82 9.83
N ASP O 161 18.72 18.70 10.82
CA ASP O 161 18.75 20.13 10.57
C ASP O 161 19.91 20.51 9.65
N ILE O 162 21.07 19.88 9.86
CA ILE O 162 22.26 20.19 9.06
C ILE O 162 22.08 19.62 7.66
N ALA O 163 21.56 18.39 7.58
CA ALA O 163 21.29 17.74 6.31
C ALA O 163 20.34 18.62 5.48
N GLU O 164 19.21 19.02 6.07
CA GLU O 164 18.14 19.69 5.35
C GLU O 164 18.34 21.20 5.33
N GLY O 165 19.57 21.65 5.65
CA GLY O 165 20.00 23.04 5.46
C GLY O 165 19.28 24.04 6.36
N ARG O 166 18.71 23.60 7.49
CA ARG O 166 18.13 24.50 8.48
C ARG O 166 19.20 25.03 9.44
N LEU O 167 20.29 24.27 9.62
CA LEU O 167 21.45 24.71 10.41
C LEU O 167 22.73 24.36 9.65
N ARG O 168 23.85 24.92 10.08
CA ARG O 168 25.13 24.73 9.42
C ARG O 168 26.22 24.79 10.50
N VAL O 169 27.18 23.85 10.45
CA VAL O 169 28.26 23.80 11.41
C VAL O 169 29.16 24.99 11.18
N VAL O 170 29.46 25.74 12.24
CA VAL O 170 30.15 27.00 12.09
C VAL O 170 31.59 26.71 11.69
N SER O 171 32.23 25.85 12.49
CA SER O 171 33.61 25.45 12.28
C SER O 171 33.83 24.11 12.97
N PRO O 172 34.43 23.12 12.26
CA PRO O 172 34.66 21.80 12.85
C PRO O 172 35.65 21.80 13.99
N GLU O 173 36.49 22.84 14.06
CA GLU O 173 37.52 23.03 15.08
C GLU O 173 36.93 22.83 16.49
N SER O 174 35.72 23.39 16.65
CA SER O 174 35.07 23.51 17.94
C SER O 174 34.29 22.25 18.32
N THR O 175 34.21 21.26 17.42
CA THR O 175 33.49 20.03 17.70
C THR O 175 34.17 19.30 18.85
N SER O 176 33.40 18.86 19.84
CA SER O 176 33.94 18.22 21.04
C SER O 176 33.15 16.95 21.33
N GLU O 177 33.85 15.97 21.94
CA GLU O 177 33.28 14.68 22.27
C GLU O 177 33.15 14.58 23.79
N ILE O 178 32.00 14.10 24.25
CA ILE O 178 31.70 14.04 25.67
C ILE O 178 31.26 12.61 26.00
N ASP O 179 31.83 12.03 27.06
CA ASP O 179 31.43 10.74 27.56
C ASP O 179 30.18 10.89 28.41
N ILE O 180 29.14 10.14 28.07
CA ILE O 180 27.92 10.08 28.87
C ILE O 180 28.05 8.87 29.80
N ILE O 181 27.97 9.12 31.12
CA ILE O 181 28.14 8.06 32.11
C ILE O 181 26.84 7.81 32.89
N MET O 182 26.73 6.60 33.44
CA MET O 182 25.73 6.25 34.42
C MET O 182 26.39 6.25 35.79
N ALA O 183 25.79 6.99 36.74
CA ALA O 183 26.34 7.16 38.06
C ALA O 183 25.26 6.89 39.11
N TRP O 184 25.70 6.39 40.28
CA TRP O 184 24.82 6.14 41.41
C TRP O 184 25.64 6.15 42.70
N ARG O 185 24.93 6.05 43.83
CA ARG O 185 25.57 6.03 45.14
C ARG O 185 25.46 4.60 45.67
N ARG O 186 26.53 4.13 46.34
CA ARG O 186 26.61 2.76 46.79
C ARG O 186 25.94 2.58 48.15
N ASP O 187 25.51 3.66 48.82
CA ASP O 187 24.97 3.56 50.17
C ASP O 187 23.57 2.96 50.22
N SER O 188 23.04 2.57 49.06
CA SER O 188 21.73 1.92 48.93
C SER O 188 21.70 1.09 47.65
N MET O 189 20.93 0.00 47.67
CA MET O 189 20.91 -0.91 46.53
C MET O 189 19.60 -1.69 46.47
N GLY O 190 18.48 -0.99 46.33
CA GLY O 190 17.17 -1.61 46.25
C GLY O 190 17.08 -2.54 45.04
N GLU O 191 15.99 -3.29 44.98
CA GLU O 191 15.71 -4.21 43.89
C GLU O 191 15.69 -3.48 42.55
N ALA O 192 14.84 -2.45 42.46
CA ALA O 192 14.58 -1.75 41.21
C ALA O 192 15.86 -1.05 40.75
N LYS O 193 16.54 -0.40 41.69
CA LYS O 193 17.76 0.33 41.39
C LYS O 193 18.80 -0.63 40.81
N SER O 194 18.97 -1.81 41.44
CA SER O 194 19.95 -2.79 41.02
C SER O 194 19.61 -3.24 39.60
N TRP O 195 18.33 -3.55 39.37
CA TRP O 195 17.89 -4.01 38.07
C TRP O 195 18.17 -2.97 36.98
N CYS O 196 17.85 -1.70 37.24
CA CYS O 196 18.09 -0.64 36.27
C CYS O 196 19.58 -0.51 35.96
N LEU O 197 20.43 -0.58 37.00
CA LEU O 197 21.87 -0.47 36.79
C LEU O 197 22.38 -1.54 35.83
N ARG O 198 21.64 -2.65 35.70
CA ARG O 198 22.06 -3.75 34.85
C ARG O 198 21.50 -3.54 33.45
N GLU O 199 20.25 -3.04 33.38
CA GLU O 199 19.51 -2.89 32.13
C GLU O 199 19.99 -1.67 31.34
N ILE O 200 20.31 -0.57 32.04
CA ILE O 200 20.58 0.67 31.34
C ILE O 200 21.76 0.54 30.36
N PRO O 201 22.91 -0.04 30.75
CA PRO O 201 23.99 -0.26 29.79
C PRO O 201 23.59 -1.06 28.54
N LYS O 202 22.62 -1.96 28.69
CA LYS O 202 22.15 -2.79 27.59
C LYS O 202 21.43 -1.94 26.55
N LEU O 203 20.84 -0.80 26.96
CA LEU O 203 20.14 0.08 26.04
C LEU O 203 21.10 0.71 25.05
N PHE O 204 22.40 0.73 25.37
CA PHE O 204 23.38 1.49 24.59
C PHE O 204 24.53 0.62 24.10
N ASN O 205 24.39 -0.71 24.16
CA ASN O 205 25.54 -1.62 23.99
C ASN O 205 26.11 -1.51 22.56
N GLY O 206 27.43 -1.36 22.50
CA GLY O 206 28.17 -1.24 21.24
C GLY O 206 28.44 0.21 20.87
N LYS O 207 27.74 1.15 21.52
CA LYS O 207 27.94 2.58 21.30
C LYS O 207 28.82 3.10 22.44
N HIS P 3 20.50 51.45 28.06
CA HIS P 3 21.75 52.06 27.49
C HIS P 3 22.96 51.12 27.62
N MET P 4 23.45 50.92 28.84
CA MET P 4 24.44 49.91 29.18
C MET P 4 23.73 48.56 29.40
N GLU P 5 24.50 47.49 29.62
CA GLU P 5 23.93 46.15 29.67
C GLU P 5 22.86 46.00 30.75
N THR P 6 21.78 45.24 30.45
CA THR P 6 20.70 44.94 31.38
C THR P 6 20.29 43.48 31.19
N HIS P 7 19.75 42.86 32.27
CA HIS P 7 19.35 41.47 32.20
C HIS P 7 17.94 41.32 32.72
N LEU P 8 17.04 40.84 31.85
CA LEU P 8 15.65 40.59 32.24
C LEU P 8 15.38 39.09 32.17
N THR P 9 14.63 38.58 33.15
CA THR P 9 14.29 37.17 33.24
C THR P 9 12.79 36.99 33.12
N ILE P 10 12.36 36.41 32.00
CA ILE P 10 10.99 36.03 31.74
C ILE P 10 10.88 34.54 32.01
N VAL P 11 9.84 34.16 32.76
CA VAL P 11 9.55 32.76 33.03
C VAL P 11 8.32 32.36 32.25
N THR P 12 8.46 31.35 31.38
CA THR P 12 7.34 30.81 30.62
C THR P 12 7.04 29.40 31.15
N GLU P 13 5.83 29.19 31.65
CA GLU P 13 5.44 27.90 32.18
C GLU P 13 5.44 26.88 31.04
N ALA P 14 5.53 25.59 31.38
CA ALA P 14 5.79 24.52 30.43
C ALA P 14 4.77 24.53 29.29
N LEU P 15 3.52 24.89 29.59
CA LEU P 15 2.43 24.92 28.61
C LEU P 15 2.63 26.04 27.60
N VAL P 16 3.53 27.00 27.89
CA VAL P 16 3.69 28.18 27.06
C VAL P 16 4.94 28.02 26.18
N PRO P 17 4.81 28.02 24.84
CA PRO P 17 5.95 27.98 23.95
C PRO P 17 6.90 29.17 24.12
N THR P 18 8.12 28.89 24.55
CA THR P 18 9.18 29.87 24.69
C THR P 18 9.43 30.59 23.36
N PRO P 19 9.49 29.91 22.19
CA PRO P 19 9.79 30.61 20.94
C PRO P 19 8.86 31.75 20.56
N ALA P 20 7.67 31.78 21.13
CA ALA P 20 6.74 32.88 20.87
C ALA P 20 7.29 34.22 21.35
N PHE P 21 8.30 34.21 22.23
CA PHE P 21 8.90 35.42 22.79
C PHE P 21 10.19 35.81 22.06
N PHE P 22 10.54 35.10 20.99
CA PHE P 22 11.80 35.33 20.31
C PHE P 22 11.81 36.69 19.61
N PRO P 23 10.70 37.16 19.01
CA PRO P 23 10.68 38.51 18.42
C PRO P 23 11.22 39.63 19.31
N LEU P 24 11.05 39.48 20.63
CA LEU P 24 11.52 40.45 21.63
C LEU P 24 13.04 40.63 21.59
N ILE P 25 13.80 39.60 21.17
CA ILE P 25 15.23 39.54 21.43
C ILE P 25 15.97 40.69 20.75
N ASP P 26 15.84 40.78 19.42
CA ASP P 26 16.50 41.82 18.64
C ASP P 26 16.03 43.21 19.06
N LYS P 27 14.73 43.36 19.28
CA LYS P 27 14.14 44.65 19.65
C LYS P 27 14.70 45.08 20.99
N LEU P 28 14.81 44.15 21.94
CA LEU P 28 15.34 44.50 23.26
C LEU P 28 16.81 44.91 23.19
N ALA P 29 17.54 44.38 22.19
CA ALA P 29 18.95 44.71 22.01
C ALA P 29 19.11 46.13 21.47
N ALA P 30 18.09 46.63 20.75
CA ALA P 30 18.08 47.97 20.19
C ALA P 30 17.49 48.97 21.18
N LYS P 31 16.39 48.58 21.86
CA LYS P 31 15.70 49.46 22.81
C LYS P 31 16.61 49.80 23.97
N ALA P 32 17.31 48.79 24.49
CA ALA P 32 18.28 48.94 25.57
C ALA P 32 19.43 47.98 25.27
N ASN P 33 20.33 47.73 26.21
CA ASN P 33 21.40 46.77 26.01
C ASN P 33 21.00 45.46 26.71
N THR P 34 19.70 45.14 26.68
CA THR P 34 19.15 44.14 27.59
C THR P 34 19.27 42.72 27.02
N GLN P 35 19.81 41.82 27.84
CA GLN P 35 19.99 40.42 27.51
C GLN P 35 18.84 39.67 28.15
N LEU P 36 18.15 38.86 27.34
CA LEU P 36 16.95 38.18 27.79
C LEU P 36 17.26 36.77 28.27
N ALA P 37 16.51 36.33 29.29
CA ALA P 37 16.55 34.96 29.77
C ALA P 37 15.12 34.44 29.86
N ILE P 38 14.77 33.48 29.00
CA ILE P 38 13.41 32.95 28.97
C ILE P 38 13.46 31.52 29.53
N ILE P 39 13.09 31.39 30.81
CA ILE P 39 13.30 30.22 31.64
C ILE P 39 11.97 29.47 31.70
N THR P 40 12.04 28.13 31.67
CA THR P 40 10.85 27.32 31.74
C THR P 40 10.68 26.77 33.16
N GLU P 41 9.44 26.78 33.63
CA GLU P 41 9.07 26.20 34.91
C GLU P 41 7.75 25.45 34.76
N VAL P 42 7.36 24.68 35.75
CA VAL P 42 6.15 23.87 35.70
C VAL P 42 5.22 24.30 36.81
N LEU P 43 3.97 24.61 36.45
CA LEU P 43 2.88 24.98 37.34
C LEU P 43 3.37 25.95 38.41
N ALA P 44 3.29 25.51 39.68
CA ALA P 44 3.52 26.36 40.84
C ALA P 44 4.95 26.89 40.87
N GLY P 45 5.89 26.17 40.24
CA GLY P 45 7.29 26.60 40.18
C GLY P 45 7.44 27.95 39.49
N ALA P 46 6.55 28.24 38.53
CA ALA P 46 6.59 29.52 37.84
C ALA P 46 6.19 30.66 38.78
N TRP P 47 5.13 30.44 39.55
CA TRP P 47 4.63 31.41 40.51
C TRP P 47 5.60 31.64 41.65
N GLU P 48 6.22 30.55 42.12
CA GLU P 48 7.17 30.58 43.20
C GLU P 48 8.31 31.50 42.84
N ARG P 49 8.78 31.43 41.60
CA ARG P 49 9.90 32.26 41.14
C ARG P 49 9.52 33.73 41.30
N LEU P 50 8.26 34.09 40.98
CA LEU P 50 7.83 35.49 41.04
C LEU P 50 7.75 35.96 42.50
N GLU P 51 7.12 35.14 43.36
CA GLU P 51 7.02 35.42 44.78
C GLU P 51 8.40 35.64 45.41
N GLN P 52 9.33 34.73 45.12
CA GLN P 52 10.68 34.77 45.67
C GLN P 52 11.58 35.79 44.97
N GLY P 53 11.00 36.60 44.09
CA GLY P 53 11.72 37.71 43.46
C GLY P 53 12.82 37.24 42.52
N ARG P 54 12.63 36.09 41.90
CA ARG P 54 13.64 35.47 41.03
C ARG P 54 13.19 35.53 39.57
N ALA P 55 12.20 36.37 39.27
CA ALA P 55 11.67 36.47 37.89
C ALA P 55 10.99 37.81 37.71
N ASP P 56 11.38 38.56 36.68
CA ASP P 56 10.78 39.86 36.40
C ASP P 56 9.36 39.76 35.86
N ILE P 57 9.11 38.84 34.91
CA ILE P 57 7.77 38.62 34.37
C ILE P 57 7.51 37.11 34.28
N VAL P 58 6.28 36.69 34.60
CA VAL P 58 5.88 35.29 34.50
C VAL P 58 4.73 35.15 33.50
N ILE P 59 4.87 34.23 32.54
CA ILE P 59 3.79 33.85 31.63
C ILE P 59 3.36 32.42 31.98
N ALA P 60 2.15 32.27 32.50
CA ALA P 60 1.75 31.02 33.12
C ALA P 60 0.23 30.89 33.11
N PRO P 61 -0.32 29.67 33.25
CA PRO P 61 -1.73 29.48 33.53
C PRO P 61 -2.19 30.25 34.76
N ASP P 62 -3.41 30.76 34.71
CA ASP P 62 -3.98 31.52 35.82
C ASP P 62 -4.10 30.61 37.04
N MET P 63 -3.76 31.15 38.23
CA MET P 63 -3.86 30.45 39.49
C MET P 63 -4.54 31.31 40.58
N HIS P 64 -5.05 30.66 41.61
CA HIS P 64 -5.94 31.25 42.63
C HIS P 64 -5.20 32.32 43.45
N PHE P 65 -3.88 32.13 43.63
CA PHE P 65 -3.10 33.04 44.45
C PHE P 65 -2.86 34.35 43.72
N ARG P 66 -3.20 34.45 42.43
CA ARG P 66 -3.11 35.67 41.62
C ARG P 66 -3.86 36.85 42.24
N SER P 67 -4.78 36.57 43.16
CA SER P 67 -5.53 37.54 43.93
C SER P 67 -4.64 38.37 44.87
N SER P 68 -3.32 38.17 44.80
CA SER P 68 -2.29 38.96 45.43
C SER P 68 -2.37 40.44 45.05
N SER P 69 -2.04 41.22 46.03
CA SER P 69 -2.07 42.67 45.95
C SER P 69 -0.74 43.18 45.39
N GLU P 70 0.36 42.43 45.61
CA GLU P 70 1.67 42.83 45.11
C GLU P 70 1.91 42.36 43.68
N ILE P 71 0.97 41.52 43.15
CA ILE P 71 1.16 41.00 41.80
C ILE P 71 0.07 41.59 40.90
N ASN P 72 0.52 42.25 39.83
CA ASN P 72 -0.39 42.65 38.77
C ASN P 72 -0.43 41.53 37.73
N SER P 73 -1.55 41.44 37.00
CA SER P 73 -1.75 40.39 36.01
C SER P 73 -2.64 40.90 34.86
N ARG P 74 -2.51 40.21 33.72
CA ARG P 74 -3.32 40.49 32.54
C ARG P 74 -3.45 39.22 31.71
N LYS P 75 -4.66 38.89 31.25
CA LYS P 75 -4.86 37.69 30.44
C LYS P 75 -4.33 37.92 29.03
N LEU P 76 -3.53 36.98 28.52
CA LEU P 76 -2.88 37.09 27.22
C LEU P 76 -3.62 36.31 26.14
N TYR P 77 -4.02 35.08 26.44
CA TYR P 77 -4.74 34.24 25.51
C TYR P 77 -5.29 33.04 26.24
N THR P 78 -6.14 32.28 25.56
CA THR P 78 -6.71 31.03 26.06
C THR P 78 -6.04 29.85 25.36
N LEU P 79 -5.83 28.76 26.11
CA LEU P 79 -5.21 27.55 25.62
C LEU P 79 -6.16 26.39 25.88
N MET P 80 -6.21 25.46 24.93
CA MET P 80 -7.04 24.27 25.04
C MET P 80 -6.15 23.07 25.43
N ASN P 81 -6.65 22.25 26.35
CA ASN P 81 -6.02 21.02 26.81
C ASN P 81 -6.90 19.82 26.41
N VAL P 82 -6.27 18.83 25.80
CA VAL P 82 -6.98 17.67 25.30
C VAL P 82 -6.38 16.41 25.92
N TYR P 83 -7.27 15.52 26.37
CA TYR P 83 -6.91 14.22 26.90
C TYR P 83 -6.69 13.27 25.72
N VAL P 84 -5.42 12.88 25.52
CA VAL P 84 -5.03 12.14 24.34
C VAL P 84 -4.37 10.82 24.74
N ALA P 85 -4.26 9.94 23.73
CA ALA P 85 -3.57 8.67 23.80
C ALA P 85 -3.23 8.22 22.39
N ALA P 86 -2.28 7.27 22.27
CA ALA P 86 -1.91 6.77 20.96
C ALA P 86 -3.11 6.06 20.39
N PRO P 87 -3.28 6.03 19.05
CA PRO P 87 -4.43 5.41 18.40
C PRO P 87 -4.62 3.96 18.80
N ASP P 88 -3.54 3.19 19.03
CA ASP P 88 -3.63 1.77 19.36
C ASP P 88 -3.83 1.52 20.86
N HIS P 89 -4.00 2.59 21.65
CA HIS P 89 -4.15 2.41 23.09
C HIS P 89 -5.52 1.82 23.40
N PRO P 90 -5.61 0.81 24.29
CA PRO P 90 -6.90 0.21 24.65
C PRO P 90 -7.92 1.16 25.28
N ILE P 91 -7.47 2.36 25.71
CA ILE P 91 -8.37 3.30 26.37
C ILE P 91 -9.49 3.69 25.40
N HIS P 92 -9.17 3.64 24.09
CA HIS P 92 -10.07 4.06 23.04
C HIS P 92 -11.23 3.07 22.91
N GLN P 93 -10.98 1.77 23.17
CA GLN P 93 -11.99 0.73 23.04
C GLN P 93 -12.86 0.65 24.31
N GLU P 94 -12.78 1.66 25.19
CA GLU P 94 -13.40 1.53 26.50
C GLU P 94 -14.75 2.24 26.56
N PRO P 95 -15.82 1.57 27.07
CA PRO P 95 -17.15 2.16 27.12
C PRO P 95 -17.22 3.41 27.98
N GLU P 96 -16.45 3.41 29.10
CA GLU P 96 -16.44 4.54 30.01
C GLU P 96 -15.02 5.01 30.28
N PRO P 97 -14.37 5.68 29.30
CA PRO P 97 -12.93 5.97 29.38
C PRO P 97 -12.56 6.85 30.57
N LEU P 98 -13.49 7.73 30.97
CA LEU P 98 -13.21 8.69 32.03
C LEU P 98 -13.75 8.23 33.39
N SER P 99 -14.03 6.95 33.46
CA SER P 99 -14.50 6.32 34.70
C SER P 99 -13.28 6.11 35.59
N GLU P 100 -13.41 6.46 36.88
CA GLU P 100 -12.35 6.20 37.87
C GLU P 100 -11.95 4.73 37.86
N VAL P 101 -12.91 3.86 37.66
CA VAL P 101 -12.70 2.42 37.61
C VAL P 101 -11.87 2.07 36.38
N THR P 102 -12.05 2.84 35.29
CA THR P 102 -11.39 2.54 34.03
C THR P 102 -9.99 3.15 33.98
N ARG P 103 -9.87 4.40 34.44
CA ARG P 103 -8.63 5.16 34.25
C ARG P 103 -7.52 4.52 35.09
N VAL P 104 -7.85 4.08 36.31
CA VAL P 104 -6.94 3.37 37.20
C VAL P 104 -6.30 2.17 36.51
N LYS P 105 -6.98 1.59 35.52
CA LYS P 105 -6.44 0.49 34.76
C LYS P 105 -5.22 0.89 33.94
N TYR P 106 -5.12 2.18 33.57
CA TYR P 106 -4.13 2.62 32.58
C TYR P 106 -3.11 3.61 33.17
N ARG P 107 -1.91 3.66 32.64
CA ARG P 107 -0.86 4.50 33.21
C ARG P 107 -1.08 5.98 32.85
N GLY P 108 -1.09 6.86 33.83
CA GLY P 108 -1.05 8.30 33.59
C GLY P 108 0.37 8.79 33.39
N ILE P 109 0.54 9.98 32.80
CA ILE P 109 1.83 10.64 32.70
C ILE P 109 1.73 12.05 33.23
N ALA P 110 2.64 12.40 34.15
CA ALA P 110 2.69 13.68 34.83
C ALA P 110 4.01 14.41 34.56
N VAL P 111 3.93 15.74 34.45
CA VAL P 111 5.11 16.58 34.31
C VAL P 111 5.54 17.13 35.65
N ALA P 112 4.80 16.82 36.73
CA ALA P 112 5.17 17.14 38.11
C ALA P 112 5.13 18.65 38.30
N ASP P 113 6.01 19.19 39.17
CA ASP P 113 6.17 20.61 39.41
C ASP P 113 7.67 20.95 39.36
N THR P 114 7.99 22.21 39.63
CA THR P 114 9.32 22.78 39.76
C THR P 114 9.51 23.45 41.13
N ALA P 115 8.47 23.52 41.97
CA ALA P 115 8.47 24.02 43.31
C ALA P 115 7.04 23.75 43.81
N ARG P 118 0.20 21.67 47.44
CA ARG P 118 -1.10 20.97 47.18
C ARG P 118 -1.23 20.55 45.70
N PRO P 119 -1.00 19.25 45.37
CA PRO P 119 -0.99 18.79 43.98
C PRO P 119 -2.34 18.82 43.27
N VAL P 120 -2.41 19.31 42.00
CA VAL P 120 -3.58 19.12 41.15
C VAL P 120 -3.11 18.61 39.77
N LEU P 121 -3.92 17.78 39.10
CA LEU P 121 -3.71 17.43 37.70
C LEU P 121 -4.99 17.71 36.92
N THR P 122 -4.87 17.96 35.62
CA THR P 122 -5.97 18.19 34.71
C THR P 122 -7.00 17.05 34.81
N VAL P 123 -6.54 15.78 34.80
CA VAL P 123 -7.36 14.61 35.01
C VAL P 123 -7.27 14.14 36.46
N GLN P 124 -6.39 14.74 37.28
CA GLN P 124 -6.20 14.40 38.68
C GLN P 124 -5.66 12.97 38.84
N LEU P 125 -5.17 12.38 37.74
CA LEU P 125 -4.63 11.02 37.73
C LEU P 125 -5.66 10.07 38.36
N LEU P 126 -5.24 9.25 39.32
CA LEU P 126 -6.15 8.53 40.22
C LEU P 126 -5.32 7.75 41.24
N ASP P 127 -5.86 7.51 42.44
CA ASP P 127 -5.06 6.80 43.44
C ASP P 127 -4.83 5.37 43.00
N LYS P 128 -3.71 4.74 43.41
CA LYS P 128 -3.42 3.36 43.07
C LYS P 128 -3.24 3.14 41.54
N GLN P 129 -3.31 4.24 40.80
CA GLN P 129 -3.20 4.20 39.33
C GLN P 129 -1.73 4.30 38.94
N PRO P 130 -1.26 3.46 37.99
CA PRO P 130 0.12 3.54 37.52
C PRO P 130 0.40 4.91 36.90
N ARG P 131 1.63 5.40 37.06
CA ARG P 131 2.02 6.70 36.53
C ARG P 131 3.48 6.67 36.11
N LEU P 132 3.83 7.51 35.12
CA LEU P 132 5.20 7.86 34.79
C LEU P 132 5.32 9.38 34.96
N THR P 133 6.47 9.83 35.46
CA THR P 133 6.68 11.24 35.71
C THR P 133 7.88 11.68 34.89
N VAL P 134 7.72 12.82 34.20
CA VAL P 134 8.77 13.40 33.38
C VAL P 134 8.85 14.90 33.70
N SER P 135 9.91 15.57 33.25
CA SER P 135 10.20 16.94 33.62
C SER P 135 9.73 17.91 32.56
N THR P 136 9.61 17.44 31.31
CA THR P 136 9.38 18.31 30.17
C THR P 136 8.11 17.88 29.45
N ILE P 137 7.52 18.85 28.75
CA ILE P 137 6.27 18.61 28.05
C ILE P 137 6.57 17.77 26.81
N GLU P 138 7.80 17.90 26.27
CA GLU P 138 8.23 17.13 25.12
C GLU P 138 8.35 15.66 25.48
N ASP P 139 9.01 15.36 26.60
CA ASP P 139 9.14 13.98 27.09
C ASP P 139 7.76 13.36 27.29
N LYS P 140 6.81 14.15 27.79
CA LYS P 140 5.46 13.66 27.99
C LYS P 140 4.81 13.33 26.64
N ARG P 141 5.11 14.15 25.62
CA ARG P 141 4.56 13.93 24.29
C ARG P 141 5.08 12.62 23.72
N GLN P 142 6.40 12.41 23.83
CA GLN P 142 7.05 11.23 23.28
C GLN P 142 6.49 9.96 23.96
N ALA P 143 6.32 10.01 25.28
CA ALA P 143 5.74 8.93 26.04
C ALA P 143 4.35 8.59 25.50
N LEU P 144 3.54 9.63 25.23
CA LEU P 144 2.19 9.43 24.69
C LEU P 144 2.24 8.84 23.29
N LEU P 145 3.13 9.37 22.45
CA LEU P 145 3.32 8.87 21.09
C LEU P 145 3.70 7.40 21.12
N ALA P 146 4.46 6.96 22.14
CA ALA P 146 4.94 5.58 22.22
C ALA P 146 3.90 4.66 22.85
N GLY P 147 2.72 5.17 23.17
CA GLY P 147 1.64 4.32 23.63
C GLY P 147 1.73 3.97 25.13
N LEU P 148 2.57 4.68 25.90
CA LEU P 148 2.92 4.30 27.26
C LEU P 148 1.93 4.83 28.30
N GLY P 149 0.91 5.61 27.86
CA GLY P 149 -0.05 6.08 28.83
C GLY P 149 -1.09 7.03 28.25
N VAL P 150 -1.88 7.64 29.16
CA VAL P 150 -2.94 8.57 28.80
C VAL P 150 -2.82 9.84 29.63
N ALA P 151 -2.82 11.00 28.96
CA ALA P 151 -2.58 12.26 29.65
C ALA P 151 -3.09 13.45 28.84
N THR P 152 -3.24 14.58 29.49
CA THR P 152 -3.65 15.84 28.91
C THR P 152 -2.45 16.46 28.21
N MET P 153 -2.69 17.16 27.09
CA MET P 153 -1.65 17.90 26.39
C MET P 153 -2.22 19.22 25.88
N PRO P 154 -1.36 20.27 25.77
CA PRO P 154 -1.77 21.51 25.11
C PRO P 154 -2.01 21.26 23.62
N TYR P 155 -3.18 21.67 23.13
CA TYR P 155 -3.64 21.32 21.80
C TYR P 155 -2.63 21.73 20.73
N PRO P 156 -2.06 22.95 20.76
CA PRO P 156 -1.08 23.36 19.76
C PRO P 156 0.05 22.35 19.57
N MET P 157 0.48 21.72 20.68
CA MET P 157 1.65 20.84 20.63
C MET P 157 1.31 19.48 20.05
N VAL P 158 0.02 19.12 19.99
CA VAL P 158 -0.40 17.82 19.47
C VAL P 158 -1.41 17.96 18.30
N GLU P 159 -1.58 19.18 17.77
CA GLU P 159 -2.56 19.43 16.72
C GLU P 159 -2.20 18.59 15.49
N LYS P 160 -0.93 18.66 15.08
CA LYS P 160 -0.47 17.91 13.93
C LYS P 160 -0.57 16.42 14.21
N ASP P 161 -0.25 16.02 15.44
CA ASP P 161 -0.28 14.62 15.83
C ASP P 161 -1.69 14.05 15.65
N ILE P 162 -2.71 14.84 16.03
CA ILE P 162 -4.09 14.38 15.96
C ILE P 162 -4.53 14.32 14.50
N ALA P 163 -4.15 15.33 13.73
CA ALA P 163 -4.44 15.38 12.30
C ALA P 163 -3.85 14.15 11.61
N GLU P 164 -2.56 13.87 11.84
CA GLU P 164 -1.84 12.84 11.12
C GLU P 164 -2.01 11.47 11.79
N GLY P 165 -2.95 11.34 12.73
CA GLY P 165 -3.33 10.07 13.32
C GLY P 165 -2.23 9.43 14.19
N ARG P 166 -1.28 10.22 14.70
CA ARG P 166 -0.28 9.75 15.64
C ARG P 166 -0.82 9.79 17.08
N LEU P 167 -1.81 10.66 17.35
CA LEU P 167 -2.53 10.68 18.62
C LEU P 167 -4.02 10.85 18.35
N ARG P 168 -4.84 10.59 19.38
CA ARG P 168 -6.27 10.61 19.22
C ARG P 168 -6.89 11.08 20.54
N VAL P 169 -7.87 11.98 20.44
CA VAL P 169 -8.51 12.55 21.63
C VAL P 169 -9.35 11.45 22.28
N VAL P 170 -9.16 11.25 23.57
CA VAL P 170 -9.77 10.12 24.26
C VAL P 170 -11.27 10.37 24.34
N SER P 171 -11.64 11.55 24.86
CA SER P 171 -13.00 11.97 25.03
C SER P 171 -13.04 13.49 25.09
N PRO P 172 -13.95 14.14 24.35
CA PRO P 172 -14.02 15.61 24.32
C PRO P 172 -14.49 16.19 25.66
N GLU P 173 -15.16 15.37 26.47
CA GLU P 173 -15.72 15.81 27.74
C GLU P 173 -14.62 16.36 28.65
N SER P 174 -13.41 15.82 28.54
CA SER P 174 -12.28 16.17 29.40
C SER P 174 -11.52 17.38 28.90
N THR P 175 -11.88 17.91 27.72
CA THR P 175 -11.21 19.08 27.17
C THR P 175 -11.46 20.27 28.09
N SER P 176 -10.39 21.01 28.42
CA SER P 176 -10.45 22.14 29.32
C SER P 176 -9.77 23.34 28.67
N GLU P 177 -10.20 24.53 29.09
CA GLU P 177 -9.68 25.81 28.63
C GLU P 177 -8.94 26.45 29.80
N ILE P 178 -7.75 26.98 29.49
CA ILE P 178 -6.90 27.58 30.53
C ILE P 178 -6.51 28.96 30.04
N ASP P 179 -6.69 29.97 30.92
CA ASP P 179 -6.25 31.32 30.58
C ASP P 179 -4.76 31.43 30.88
N ILE P 180 -3.98 31.85 29.88
CA ILE P 180 -2.55 32.10 30.04
C ILE P 180 -2.40 33.59 30.31
N ILE P 181 -1.83 33.94 31.48
CA ILE P 181 -1.76 35.32 31.92
C ILE P 181 -0.30 35.75 32.04
N MET P 182 -0.09 37.07 31.92
CA MET P 182 1.18 37.71 32.19
C MET P 182 1.08 38.34 33.57
N ALA P 183 2.07 38.04 34.43
CA ALA P 183 2.09 38.52 35.80
C ALA P 183 3.45 39.13 36.11
N TRP P 184 3.45 40.15 36.99
CA TRP P 184 4.66 40.80 37.47
C TRP P 184 4.38 41.43 38.82
N ARG P 185 5.45 41.95 39.44
CA ARG P 185 5.35 42.57 40.76
C ARG P 185 5.46 44.08 40.56
N ARG P 186 4.63 44.80 41.36
CA ARG P 186 4.59 46.25 41.22
C ARG P 186 5.70 46.92 42.03
N ASP P 187 6.35 46.18 42.95
CA ASP P 187 7.26 46.79 43.91
C ASP P 187 8.59 47.17 43.29
N SER P 188 8.72 46.97 41.96
CA SER P 188 9.96 47.26 41.24
C SER P 188 9.64 47.56 39.78
N MET P 189 10.49 48.37 39.15
CA MET P 189 10.18 49.02 37.91
C MET P 189 11.50 49.37 37.21
N GLY P 190 11.48 49.29 35.89
CA GLY P 190 12.60 49.75 35.09
C GLY P 190 12.21 49.66 33.60
N GLU P 191 13.13 50.21 32.78
CA GLU P 191 12.83 50.50 31.39
C GLU P 191 12.47 49.21 30.65
N ALA P 192 13.34 48.20 30.72
CA ALA P 192 13.20 46.98 29.94
C ALA P 192 11.93 46.25 30.37
N LYS P 193 11.75 46.15 31.69
CA LYS P 193 10.57 45.45 32.21
C LYS P 193 9.28 46.11 31.69
N SER P 194 9.23 47.46 31.76
CA SER P 194 8.07 48.20 31.32
C SER P 194 7.82 47.97 29.84
N TRP P 195 8.88 48.03 29.04
CA TRP P 195 8.78 47.83 27.60
C TRP P 195 8.23 46.44 27.29
N CYS P 196 8.74 45.39 27.95
CA CYS P 196 8.27 44.04 27.72
C CYS P 196 6.79 43.92 28.07
N LEU P 197 6.38 44.51 29.19
CA LEU P 197 4.98 44.43 29.62
C LEU P 197 4.05 45.01 28.53
N ARG P 198 4.58 45.87 27.66
CA ARG P 198 3.77 46.49 26.62
C ARG P 198 3.81 45.64 25.36
N GLU P 199 4.99 45.07 25.07
CA GLU P 199 5.24 44.31 23.84
C GLU P 199 4.64 42.91 23.92
N ILE P 200 4.68 42.28 25.09
CA ILE P 200 4.29 40.88 25.18
C ILE P 200 2.84 40.66 24.76
N PRO P 201 1.85 41.46 25.22
CA PRO P 201 0.47 41.30 24.73
C PRO P 201 0.32 41.41 23.21
N LYS P 202 1.19 42.21 22.56
CA LYS P 202 1.16 42.39 21.12
C LYS P 202 1.54 41.10 20.41
N LEU P 203 2.34 40.24 21.04
CA LEU P 203 2.76 38.98 20.43
C LEU P 203 1.58 38.04 20.27
N PHE P 204 0.47 38.28 20.99
CA PHE P 204 -0.64 37.33 21.05
C PHE P 204 -1.97 37.93 20.56
N ASN P 205 -1.91 38.25 19.28
CA ASN P 205 -3.07 38.69 18.51
C ASN P 205 -3.74 37.40 18.01
NA NA Q . -72.67 14.49 13.37
NA NA R . -72.58 10.64 1.35
NA NA S . -31.99 13.11 3.19
NA NA T . -34.48 10.29 14.17
NA NA U . -12.23 -26.82 -23.20
NA NA V . -8.60 21.19 -28.24
NA NA W . 2.37 29.29 -25.73
NA NA X . 70.04 -17.85 -0.24
NA NA Y . 71.00 -16.58 -14.80
NA NA Z . 35.87 -3.97 -13.99
NA NA AA . 34.86 -1.22 -2.60
NA NA BA . 12.85 -24.13 22.11
NA NA CA . 0.86 -29.83 21.93
NA NA DA . 15.08 15.64 28.64
NA NA EA . 10.07 26.15 27.67
#